data_9BGK
#
_entry.id   9BGK
#
_cell.length_a   1.00
_cell.length_b   1.00
_cell.length_c   1.00
_cell.angle_alpha   90.00
_cell.angle_beta   90.00
_cell.angle_gamma   90.00
#
_symmetry.space_group_name_H-M   'P 1'
#
loop_
_entity.id
_entity.type
_entity.pdbx_description
1 polymer 'guide DNA'
2 polymer 'complementary target DNA'
3 polymer 'non-complementary target DNA (long)'
4 polymer 'non-complementary target DNA (short)'
5 polymer DdmE
6 polymer 'Helicase/UvrB N-terminal domain-containing protein'
7 non-polymer 'MAGNESIUM ION'
#
loop_
_entity_poly.entity_id
_entity_poly.type
_entity_poly.pdbx_seq_one_letter_code
_entity_poly.pdbx_strand_id
1 'polydeoxyribonucleotide' (DA)(DG)(DG)(DT)(DG)(DA)(DG)(DG)(DA)(DG)(DT)(DC) A
2 'polydeoxyribonucleotide'
;(DA)(DT)(DG)(DG)(DA)(DC)(DT)(DC)(DC)(DT)(DC)(DA)(DC)(DC)(DT)(DG)(DC)(DA)(DG)(DG)
(DT)(DT)(DC)(DA)(DC)
;
B
3 'polydeoxyribonucleotide'
;(DG)(DT)(DG)(DA)(DA)(DC)(DC)(DT)(DG)(DC)(DA)(DG)(DG)(DT)(DG)(DA)(DG)(DG)(DA)(DG)
(DT)(DC)(DC)(DA)(DT)(DG)
;
C
4 'polydeoxyribonucleotide' (DT)(DG)(DA)(DG)(DG)(DA)(DG)(DT)(DC)(DC)(DA)(DT) D
5 'polypeptide(L)'
;MVTPQLEPSSQGPLSTLIEQISIDTDWVDRSFAIYCVSYKGIDFSERPKRLVTLASETYKSGSVYCLVKGANKEACYWVL
LPKDSKLDLKDTSLAIKPSSAAELPTWQLARLLIKAIPKVLSGTMPEIKRFESEGLYYLVKSKKLPKDHSGYELTTVEID
LAPCAALGFKQTLSMGTKTFSPLSWFTLENGEVQKKARFATRYQLDDVGKLVSKSIKGDYIKKPLYSNAKNRIQAIDITK
ESYSGFQLSKVGILEQFMQDLKQAYGDSVSVKLQRIPGEKHRFVSDTIVKNHYVGLFDALKEHRLVICDLTENQDTDAAL
TLLHGIEHLDINAEIAEVPIRGALNILIVGNKDTYKSDEEDPYQVYRKKYQDTVFQSCYPERLWNRQGQPNRHVVEVLLK
ELLIKLEVHTRKHLIEYPSGPERCVYYMPQRPKDESSEVRDEPWPVYASKLVGDEWQYTQATQEELEDIELDLGNDKRHV
FHGFERSPVIYWPETGDYAIFIDTGIQMLPEFEAVAERLRELKEGRSQDVPIALLAQFIEENPESKVINKLRAILSEWDD
VAPLPFDEFSTIAYKSSDEKQFYDWLREQGFFLKTSIRGQSEGFFNASLGFFYNREQGMYFAGGKGSPQSKIETFSHLYL
IKHSFDALPEEVENLFDVYHLRHRLPTVTPYPFKHLREYVEMQRFRS
;
E
6 'polypeptide(L)'
;MNVSIEEFTHFDFQLVPEPSPLDLVITEPLKNHIEVNGVKSGALLPLPFQTGIGKTYTALNFLLQQMLEQVRSELKEENT
GKKSKRLLYYVTDSVDNVVSAKADLLKLIEKQTVKGEPRFTLEQQEYLKAQIVHLPNQSEQLLQCSDAVLNDVLIGFNLN
AERDVQAEWSAISGLRRHASNPEVKISLNRQAGYFYRNLIDRLQKKQKGADRVLLSGSLLASVETLLPGEKIRNGSAHVA
FLTTSKFLKGFHNTRSRYSPLRDLSGAVLIIDEIDKQNQVILSELCKQQAQDLIWAIRTLRANFRDHQLESSPRYDKIED
LFEPLRERLEEFGTNWNLAFAFNTEGANLNERPVRLFSDRSFTHVSSATHKLSLKSDFLRRKNLIFSDEKVEGSLIEKHG
LLTRFVNEADVIYQWFLGTMRKAVFQYWENVRGLEIEVRENRSLEGTFQEAVQSLLTHFNLQEFESAVYESFDTRGLRQS
AGGKANKLSSSKSYHHTGLKLVEVAHNQGTRDTVNCKASFLNTSPSGVLADMVDAGAVILGISATARADTVIHNFDFKYL
NERLGNKLLSLSREQKQRVNNYYHSRRNYKDNGVVLTVKYLNSRDAFLDALLEEYKPEARSSHFILNHYLGIAESEQAFV
RSWLSKLLASIKAFISSPDNRYMLSLLNRTLDTTRQNINDFIQFCCDKWAKEFNVKTKTFFGVNADWMRLVGYDEISKHL
NTELGKVVVFSTYASMGAGKNPDYAVNLALEGESLISVADVTYSTQLRSDIDSIYLEKPTQLLLSDDYSHTANQLCQFHQ
ILSLQENGELSPKSAENWCRQQLMGMSRERSLQQYHQTSDYQSAVRKYIEQAVGRAGRTSLKRKQILLFVDSGLKEILAE
ESRDPSLFSHEYVALVNKAKSAGKSIVEDRAVRRLFNLAQRNNKDGMLSIKALVHRLHNQPASKSDIQEWQDIRTQLLRY
PTVAFQPERFNRLYLQSMTKGYYRYQGNLDGDPNSFEFFDRVPYGDMVSEEDCSLATLVQNQYVRPWFERKGFACSWQKE
ANVMTPIMFTNIYKGALGEQAVEAVLTAFDFTFEEVPNSIYERFDNRVIFAGIEQPIWLDSKYWKHEGNESSEGYSSKIA
LVEEEFGPSKFIYVNALGDTSKPIRYLNSCFVETSPQLAKVIEIPALIDDSNADTNRTAVQELIKWLHHS
;
F,G
#
loop_
_chem_comp.id
_chem_comp.type
_chem_comp.name
_chem_comp.formula
DA DNA linking 2'-DEOXYADENOSINE-5'-MONOPHOSPHATE 'C10 H14 N5 O6 P'
DC DNA linking 2'-DEOXYCYTIDINE-5'-MONOPHOSPHATE 'C9 H14 N3 O7 P'
DG DNA linking 2'-DEOXYGUANOSINE-5'-MONOPHOSPHATE 'C10 H14 N5 O7 P'
DT DNA linking THYMIDINE-5'-MONOPHOSPHATE 'C10 H15 N2 O8 P'
MG non-polymer 'MAGNESIUM ION' 'Mg 2'
#
# COMPACT_ATOMS: atom_id res chain seq x y z
N MET E 1 52.33 58.44 -25.53
CA MET E 1 51.36 57.81 -24.66
C MET E 1 51.82 57.87 -23.21
N VAL E 2 50.91 57.57 -22.28
CA VAL E 2 51.20 57.61 -20.85
C VAL E 2 51.79 56.27 -20.44
N THR E 3 52.88 56.33 -19.67
CA THR E 3 53.57 55.14 -19.18
C THR E 3 53.34 54.97 -17.68
N PRO E 4 53.30 53.74 -17.19
CA PRO E 4 53.11 53.49 -15.74
C PRO E 4 54.36 53.78 -14.93
N GLN E 5 54.59 55.07 -14.66
CA GLN E 5 55.78 55.51 -13.92
C GLN E 5 55.47 55.44 -12.42
N LEU E 6 55.60 54.24 -11.87
CA LEU E 6 55.38 54.01 -10.46
C LEU E 6 56.65 54.36 -9.68
N GLU E 7 56.68 53.99 -8.41
CA GLU E 7 57.78 54.30 -7.51
C GLU E 7 58.45 53.01 -7.03
N PRO E 8 59.72 53.08 -6.62
CA PRO E 8 60.39 51.87 -6.10
C PRO E 8 59.75 51.33 -4.84
N SER E 9 58.97 52.14 -4.12
CA SER E 9 58.18 51.73 -2.95
C SER E 9 59.04 51.45 -1.74
N SER E 10 58.56 51.87 -0.57
CA SER E 10 59.17 51.57 0.71
C SER E 10 58.20 50.93 1.68
N GLN E 11 56.95 51.39 1.71
CA GLN E 11 55.94 50.85 2.61
C GLN E 11 54.57 51.00 1.97
N GLY E 12 53.60 50.27 2.52
CA GLY E 12 52.24 50.33 2.04
C GLY E 12 51.64 48.96 1.81
N PRO E 13 50.44 48.91 1.25
CA PRO E 13 49.82 47.63 0.93
C PRO E 13 50.60 46.88 -0.14
N LEU E 14 50.51 45.55 -0.09
CA LEU E 14 51.24 44.69 -1.01
C LEU E 14 50.31 44.24 -2.14
N SER E 15 50.86 44.23 -3.36
CA SER E 15 50.11 44.02 -4.58
C SER E 15 50.58 42.76 -5.29
N THR E 16 49.69 42.20 -6.12
CA THR E 16 50.03 41.07 -6.98
C THR E 16 50.68 41.49 -8.28
N LEU E 17 51.09 42.76 -8.40
CA LEU E 17 51.78 43.26 -9.58
C LEU E 17 53.28 43.06 -9.40
N ILE E 18 53.89 42.33 -10.32
CA ILE E 18 55.32 42.02 -10.21
C ILE E 18 56.14 43.26 -10.51
N GLU E 19 57.06 43.58 -9.60
CA GLU E 19 57.92 44.75 -9.79
C GLU E 19 59.10 44.43 -10.71
N GLN E 20 59.82 43.35 -10.41
CA GLN E 20 61.00 43.01 -11.20
C GLN E 20 61.15 41.49 -11.26
N ILE E 21 61.60 41.00 -12.40
CA ILE E 21 61.91 39.60 -12.61
C ILE E 21 63.40 39.50 -12.95
N SER E 22 64.15 38.74 -12.16
CA SER E 22 65.58 38.60 -12.34
C SER E 22 65.89 37.16 -12.76
N ILE E 23 66.54 37.01 -13.91
CA ILE E 23 66.93 35.71 -14.44
C ILE E 23 68.37 35.81 -14.93
N ASP E 24 69.19 34.83 -14.55
CA ASP E 24 70.57 34.76 -15.01
C ASP E 24 70.58 34.14 -16.40
N THR E 25 70.87 34.96 -17.42
CA THR E 25 70.80 34.48 -18.80
C THR E 25 71.89 33.45 -19.10
N ASP E 26 73.06 33.58 -18.47
CA ASP E 26 74.13 32.62 -18.72
C ASP E 26 73.77 31.24 -18.20
N TRP E 27 73.12 31.16 -17.04
CA TRP E 27 72.74 29.88 -16.47
C TRP E 27 71.61 29.20 -17.25
N VAL E 28 70.86 29.98 -18.04
CA VAL E 28 69.77 29.41 -18.84
C VAL E 28 70.25 29.04 -20.24
N ASP E 29 71.03 29.91 -20.87
CA ASP E 29 71.52 29.67 -22.22
C ASP E 29 72.42 28.45 -22.27
N ARG E 30 73.28 28.29 -21.27
CA ARG E 30 74.24 27.19 -21.22
C ARG E 30 73.64 25.90 -20.66
N SER E 31 72.37 25.94 -20.20
CA SER E 31 71.73 24.75 -19.67
C SER E 31 70.52 24.27 -20.46
N PHE E 32 70.05 25.03 -21.44
CA PHE E 32 68.86 24.63 -22.20
C PHE E 32 69.03 25.08 -23.65
N ALA E 33 67.98 24.85 -24.45
CA ALA E 33 68.00 25.15 -25.87
C ALA E 33 66.67 25.75 -26.32
N ILE E 34 66.75 26.83 -27.09
CA ILE E 34 65.60 27.58 -27.61
C ILE E 34 65.68 27.60 -29.12
N TYR E 35 64.57 27.29 -29.79
CA TYR E 35 64.46 27.32 -31.25
C TYR E 35 63.31 28.23 -31.67
N CYS E 36 62.97 28.17 -32.97
CA CYS E 36 62.03 29.10 -33.57
C CYS E 36 61.40 28.38 -34.76
N VAL E 37 60.07 28.34 -34.81
CA VAL E 37 59.32 27.63 -35.85
C VAL E 37 58.44 28.65 -36.58
N SER E 38 58.93 29.16 -37.70
CA SER E 38 58.32 30.32 -38.35
C SER E 38 57.23 29.89 -39.33
N TYR E 39 56.03 30.40 -39.10
CA TYR E 39 54.90 30.28 -40.01
C TYR E 39 54.40 31.65 -40.49
N LYS E 40 55.24 32.68 -40.35
CA LYS E 40 54.93 33.99 -40.92
C LYS E 40 55.20 34.00 -42.42
N GLY E 41 54.42 34.81 -43.13
CA GLY E 41 54.64 35.00 -44.55
C GLY E 41 54.26 33.83 -45.43
N ILE E 42 53.40 32.93 -44.96
CA ILE E 42 52.98 31.79 -45.75
C ILE E 42 51.61 32.09 -46.34
N ASP E 43 50.60 32.26 -45.48
CA ASP E 43 49.30 32.77 -45.88
C ASP E 43 48.50 33.15 -44.65
N PHE E 44 48.07 34.41 -44.55
CA PHE E 44 47.29 34.83 -43.40
C PHE E 44 45.82 34.43 -43.51
N SER E 45 45.36 34.01 -44.69
CA SER E 45 43.97 33.65 -44.91
C SER E 45 43.74 32.14 -44.88
N GLU E 46 44.79 31.34 -44.74
CA GLU E 46 44.67 29.89 -44.64
C GLU E 46 45.17 29.43 -43.27
N ARG E 47 45.03 30.31 -42.28
CA ARG E 47 45.54 30.00 -40.94
C ARG E 47 44.88 28.80 -40.29
N PRO E 48 43.52 28.63 -40.29
CA PRO E 48 42.91 27.68 -39.34
C PRO E 48 43.51 26.27 -39.34
N LYS E 49 43.41 25.56 -40.48
CA LYS E 49 43.85 24.16 -40.49
C LYS E 49 45.37 24.06 -40.36
N ARG E 50 46.09 24.98 -40.97
CA ARG E 50 47.56 24.93 -40.93
C ARG E 50 48.08 25.20 -39.52
N LEU E 51 47.47 26.12 -38.79
CA LEU E 51 47.83 26.36 -37.39
C LEU E 51 47.51 25.16 -36.51
N VAL E 52 46.32 24.58 -36.71
CA VAL E 52 45.97 23.33 -36.02
C VAL E 52 47.08 22.29 -36.20
N THR E 53 47.39 21.99 -37.46
CA THR E 53 48.41 20.99 -37.75
C THR E 53 49.78 21.42 -37.26
N LEU E 54 50.08 22.72 -37.30
CA LEU E 54 51.33 23.24 -36.77
C LEU E 54 51.52 22.82 -35.32
N ALA E 55 50.53 23.14 -34.48
CA ALA E 55 50.64 22.80 -33.06
C ALA E 55 50.75 21.29 -32.89
N SER E 56 49.87 20.52 -33.54
CA SER E 56 49.84 19.08 -33.30
C SER E 56 51.16 18.43 -33.71
N GLU E 57 51.66 18.75 -34.91
CA GLU E 57 52.91 18.14 -35.38
C GLU E 57 54.10 18.59 -34.55
N THR E 58 54.12 19.86 -34.13
CA THR E 58 55.23 20.31 -33.28
C THR E 58 55.24 19.56 -31.96
N TYR E 59 54.07 19.20 -31.43
CA TYR E 59 54.05 18.33 -30.26
C TYR E 59 54.44 16.89 -30.59
N LYS E 60 54.22 16.45 -31.82
CA LYS E 60 54.37 15.02 -32.16
C LYS E 60 55.75 14.47 -31.78
N SER E 61 56.82 15.14 -32.21
CA SER E 61 58.16 14.58 -32.07
C SER E 61 59.09 15.59 -31.40
N GLY E 62 60.13 15.06 -30.77
CA GLY E 62 61.12 15.87 -30.08
C GLY E 62 60.93 15.87 -28.58
N SER E 63 62.03 15.74 -27.83
CA SER E 63 61.96 15.78 -26.37
C SER E 63 61.73 17.21 -25.91
N VAL E 64 60.47 17.62 -25.88
CA VAL E 64 60.10 19.01 -25.62
C VAL E 64 59.52 19.10 -24.22
N TYR E 65 60.19 19.86 -23.35
CA TYR E 65 59.67 20.10 -22.01
C TYR E 65 58.43 20.97 -22.06
N CYS E 66 58.48 22.07 -22.80
CA CYS E 66 57.38 23.02 -22.86
C CYS E 66 57.54 23.92 -24.08
N LEU E 67 56.46 24.61 -24.41
CA LEU E 67 56.48 25.56 -25.53
C LEU E 67 55.40 26.61 -25.30
N VAL E 68 55.76 27.87 -25.51
CA VAL E 68 54.85 28.99 -25.41
C VAL E 68 54.69 29.59 -26.80
N LYS E 69 53.62 30.37 -26.98
CA LYS E 69 53.34 31.01 -28.26
C LYS E 69 53.74 32.48 -28.19
N GLY E 70 54.51 32.92 -29.17
CA GLY E 70 54.94 34.31 -29.23
C GLY E 70 53.82 35.22 -29.68
N ALA E 71 54.16 36.50 -29.83
CA ALA E 71 53.17 37.48 -30.25
C ALA E 71 52.70 37.18 -31.66
N ASN E 72 51.46 37.57 -31.95
CA ASN E 72 50.85 37.27 -33.24
C ASN E 72 51.61 37.89 -34.40
N LYS E 73 52.43 38.91 -34.14
CA LYS E 73 53.22 39.58 -35.17
C LYS E 73 54.70 39.52 -34.82
N GLU E 74 55.18 38.36 -34.36
CA GLU E 74 56.55 38.25 -33.88
C GLU E 74 57.10 36.90 -34.34
N ALA E 75 58.30 36.56 -33.86
CA ALA E 75 59.07 35.44 -34.38
C ALA E 75 58.50 34.12 -33.87
N CYS E 76 57.89 33.37 -34.78
CA CYS E 76 57.70 31.91 -34.64
C CYS E 76 56.75 31.62 -33.49
N TYR E 77 57.01 30.52 -32.79
CA TYR E 77 56.59 30.13 -31.46
C TYR E 77 57.86 30.15 -30.61
N TRP E 78 57.77 29.63 -29.40
CA TRP E 78 58.97 29.45 -28.59
C TRP E 78 58.93 28.07 -27.96
N VAL E 79 60.05 27.35 -28.04
CA VAL E 79 60.15 25.99 -27.54
C VAL E 79 61.30 25.90 -26.56
N LEU E 80 61.22 24.92 -25.66
CA LEU E 80 62.27 24.65 -24.69
C LEU E 80 62.67 23.19 -24.78
N LEU E 81 63.95 22.94 -25.03
CA LEU E 81 64.42 21.56 -24.99
C LEU E 81 65.68 21.47 -24.14
N PRO E 82 65.96 20.30 -23.56
CA PRO E 82 67.21 20.14 -22.80
C PRO E 82 68.44 20.27 -23.68
N LYS E 83 69.62 20.20 -23.08
CA LYS E 83 70.85 20.34 -23.83
C LYS E 83 71.00 19.18 -24.82
N ASP E 84 71.79 19.44 -25.87
CA ASP E 84 72.00 18.53 -26.99
C ASP E 84 70.70 17.82 -27.41
N SER E 85 69.73 18.64 -27.80
CA SER E 85 68.42 18.17 -28.24
C SER E 85 68.18 18.58 -29.68
N LYS E 86 67.19 17.94 -30.29
CA LYS E 86 66.90 18.12 -31.72
C LYS E 86 65.41 18.44 -31.90
N LEU E 87 65.12 19.36 -32.81
CA LEU E 87 63.75 19.69 -33.19
C LEU E 87 63.49 19.25 -34.63
N ASP E 88 64.00 18.07 -34.99
CA ASP E 88 63.90 17.60 -36.36
C ASP E 88 62.43 17.42 -36.76
N LEU E 89 62.03 18.12 -37.83
CA LEU E 89 60.70 18.00 -38.39
C LEU E 89 60.83 17.74 -39.88
N LYS E 90 60.15 16.70 -40.37
CA LYS E 90 60.27 16.31 -41.76
C LYS E 90 59.71 17.39 -42.70
N ASP E 91 58.55 17.95 -42.36
CA ASP E 91 57.95 18.96 -43.21
C ASP E 91 58.73 20.26 -43.13
N THR E 92 58.86 20.94 -44.28
CA THR E 92 59.64 22.16 -44.38
C THR E 92 58.79 23.38 -44.72
N SER E 93 57.48 23.30 -44.48
CA SER E 93 56.63 24.48 -44.65
C SER E 93 57.05 25.58 -43.68
N LEU E 94 57.63 25.21 -42.55
CA LEU E 94 58.11 26.13 -41.53
C LEU E 94 59.60 25.91 -41.32
N ALA E 95 60.31 26.99 -41.03
CA ALA E 95 61.76 26.98 -40.94
C ALA E 95 62.21 27.12 -39.49
N ILE E 96 63.21 26.32 -39.12
CA ILE E 96 63.76 26.31 -37.77
C ILE E 96 65.02 27.18 -37.75
N LYS E 97 65.24 27.86 -36.63
CA LYS E 97 66.39 28.75 -36.47
C LYS E 97 66.79 28.76 -35.00
N PRO E 98 67.83 28.01 -34.63
CA PRO E 98 68.28 28.01 -33.23
C PRO E 98 68.70 29.41 -32.78
N SER E 99 68.41 29.72 -31.52
CA SER E 99 68.71 31.04 -30.96
C SER E 99 69.28 30.84 -29.56
N SER E 100 69.43 31.95 -28.84
CA SER E 100 69.97 31.97 -27.49
C SER E 100 68.84 32.22 -26.48
N ALA E 101 69.22 32.29 -25.21
CA ALA E 101 68.28 32.53 -24.13
C ALA E 101 68.29 33.97 -23.65
N ALA E 102 68.95 34.87 -24.38
CA ALA E 102 68.97 36.29 -24.05
C ALA E 102 68.33 37.13 -25.15
N GLU E 103 67.51 36.51 -26.01
CA GLU E 103 66.88 37.19 -27.13
C GLU E 103 65.36 37.17 -27.04
N LEU E 104 64.82 36.99 -25.85
CA LEU E 104 63.38 36.89 -25.65
C LEU E 104 62.93 37.87 -24.57
N PRO E 105 61.68 38.31 -24.63
CA PRO E 105 61.14 39.11 -23.51
C PRO E 105 61.15 38.30 -22.22
N THR E 106 61.36 39.02 -21.10
CA THR E 106 61.63 38.35 -19.84
C THR E 106 60.44 37.49 -19.38
N TRP E 107 59.22 38.02 -19.53
CA TRP E 107 58.04 37.30 -19.03
C TRP E 107 57.78 36.02 -19.80
N GLN E 108 57.98 36.02 -21.12
CA GLN E 108 57.79 34.80 -21.90
C GLN E 108 58.73 33.69 -21.41
N LEU E 109 60.01 34.03 -21.26
CA LEU E 109 60.99 33.07 -20.79
C LEU E 109 60.66 32.58 -19.38
N ALA E 110 60.32 33.52 -18.48
CA ALA E 110 59.98 33.15 -17.11
C ALA E 110 58.78 32.22 -17.06
N ARG E 111 57.80 32.41 -17.96
CA ARG E 111 56.69 31.47 -18.05
C ARG E 111 57.20 30.07 -18.36
N LEU E 112 58.12 29.97 -19.33
CA LEU E 112 58.68 28.66 -19.63
C LEU E 112 59.38 28.05 -18.41
N LEU E 113 60.19 28.84 -17.70
CA LEU E 113 60.85 28.28 -16.52
C LEU E 113 59.88 28.02 -15.36
N ILE E 114 58.66 28.56 -15.42
CA ILE E 114 57.68 28.24 -14.39
C ILE E 114 56.93 26.94 -14.69
N LYS E 115 56.75 26.57 -15.96
CA LYS E 115 55.87 25.43 -16.23
C LYS E 115 56.51 24.06 -16.01
N ALA E 116 57.46 23.68 -16.86
CA ALA E 116 57.78 22.27 -17.03
C ALA E 116 58.97 21.81 -16.22
N ILE E 117 59.93 22.69 -15.97
CA ILE E 117 61.07 22.35 -15.14
C ILE E 117 60.72 22.30 -13.66
N PRO E 118 59.72 23.04 -13.13
CA PRO E 118 59.25 22.71 -11.78
C PRO E 118 58.46 21.41 -11.70
N LYS E 119 57.80 20.99 -12.78
CA LYS E 119 57.10 19.70 -12.69
C LYS E 119 58.05 18.52 -12.79
N VAL E 120 59.20 18.68 -13.44
CA VAL E 120 60.18 17.60 -13.52
C VAL E 120 61.22 17.70 -12.41
N LEU E 121 60.94 18.50 -11.37
CA LEU E 121 62.05 18.70 -10.43
C LEU E 121 62.39 17.45 -9.60
N SER E 122 61.82 16.28 -9.92
CA SER E 122 62.28 15.01 -9.37
C SER E 122 62.81 14.07 -10.44
N GLY E 123 62.02 13.79 -11.47
CA GLY E 123 62.42 12.86 -12.51
C GLY E 123 62.15 13.37 -13.92
N THR E 124 63.04 13.03 -14.85
CA THR E 124 62.93 13.53 -16.21
C THR E 124 63.44 12.47 -17.19
N MET E 125 62.96 12.56 -18.42
CA MET E 125 63.29 11.62 -19.50
C MET E 125 63.15 10.14 -19.12
N PRO E 126 61.97 9.71 -18.64
CA PRO E 126 61.78 8.26 -18.44
C PRO E 126 61.03 7.60 -19.60
N GLU E 127 60.49 8.39 -20.51
CA GLU E 127 59.61 7.85 -21.56
C GLU E 127 59.77 8.73 -22.80
N ILE E 128 58.83 8.59 -23.73
CA ILE E 128 58.92 9.25 -25.03
C ILE E 128 58.29 10.64 -24.99
N LYS E 129 57.01 10.71 -24.67
CA LYS E 129 56.24 11.96 -24.75
C LYS E 129 56.01 12.53 -23.37
N ARG E 130 56.38 13.79 -23.18
CA ARG E 130 56.20 14.49 -21.91
C ARG E 130 55.91 15.96 -22.19
N PHE E 131 55.03 16.54 -21.38
CA PHE E 131 54.64 17.94 -21.53
C PHE E 131 53.81 18.34 -20.32
N GLU E 132 53.85 19.63 -20.00
CA GLU E 132 52.99 20.23 -18.99
C GLU E 132 52.12 21.27 -19.66
N SER E 133 50.80 21.20 -19.44
CA SER E 133 49.89 22.10 -20.12
C SER E 133 50.17 23.56 -19.76
N GLU E 134 49.87 23.94 -18.51
CA GLU E 134 50.04 25.31 -18.03
C GLU E 134 50.02 25.30 -16.51
N GLY E 135 50.95 26.02 -15.90
CA GLY E 135 50.92 26.27 -14.47
C GLY E 135 51.15 25.03 -13.62
N LEU E 136 50.99 25.25 -12.30
CA LEU E 136 51.12 24.20 -11.31
C LEU E 136 49.81 24.04 -10.56
N TYR E 137 49.41 22.80 -10.32
CA TYR E 137 48.14 22.49 -9.66
C TYR E 137 48.44 21.74 -8.35
N TYR E 138 48.40 22.48 -7.25
CA TYR E 138 48.52 21.86 -5.93
C TYR E 138 47.16 21.31 -5.50
N LEU E 139 47.16 20.48 -4.47
CA LEU E 139 45.96 19.76 -4.04
C LEU E 139 45.53 20.21 -2.65
N VAL E 140 44.24 20.50 -2.50
CA VAL E 140 43.69 20.97 -1.23
C VAL E 140 42.54 20.09 -0.77
N LYS E 141 41.83 19.45 -1.70
CA LYS E 141 40.60 18.77 -1.32
C LYS E 141 40.26 17.65 -2.30
N SER E 142 39.67 16.59 -1.76
CA SER E 142 39.16 15.45 -2.51
C SER E 142 37.78 15.08 -2.01
N LYS E 143 36.89 14.72 -2.94
CA LYS E 143 35.52 14.35 -2.62
C LYS E 143 35.18 12.99 -3.24
N LYS E 144 34.48 12.16 -2.47
CA LYS E 144 34.11 10.83 -2.95
C LYS E 144 32.88 10.89 -3.85
N LEU E 145 32.89 10.06 -4.89
CA LEU E 145 31.81 9.98 -5.86
C LEU E 145 30.64 9.20 -5.29
N PRO E 146 29.46 9.28 -5.94
CA PRO E 146 28.33 8.41 -5.55
C PRO E 146 28.70 6.94 -5.51
N LYS E 147 27.82 6.13 -4.90
CA LYS E 147 28.13 4.74 -4.61
C LYS E 147 28.35 3.91 -5.87
N ASP E 148 27.84 4.34 -7.01
CA ASP E 148 27.90 3.53 -8.23
C ASP E 148 29.24 3.63 -8.96
N HIS E 149 30.14 4.52 -8.53
CA HIS E 149 31.42 4.71 -9.21
C HIS E 149 32.55 4.64 -8.21
N SER E 150 33.77 4.86 -8.70
CA SER E 150 34.98 4.85 -7.89
C SER E 150 35.84 6.04 -8.26
N GLY E 151 36.76 6.38 -7.36
CA GLY E 151 37.63 7.53 -7.54
C GLY E 151 37.17 8.73 -6.76
N TYR E 152 37.89 9.84 -6.95
CA TYR E 152 37.61 11.07 -6.24
C TYR E 152 37.67 12.24 -7.20
N GLU E 153 36.89 13.29 -6.89
CA GLU E 153 37.03 14.58 -7.52
C GLU E 153 38.04 15.44 -6.76
N LEU E 154 38.89 16.14 -7.50
CA LEU E 154 40.01 16.85 -6.91
C LEU E 154 39.89 18.35 -7.13
N THR E 155 40.29 19.12 -6.13
CA THR E 155 40.28 20.58 -6.18
C THR E 155 41.71 21.10 -6.17
N THR E 156 42.03 22.02 -7.08
CA THR E 156 43.39 22.50 -7.28
C THR E 156 43.43 24.01 -7.38
N VAL E 157 44.59 24.57 -7.03
CA VAL E 157 44.88 26.00 -7.16
C VAL E 157 45.96 26.17 -8.22
N GLU E 158 45.71 27.06 -9.18
CA GLU E 158 46.58 27.30 -10.32
C GLU E 158 47.28 28.64 -10.16
N ILE E 159 48.59 28.61 -10.43
CA ILE E 159 49.48 29.76 -10.40
C ILE E 159 50.04 29.97 -11.81
N ASP E 160 49.92 31.19 -12.33
CA ASP E 160 50.44 31.50 -13.65
C ASP E 160 50.59 33.01 -13.79
N LEU E 161 51.22 33.41 -14.89
CA LEU E 161 51.50 34.81 -15.19
C LEU E 161 50.58 35.31 -16.29
N ALA E 162 50.28 36.60 -16.27
CA ALA E 162 49.42 37.21 -17.28
C ALA E 162 49.78 38.68 -17.41
N PRO E 163 49.46 39.31 -18.53
CA PRO E 163 49.70 40.75 -18.67
C PRO E 163 48.55 41.55 -18.07
N CYS E 164 48.80 42.85 -17.91
CA CYS E 164 47.81 43.81 -17.42
C CYS E 164 47.76 44.98 -18.39
N ALA E 165 46.70 45.06 -19.18
CA ALA E 165 46.63 46.06 -20.25
C ALA E 165 46.52 47.48 -19.71
N ALA E 166 45.91 47.67 -18.54
CA ALA E 166 45.68 49.01 -18.03
C ALA E 166 46.96 49.70 -17.58
N LEU E 167 48.00 48.95 -17.22
CA LEU E 167 49.22 49.52 -16.66
C LEU E 167 50.41 49.25 -17.56
N GLY E 168 50.24 49.46 -18.87
CA GLY E 168 51.34 49.30 -19.80
C GLY E 168 51.88 47.89 -19.92
N PHE E 169 50.99 46.89 -19.93
CA PHE E 169 51.37 45.49 -20.13
C PHE E 169 52.37 45.01 -19.07
N LYS E 170 52.17 45.44 -17.83
CA LYS E 170 52.96 44.93 -16.73
C LYS E 170 52.44 43.56 -16.29
N GLN E 171 53.34 42.76 -15.71
CA GLN E 171 53.04 41.36 -15.41
C GLN E 171 52.34 41.24 -14.06
N THR E 172 51.35 40.34 -14.01
CA THR E 172 50.62 40.04 -12.79
C THR E 172 50.55 38.53 -12.60
N LEU E 173 50.55 38.12 -11.33
CA LEU E 173 50.32 36.74 -10.96
C LEU E 173 48.82 36.43 -10.99
N SER E 174 48.50 35.14 -10.94
CA SER E 174 47.10 34.74 -10.83
C SER E 174 46.99 33.50 -9.96
N MET E 175 45.79 33.29 -9.43
CA MET E 175 45.52 32.14 -8.57
C MET E 175 44.06 31.75 -8.75
N GLY E 176 43.82 30.56 -9.28
CA GLY E 176 42.47 30.15 -9.66
C GLY E 176 42.17 28.71 -9.29
N THR E 177 40.92 28.46 -8.95
CA THR E 177 40.49 27.12 -8.58
C THR E 177 40.07 26.34 -9.82
N LYS E 178 40.57 25.11 -9.94
CA LYS E 178 40.20 24.21 -11.03
C LYS E 178 39.88 22.84 -10.47
N THR E 179 39.00 22.12 -11.17
CA THR E 179 38.42 20.88 -10.66
C THR E 179 38.67 19.73 -11.64
N PHE E 180 39.02 18.56 -11.10
CA PHE E 180 39.26 17.36 -11.90
C PHE E 180 38.28 16.25 -11.57
N SER E 181 37.84 15.55 -12.61
CA SER E 181 36.86 14.48 -12.48
C SER E 181 37.34 13.22 -13.18
N PRO E 182 36.90 12.05 -12.71
CA PRO E 182 37.32 10.79 -13.32
C PRO E 182 36.73 10.61 -14.72
N LEU E 183 37.40 9.73 -15.48
CA LEU E 183 37.05 9.52 -16.88
C LEU E 183 35.76 8.73 -17.05
N SER E 184 35.56 7.69 -16.23
CA SER E 184 34.43 6.80 -16.42
C SER E 184 33.09 7.48 -16.19
N TRP E 185 33.07 8.64 -15.52
CA TRP E 185 31.81 9.32 -15.24
C TRP E 185 31.18 9.89 -16.51
N PHE E 186 32.00 10.22 -17.51
CA PHE E 186 31.51 10.76 -18.77
C PHE E 186 31.49 9.72 -19.88
N THR E 187 31.71 8.45 -19.57
CA THR E 187 31.74 7.38 -20.56
C THR E 187 30.54 6.47 -20.35
N LEU E 188 29.78 6.23 -21.42
CA LEU E 188 28.62 5.36 -21.34
C LEU E 188 29.06 3.91 -21.15
N GLU E 189 28.13 3.09 -20.64
CA GLU E 189 28.44 1.69 -20.34
C GLU E 189 28.75 0.88 -21.60
N ASN E 190 28.30 1.32 -22.77
CA ASN E 190 28.55 0.58 -24.00
C ASN E 190 29.92 0.88 -24.61
N GLY E 191 30.81 1.51 -23.86
CA GLY E 191 32.12 1.85 -24.37
C GLY E 191 32.18 3.04 -25.29
N GLU E 192 31.08 3.78 -25.42
CA GLU E 192 31.01 4.97 -26.27
C GLU E 192 31.19 6.21 -25.40
N VAL E 193 32.35 6.86 -25.54
CA VAL E 193 32.62 8.08 -24.79
C VAL E 193 31.75 9.20 -25.32
N GLN E 194 31.24 10.03 -24.40
CA GLN E 194 30.44 11.17 -24.81
C GLN E 194 31.27 12.14 -25.65
N LYS E 195 30.56 12.98 -26.42
CA LYS E 195 31.22 13.83 -27.42
C LYS E 195 32.21 14.78 -26.76
N LYS E 196 31.86 15.35 -25.61
CA LYS E 196 32.75 16.31 -24.96
C LYS E 196 34.06 15.66 -24.54
N ALA E 197 34.01 14.44 -24.02
CA ALA E 197 35.19 13.77 -23.49
C ALA E 197 35.92 12.92 -24.53
N ARG E 198 35.46 12.89 -25.78
CA ARG E 198 36.14 12.11 -26.80
C ARG E 198 37.53 12.64 -27.09
N PHE E 199 37.67 13.97 -27.20
CA PHE E 199 38.95 14.63 -27.40
C PHE E 199 39.17 15.55 -26.20
N ALA E 200 39.87 15.04 -25.19
CA ALA E 200 40.13 15.81 -23.98
C ALA E 200 41.53 15.49 -23.46
N THR E 201 42.25 16.54 -23.07
CA THR E 201 43.56 16.35 -22.47
C THR E 201 43.43 15.62 -21.13
N ARG E 202 44.27 14.62 -20.93
CA ARG E 202 44.21 13.78 -19.74
C ARG E 202 45.30 14.16 -18.76
N TYR E 203 45.06 13.87 -17.48
CA TYR E 203 45.96 14.26 -16.41
C TYR E 203 46.09 13.09 -15.43
N GLN E 204 47.07 13.20 -14.53
CA GLN E 204 47.38 12.14 -13.59
C GLN E 204 47.82 12.74 -12.26
N LEU E 205 47.43 12.08 -11.17
CA LEU E 205 47.74 12.50 -9.81
C LEU E 205 49.11 11.97 -9.39
N ASP E 206 49.66 12.57 -8.32
CA ASP E 206 50.92 12.15 -7.74
C ASP E 206 50.76 12.06 -6.22
N ASP E 207 51.58 11.19 -5.60
CA ASP E 207 51.49 10.92 -4.18
C ASP E 207 52.60 11.56 -3.35
N VAL E 208 53.58 12.21 -3.98
CA VAL E 208 54.71 12.78 -3.25
C VAL E 208 54.51 14.28 -3.07
N GLY E 209 54.50 15.01 -4.17
CA GLY E 209 54.39 16.45 -4.14
C GLY E 209 52.99 16.99 -4.18
N LYS E 210 51.99 16.11 -4.34
CA LYS E 210 50.59 16.53 -4.44
C LYS E 210 50.37 17.51 -5.59
N LEU E 211 50.88 17.13 -6.76
CA LEU E 211 50.76 17.95 -7.97
C LEU E 211 50.12 17.12 -9.07
N VAL E 212 49.01 17.61 -9.60
CA VAL E 212 48.37 16.98 -10.75
C VAL E 212 49.08 17.44 -12.02
N SER E 213 49.48 16.48 -12.86
CA SER E 213 50.30 16.78 -14.03
C SER E 213 49.75 16.05 -15.24
N LYS E 214 50.29 16.41 -16.41
CA LYS E 214 49.87 15.83 -17.67
C LYS E 214 50.51 14.47 -17.91
N SER E 215 49.76 13.60 -18.57
CA SER E 215 50.24 12.30 -19.04
C SER E 215 49.17 11.69 -19.93
N ILE E 216 49.61 10.92 -20.93
CA ILE E 216 48.67 10.21 -21.77
C ILE E 216 47.90 9.18 -20.96
N LYS E 217 48.59 8.47 -20.06
CA LYS E 217 47.95 7.51 -19.17
C LYS E 217 47.48 8.23 -17.91
N GLY E 218 46.22 8.02 -17.56
CA GLY E 218 45.61 8.68 -16.42
C GLY E 218 44.11 8.65 -16.51
N ASP E 219 43.43 8.65 -15.35
CA ASP E 219 41.98 8.48 -15.27
C ASP E 219 41.29 9.79 -14.90
N TYR E 220 41.82 10.92 -15.36
CA TYR E 220 41.26 12.21 -14.97
C TYR E 220 41.22 13.16 -16.15
N ILE E 221 40.10 13.86 -16.29
CA ILE E 221 39.98 14.95 -17.25
C ILE E 221 39.50 16.18 -16.51
N LYS E 222 39.80 17.34 -17.10
CA LYS E 222 39.54 18.64 -16.50
C LYS E 222 38.12 19.06 -16.87
N LYS E 223 37.18 18.79 -15.96
CA LYS E 223 35.77 19.11 -16.12
C LYS E 223 35.07 18.84 -14.79
N PRO E 224 34.06 19.64 -14.41
CA PRO E 224 33.32 19.35 -13.17
C PRO E 224 32.39 18.16 -13.31
N LEU E 225 31.66 17.83 -12.24
CA LEU E 225 30.86 16.60 -12.23
C LEU E 225 29.60 16.74 -13.08
N TYR E 226 28.68 17.63 -12.69
CA TYR E 226 27.35 17.61 -13.26
C TYR E 226 27.24 18.52 -14.48
N SER E 227 27.46 19.81 -14.32
CA SER E 227 27.23 20.80 -15.36
C SER E 227 27.88 22.10 -14.91
N ASN E 228 27.54 23.19 -15.59
CA ASN E 228 27.98 24.53 -15.21
C ASN E 228 27.76 24.77 -13.73
N ALA E 229 28.85 24.92 -12.98
CA ALA E 229 28.80 25.09 -11.53
C ALA E 229 30.12 25.71 -11.09
N LYS E 230 30.20 26.02 -9.79
CA LYS E 230 31.36 26.72 -9.25
C LYS E 230 31.90 26.01 -8.02
N ASN E 231 33.23 26.00 -7.90
CA ASN E 231 33.93 25.58 -6.70
C ASN E 231 34.97 26.64 -6.36
N ARG E 232 35.13 26.93 -5.07
CA ARG E 232 36.00 28.02 -4.66
C ARG E 232 36.72 27.63 -3.38
N ILE E 233 37.89 28.24 -3.18
CA ILE E 233 38.70 28.06 -1.98
C ILE E 233 38.90 29.40 -1.31
N GLN E 234 38.78 29.42 0.01
CA GLN E 234 38.89 30.64 0.81
C GLN E 234 40.25 31.30 0.63
N ALA E 235 40.30 32.61 0.89
CA ALA E 235 41.51 33.38 0.71
C ALA E 235 42.49 33.17 1.85
N ILE E 236 42.06 33.42 3.09
CA ILE E 236 42.91 33.28 4.26
C ILE E 236 42.09 32.67 5.39
N ASP E 237 42.78 32.01 6.32
CA ASP E 237 42.12 31.32 7.43
C ASP E 237 43.11 31.20 8.58
N ILE E 238 42.77 31.81 9.72
CA ILE E 238 43.63 31.76 10.90
C ILE E 238 42.85 31.20 12.07
N THR E 239 41.92 30.29 11.80
CA THR E 239 41.04 29.76 12.83
C THR E 239 41.85 29.03 13.90
N LYS E 240 41.62 29.43 15.17
CA LYS E 240 42.25 28.82 16.33
C LYS E 240 43.78 28.85 16.28
N GLU E 241 44.34 29.77 15.49
CA GLU E 241 45.78 29.95 15.35
C GLU E 241 46.48 28.62 15.05
N SER E 242 46.05 27.98 13.97
CA SER E 242 46.61 26.72 13.52
C SER E 242 47.42 26.94 12.25
N TYR E 243 48.55 26.25 12.16
CA TYR E 243 49.42 26.35 10.99
C TYR E 243 49.07 25.33 9.91
N SER E 244 48.26 24.32 10.23
CA SER E 244 47.77 23.39 9.22
C SER E 244 46.64 23.99 8.40
N GLY E 245 45.77 24.81 9.01
CA GLY E 245 44.72 25.47 8.26
C GLY E 245 45.18 26.64 7.43
N PHE E 246 46.31 27.25 7.79
CA PHE E 246 46.89 28.33 7.00
C PHE E 246 47.57 27.81 5.74
N GLN E 247 47.87 26.52 5.69
CA GLN E 247 48.53 25.90 4.54
C GLN E 247 47.57 25.48 3.44
N LEU E 248 46.27 25.70 3.61
CA LEU E 248 45.27 25.18 2.68
C LEU E 248 44.41 26.31 2.10
N SER E 249 45.01 27.46 1.86
CA SER E 249 44.33 28.62 1.32
C SER E 249 45.05 29.11 0.07
N LYS E 250 44.53 30.18 -0.53
CA LYS E 250 45.14 30.72 -1.74
C LYS E 250 46.35 31.60 -1.45
N VAL E 251 46.60 31.94 -0.18
CA VAL E 251 47.82 32.62 0.22
C VAL E 251 48.77 31.71 0.97
N GLY E 252 48.38 30.44 1.19
CA GLY E 252 49.28 29.47 1.77
C GLY E 252 50.03 28.71 0.69
N ILE E 253 49.37 28.46 -0.43
CA ILE E 253 50.04 27.86 -1.59
C ILE E 253 51.04 28.85 -2.18
N LEU E 254 50.71 30.13 -2.17
CA LEU E 254 51.62 31.14 -2.70
C LEU E 254 52.93 31.18 -1.91
N GLU E 255 52.87 30.87 -0.61
CA GLU E 255 54.10 30.77 0.17
C GLU E 255 54.93 29.56 -0.22
N GLN E 256 54.27 28.46 -0.61
CA GLN E 256 54.99 27.28 -1.06
C GLN E 256 55.63 27.50 -2.42
N PHE E 257 54.97 28.27 -3.28
CA PHE E 257 55.50 28.52 -4.62
C PHE E 257 56.86 29.21 -4.56
N MET E 258 57.02 30.16 -3.64
CA MET E 258 58.31 30.84 -3.49
C MET E 258 59.36 29.94 -2.86
N GLN E 259 58.96 28.87 -2.19
CA GLN E 259 59.90 27.91 -1.63
C GLN E 259 60.22 26.78 -2.60
N ASP E 260 59.54 26.72 -3.74
CA ASP E 260 59.90 25.75 -4.77
C ASP E 260 60.78 26.33 -5.88
N LEU E 261 60.78 27.65 -6.07
CA LEU E 261 61.71 28.28 -7.01
C LEU E 261 63.11 28.36 -6.44
N LYS E 262 63.26 28.21 -5.12
CA LYS E 262 64.56 28.24 -4.47
C LYS E 262 65.26 26.89 -4.51
N GLN E 263 64.51 25.81 -4.34
CA GLN E 263 65.07 24.47 -4.25
C GLN E 263 65.27 23.81 -5.61
N ALA E 264 64.93 24.48 -6.70
CA ALA E 264 65.24 24.01 -8.03
C ALA E 264 66.17 24.93 -8.80
N TYR E 265 66.16 26.23 -8.52
CA TYR E 265 67.00 27.19 -9.21
C TYR E 265 68.05 27.84 -8.32
N GLY E 266 67.99 27.62 -7.01
CA GLY E 266 68.83 28.41 -6.12
C GLY E 266 68.35 29.84 -6.08
N ASP E 267 69.29 30.77 -6.16
CA ASP E 267 68.99 32.20 -6.15
C ASP E 267 69.08 32.84 -7.53
N SER E 268 69.13 32.02 -8.59
CA SER E 268 69.25 32.57 -9.94
C SER E 268 68.02 33.38 -10.32
N VAL E 269 66.82 32.89 -9.97
CA VAL E 269 65.56 33.52 -10.34
C VAL E 269 64.79 33.85 -9.07
N SER E 270 64.28 35.08 -8.99
CA SER E 270 63.46 35.52 -7.88
C SER E 270 62.37 36.44 -8.41
N VAL E 271 61.25 36.47 -7.70
CA VAL E 271 60.10 37.31 -8.05
C VAL E 271 59.83 38.27 -6.90
N LYS E 272 59.79 39.56 -7.20
CA LYS E 272 59.58 40.59 -6.21
C LYS E 272 58.30 41.35 -6.53
N LEU E 273 57.54 41.69 -5.49
CA LEU E 273 56.24 42.31 -5.64
C LEU E 273 56.32 43.81 -5.36
N GLN E 274 55.24 44.52 -5.69
CA GLN E 274 55.19 45.97 -5.64
C GLN E 274 54.28 46.43 -4.52
N ARG E 275 54.68 47.50 -3.83
CA ARG E 275 53.88 48.12 -2.77
C ARG E 275 53.41 49.48 -3.24
N ILE E 276 52.10 49.64 -3.34
CA ILE E 276 51.54 50.93 -3.81
C ILE E 276 51.74 51.98 -2.72
N PRO E 277 52.24 53.17 -3.05
CA PRO E 277 52.38 54.21 -2.03
C PRO E 277 51.03 54.65 -1.49
N GLY E 278 51.02 55.04 -0.22
CA GLY E 278 49.78 55.45 0.42
C GLY E 278 50.00 56.25 1.69
N GLU E 279 49.25 57.35 1.83
CA GLU E 279 49.32 58.19 3.02
C GLU E 279 47.96 58.53 3.60
N LYS E 280 46.88 58.34 2.85
CA LYS E 280 45.52 58.69 3.28
C LYS E 280 44.71 57.40 3.34
N HIS E 281 44.46 56.90 4.55
CA HIS E 281 43.72 55.67 4.70
C HIS E 281 42.74 55.84 5.85
N ARG E 282 41.44 55.67 5.57
CA ARG E 282 40.37 56.00 6.50
C ARG E 282 39.61 54.73 6.91
N PHE E 283 39.92 54.24 8.10
CA PHE E 283 39.13 53.17 8.70
C PHE E 283 37.73 53.64 9.07
N VAL E 284 36.75 52.77 8.87
CA VAL E 284 35.35 53.06 9.14
C VAL E 284 34.89 52.19 10.31
N SER E 285 34.29 52.83 11.31
CA SER E 285 33.77 52.12 12.48
C SER E 285 32.37 51.59 12.20
N ASP E 286 31.75 51.01 13.22
CA ASP E 286 30.41 50.45 13.09
C ASP E 286 29.31 51.40 13.55
N THR E 287 29.61 52.33 14.45
CA THR E 287 28.57 53.23 14.96
C THR E 287 28.09 54.20 13.89
N ILE E 288 29.00 54.67 13.04
CA ILE E 288 28.64 55.65 12.01
C ILE E 288 27.61 55.06 11.04
N VAL E 289 27.81 53.79 10.65
CA VAL E 289 26.89 53.13 9.72
C VAL E 289 25.50 53.00 10.37
N LYS E 290 25.48 52.57 11.63
CA LYS E 290 24.23 52.40 12.36
C LYS E 290 23.44 53.71 12.42
N ASN E 291 24.13 54.80 12.81
CA ASN E 291 23.47 56.09 12.90
C ASN E 291 23.02 56.58 11.53
N HIS E 292 23.74 56.24 10.46
CA HIS E 292 23.28 56.59 9.12
C HIS E 292 21.95 55.92 8.82
N TYR E 293 21.85 54.61 9.09
CA TYR E 293 20.64 53.89 8.70
C TYR E 293 19.42 54.31 9.52
N VAL E 294 19.63 54.73 10.77
CA VAL E 294 18.49 55.22 11.56
C VAL E 294 17.82 56.41 10.88
N GLY E 295 18.62 57.42 10.51
CA GLY E 295 18.07 58.56 9.79
C GLY E 295 17.55 58.18 8.43
N LEU E 296 18.10 57.13 7.83
CA LEU E 296 17.53 56.60 6.59
C LEU E 296 16.07 56.22 6.78
N PHE E 297 15.78 55.48 7.85
CA PHE E 297 14.41 54.99 8.05
C PHE E 297 13.46 56.08 8.52
N ASP E 298 13.97 57.08 9.25
CA ASP E 298 13.08 58.14 9.74
C ASP E 298 12.33 58.81 8.59
N ALA E 299 13.03 59.10 7.49
CA ALA E 299 12.39 59.76 6.35
C ALA E 299 11.28 58.90 5.75
N LEU E 300 11.53 57.59 5.61
CA LEU E 300 10.50 56.68 5.11
C LEU E 300 9.30 56.56 6.05
N LYS E 301 9.47 56.90 7.33
CA LYS E 301 8.35 56.75 8.26
C LYS E 301 7.14 57.59 7.85
N GLU E 302 7.37 58.83 7.40
CA GLU E 302 6.27 59.76 7.12
C GLU E 302 5.79 59.59 5.67
N HIS E 303 5.22 58.42 5.40
CA HIS E 303 4.67 58.09 4.08
C HIS E 303 3.70 56.92 4.24
N ARG E 304 3.19 56.41 3.12
CA ARG E 304 2.26 55.30 3.09
C ARG E 304 2.88 54.12 2.34
N LEU E 305 2.77 52.92 2.93
CA LEU E 305 3.33 51.72 2.33
C LEU E 305 2.26 50.63 2.26
N VAL E 306 2.13 50.03 1.07
CA VAL E 306 1.09 49.06 0.75
C VAL E 306 1.75 47.79 0.23
N ILE E 307 1.24 46.63 0.66
CA ILE E 307 1.70 45.34 0.17
C ILE E 307 0.53 44.64 -0.51
N CYS E 308 0.80 44.07 -1.69
CA CYS E 308 -0.21 43.39 -2.49
C CYS E 308 0.34 42.06 -2.98
N ASP E 309 -0.57 41.12 -3.24
CA ASP E 309 -0.23 39.78 -3.72
C ASP E 309 -0.93 39.52 -5.03
N LEU E 310 -0.19 39.03 -6.02
CA LEU E 310 -0.72 38.83 -7.37
C LEU E 310 -0.36 37.45 -7.93
N THR E 311 -0.13 36.48 -7.05
CA THR E 311 0.14 35.12 -7.51
C THR E 311 -1.14 34.44 -7.96
N GLU E 312 -0.99 33.46 -8.86
CA GLU E 312 -2.15 32.75 -9.40
C GLU E 312 -2.72 31.77 -8.36
N ASN E 313 -1.92 30.77 -7.98
CA ASN E 313 -2.32 29.80 -6.97
C ASN E 313 -1.83 30.26 -5.59
N GLN E 314 -2.57 31.20 -5.02
CA GLN E 314 -2.16 31.86 -3.78
C GLN E 314 -1.85 30.85 -2.69
N ASP E 315 -0.71 31.06 -2.03
CA ASP E 315 -0.25 30.21 -0.95
C ASP E 315 0.79 30.99 -0.17
N THR E 316 1.10 30.50 1.04
CA THR E 316 2.07 31.09 1.96
C THR E 316 1.62 32.44 2.49
N ASP E 317 2.05 32.78 3.70
CA ASP E 317 1.72 34.06 4.32
C ASP E 317 2.80 35.12 4.05
N ALA E 318 3.14 35.29 2.78
CA ALA E 318 4.23 36.20 2.42
C ALA E 318 3.91 37.64 2.83
N ALA E 319 2.66 38.06 2.62
CA ALA E 319 2.26 39.41 3.02
C ALA E 319 2.41 39.59 4.53
N LEU E 320 1.94 38.62 5.31
CA LEU E 320 2.02 38.72 6.76
C LEU E 320 3.48 38.75 7.23
N THR E 321 4.31 37.88 6.67
CA THR E 321 5.72 37.82 7.07
C THR E 321 6.44 39.14 6.73
N LEU E 322 6.22 39.64 5.52
CA LEU E 322 6.86 40.89 5.11
C LEU E 322 6.39 42.05 5.98
N LEU E 323 5.09 42.09 6.30
CA LEU E 323 4.58 43.16 7.14
C LEU E 323 5.16 43.08 8.55
N HIS E 324 5.32 41.87 9.08
CA HIS E 324 5.97 41.72 10.38
C HIS E 324 7.39 42.26 10.36
N GLY E 325 8.15 41.89 9.32
CA GLY E 325 9.51 42.39 9.19
C GLY E 325 9.56 43.90 9.10
N ILE E 326 8.63 44.50 8.35
CA ILE E 326 8.60 45.96 8.21
C ILE E 326 8.23 46.62 9.54
N GLU E 327 7.21 46.09 10.23
CA GLU E 327 6.73 46.71 11.46
C GLU E 327 7.72 46.57 12.61
N HIS E 328 8.67 45.65 12.52
CA HIS E 328 9.69 45.63 13.57
C HIS E 328 10.58 46.88 13.56
N LEU E 329 10.52 47.69 12.49
CA LEU E 329 11.34 48.90 12.37
C LEU E 329 10.53 50.18 12.59
N ASP E 330 9.41 50.10 13.31
CA ASP E 330 8.52 51.23 13.59
C ASP E 330 7.85 51.79 12.34
N ILE E 331 8.03 51.16 11.18
CA ILE E 331 7.37 51.57 9.96
C ILE E 331 6.07 50.78 9.82
N ASN E 332 4.95 51.48 9.70
CA ASN E 332 3.63 50.85 9.68
C ASN E 332 3.12 50.83 8.25
N ALA E 333 2.71 49.64 7.79
CA ALA E 333 2.23 49.46 6.43
C ALA E 333 0.84 48.83 6.43
N GLU E 334 0.32 48.51 5.24
CA GLU E 334 -0.98 47.86 5.17
C GLU E 334 -1.00 46.84 4.04
N ILE E 335 -2.11 46.09 3.98
CA ILE E 335 -2.32 45.03 3.00
C ILE E 335 -3.50 45.42 2.11
N ALA E 336 -3.31 45.35 0.80
CA ALA E 336 -4.38 45.65 -0.14
C ALA E 336 -4.53 44.50 -1.14
N GLU E 337 -5.75 44.32 -1.64
CA GLU E 337 -6.02 43.30 -2.63
C GLU E 337 -5.73 43.78 -4.05
N VAL E 338 -5.84 45.08 -4.30
CA VAL E 338 -5.44 45.66 -5.58
C VAL E 338 -4.54 46.86 -5.29
N PRO E 339 -3.51 47.10 -6.10
CA PRO E 339 -2.61 48.23 -5.83
C PRO E 339 -3.34 49.56 -5.85
N ILE E 340 -2.92 50.46 -4.96
CA ILE E 340 -3.48 51.80 -4.85
C ILE E 340 -2.63 52.75 -5.68
N ARG E 341 -3.27 53.77 -6.25
CA ARG E 341 -2.58 54.79 -7.04
C ARG E 341 -2.14 55.93 -6.13
N GLY E 342 -0.90 56.36 -6.30
CA GLY E 342 -0.37 57.46 -5.51
C GLY E 342 0.25 57.06 -4.19
N ALA E 343 0.74 55.83 -4.06
CA ALA E 343 1.37 55.38 -2.84
C ALA E 343 2.45 54.36 -3.17
N LEU E 344 3.46 54.28 -2.30
CA LEU E 344 4.53 53.31 -2.49
C LEU E 344 3.98 51.90 -2.41
N ASN E 345 4.37 51.05 -3.38
CA ASN E 345 3.82 49.72 -3.51
C ASN E 345 4.94 48.69 -3.59
N ILE E 346 4.84 47.66 -2.75
CA ILE E 346 5.69 46.47 -2.84
C ILE E 346 4.78 45.31 -3.26
N LEU E 347 5.08 44.71 -4.41
CA LEU E 347 4.25 43.68 -5.01
C LEU E 347 4.96 42.34 -4.92
N ILE E 348 4.16 41.29 -4.79
CA ILE E 348 4.65 39.92 -4.73
C ILE E 348 4.22 39.24 -6.03
N VAL E 349 5.20 38.81 -6.83
CA VAL E 349 4.91 38.25 -8.14
C VAL E 349 5.58 36.89 -8.26
N GLY E 350 5.34 36.22 -9.39
CA GLY E 350 5.91 34.92 -9.66
C GLY E 350 7.07 34.98 -10.64
N ASN E 351 7.56 33.79 -10.98
CA ASN E 351 8.68 33.68 -11.91
C ASN E 351 8.32 34.26 -13.27
N LYS E 352 9.24 35.03 -13.84
CA LYS E 352 8.96 35.73 -15.08
C LYS E 352 8.81 34.78 -16.27
N ASP E 353 9.61 33.71 -16.31
CA ASP E 353 9.57 32.79 -17.44
C ASP E 353 8.25 32.05 -17.54
N THR E 354 7.59 31.80 -16.40
CA THR E 354 6.41 30.93 -16.39
C THR E 354 5.28 31.49 -17.23
N TYR E 355 4.91 32.76 -17.00
CA TYR E 355 3.85 33.39 -17.76
C TYR E 355 4.15 33.39 -19.26
N LYS E 356 3.11 33.15 -20.05
CA LYS E 356 3.25 33.05 -21.49
C LYS E 356 3.61 34.41 -22.08
N SER E 357 4.07 34.39 -23.34
CA SER E 357 4.55 35.59 -24.00
C SER E 357 3.45 36.63 -24.12
N ASP E 358 2.29 36.23 -24.65
CA ASP E 358 1.17 37.15 -24.78
C ASP E 358 0.34 37.24 -23.50
N GLU E 359 0.61 36.40 -22.50
CA GLU E 359 -0.04 36.58 -21.21
C GLU E 359 0.35 37.95 -20.67
N GLU E 360 -0.61 38.60 -20.02
CA GLU E 360 -0.39 39.99 -19.61
C GLU E 360 0.18 39.94 -18.20
N ASP E 361 1.51 40.04 -18.12
CA ASP E 361 2.22 39.89 -16.87
C ASP E 361 1.65 40.85 -15.83
N PRO E 362 1.34 40.38 -14.61
CA PRO E 362 0.70 41.25 -13.60
C PRO E 362 1.49 42.53 -13.43
N TYR E 363 2.80 42.35 -13.32
CA TYR E 363 3.76 43.43 -13.12
C TYR E 363 3.70 44.44 -14.26
N GLN E 364 3.82 43.97 -15.51
CA GLN E 364 3.78 44.85 -16.67
C GLN E 364 2.45 45.59 -16.76
N VAL E 365 1.34 44.86 -16.60
CA VAL E 365 0.01 45.46 -16.71
C VAL E 365 -0.18 46.54 -15.67
N TYR E 366 -0.01 46.17 -14.39
CA TYR E 366 -0.27 47.10 -13.32
C TYR E 366 0.77 48.22 -13.27
N ARG E 367 1.84 48.11 -14.06
CA ARG E 367 2.74 49.24 -14.26
C ARG E 367 2.22 50.21 -15.31
N LYS E 368 1.98 49.71 -16.54
CA LYS E 368 1.73 50.62 -17.66
C LYS E 368 0.50 51.49 -17.43
N LYS E 369 -0.50 50.98 -16.71
CA LYS E 369 -1.73 51.73 -16.51
C LYS E 369 -1.53 52.87 -15.52
N TYR E 370 -0.76 52.63 -14.46
CA TYR E 370 -0.55 53.61 -13.39
C TYR E 370 0.83 54.22 -13.59
N GLN E 371 0.88 55.41 -14.18
CA GLN E 371 2.15 55.98 -14.63
C GLN E 371 2.68 57.11 -13.74
N ASP E 372 2.18 57.24 -12.52
CA ASP E 372 2.72 58.23 -11.58
C ASP E 372 2.85 57.59 -10.20
N THR E 373 3.39 56.38 -10.15
CA THR E 373 3.46 55.61 -8.92
C THR E 373 4.77 54.84 -8.86
N VAL E 374 5.38 54.80 -7.68
CA VAL E 374 6.62 54.06 -7.46
C VAL E 374 6.29 52.61 -7.19
N PHE E 375 7.15 51.70 -7.66
CA PHE E 375 6.87 50.27 -7.59
C PHE E 375 8.09 49.50 -7.10
N GLN E 376 7.81 48.35 -6.48
CA GLN E 376 8.81 47.34 -6.15
C GLN E 376 8.17 45.97 -6.29
N SER E 377 8.99 44.95 -6.47
CA SER E 377 8.49 43.59 -6.55
C SER E 377 9.49 42.61 -5.96
N CYS E 378 8.96 41.45 -5.58
CA CYS E 378 9.80 40.36 -5.11
C CYS E 378 9.08 39.03 -5.35
N TYR E 379 9.90 37.98 -5.45
CA TYR E 379 9.43 36.61 -5.46
C TYR E 379 9.15 36.13 -4.03
N PRO E 380 8.18 35.23 -3.85
CA PRO E 380 7.82 34.80 -2.49
C PRO E 380 8.81 33.83 -1.85
N GLU E 381 9.78 33.31 -2.60
CA GLU E 381 10.72 32.32 -2.07
C GLU E 381 11.90 32.94 -1.35
N ARG E 382 12.12 34.25 -1.52
CA ARG E 382 13.31 34.89 -0.98
C ARG E 382 13.14 35.40 0.44
N LEU E 383 11.94 35.28 1.02
CA LEU E 383 11.69 35.76 2.39
C LEU E 383 11.91 34.68 3.44
N TRP E 384 12.31 33.48 3.04
CA TRP E 384 12.57 32.38 3.97
C TRP E 384 13.98 31.85 3.74
N ASN E 385 14.72 31.67 4.82
CA ASN E 385 16.11 31.22 4.72
C ASN E 385 16.17 29.71 4.56
N ARG E 386 17.37 29.15 4.68
CA ARG E 386 17.54 27.70 4.51
C ARG E 386 16.85 26.92 5.61
N GLN E 387 16.91 27.41 6.85
CA GLN E 387 16.35 26.70 7.99
C GLN E 387 14.91 27.09 8.29
N GLY E 388 14.31 27.98 7.49
CA GLY E 388 12.92 28.33 7.64
C GLY E 388 12.64 29.63 8.35
N GLN E 389 13.62 30.21 9.04
CA GLN E 389 13.41 31.47 9.72
C GLN E 389 13.31 32.62 8.72
N PRO E 390 12.60 33.69 9.07
CA PRO E 390 12.52 34.85 8.16
C PRO E 390 13.89 35.48 7.95
N ASN E 391 14.08 36.03 6.74
CA ASN E 391 15.33 36.68 6.36
C ASN E 391 15.17 38.19 6.52
N ARG E 392 15.84 38.74 7.53
CA ARG E 392 15.78 40.18 7.80
C ARG E 392 16.42 41.00 6.67
N HIS E 393 17.57 40.56 6.17
CA HIS E 393 18.39 41.35 5.24
C HIS E 393 17.57 41.82 4.03
N VAL E 394 16.73 40.93 3.51
CA VAL E 394 15.90 41.25 2.35
C VAL E 394 14.98 42.42 2.66
N VAL E 395 14.41 42.43 3.86
CA VAL E 395 13.50 43.52 4.24
C VAL E 395 14.23 44.85 4.23
N GLU E 396 15.43 44.90 4.85
CA GLU E 396 16.12 46.20 4.84
C GLU E 396 16.43 46.65 3.42
N VAL E 397 16.84 45.70 2.56
CA VAL E 397 17.20 46.10 1.20
C VAL E 397 16.00 46.67 0.46
N LEU E 398 14.84 46.02 0.59
CA LEU E 398 13.67 46.52 -0.11
C LEU E 398 13.32 47.94 0.33
N LEU E 399 13.38 48.21 1.64
CA LEU E 399 13.03 49.55 2.11
C LEU E 399 13.99 50.61 1.57
N LYS E 400 15.29 50.33 1.61
CA LYS E 400 16.27 51.31 1.11
C LYS E 400 16.05 51.60 -0.37
N GLU E 401 15.77 50.56 -1.18
CA GLU E 401 15.55 50.80 -2.60
C GLU E 401 14.31 51.64 -2.85
N LEU E 402 13.24 51.39 -2.07
CA LEU E 402 12.05 52.23 -2.18
C LEU E 402 12.40 53.70 -1.99
N LEU E 403 13.18 54.01 -0.95
CA LEU E 403 13.54 55.41 -0.73
C LEU E 403 14.31 55.98 -1.92
N ILE E 404 15.20 55.18 -2.51
CA ILE E 404 15.97 55.71 -3.64
C ILE E 404 15.06 56.12 -4.80
N LYS E 405 14.10 55.25 -5.16
CA LYS E 405 13.19 55.67 -6.23
C LYS E 405 12.35 56.88 -5.86
N LEU E 406 11.90 56.96 -4.60
CA LEU E 406 11.13 58.13 -4.20
C LEU E 406 11.94 59.41 -4.39
N GLU E 407 13.23 59.35 -4.04
CA GLU E 407 14.11 60.49 -4.24
C GLU E 407 14.21 60.87 -5.70
N VAL E 408 14.29 59.87 -6.59
CA VAL E 408 14.31 60.19 -8.01
C VAL E 408 13.02 60.88 -8.44
N HIS E 409 11.87 60.36 -7.97
CA HIS E 409 10.59 60.90 -8.44
C HIS E 409 10.39 62.34 -8.01
N THR E 410 10.72 62.67 -6.75
CA THR E 410 10.41 64.03 -6.28
C THR E 410 11.44 65.07 -6.71
N ARG E 411 12.53 64.66 -7.37
CA ARG E 411 13.54 65.57 -7.93
C ARG E 411 14.25 66.41 -6.88
N LYS E 412 14.13 66.05 -5.59
CA LYS E 412 14.80 66.77 -4.52
C LYS E 412 15.29 65.78 -3.48
N HIS E 413 16.53 65.96 -3.03
CA HIS E 413 17.13 65.02 -2.09
C HIS E 413 16.44 65.13 -0.73
N LEU E 414 16.27 63.99 -0.07
CA LEU E 414 15.62 63.96 1.24
C LEU E 414 16.60 63.79 2.39
N ILE E 415 17.69 63.05 2.19
CA ILE E 415 18.70 62.84 3.23
C ILE E 415 19.95 63.61 2.80
N GLU E 416 20.82 63.86 3.79
CA GLU E 416 21.98 64.74 3.60
C GLU E 416 23.10 63.98 2.90
N TYR E 417 23.17 64.13 1.58
CA TYR E 417 24.35 63.69 0.83
C TYR E 417 25.43 64.77 0.85
N PRO E 418 26.69 64.39 0.67
CA PRO E 418 27.75 65.41 0.58
C PRO E 418 27.70 66.18 -0.74
N SER E 419 28.63 67.12 -0.91
CA SER E 419 28.68 67.96 -2.10
C SER E 419 29.71 67.43 -3.08
N GLY E 420 29.49 67.72 -4.37
CA GLY E 420 30.38 67.28 -5.42
C GLY E 420 30.80 68.41 -6.33
N PRO E 421 31.65 68.11 -7.31
CA PRO E 421 32.06 69.14 -8.26
C PRO E 421 30.86 69.70 -9.02
N GLU E 422 30.90 71.01 -9.25
CA GLU E 422 29.79 71.72 -9.86
C GLU E 422 30.04 71.97 -11.35
N ARG E 423 29.02 72.51 -12.01
CA ARG E 423 29.07 72.85 -13.44
C ARG E 423 29.41 71.65 -14.31
N CYS E 424 28.99 70.46 -13.90
CA CYS E 424 29.29 69.22 -14.62
C CYS E 424 27.99 68.50 -14.99
N VAL E 425 28.04 67.76 -16.08
CA VAL E 425 26.87 67.04 -16.59
C VAL E 425 27.18 65.55 -16.59
N TYR E 426 26.19 64.74 -16.22
CA TYR E 426 26.38 63.29 -16.10
C TYR E 426 25.75 62.61 -17.32
N TYR E 427 26.55 61.79 -18.01
CA TYR E 427 26.09 61.05 -19.19
C TYR E 427 26.27 59.55 -18.96
N MET E 428 25.26 58.78 -19.35
CA MET E 428 25.30 57.33 -19.22
C MET E 428 24.82 56.68 -20.50
N PRO E 429 25.62 55.86 -21.16
CA PRO E 429 25.13 55.08 -22.29
C PRO E 429 24.20 53.97 -21.81
N GLN E 430 23.31 53.54 -22.70
CA GLN E 430 22.32 52.52 -22.33
C GLN E 430 22.18 51.51 -23.46
N ARG E 431 22.41 50.24 -23.15
CA ARG E 431 22.30 49.18 -24.13
C ARG E 431 20.83 48.92 -24.49
N PRO E 432 20.51 48.75 -25.76
CA PRO E 432 19.15 48.37 -26.13
C PRO E 432 18.78 47.01 -25.56
N LYS E 433 17.53 46.88 -25.13
CA LYS E 433 17.04 45.62 -24.56
C LYS E 433 16.56 44.64 -25.62
N ASP E 434 16.54 45.03 -26.89
CA ASP E 434 16.17 44.10 -27.95
C ASP E 434 17.21 42.99 -28.08
N GLU E 435 16.73 41.76 -28.29
CA GLU E 435 17.64 40.64 -28.46
C GLU E 435 18.48 40.75 -29.71
N SER E 436 18.06 41.55 -30.68
CA SER E 436 18.82 41.77 -31.90
C SER E 436 20.02 42.68 -31.70
N SER E 437 20.17 43.28 -30.51
CA SER E 437 21.24 44.23 -30.26
C SER E 437 22.56 43.54 -29.94
N GLU E 438 23.00 42.64 -30.81
CA GLU E 438 24.33 42.05 -30.72
C GLU E 438 25.36 42.79 -31.54
N VAL E 439 24.98 43.90 -32.19
CA VAL E 439 25.92 44.68 -32.97
C VAL E 439 26.87 45.40 -32.03
N ARG E 440 28.17 45.29 -32.30
CA ARG E 440 29.17 45.87 -31.40
C ARG E 440 29.21 47.39 -31.50
N ASP E 441 29.13 47.92 -32.72
CA ASP E 441 29.38 49.34 -32.98
C ASP E 441 28.08 50.12 -33.11
N GLU E 442 26.93 49.43 -33.08
CA GLU E 442 25.63 50.09 -33.18
C GLU E 442 25.52 51.21 -32.15
N PRO E 443 25.14 52.42 -32.56
CA PRO E 443 25.00 53.52 -31.59
C PRO E 443 23.93 53.22 -30.55
N TRP E 444 24.19 53.70 -29.33
CA TRP E 444 23.31 53.57 -28.16
C TRP E 444 22.75 54.93 -27.77
N PRO E 445 21.54 54.96 -27.20
CA PRO E 445 21.09 56.19 -26.54
C PRO E 445 21.92 56.48 -25.30
N VAL E 446 22.07 57.77 -25.01
CA VAL E 446 22.80 58.25 -23.84
C VAL E 446 21.91 59.21 -23.08
N TYR E 447 21.80 59.03 -21.77
CA TYR E 447 20.92 59.83 -20.94
C TYR E 447 21.74 60.79 -20.09
N ALA E 448 21.16 61.96 -19.82
CA ALA E 448 21.87 63.06 -19.18
C ALA E 448 21.11 63.56 -17.96
N SER E 449 21.87 63.86 -16.91
CA SER E 449 21.31 64.46 -15.71
C SER E 449 22.20 65.61 -15.24
N LYS E 450 21.58 66.58 -14.58
CA LYS E 450 22.31 67.72 -14.04
C LYS E 450 21.50 68.34 -12.90
N LEU E 451 22.14 69.27 -12.20
CA LEU E 451 21.53 69.95 -11.06
C LEU E 451 21.51 71.46 -11.32
N VAL E 452 20.33 72.06 -11.18
CA VAL E 452 20.19 73.51 -11.27
C VAL E 452 19.38 73.98 -10.07
N GLY E 453 19.87 75.01 -9.38
CA GLY E 453 19.23 75.46 -8.17
C GLY E 453 19.27 74.37 -7.13
N ASP E 454 18.09 73.89 -6.73
CA ASP E 454 17.98 72.73 -5.84
C ASP E 454 17.25 71.58 -6.51
N GLU E 455 17.03 71.64 -7.82
CA GLU E 455 16.28 70.62 -8.54
C GLU E 455 17.18 69.91 -9.54
N TRP E 456 17.10 68.59 -9.57
CA TRP E 456 17.74 67.79 -10.61
C TRP E 456 16.88 67.79 -11.87
N GLN E 457 17.55 67.87 -13.02
CA GLN E 457 16.91 67.80 -14.31
C GLN E 457 17.40 66.56 -15.04
N TYR E 458 16.45 65.76 -15.53
CA TYR E 458 16.69 64.51 -16.22
C TYR E 458 16.18 64.64 -17.64
N THR E 459 17.05 64.39 -18.63
CA THR E 459 16.59 64.42 -20.01
C THR E 459 17.47 63.51 -20.84
N GLN E 460 16.96 63.08 -21.98
CA GLN E 460 17.76 62.32 -22.92
C GLN E 460 18.66 63.28 -23.69
N ALA E 461 19.95 62.94 -23.78
CA ALA E 461 20.90 63.82 -24.43
C ALA E 461 20.59 63.95 -25.91
N THR E 462 20.67 65.18 -26.42
CA THR E 462 20.46 65.44 -27.83
C THR E 462 21.70 65.05 -28.63
N GLN E 463 21.58 65.12 -29.95
CA GLN E 463 22.67 64.69 -30.83
C GLN E 463 23.87 65.63 -30.71
N GLU E 464 23.61 66.92 -30.55
CA GLU E 464 24.68 67.92 -30.50
C GLU E 464 25.60 67.70 -29.31
N GLU E 465 25.02 67.41 -28.14
CA GLU E 465 25.82 67.13 -26.95
C GLU E 465 26.72 65.92 -27.17
N LEU E 466 26.18 64.88 -27.82
CA LEU E 466 26.95 63.68 -28.09
C LEU E 466 28.10 63.97 -29.05
N GLU E 467 27.88 64.83 -30.04
CA GLU E 467 29.00 65.24 -30.88
C GLU E 467 30.06 66.00 -30.08
N ASP E 468 29.61 66.84 -29.13
CA ASP E 468 30.58 67.62 -28.36
C ASP E 468 31.48 66.74 -27.49
N ILE E 469 30.93 65.69 -26.89
CA ILE E 469 31.71 64.89 -25.94
C ILE E 469 32.84 64.13 -26.63
N GLU E 470 32.52 63.48 -27.75
CA GLU E 470 33.48 62.58 -28.40
C GLU E 470 34.69 63.33 -28.93
N LEU E 471 34.52 64.59 -29.31
CA LEU E 471 35.64 65.38 -29.80
C LEU E 471 36.71 65.56 -28.74
N ASP E 472 36.29 65.87 -27.51
CA ASP E 472 37.25 66.12 -26.44
C ASP E 472 37.75 64.84 -25.76
N LEU E 473 37.07 63.72 -25.96
CA LEU E 473 37.54 62.48 -25.32
C LEU E 473 38.95 62.09 -25.80
N GLY E 474 39.20 62.18 -27.11
CA GLY E 474 40.50 61.76 -27.62
C GLY E 474 40.64 60.27 -27.78
N ASN E 475 41.77 59.70 -27.36
CA ASN E 475 41.95 58.25 -27.44
C ASN E 475 41.05 57.49 -26.48
N ASP E 476 40.40 58.17 -25.54
CA ASP E 476 39.56 57.52 -24.55
C ASP E 476 38.10 57.40 -24.98
N LYS E 477 37.77 57.82 -26.20
CA LYS E 477 36.39 57.69 -26.67
C LYS E 477 36.01 56.23 -26.92
N ARG E 478 36.99 55.33 -26.99
CA ARG E 478 36.68 53.91 -27.21
C ARG E 478 35.95 53.31 -26.01
N HIS E 479 36.22 53.81 -24.80
CA HIS E 479 35.57 53.29 -23.61
C HIS E 479 34.16 53.82 -23.43
N VAL E 480 33.80 54.88 -24.14
CA VAL E 480 32.51 55.54 -23.97
C VAL E 480 31.56 55.24 -25.12
N PHE E 481 32.06 55.22 -26.36
CA PHE E 481 31.20 55.08 -27.53
C PHE E 481 31.48 53.83 -28.34
N HIS E 482 32.18 52.85 -27.77
CA HIS E 482 32.51 51.65 -28.53
C HIS E 482 32.55 50.44 -27.59
N GLY E 483 32.14 49.29 -28.12
CA GLY E 483 32.30 48.03 -27.45
C GLY E 483 30.98 47.50 -26.88
N PHE E 484 31.05 46.27 -26.38
CA PHE E 484 29.93 45.64 -25.70
C PHE E 484 29.77 46.13 -24.26
N GLU E 485 30.75 46.82 -23.72
CA GLU E 485 30.71 47.34 -22.35
C GLU E 485 31.09 48.81 -22.40
N ARG E 486 30.12 49.69 -22.20
CA ARG E 486 30.33 51.13 -22.28
C ARG E 486 30.12 51.74 -20.90
N SER E 487 31.07 52.59 -20.49
CA SER E 487 31.16 53.22 -19.18
C SER E 487 30.64 54.65 -19.21
N PRO E 488 29.98 55.09 -18.15
CA PRO E 488 29.46 56.47 -18.11
C PRO E 488 30.58 57.47 -17.96
N VAL E 489 30.23 58.76 -18.07
CA VAL E 489 31.23 59.81 -17.99
C VAL E 489 30.61 61.09 -17.45
N ILE E 490 31.38 61.79 -16.62
CA ILE E 490 31.09 63.16 -16.20
C ILE E 490 31.87 64.09 -17.11
N TYR E 491 31.18 65.09 -17.67
CA TYR E 491 31.75 66.02 -18.64
C TYR E 491 31.62 67.45 -18.16
N TRP E 492 32.66 68.25 -18.42
CA TRP E 492 32.68 69.67 -18.13
C TRP E 492 32.48 70.44 -19.42
N PRO E 493 31.36 71.14 -19.61
CA PRO E 493 31.15 71.84 -20.89
C PRO E 493 32.06 73.03 -21.09
N GLU E 494 32.49 73.71 -20.03
CA GLU E 494 33.23 74.96 -20.19
C GLU E 494 34.68 74.71 -20.61
N THR E 495 35.30 73.66 -20.08
CA THR E 495 36.71 73.41 -20.33
C THR E 495 36.99 72.17 -21.16
N GLY E 496 36.03 71.25 -21.26
CA GLY E 496 36.24 70.03 -22.01
C GLY E 496 37.04 69.00 -21.25
N ASP E 497 36.51 68.58 -20.10
CA ASP E 497 37.17 67.60 -19.25
C ASP E 497 36.21 66.45 -18.97
N TYR E 498 36.78 65.28 -18.71
CA TYR E 498 36.02 64.06 -18.53
C TYR E 498 36.54 63.31 -17.32
N ALA E 499 35.70 62.43 -16.78
CA ALA E 499 36.13 61.52 -15.73
C ALA E 499 35.70 60.10 -16.07
N ILE E 500 36.65 59.16 -16.16
CA ILE E 500 36.29 57.75 -16.36
C ILE E 500 36.98 56.88 -15.32
N PHE E 501 36.22 55.93 -14.75
CA PHE E 501 36.69 55.05 -13.69
C PHE E 501 36.79 53.63 -14.24
N ILE E 502 37.97 53.02 -14.10
CA ILE E 502 38.25 51.75 -14.76
C ILE E 502 38.75 50.74 -13.75
N ASP E 503 38.15 49.54 -13.78
CA ASP E 503 38.65 48.39 -13.05
C ASP E 503 39.89 47.83 -13.76
N THR E 504 40.92 47.51 -12.98
CA THR E 504 42.21 47.14 -13.55
C THR E 504 42.50 45.64 -13.44
N GLY E 505 42.45 45.08 -12.23
CA GLY E 505 42.64 43.64 -12.09
C GLY E 505 43.45 43.19 -10.89
N ILE E 506 44.26 44.06 -10.32
CA ILE E 506 45.08 43.69 -9.16
C ILE E 506 44.21 43.38 -7.96
N GLN E 507 44.58 42.32 -7.24
CA GLN E 507 43.99 41.97 -5.96
C GLN E 507 44.96 42.33 -4.85
N MET E 508 44.48 43.10 -3.86
CA MET E 508 45.34 43.49 -2.75
C MET E 508 45.62 42.30 -1.84
N LEU E 509 46.89 42.14 -1.46
CA LEU E 509 47.29 41.04 -0.59
C LEU E 509 47.75 41.55 0.77
N PRO E 510 47.40 40.84 1.85
CA PRO E 510 47.95 41.19 3.16
C PRO E 510 49.29 40.52 3.40
N GLU E 511 49.92 40.80 4.53
CA GLU E 511 51.18 40.13 4.87
C GLU E 511 50.92 38.67 5.18
N PHE E 512 51.79 37.80 4.64
CA PHE E 512 51.66 36.36 4.85
C PHE E 512 52.93 35.70 5.40
N GLU E 513 54.10 36.29 5.22
CA GLU E 513 55.32 35.73 5.78
C GLU E 513 55.37 35.94 7.30
N ALA E 514 55.08 37.17 7.73
CA ALA E 514 55.15 37.52 9.15
C ALA E 514 54.13 36.73 9.96
N VAL E 515 52.96 36.47 9.38
CA VAL E 515 51.96 35.66 10.08
C VAL E 515 52.42 34.22 10.21
N ALA E 516 53.03 33.69 9.14
CA ALA E 516 53.44 32.28 9.14
C ALA E 516 54.50 32.01 10.19
N GLU E 517 55.46 32.93 10.34
CA GLU E 517 56.52 32.71 11.35
C GLU E 517 55.92 32.58 12.74
N ARG E 518 54.99 33.48 13.09
CA ARG E 518 54.33 33.45 14.39
C ARG E 518 53.57 32.15 14.60
N LEU E 519 52.84 31.72 13.56
CA LEU E 519 52.06 30.50 13.68
C LEU E 519 52.97 29.29 13.92
N ARG E 520 54.11 29.23 13.24
CA ARG E 520 55.04 28.12 13.46
C ARG E 520 55.57 28.12 14.89
N GLU E 521 55.92 29.28 15.42
CA GLU E 521 56.37 29.30 16.82
C GLU E 521 55.27 28.80 17.75
N LEU E 522 54.03 29.22 17.52
CA LEU E 522 52.94 28.73 18.36
C LEU E 522 52.79 27.22 18.26
N LYS E 523 52.91 26.67 17.06
CA LYS E 523 52.78 25.21 16.91
C LYS E 523 53.88 24.49 17.68
N GLU E 524 55.11 24.99 17.63
CA GLU E 524 56.18 24.33 18.39
C GLU E 524 55.90 24.43 19.90
N GLY E 525 55.40 25.59 20.36
CA GLY E 525 55.14 25.74 21.77
C GLY E 525 54.05 24.82 22.29
N ARG E 526 53.02 24.58 21.49
CA ARG E 526 51.89 23.77 21.92
C ARG E 526 52.14 22.28 21.70
N SER E 527 53.24 21.78 22.21
CA SER E 527 53.57 20.36 22.07
C SER E 527 53.93 19.70 23.39
N GLN E 528 54.59 20.42 24.29
CA GLN E 528 55.02 19.87 25.57
C GLN E 528 53.93 20.04 26.62
N ASP E 529 54.08 19.32 27.72
CA ASP E 529 53.18 19.40 28.86
C ASP E 529 53.88 20.17 29.98
N VAL E 530 53.21 21.17 30.51
CA VAL E 530 53.84 22.08 31.50
C VAL E 530 54.00 21.35 32.83
N PRO E 531 55.18 21.39 33.45
CA PRO E 531 55.35 20.74 34.75
C PRO E 531 54.53 21.39 35.84
N ILE E 532 54.21 20.59 36.87
CA ILE E 532 53.36 21.05 37.97
C ILE E 532 54.09 22.08 38.84
N ALA E 533 55.40 21.86 39.04
CA ALA E 533 56.16 22.71 39.96
C ALA E 533 56.17 24.16 39.51
N LEU E 534 56.21 24.39 38.20
CA LEU E 534 56.20 25.76 37.68
C LEU E 534 54.92 26.49 38.08
N LEU E 535 53.79 25.81 37.94
CA LEU E 535 52.50 26.40 38.31
C LEU E 535 52.45 26.69 39.81
N ALA E 536 52.96 25.75 40.63
CA ALA E 536 53.00 26.01 42.08
C ALA E 536 53.85 27.24 42.39
N GLN E 537 54.99 27.37 41.72
CA GLN E 537 55.84 28.55 41.91
C GLN E 537 55.08 29.83 41.57
N PHE E 538 54.37 29.83 40.44
CA PHE E 538 53.62 31.03 40.08
C PHE E 538 52.57 31.37 41.12
N ILE E 539 51.87 30.37 41.67
CA ILE E 539 50.89 30.66 42.70
C ILE E 539 51.56 31.31 43.90
N GLU E 540 52.70 30.78 44.33
CA GLU E 540 53.34 31.36 45.51
C GLU E 540 53.80 32.79 45.27
N GLU E 541 54.33 33.09 44.08
CA GLU E 541 54.99 34.37 43.89
C GLU E 541 54.02 35.54 43.79
N ASN E 542 52.77 35.31 43.37
CA ASN E 542 51.80 36.38 43.16
C ASN E 542 50.49 36.05 43.87
N PRO E 543 50.44 36.22 45.20
CA PRO E 543 49.21 35.88 45.93
C PRO E 543 48.00 36.71 45.52
N GLU E 544 48.19 37.96 45.10
CA GLU E 544 47.08 38.88 44.86
C GLU E 544 46.34 38.59 43.55
N SER E 545 47.00 37.97 42.57
CA SER E 545 46.42 37.82 41.25
C SER E 545 45.12 37.00 41.30
N LYS E 546 44.15 37.43 40.50
CA LYS E 546 42.83 36.81 40.50
C LYS E 546 42.78 35.48 39.76
N VAL E 547 43.76 35.21 38.89
CA VAL E 547 43.73 34.00 38.08
C VAL E 547 43.94 32.75 38.93
N ILE E 548 44.48 32.91 40.15
CA ILE E 548 44.83 31.77 40.98
C ILE E 548 43.63 30.86 41.19
N ASN E 549 42.45 31.45 41.42
CA ASN E 549 41.25 30.66 41.67
C ASN E 549 40.98 29.66 40.56
N LYS E 550 41.21 30.07 39.31
CA LYS E 550 41.05 29.12 38.21
C LYS E 550 42.10 28.01 38.31
N LEU E 551 43.36 28.39 38.52
CA LEU E 551 44.45 27.42 38.53
C LEU E 551 44.20 26.33 39.56
N ARG E 552 43.87 26.73 40.79
CA ARG E 552 43.63 25.75 41.85
C ARG E 552 42.59 24.72 41.47
N ALA E 553 41.60 25.12 40.68
CA ALA E 553 40.58 24.17 40.24
C ALA E 553 41.22 23.06 39.41
N ILE E 554 41.98 23.45 38.37
CA ILE E 554 42.50 22.47 37.43
C ILE E 554 43.40 21.48 38.14
N LEU E 555 44.34 21.98 38.95
CA LEU E 555 45.26 21.11 39.65
C LEU E 555 44.53 20.15 40.58
N SER E 556 43.33 20.54 41.05
CA SER E 556 42.61 19.67 41.97
C SER E 556 42.01 18.45 41.28
N GLU E 557 41.80 18.52 39.97
CA GLU E 557 41.21 17.41 39.23
C GLU E 557 42.23 16.56 38.49
N TRP E 558 43.51 16.88 38.59
CA TRP E 558 44.55 16.22 37.84
C TRP E 558 45.45 15.41 38.78
N ASP E 559 46.26 14.53 38.18
CA ASP E 559 47.24 13.79 38.96
C ASP E 559 48.32 14.75 39.49
N ASP E 560 48.83 14.42 40.67
CA ASP E 560 49.81 15.29 41.33
C ASP E 560 51.21 15.19 40.74
N VAL E 561 51.48 14.19 39.90
CA VAL E 561 52.78 13.98 39.31
C VAL E 561 52.77 14.18 37.80
N ALA E 562 51.71 13.74 37.13
CA ALA E 562 51.65 13.82 35.68
C ALA E 562 51.62 15.28 35.23
N PRO E 563 52.37 15.63 34.19
CA PRO E 563 52.36 17.02 33.71
C PRO E 563 51.03 17.40 33.08
N LEU E 564 50.75 18.72 33.08
CA LEU E 564 49.49 19.28 32.63
C LEU E 564 49.58 19.66 31.17
N PRO E 565 48.68 19.19 30.32
CA PRO E 565 48.70 19.54 28.90
C PRO E 565 48.07 20.90 28.65
N PHE E 566 48.14 21.34 27.38
CA PHE E 566 47.62 22.65 27.01
C PHE E 566 46.10 22.70 27.16
N ASP E 567 45.42 21.60 26.81
CA ASP E 567 43.95 21.63 26.74
C ASP E 567 43.30 21.86 28.08
N GLU E 568 44.04 21.76 29.19
CA GLU E 568 43.48 22.05 30.50
C GLU E 568 43.44 23.53 30.81
N PHE E 569 44.08 24.37 30.00
CA PHE E 569 44.07 25.82 30.18
C PHE E 569 43.05 26.52 29.30
N SER E 570 42.11 25.78 28.70
CA SER E 570 41.14 26.37 27.79
C SER E 570 40.19 27.33 28.49
N THR E 571 40.00 27.18 29.81
CA THR E 571 39.02 27.98 30.54
C THR E 571 39.50 29.40 30.82
N ILE E 572 40.77 29.71 30.57
CA ILE E 572 41.33 31.03 30.83
C ILE E 572 41.64 31.70 29.48
N ALA E 573 41.11 32.89 29.29
CA ALA E 573 41.26 33.63 28.03
C ALA E 573 42.36 34.68 28.15
N TYR E 574 42.84 35.11 26.99
CA TYR E 574 43.89 36.13 26.89
C TYR E 574 43.27 37.51 26.69
N LYS E 575 42.44 37.92 27.65
CA LYS E 575 41.67 39.15 27.52
C LYS E 575 41.97 40.16 28.63
N SER E 576 41.96 39.75 29.89
CA SER E 576 42.03 40.68 31.00
C SER E 576 43.47 41.07 31.30
N SER E 577 43.64 41.96 32.28
CA SER E 577 44.97 42.44 32.65
C SER E 577 45.77 41.37 33.37
N ASP E 578 45.15 40.69 34.34
CA ASP E 578 45.84 39.65 35.10
C ASP E 578 46.01 38.35 34.31
N GLU E 579 45.37 38.23 33.15
CA GLU E 579 45.48 37.04 32.32
C GLU E 579 46.61 37.13 31.30
N LYS E 580 47.08 38.34 31.00
CA LYS E 580 48.20 38.52 30.08
C LYS E 580 49.53 38.20 30.75
N GLN E 581 49.67 38.61 32.02
CA GLN E 581 50.91 38.41 32.77
C GLN E 581 51.24 36.93 32.92
N PHE E 582 50.23 36.10 33.17
CA PHE E 582 50.45 34.68 33.38
C PHE E 582 51.11 34.04 32.15
N TYR E 583 50.54 34.31 30.97
CA TYR E 583 51.07 33.72 29.74
C TYR E 583 52.44 34.29 29.40
N ASP E 584 52.66 35.59 29.65
CA ASP E 584 53.99 36.16 29.41
C ASP E 584 55.03 35.53 30.32
N TRP E 585 54.67 35.29 31.59
CA TRP E 585 55.60 34.69 32.53
C TRP E 585 55.96 33.28 32.09
N LEU E 586 54.98 32.52 31.60
CA LEU E 586 55.31 31.20 31.03
C LEU E 586 56.18 31.33 29.79
N ARG E 587 55.97 32.37 28.97
CA ARG E 587 56.80 32.55 27.78
C ARG E 587 58.26 32.73 28.15
N GLU E 588 58.54 33.49 29.22
CA GLU E 588 59.94 33.68 29.62
C GLU E 588 60.63 32.37 29.96
N GLN E 589 59.89 31.36 30.43
CA GLN E 589 60.50 30.09 30.79
C GLN E 589 60.54 29.09 29.63
N GLY E 590 59.95 29.42 28.48
CA GLY E 590 60.02 28.54 27.33
C GLY E 590 58.71 27.97 26.87
N PHE E 591 57.61 28.40 27.47
CA PHE E 591 56.27 27.94 27.11
C PHE E 591 55.50 29.10 26.49
N PHE E 592 55.39 29.09 25.16
CA PHE E 592 54.68 30.11 24.42
C PHE E 592 53.38 29.49 23.92
N LEU E 593 52.25 30.01 24.40
CA LEU E 593 50.94 29.40 24.13
C LEU E 593 50.00 30.33 23.36
N LYS E 594 49.86 31.57 23.81
CA LYS E 594 48.90 32.49 23.20
C LYS E 594 49.55 33.84 22.94
N THR E 595 49.05 34.54 21.93
CA THR E 595 49.56 35.86 21.55
C THR E 595 48.46 36.59 20.80
N SER E 596 48.75 37.84 20.43
CA SER E 596 47.82 38.69 19.70
C SER E 596 48.31 38.86 18.27
N ILE E 597 47.40 38.68 17.31
CA ILE E 597 47.75 38.80 15.90
C ILE E 597 46.86 39.76 15.12
N ARG E 598 45.69 40.13 15.63
CA ARG E 598 44.74 40.95 14.89
C ARG E 598 44.67 42.38 15.40
N GLY E 599 45.66 42.81 16.19
CA GLY E 599 45.67 44.18 16.65
C GLY E 599 45.92 45.16 15.52
N GLN E 600 45.32 46.36 15.65
CA GLN E 600 45.49 47.38 14.63
C GLN E 600 46.89 48.00 14.66
N SER E 601 47.57 47.92 15.80
CA SER E 601 48.95 48.41 15.86
C SER E 601 49.90 47.52 15.06
N GLU E 602 49.57 46.23 14.96
CA GLU E 602 50.42 45.32 14.18
C GLU E 602 50.40 45.68 12.70
N GLY E 603 49.22 45.89 12.14
CA GLY E 603 49.09 46.32 10.76
C GLY E 603 49.12 45.21 9.73
N PHE E 604 49.02 43.94 10.13
CA PHE E 604 49.03 42.86 9.16
C PHE E 604 47.78 42.88 8.30
N PHE E 605 46.60 42.98 8.92
CA PHE E 605 45.33 42.90 8.22
C PHE E 605 44.77 44.30 7.96
N ASN E 606 45.49 45.06 7.14
CA ASN E 606 45.04 46.39 6.75
C ASN E 606 44.67 46.50 5.27
N ALA E 607 45.03 45.52 4.45
CA ALA E 607 44.70 45.54 3.03
C ALA E 607 43.25 45.17 2.76
N SER E 608 42.50 44.72 3.77
CA SER E 608 41.12 44.29 3.60
C SER E 608 40.15 45.11 4.43
N LEU E 609 40.52 46.33 4.82
CA LEU E 609 39.67 47.17 5.66
C LEU E 609 39.76 48.62 5.20
N GLY E 610 38.68 49.36 5.46
CA GLY E 610 38.68 50.80 5.28
C GLY E 610 38.62 51.25 3.83
N PHE E 611 38.73 52.56 3.66
CA PHE E 611 38.74 53.21 2.35
C PHE E 611 40.11 53.81 2.13
N PHE E 612 40.70 53.54 0.97
CA PHE E 612 42.04 54.02 0.62
C PHE E 612 41.97 54.84 -0.66
N TYR E 613 42.62 56.01 -0.64
CA TYR E 613 42.62 56.95 -1.75
C TYR E 613 43.99 57.60 -1.88
N ASN E 614 44.51 57.58 -3.10
CA ASN E 614 45.75 58.26 -3.48
C ASN E 614 45.41 59.24 -4.59
N ARG E 615 45.61 60.54 -4.31
CA ARG E 615 45.12 61.60 -5.16
C ARG E 615 46.03 61.86 -6.37
N GLU E 616 47.34 61.86 -6.16
CA GLU E 616 48.25 62.27 -7.23
C GLU E 616 48.37 61.18 -8.30
N GLN E 617 48.16 59.92 -7.92
CA GLN E 617 48.09 58.84 -8.89
C GLN E 617 46.67 58.40 -9.20
N GLY E 618 45.68 58.83 -8.41
CA GLY E 618 44.30 58.47 -8.66
C GLY E 618 44.00 57.00 -8.48
N MET E 619 44.43 56.42 -7.35
CA MET E 619 44.20 55.01 -7.07
C MET E 619 43.39 54.87 -5.79
N TYR E 620 42.38 53.99 -5.79
CA TYR E 620 41.57 53.84 -4.60
C TYR E 620 41.03 52.42 -4.50
N PHE E 621 40.74 52.01 -3.27
CA PHE E 621 40.11 50.72 -3.04
C PHE E 621 39.34 50.73 -1.73
N ALA E 622 38.37 49.83 -1.62
CA ALA E 622 37.51 49.75 -0.47
C ALA E 622 37.39 48.29 0.00
N GLY E 623 37.28 48.12 1.31
CA GLY E 623 37.19 46.82 1.93
C GLY E 623 36.09 46.78 2.97
N GLY E 624 36.28 45.89 3.95
CA GLY E 624 35.30 45.71 5.00
C GLY E 624 35.43 46.72 6.12
N LYS E 625 34.60 46.54 7.14
CA LYS E 625 34.53 47.43 8.28
C LYS E 625 34.81 46.67 9.57
N GLY E 626 34.91 47.41 10.66
CA GLY E 626 35.10 46.77 11.96
C GLY E 626 36.49 46.19 12.09
N SER E 627 36.56 44.95 12.59
CA SER E 627 37.80 44.25 12.83
C SER E 627 37.90 43.02 11.94
N PRO E 628 39.11 42.57 11.61
CA PRO E 628 39.25 41.39 10.75
C PRO E 628 38.66 40.15 11.41
N GLN E 629 38.12 39.27 10.57
CA GLN E 629 37.57 37.99 11.01
C GLN E 629 38.60 36.89 10.76
N SER E 630 38.26 35.68 11.21
CA SER E 630 39.15 34.55 10.98
C SER E 630 39.08 34.06 9.54
N LYS E 631 37.93 34.22 8.87
CA LYS E 631 37.71 33.70 7.53
C LYS E 631 37.35 34.86 6.61
N ILE E 632 38.16 35.05 5.57
CA ILE E 632 37.89 36.03 4.51
C ILE E 632 37.90 35.28 3.18
N GLU E 633 36.93 35.60 2.33
CA GLU E 633 36.68 34.82 1.13
C GLU E 633 36.87 35.60 -0.17
N THR E 634 37.17 36.89 -0.11
CA THR E 634 37.33 37.70 -1.32
C THR E 634 38.52 38.64 -1.18
N PHE E 635 39.16 38.92 -2.31
CA PHE E 635 40.22 39.90 -2.38
C PHE E 635 39.69 41.19 -3.00
N SER E 636 40.08 42.33 -2.42
CA SER E 636 39.67 43.61 -2.96
C SER E 636 40.42 43.92 -4.25
N HIS E 637 39.81 44.74 -5.09
CA HIS E 637 40.37 45.10 -6.39
C HIS E 637 40.96 46.51 -6.34
N LEU E 638 41.62 46.88 -7.44
CA LEU E 638 42.25 48.18 -7.57
C LEU E 638 41.65 48.90 -8.78
N TYR E 639 41.43 50.21 -8.63
CA TYR E 639 40.76 51.02 -9.64
C TYR E 639 41.65 52.18 -10.04
N LEU E 640 41.45 52.68 -11.26
CA LEU E 640 42.19 53.84 -11.72
C LEU E 640 41.24 54.84 -12.35
N ILE E 641 41.54 56.13 -12.17
CA ILE E 641 40.73 57.22 -12.69
C ILE E 641 41.50 57.88 -13.82
N LYS E 642 40.86 57.98 -14.99
CA LYS E 642 41.44 58.63 -16.16
C LYS E 642 40.81 60.01 -16.32
N HIS E 643 41.68 61.01 -16.48
CA HIS E 643 41.33 62.42 -16.46
C HIS E 643 42.15 63.17 -17.50
N SER E 644 41.70 64.38 -17.84
CA SER E 644 42.46 65.31 -18.66
C SER E 644 42.84 66.58 -17.88
N PHE E 645 42.88 66.49 -16.56
CA PHE E 645 43.11 67.63 -15.69
C PHE E 645 44.59 67.87 -15.48
N ASP E 646 44.94 69.14 -15.25
CA ASP E 646 46.28 69.46 -14.75
C ASP E 646 46.45 69.01 -13.31
N ALA E 647 45.39 69.15 -12.51
CA ALA E 647 45.35 68.63 -11.15
C ALA E 647 43.91 68.26 -10.83
N LEU E 648 43.71 67.04 -10.34
CA LEU E 648 42.35 66.53 -10.16
C LEU E 648 41.63 67.33 -9.08
N PRO E 649 40.38 67.73 -9.30
CA PRO E 649 39.68 68.59 -8.35
C PRO E 649 39.51 67.91 -6.99
N GLU E 650 39.53 68.72 -5.93
CA GLU E 650 39.46 68.22 -4.58
C GLU E 650 38.06 67.78 -4.18
N GLU E 651 37.05 68.06 -5.01
CA GLU E 651 35.65 67.77 -4.67
C GLU E 651 35.20 66.37 -5.07
N VAL E 652 35.97 65.65 -5.90
CA VAL E 652 35.57 64.31 -6.30
C VAL E 652 35.58 63.36 -5.11
N GLU E 653 36.51 63.55 -4.17
CA GLU E 653 36.69 62.64 -3.05
C GLU E 653 35.41 62.45 -2.23
N ASN E 654 34.46 63.37 -2.34
CA ASN E 654 33.25 63.30 -1.53
C ASN E 654 32.18 62.38 -2.12
N LEU E 655 32.33 61.94 -3.37
CA LEU E 655 31.27 61.12 -3.97
C LEU E 655 31.34 59.65 -3.54
N PHE E 656 32.38 59.25 -2.81
CA PHE E 656 32.52 57.87 -2.35
C PHE E 656 32.16 57.71 -0.87
N ASP E 657 31.52 58.70 -0.27
CA ASP E 657 31.24 58.72 1.16
C ASP E 657 29.78 58.41 1.49
N VAL E 658 29.16 57.48 0.76
CA VAL E 658 27.77 57.12 1.00
C VAL E 658 27.73 55.65 1.40
N TYR E 659 26.98 55.35 2.46
CA TYR E 659 26.99 54.04 3.08
C TYR E 659 25.74 53.21 2.79
N HIS E 660 24.93 53.61 1.81
CA HIS E 660 23.73 52.84 1.49
C HIS E 660 23.67 52.46 0.00
N LEU E 661 24.82 52.24 -0.63
CA LEU E 661 24.88 51.58 -1.92
C LEU E 661 25.42 50.16 -1.88
N ARG E 662 26.20 49.81 -0.84
CA ARG E 662 26.71 48.46 -0.69
C ARG E 662 26.19 47.78 0.58
N HIS E 663 25.14 48.34 1.19
CA HIS E 663 24.46 47.72 2.33
C HIS E 663 25.44 47.50 3.49
N ARG E 664 25.84 48.63 4.10
CA ARG E 664 26.67 48.71 5.30
C ARG E 664 28.16 48.55 5.01
N LEU E 665 28.59 48.75 3.78
CA LEU E 665 30.00 48.70 3.42
C LEU E 665 30.34 49.87 2.50
N PRO E 666 31.59 50.32 2.51
CA PRO E 666 31.99 51.40 1.61
C PRO E 666 31.91 50.97 0.15
N THR E 667 31.71 51.95 -0.73
CA THR E 667 31.47 51.71 -2.14
C THR E 667 32.65 52.18 -2.98
N VAL E 668 32.64 51.76 -4.25
CA VAL E 668 33.69 52.13 -5.20
C VAL E 668 33.06 52.75 -6.43
N THR E 669 31.85 53.32 -6.27
CA THR E 669 31.11 53.91 -7.39
C THR E 669 30.46 55.22 -6.92
N PRO E 670 30.57 56.29 -7.70
CA PRO E 670 29.94 57.55 -7.31
C PRO E 670 28.43 57.41 -7.19
N TYR E 671 27.86 58.18 -6.25
CA TYR E 671 26.44 58.13 -5.97
C TYR E 671 25.57 58.74 -7.07
N PRO E 672 25.97 59.84 -7.74
CA PRO E 672 25.10 60.37 -8.82
C PRO E 672 24.91 59.40 -9.97
N PHE E 673 25.75 58.37 -10.08
CA PHE E 673 25.62 57.36 -11.12
C PHE E 673 24.61 56.28 -10.76
N LYS E 674 24.02 56.33 -9.57
CA LYS E 674 23.01 55.33 -9.21
C LYS E 674 21.60 55.81 -9.52
N HIS E 675 21.27 57.04 -9.07
CA HIS E 675 19.95 57.61 -9.33
C HIS E 675 19.64 57.60 -10.81
N LEU E 676 20.57 58.08 -11.64
CA LEU E 676 20.35 58.12 -13.08
C LEU E 676 20.09 56.73 -13.63
N ARG E 677 20.76 55.71 -13.10
CA ARG E 677 20.56 54.36 -13.60
C ARG E 677 19.18 53.82 -13.23
N GLU E 678 18.50 54.43 -12.27
CA GLU E 678 17.12 54.09 -11.98
C GLU E 678 16.12 54.92 -12.77
N TYR E 679 16.58 55.90 -13.55
CA TYR E 679 15.72 56.63 -14.45
C TYR E 679 15.66 56.01 -15.84
N VAL E 680 16.64 55.16 -16.17
CA VAL E 680 16.67 54.48 -17.46
C VAL E 680 15.93 53.16 -17.35
N GLU E 681 15.23 52.95 -16.24
CA GLU E 681 14.45 51.74 -16.00
C GLU E 681 12.96 51.99 -16.01
N MET E 682 12.50 53.12 -15.48
CA MET E 682 11.10 53.52 -15.57
C MET E 682 10.81 54.33 -16.83
N GLN E 683 11.69 54.25 -17.84
CA GLN E 683 11.47 54.88 -19.12
C GLN E 683 11.29 53.84 -20.24
N ARG E 684 11.45 52.57 -19.93
CA ARG E 684 11.21 51.50 -20.89
C ARG E 684 9.76 51.04 -20.94
N PHE E 685 8.88 51.66 -20.14
CA PHE E 685 7.47 51.36 -20.18
C PHE E 685 6.60 52.57 -20.48
N ARG E 686 7.20 53.76 -20.61
CA ARG E 686 6.42 54.95 -20.91
C ARG E 686 5.79 54.86 -22.30
N SER E 687 6.55 54.38 -23.28
CA SER E 687 6.05 54.25 -24.64
C SER E 687 6.80 53.16 -25.41
N MET F 1 5.82 -46.01 30.35
CA MET F 1 4.86 -46.09 31.44
C MET F 1 4.34 -44.72 31.85
N ASN F 2 3.43 -44.71 32.83
CA ASN F 2 2.62 -43.56 33.16
C ASN F 2 2.67 -43.27 34.66
N VAL F 3 3.88 -43.15 35.19
CA VAL F 3 4.11 -42.87 36.61
C VAL F 3 3.15 -41.80 37.09
N SER F 4 2.50 -42.06 38.22
CA SER F 4 1.38 -41.25 38.65
C SER F 4 1.59 -40.72 40.07
N ILE F 5 0.55 -40.08 40.61
CA ILE F 5 0.68 -39.40 41.89
C ILE F 5 0.85 -40.38 43.04
N GLU F 6 0.39 -41.64 42.86
CA GLU F 6 0.47 -42.66 43.91
C GLU F 6 1.92 -42.97 44.27
N GLU F 7 2.86 -42.31 43.62
CA GLU F 7 4.27 -42.48 43.91
C GLU F 7 4.75 -41.59 45.05
N PHE F 8 3.94 -40.64 45.50
CA PHE F 8 4.30 -39.78 46.63
C PHE F 8 3.53 -40.15 47.91
N THR F 9 3.26 -41.44 48.11
CA THR F 9 2.50 -41.85 49.29
C THR F 9 3.24 -41.54 50.58
N HIS F 10 4.55 -41.84 50.62
CA HIS F 10 5.36 -41.60 51.81
C HIS F 10 6.52 -40.68 51.42
N PHE F 11 6.25 -39.38 51.44
CA PHE F 11 7.27 -38.37 51.21
C PHE F 11 7.08 -37.26 52.23
N ASP F 12 8.18 -36.81 52.83
CA ASP F 12 8.11 -35.83 53.90
C ASP F 12 7.79 -34.46 53.32
N PHE F 13 6.51 -34.09 53.35
CA PHE F 13 6.09 -32.76 52.89
C PHE F 13 6.19 -31.73 54.01
N GLN F 14 7.29 -31.77 54.75
CA GLN F 14 7.58 -30.76 55.76
C GLN F 14 9.03 -30.30 55.77
N LEU F 15 9.92 -31.01 55.10
CA LEU F 15 11.35 -30.78 55.20
C LEU F 15 11.84 -30.06 53.94
N VAL F 16 12.54 -28.95 54.14
CA VAL F 16 13.05 -28.14 53.03
C VAL F 16 14.51 -27.81 53.31
N PRO F 17 15.29 -27.54 52.26
CA PRO F 17 16.67 -27.10 52.46
C PRO F 17 16.72 -25.76 53.18
N GLU F 18 17.82 -25.52 53.88
CA GLU F 18 17.96 -24.32 54.68
C GLU F 18 17.92 -23.08 53.79
N PRO F 19 17.04 -22.12 54.07
CA PRO F 19 16.92 -20.94 53.19
C PRO F 19 18.12 -20.02 53.28
N SER F 20 18.32 -19.26 52.20
CA SER F 20 19.32 -18.23 52.07
C SER F 20 18.70 -16.86 52.32
N PRO F 21 19.50 -15.85 52.65
CA PRO F 21 18.94 -14.51 52.92
C PRO F 21 18.17 -13.91 51.74
N LEU F 22 18.42 -14.37 50.53
CA LEU F 22 17.72 -13.87 49.34
C LEU F 22 16.41 -14.61 49.09
N ASP F 23 16.01 -15.51 49.99
CA ASP F 23 14.81 -16.31 49.80
C ASP F 23 13.63 -15.80 50.63
N LEU F 24 13.89 -15.25 51.82
CA LEU F 24 12.80 -14.74 52.66
C LEU F 24 12.24 -13.43 52.14
N VAL F 25 13.02 -12.64 51.40
CA VAL F 25 12.53 -11.39 50.83
C VAL F 25 11.42 -11.59 49.81
N ILE F 26 11.12 -12.83 49.45
CA ILE F 26 10.03 -13.15 48.55
C ILE F 26 8.83 -13.72 49.30
N THR F 27 9.09 -14.67 50.20
CA THR F 27 7.99 -15.34 50.89
C THR F 27 7.39 -14.47 52.00
N GLU F 28 8.22 -13.70 52.72
CA GLU F 28 7.68 -12.91 53.83
C GLU F 28 6.71 -11.83 53.36
N PRO F 29 7.03 -10.99 52.36
CA PRO F 29 6.03 -10.01 51.90
C PRO F 29 4.86 -10.65 51.19
N LEU F 30 4.98 -11.91 50.75
CA LEU F 30 3.87 -12.56 50.06
C LEU F 30 2.85 -13.16 51.03
N LYS F 31 3.29 -13.51 52.25
CA LYS F 31 2.38 -14.14 53.21
C LYS F 31 1.44 -13.14 53.85
N ASN F 32 1.87 -11.90 54.06
CA ASN F 32 1.02 -10.88 54.66
C ASN F 32 -0.11 -10.45 53.73
N HIS F 33 0.06 -10.66 52.42
CA HIS F 33 -0.94 -10.21 51.46
C HIS F 33 -2.25 -10.97 51.64
N ILE F 34 -2.17 -12.25 51.97
CA ILE F 34 -3.38 -13.03 52.21
C ILE F 34 -4.08 -12.57 53.48
N GLU F 35 -3.32 -12.22 54.51
CA GLU F 35 -3.94 -11.82 55.77
C GLU F 35 -4.45 -10.39 55.76
N VAL F 36 -4.05 -9.57 54.78
CA VAL F 36 -4.64 -8.24 54.67
C VAL F 36 -5.67 -8.22 53.54
N ASN F 37 -5.22 -8.45 52.31
CA ASN F 37 -6.13 -8.54 51.17
C ASN F 37 -6.67 -9.96 51.04
N GLY F 38 -7.75 -10.10 50.28
CA GLY F 38 -8.39 -11.39 50.13
C GLY F 38 -7.49 -12.40 49.45
N VAL F 39 -7.85 -13.68 49.63
CA VAL F 39 -7.08 -14.76 49.03
C VAL F 39 -7.14 -14.73 47.51
N LYS F 40 -8.10 -14.01 46.93
CA LYS F 40 -8.25 -13.88 45.49
C LYS F 40 -7.93 -12.43 45.12
N SER F 41 -6.65 -12.14 44.92
CA SER F 41 -6.22 -10.80 44.55
C SER F 41 -4.85 -10.89 43.90
N GLY F 42 -4.51 -9.85 43.14
CA GLY F 42 -3.23 -9.76 42.47
C GLY F 42 -2.20 -9.00 43.27
N ALA F 43 -0.99 -8.97 42.74
CA ALA F 43 0.11 -8.24 43.36
C ALA F 43 1.19 -8.00 42.32
N LEU F 44 1.93 -6.91 42.49
CA LEU F 44 3.07 -6.56 41.65
C LEU F 44 4.28 -6.38 42.56
N LEU F 45 5.22 -7.32 42.51
CA LEU F 45 6.39 -7.24 43.38
C LEU F 45 7.66 -7.12 42.55
N PRO F 46 8.31 -5.94 42.55
CA PRO F 46 9.63 -5.84 41.90
C PRO F 46 10.77 -6.13 42.86
N LEU F 47 11.68 -7.01 42.44
CA LEU F 47 12.81 -7.42 43.25
C LEU F 47 14.11 -6.87 42.67
N PRO F 48 14.79 -5.96 43.37
CA PRO F 48 16.13 -5.45 42.99
C PRO F 48 17.27 -6.36 43.40
N PHE F 49 17.49 -7.41 42.60
CA PHE F 49 18.63 -8.29 42.78
C PHE F 49 19.67 -8.03 41.69
N GLN F 50 20.93 -8.07 42.08
CA GLN F 50 22.02 -7.85 41.14
C GLN F 50 22.31 -9.13 40.37
N THR F 51 23.43 -9.13 39.63
CA THR F 51 23.83 -10.26 38.79
C THR F 51 25.10 -10.88 39.36
N GLY F 52 25.21 -12.20 39.22
CA GLY F 52 26.38 -12.89 39.72
C GLY F 52 26.38 -13.15 41.21
N ILE F 53 25.22 -13.01 41.86
CA ILE F 53 25.08 -13.26 43.28
C ILE F 53 24.05 -14.36 43.55
N GLY F 54 23.36 -14.83 42.52
CA GLY F 54 22.33 -15.83 42.68
C GLY F 54 20.93 -15.26 42.47
N LYS F 55 20.43 -15.34 41.25
CA LYS F 55 19.09 -14.87 40.90
C LYS F 55 18.24 -15.93 40.23
N THR F 56 18.84 -16.77 39.39
CA THR F 56 18.10 -17.86 38.77
C THR F 56 17.76 -18.95 39.78
N TYR F 57 18.69 -19.20 40.71
CA TYR F 57 18.49 -20.23 41.73
C TYR F 57 17.24 -19.95 42.55
N THR F 58 17.10 -18.70 43.02
CA THR F 58 15.98 -18.34 43.87
C THR F 58 14.64 -18.49 43.13
N ALA F 59 14.59 -18.01 41.89
CA ALA F 59 13.34 -18.08 41.12
C ALA F 59 12.95 -19.52 40.83
N LEU F 60 13.91 -20.35 40.43
CA LEU F 60 13.58 -21.74 40.11
C LEU F 60 13.18 -22.51 41.36
N ASN F 61 13.81 -22.21 42.50
CA ASN F 61 13.39 -22.81 43.76
C ASN F 61 11.96 -22.41 44.10
N PHE F 62 11.62 -21.14 43.88
CA PHE F 62 10.26 -20.68 44.07
C PHE F 62 9.28 -21.48 43.22
N LEU F 63 9.65 -21.77 41.97
CA LEU F 63 8.79 -22.59 41.12
C LEU F 63 8.61 -24.00 41.68
N LEU F 64 9.72 -24.60 42.13
CA LEU F 64 9.65 -25.99 42.60
C LEU F 64 8.76 -26.13 43.83
N GLN F 65 8.79 -25.14 44.73
CA GLN F 65 7.97 -25.22 45.92
C GLN F 65 6.48 -25.29 45.57
N GLN F 66 6.05 -24.47 44.61
CA GLN F 66 4.65 -24.50 44.18
C GLN F 66 4.32 -25.81 43.48
N MET F 67 5.28 -26.35 42.70
CA MET F 67 5.06 -27.65 42.10
C MET F 67 4.74 -28.71 43.16
N LEU F 68 5.45 -28.66 44.30
CA LEU F 68 5.15 -29.63 45.34
C LEU F 68 3.84 -29.33 46.08
N GLU F 69 3.49 -28.05 46.26
CA GLU F 69 2.25 -27.77 47.00
C GLU F 69 1.03 -28.28 46.23
N GLN F 70 1.07 -28.23 44.89
CA GLN F 70 -0.07 -28.75 44.15
C GLN F 70 -0.26 -30.25 44.38
N VAL F 71 0.84 -31.01 44.39
CA VAL F 71 0.78 -32.45 44.69
C VAL F 71 0.21 -32.68 46.08
N ARG F 72 0.69 -31.91 47.06
CA ARG F 72 0.24 -32.09 48.43
C ARG F 72 -1.27 -31.84 48.52
N SER F 73 -1.77 -30.79 47.87
CA SER F 73 -3.20 -30.54 47.87
C SER F 73 -3.97 -31.66 47.17
N GLU F 74 -3.37 -32.21 46.10
CA GLU F 74 -4.06 -33.27 45.36
C GLU F 74 -4.28 -34.51 46.22
N LEU F 75 -3.31 -34.85 47.08
CA LEU F 75 -3.47 -36.08 47.86
C LEU F 75 -4.51 -35.97 48.98
N LYS F 76 -4.85 -34.78 49.44
CA LYS F 76 -5.84 -34.65 50.51
C LYS F 76 -7.27 -34.61 49.96
N GLU F 77 -7.55 -33.67 49.09
CA GLU F 77 -8.87 -33.57 48.48
C GLU F 77 -9.18 -34.84 47.69
N ASN F 79 -11.24 -37.03 46.25
CA ASN F 79 -12.57 -37.40 45.79
C ASN F 79 -13.64 -36.48 46.37
N THR F 80 -13.36 -35.86 47.51
CA THR F 80 -14.31 -34.96 48.17
C THR F 80 -14.31 -33.59 47.48
N GLY F 81 -14.70 -33.62 46.20
CA GLY F 81 -14.71 -32.46 45.33
C GLY F 81 -13.94 -32.73 44.05
N LYS F 82 -13.84 -31.69 43.22
CA LYS F 82 -13.03 -31.77 42.01
C LYS F 82 -12.87 -30.39 41.37
N LYS F 83 -11.64 -30.00 41.05
CA LYS F 83 -11.37 -28.71 40.43
C LYS F 83 -10.24 -28.87 39.42
N SER F 84 -9.72 -27.74 38.92
CA SER F 84 -8.72 -27.71 37.89
C SER F 84 -7.34 -27.45 38.50
N LYS F 85 -6.33 -27.27 37.63
CA LYS F 85 -4.96 -27.04 38.04
C LYS F 85 -4.59 -25.57 37.91
N ARG F 86 -3.50 -25.20 38.56
CA ARG F 86 -2.99 -23.82 38.55
C ARG F 86 -1.86 -23.71 37.54
N LEU F 87 -1.90 -22.65 36.74
CA LEU F 87 -0.94 -22.43 35.67
C LEU F 87 0.18 -21.51 36.14
N LEU F 88 1.42 -21.89 35.84
CA LEU F 88 2.60 -21.10 36.17
C LEU F 88 3.37 -20.78 34.90
N TYR F 89 3.86 -19.55 34.81
CA TYR F 89 4.51 -19.05 33.60
C TYR F 89 5.92 -18.57 33.90
N TYR F 90 6.71 -18.43 32.84
CA TYR F 90 8.05 -17.85 32.91
C TYR F 90 8.32 -17.21 31.56
N VAL F 91 8.18 -15.88 31.49
CA VAL F 91 8.26 -15.16 30.22
C VAL F 91 9.47 -14.24 30.23
N THR F 92 10.04 -14.05 29.05
CA THR F 92 11.12 -13.10 28.83
C THR F 92 11.05 -12.63 27.38
N ASP F 93 12.08 -11.92 26.93
CA ASP F 93 12.07 -11.30 25.61
C ASP F 93 12.98 -11.99 24.61
N SER F 94 13.74 -13.01 25.03
CA SER F 94 14.66 -13.71 24.16
C SER F 94 14.43 -15.20 24.21
N VAL F 95 14.62 -15.86 23.07
CA VAL F 95 14.41 -17.31 22.98
C VAL F 95 15.48 -18.07 23.76
N ASP F 96 16.73 -17.61 23.65
CA ASP F 96 17.87 -18.30 24.28
C ASP F 96 17.66 -18.38 25.79
N ASN F 97 17.19 -17.28 26.40
CA ASN F 97 17.00 -17.24 27.84
C ASN F 97 15.96 -18.25 28.28
N VAL F 98 14.86 -18.37 27.52
CA VAL F 98 13.82 -19.35 27.83
C VAL F 98 14.42 -20.77 27.85
N VAL F 99 15.16 -21.11 26.80
CA VAL F 99 15.72 -22.46 26.72
C VAL F 99 16.66 -22.74 27.90
N SER F 100 17.53 -21.78 28.22
CA SER F 100 18.48 -21.97 29.30
C SER F 100 17.78 -22.15 30.64
N ALA F 101 16.73 -21.36 30.89
CA ALA F 101 16.00 -21.49 32.15
C ALA F 101 15.37 -22.87 32.28
N LYS F 102 14.79 -23.39 31.20
CA LYS F 102 14.21 -24.73 31.25
C LYS F 102 15.27 -25.77 31.61
N ALA F 103 16.45 -25.68 30.97
CA ALA F 103 17.51 -26.63 31.26
C ALA F 103 17.90 -26.59 32.73
N ASP F 104 18.02 -25.39 33.30
CA ASP F 104 18.40 -25.28 34.70
C ASP F 104 17.33 -25.87 35.62
N LEU F 105 16.05 -25.71 35.27
CA LEU F 105 15.00 -26.31 36.10
C LEU F 105 15.14 -27.83 36.15
N LEU F 106 15.34 -28.46 34.99
CA LEU F 106 15.51 -29.91 35.00
C LEU F 106 16.74 -30.34 35.82
N LYS F 107 17.85 -29.62 35.64
CA LYS F 107 19.06 -29.96 36.40
C LYS F 107 18.83 -29.82 37.89
N LEU F 108 18.10 -28.78 38.31
CA LEU F 108 17.81 -28.62 39.73
C LEU F 108 16.99 -29.78 40.26
N ILE F 109 16.01 -30.25 39.48
CA ILE F 109 15.23 -31.41 39.92
C ILE F 109 16.14 -32.62 40.12
N GLU F 110 17.08 -32.86 39.19
CA GLU F 110 17.94 -34.03 39.34
C GLU F 110 18.91 -33.88 40.50
N LYS F 111 19.76 -32.85 40.48
CA LYS F 111 20.86 -32.72 41.42
C LYS F 111 20.46 -31.79 42.55
N GLN F 112 19.66 -32.32 43.48
CA GLN F 112 19.30 -31.62 44.70
C GLN F 112 19.32 -32.63 45.85
N THR F 113 20.12 -32.34 46.87
CA THR F 113 20.35 -33.28 47.97
C THR F 113 19.97 -32.65 49.29
N VAL F 114 19.51 -33.50 50.22
CA VAL F 114 19.22 -33.09 51.59
C VAL F 114 19.93 -34.05 52.54
N LYS F 115 20.63 -33.48 53.52
CA LYS F 115 21.40 -34.27 54.48
C LYS F 115 22.38 -35.21 53.78
N GLY F 116 22.97 -34.72 52.69
CA GLY F 116 23.94 -35.50 51.93
C GLY F 116 23.35 -36.73 51.29
N GLU F 117 22.13 -36.64 50.77
CA GLU F 117 21.44 -37.77 50.18
C GLU F 117 20.32 -37.22 49.31
N PRO F 118 19.99 -37.85 48.18
CA PRO F 118 18.97 -37.30 47.30
C PRO F 118 17.62 -37.11 47.98
N ARG F 119 16.96 -36.01 47.62
CA ARG F 119 15.63 -35.68 48.13
C ARG F 119 14.52 -36.40 47.38
N PHE F 120 14.79 -36.87 46.17
CA PHE F 120 13.81 -37.58 45.35
C PHE F 120 14.41 -38.89 44.88
N THR F 121 13.55 -39.84 44.56
CA THR F 121 13.97 -41.08 43.93
C THR F 121 13.88 -40.96 42.42
N LEU F 122 14.43 -41.96 41.73
CA LEU F 122 14.45 -41.93 40.26
C LEU F 122 13.05 -41.90 39.68
N GLU F 123 12.14 -42.71 40.24
CA GLU F 123 10.78 -42.77 39.72
C GLU F 123 10.00 -41.49 40.00
N GLN F 124 10.26 -40.82 41.13
CA GLN F 124 9.56 -39.58 41.44
C GLN F 124 9.97 -38.46 40.49
N GLN F 125 11.21 -38.50 39.99
CA GLN F 125 11.72 -37.43 39.14
C GLN F 125 10.99 -37.37 37.79
N GLU F 126 10.59 -38.53 37.27
CA GLU F 126 9.92 -38.58 35.97
C GLU F 126 8.60 -37.84 36.02
N TYR F 127 7.84 -38.00 37.10
CA TYR F 127 6.57 -37.30 37.25
C TYR F 127 6.77 -35.78 37.20
N LEU F 128 7.76 -35.27 37.91
CA LEU F 128 8.02 -33.84 37.91
C LEU F 128 8.46 -33.35 36.53
N LYS F 129 9.33 -34.12 35.86
CA LYS F 129 9.78 -33.68 34.55
C LYS F 129 8.71 -33.83 33.47
N ALA F 130 7.63 -34.55 33.74
CA ALA F 130 6.56 -34.72 32.76
C ALA F 130 5.54 -33.58 32.77
N GLN F 131 5.74 -32.54 33.58
CA GLN F 131 4.76 -31.45 33.69
C GLN F 131 5.27 -30.12 33.17
N ILE F 132 6.38 -30.09 32.45
CA ILE F 132 6.97 -28.86 31.96
C ILE F 132 6.98 -28.91 30.43
N VAL F 133 6.46 -27.87 29.79
CA VAL F 133 6.33 -27.83 28.34
C VAL F 133 6.91 -26.52 27.83
N HIS F 134 7.40 -26.54 26.60
CA HIS F 134 7.98 -25.38 25.93
C HIS F 134 7.21 -25.13 24.64
N LEU F 135 6.84 -23.87 24.41
CA LEU F 135 5.98 -23.51 23.27
C LEU F 135 6.73 -22.59 22.31
N PRO F 136 7.31 -23.13 21.24
CA PRO F 136 7.96 -22.28 20.24
C PRO F 136 6.99 -21.78 19.18
N ASN F 137 7.50 -21.06 18.18
CA ASN F 137 6.66 -20.61 17.08
C ASN F 137 6.33 -21.78 16.16
N GLN F 138 5.40 -21.53 15.23
CA GLN F 138 4.86 -22.58 14.38
C GLN F 138 5.95 -23.20 13.49
N SER F 139 6.79 -22.34 12.89
CA SER F 139 7.81 -22.83 11.97
C SER F 139 8.78 -23.76 12.66
N GLU F 140 9.21 -23.41 13.87
CA GLU F 140 10.10 -24.30 14.62
C GLU F 140 9.37 -25.54 15.12
N GLN F 141 8.09 -25.41 15.45
CA GLN F 141 7.32 -26.55 15.92
C GLN F 141 7.24 -27.64 14.86
N LEU F 142 7.02 -27.25 13.60
CA LEU F 142 6.90 -28.26 12.55
C LEU F 142 8.22 -29.00 12.32
N LEU F 143 9.35 -28.30 12.42
CA LEU F 143 10.63 -28.87 12.00
C LEU F 143 11.27 -29.77 13.05
N GLN F 144 10.60 -30.05 14.16
CA GLN F 144 11.11 -31.02 15.12
C GLN F 144 10.41 -32.37 15.03
N CYS F 145 9.14 -32.38 14.63
CA CYS F 145 8.42 -33.64 14.47
C CYS F 145 8.95 -34.41 13.27
N SER F 146 9.15 -35.71 13.44
CA SER F 146 9.70 -36.54 12.38
C SER F 146 8.62 -36.96 11.40
N ASP F 147 9.00 -37.77 10.42
CA ASP F 147 8.06 -38.22 9.40
C ASP F 147 7.01 -39.17 9.96
N ALA F 148 7.40 -40.01 10.92
CA ALA F 148 6.47 -41.00 11.46
C ALA F 148 5.27 -40.34 12.14
N VAL F 149 5.52 -39.32 12.96
CA VAL F 149 4.45 -38.65 13.69
C VAL F 149 3.46 -38.02 12.71
N LEU F 150 3.97 -37.29 11.73
CA LEU F 150 3.11 -36.58 10.79
C LEU F 150 2.34 -37.55 9.90
N ASN F 151 3.00 -38.64 9.48
CA ASN F 151 2.30 -39.65 8.69
C ASN F 151 1.18 -40.30 9.50
N ASP F 152 1.44 -40.61 10.78
CA ASP F 152 0.39 -41.17 11.63
C ASP F 152 -0.78 -40.21 11.77
N VAL F 153 -0.49 -38.92 11.98
CA VAL F 153 -1.58 -37.95 12.13
C VAL F 153 -2.37 -37.84 10.82
N LEU F 154 -1.69 -37.78 9.68
CA LEU F 154 -2.38 -37.65 8.42
C LEU F 154 -3.26 -38.86 8.13
N ILE F 155 -2.77 -40.06 8.43
CA ILE F 155 -3.57 -41.26 8.21
C ILE F 155 -4.77 -41.29 9.17
N GLY F 156 -4.56 -40.84 10.42
CA GLY F 156 -5.61 -40.94 11.41
C GLY F 156 -6.82 -40.08 11.07
N PHE F 157 -6.60 -38.91 10.48
CA PHE F 157 -7.68 -38.00 10.12
C PHE F 157 -8.10 -38.11 8.66
N ASN F 158 -7.57 -39.09 7.94
CA ASN F 158 -7.94 -39.35 6.54
C ASN F 158 -7.74 -38.13 5.65
N LEU F 159 -6.59 -37.47 5.82
CA LEU F 159 -6.23 -36.34 5.00
C LEU F 159 -5.33 -36.72 3.82
N ASN F 160 -5.00 -38.00 3.67
CA ASN F 160 -4.15 -38.43 2.57
C ASN F 160 -4.91 -38.54 1.25
N ALA F 161 -6.24 -38.60 1.29
CA ALA F 161 -7.01 -38.67 0.05
C ALA F 161 -6.93 -37.37 -0.74
N GLU F 162 -6.82 -36.23 -0.04
CA GLU F 162 -6.73 -34.95 -0.70
C GLU F 162 -5.41 -34.81 -1.46
N ARG F 163 -5.43 -34.03 -2.53
CA ARG F 163 -4.29 -33.83 -3.41
C ARG F 163 -3.39 -32.68 -2.96
N ASP F 164 -3.99 -31.57 -2.54
CA ASP F 164 -3.22 -30.39 -2.15
C ASP F 164 -2.31 -30.65 -0.96
N VAL F 165 -2.83 -31.31 0.07
CA VAL F 165 -2.05 -31.56 1.28
C VAL F 165 -0.83 -32.42 0.96
N GLN F 166 -1.04 -33.50 0.20
CA GLN F 166 0.06 -34.41 -0.11
C GLN F 166 1.11 -33.73 -0.97
N ALA F 167 0.69 -32.92 -1.96
CA ALA F 167 1.66 -32.21 -2.79
C ALA F 167 2.53 -31.27 -1.94
N GLU F 168 1.88 -30.50 -1.06
CA GLU F 168 2.61 -29.57 -0.21
C GLU F 168 3.59 -30.32 0.70
N TRP F 169 3.14 -31.43 1.28
CA TRP F 169 4.00 -32.19 2.18
C TRP F 169 5.20 -32.75 1.44
N SER F 170 5.00 -33.20 0.20
CA SER F 170 6.12 -33.69 -0.59
C SER F 170 7.19 -32.62 -0.75
N ALA F 171 6.76 -31.38 -1.09
CA ALA F 171 7.75 -30.31 -1.23
C ALA F 171 8.50 -30.06 0.08
N ILE F 172 7.77 -30.00 1.21
CA ILE F 172 8.40 -29.71 2.49
C ILE F 172 9.46 -30.77 2.82
N SER F 173 9.07 -32.05 2.72
CA SER F 173 10.01 -33.12 3.05
C SER F 173 11.21 -33.13 2.11
N GLY F 174 10.97 -32.90 0.82
CA GLY F 174 12.07 -32.92 -0.14
C GLY F 174 13.11 -31.86 0.16
N LEU F 175 12.67 -30.64 0.49
CA LEU F 175 13.66 -29.64 0.90
C LEU F 175 14.32 -30.01 2.22
N ARG F 176 13.56 -30.63 3.13
CA ARG F 176 14.13 -30.99 4.43
C ARG F 176 15.32 -31.95 4.28
N ARG F 177 15.23 -32.86 3.31
CA ARG F 177 16.31 -33.85 3.16
C ARG F 177 17.64 -33.23 2.73
N HIS F 178 17.64 -32.07 2.08
CA HIS F 178 18.88 -31.45 1.64
C HIS F 178 19.08 -30.07 2.23
N ALA F 179 18.86 -29.94 3.54
CA ALA F 179 18.98 -28.64 4.23
C ALA F 179 20.34 -28.56 4.90
N SER F 180 21.34 -28.18 4.11
CA SER F 180 22.70 -27.96 4.62
C SER F 180 23.14 -26.52 4.46
N ASN F 181 23.03 -25.97 3.26
CA ASN F 181 23.47 -24.62 2.96
C ASN F 181 22.44 -23.58 3.42
N PRO F 182 22.88 -22.34 3.70
CA PRO F 182 21.93 -21.30 4.14
C PRO F 182 21.23 -20.60 2.99
N GLU F 183 20.79 -21.34 2.00
CA GLU F 183 19.92 -20.85 0.95
C GLU F 183 18.57 -21.54 0.92
N VAL F 184 18.54 -22.87 1.06
CA VAL F 184 17.27 -23.57 1.19
C VAL F 184 16.69 -23.47 2.60
N LYS F 185 17.50 -23.09 3.58
CA LYS F 185 17.02 -22.89 4.95
C LYS F 185 16.01 -21.76 5.02
N ILE F 186 16.31 -20.64 4.35
CA ILE F 186 15.43 -19.48 4.36
C ILE F 186 14.09 -19.83 3.74
N SER F 187 14.11 -20.58 2.63
CA SER F 187 12.85 -20.99 1.98
C SER F 187 12.10 -22.01 2.82
N LEU F 188 12.84 -22.90 3.48
CA LEU F 188 12.20 -23.93 4.30
C LEU F 188 11.39 -23.31 5.42
N ASN F 189 11.93 -22.28 6.07
CA ASN F 189 11.20 -21.62 7.16
C ASN F 189 9.84 -21.10 6.66
N ARG F 190 9.87 -20.34 5.57
CA ARG F 190 8.65 -19.68 5.08
C ARG F 190 7.61 -20.70 4.63
N GLN F 191 8.04 -21.79 3.97
CA GLN F 191 7.05 -22.79 3.57
C GLN F 191 6.48 -23.53 4.77
N ALA F 192 7.31 -23.79 5.79
CA ALA F 192 6.84 -24.50 6.97
C ALA F 192 5.71 -23.76 7.65
N GLY F 193 5.82 -22.43 7.76
CA GLY F 193 4.75 -21.67 8.39
C GLY F 193 3.39 -21.88 7.73
N TYR F 194 3.34 -21.74 6.41
CA TYR F 194 2.07 -21.84 5.67
C TYR F 194 1.49 -23.25 5.79
N PHE F 195 2.35 -24.27 5.66
CA PHE F 195 1.85 -25.64 5.76
C PHE F 195 1.24 -25.90 7.14
N TYR F 196 1.92 -25.42 8.19
CA TYR F 196 1.38 -25.59 9.54
C TYR F 196 -0.01 -24.97 9.65
N ARG F 197 -0.18 -23.75 9.14
CA ARG F 197 -1.48 -23.09 9.21
C ARG F 197 -2.58 -23.95 8.58
N ASN F 198 -2.36 -24.39 7.34
CA ASN F 198 -3.41 -25.13 6.63
C ASN F 198 -3.75 -26.44 7.35
N LEU F 199 -2.72 -27.19 7.76
CA LEU F 199 -2.95 -28.48 8.39
C LEU F 199 -3.78 -28.32 9.67
N ILE F 200 -3.41 -27.35 10.50
CA ILE F 200 -4.13 -27.17 11.76
C ILE F 200 -5.57 -26.74 11.51
N ASP F 201 -5.79 -25.88 10.51
CA ASP F 201 -7.16 -25.43 10.25
C ASP F 201 -8.06 -26.61 9.89
N ARG F 202 -7.60 -27.50 9.01
CA ARG F 202 -8.44 -28.64 8.65
C ARG F 202 -8.65 -29.58 9.84
N LEU F 203 -7.61 -29.81 10.64
CA LEU F 203 -7.78 -30.65 11.82
C LEU F 203 -8.87 -30.10 12.74
N GLN F 204 -8.83 -28.78 12.99
CA GLN F 204 -9.83 -28.17 13.86
C GLN F 204 -11.23 -28.35 13.30
N LYS F 205 -11.43 -28.12 12.01
CA LYS F 205 -12.79 -28.24 11.51
C LYS F 205 -13.29 -29.68 11.58
N LYS F 206 -12.42 -30.67 11.38
CA LYS F 206 -12.90 -32.04 11.53
C LYS F 206 -13.23 -32.40 12.97
N GLN F 207 -12.68 -31.73 13.97
CA GLN F 207 -13.03 -32.06 15.34
C GLN F 207 -14.18 -31.23 15.92
N LYS F 208 -14.82 -30.37 15.13
CA LYS F 208 -15.70 -29.34 15.68
C LYS F 208 -16.96 -29.87 16.39
N GLY F 209 -17.88 -30.49 15.66
CA GLY F 209 -19.11 -30.97 16.27
C GLY F 209 -19.45 -32.42 15.98
N ALA F 210 -19.00 -32.91 14.83
CA ALA F 210 -19.27 -34.27 14.39
C ALA F 210 -17.93 -34.93 14.04
N ASP F 211 -18.02 -36.18 13.57
CA ASP F 211 -16.93 -37.05 13.13
C ASP F 211 -15.67 -36.81 13.96
N ARG F 212 -15.85 -36.69 15.27
CA ARG F 212 -14.75 -36.47 16.21
C ARG F 212 -14.03 -37.78 16.41
N VAL F 213 -12.83 -37.91 15.84
CA VAL F 213 -12.08 -39.15 16.01
C VAL F 213 -11.59 -39.25 17.46
N LEU F 214 -11.67 -40.44 18.02
CA LEU F 214 -11.31 -40.64 19.41
C LEU F 214 -9.80 -40.80 19.54
N LEU F 215 -9.20 -40.04 20.46
CA LEU F 215 -7.76 -40.00 20.63
C LEU F 215 -7.37 -40.83 21.85
N SER F 216 -6.54 -41.85 21.62
CA SER F 216 -6.01 -42.70 22.68
C SER F 216 -4.91 -43.57 22.09
N GLY F 217 -3.85 -43.78 22.87
CA GLY F 217 -2.75 -44.61 22.43
C GLY F 217 -1.66 -43.86 21.68
N SER F 218 -1.17 -44.44 20.59
CA SER F 218 -0.10 -43.83 19.81
C SER F 218 -0.54 -42.52 19.16
N LEU F 219 -1.82 -42.44 18.76
CA LEU F 219 -2.34 -41.22 18.15
C LEU F 219 -2.20 -40.03 19.11
N LEU F 220 -2.45 -40.27 20.39
CA LEU F 220 -2.30 -39.20 21.39
C LEU F 220 -0.87 -38.71 21.46
N ALA F 221 0.09 -39.63 21.43
CA ALA F 221 1.50 -39.23 21.47
C ALA F 221 1.86 -38.39 20.25
N SER F 222 1.43 -38.82 19.06
CA SER F 222 1.71 -38.05 17.86
C SER F 222 1.12 -36.65 17.95
N VAL F 223 -0.16 -36.55 18.33
CA VAL F 223 -0.82 -35.26 18.38
C VAL F 223 -0.16 -34.35 19.41
N GLU F 224 0.15 -34.88 20.60
CA GLU F 224 0.75 -34.06 21.64
C GLU F 224 2.14 -33.58 21.23
N THR F 225 2.90 -34.40 20.51
CA THR F 225 4.17 -33.91 19.99
C THR F 225 3.96 -32.78 18.99
N LEU F 226 2.97 -32.92 18.10
CA LEU F 226 2.74 -31.85 17.13
C LEU F 226 2.07 -30.63 17.75
N LEU F 227 1.22 -30.81 18.76
CA LEU F 227 0.48 -29.72 19.39
C LEU F 227 0.71 -29.75 20.89
N PRO F 228 1.78 -29.11 21.37
CA PRO F 228 2.04 -29.11 22.82
C PRO F 228 0.93 -28.48 23.64
N GLY F 229 0.25 -27.47 23.10
CA GLY F 229 -0.84 -26.82 23.81
C GLY F 229 -2.00 -27.75 24.14
N GLU F 230 -2.04 -28.93 23.52
CA GLU F 230 -3.03 -29.93 23.90
C GLU F 230 -2.81 -30.43 25.32
N LYS F 231 -1.54 -30.59 25.72
CA LYS F 231 -1.24 -31.19 27.03
C LYS F 231 -1.80 -30.39 28.19
N ILE F 232 -2.15 -29.13 27.97
CA ILE F 232 -2.76 -28.31 29.01
C ILE F 232 -4.27 -28.49 29.04
N ARG F 233 -4.91 -28.63 27.87
CA ARG F 233 -6.37 -28.67 27.84
C ARG F 233 -6.91 -29.91 28.53
N ASN F 234 -6.29 -31.06 28.31
CA ASN F 234 -6.72 -32.28 28.99
C ASN F 234 -6.35 -32.27 30.46
N GLY F 235 -5.17 -31.75 30.79
CA GLY F 235 -4.75 -31.63 32.18
C GLY F 235 -3.44 -32.33 32.49
N SER F 236 -2.65 -32.61 31.47
CA SER F 236 -1.40 -33.33 31.68
C SER F 236 -0.33 -32.44 32.31
N ALA F 237 -0.20 -31.20 31.84
CA ALA F 237 0.86 -30.31 32.27
C ALA F 237 0.29 -28.97 32.70
N HIS F 238 0.98 -28.31 33.63
CA HIS F 238 0.54 -27.00 34.12
C HIS F 238 1.71 -26.04 34.33
N VAL F 239 2.83 -26.23 33.63
CA VAL F 239 3.96 -25.31 33.66
C VAL F 239 4.36 -25.02 32.22
N ALA F 240 4.53 -23.74 31.88
CA ALA F 240 4.80 -23.32 30.52
C ALA F 240 5.98 -22.36 30.48
N PHE F 241 6.75 -22.43 29.39
CA PHE F 241 7.85 -21.51 29.13
C PHE F 241 7.63 -20.90 27.74
N LEU F 242 7.59 -19.57 27.67
CA LEU F 242 7.34 -18.89 26.41
C LEU F 242 7.85 -17.46 26.49
N THR F 243 7.92 -16.80 25.34
CA THR F 243 8.39 -15.44 25.24
C THR F 243 7.24 -14.45 25.40
N THR F 244 7.56 -13.16 25.34
CA THR F 244 6.54 -12.12 25.51
C THR F 244 5.65 -12.01 24.27
N SER F 245 6.28 -11.99 23.08
CA SER F 245 5.54 -11.82 21.84
C SER F 245 4.53 -12.95 21.64
N LYS F 246 4.95 -14.19 21.91
CA LYS F 246 4.03 -15.31 21.81
C LYS F 246 2.98 -15.29 22.91
N PHE F 247 3.28 -14.65 24.04
CA PHE F 247 2.31 -14.59 25.13
C PHE F 247 1.17 -13.64 24.79
N LEU F 248 1.44 -12.59 24.02
CA LEU F 248 0.35 -11.70 23.62
C LEU F 248 -0.46 -12.22 22.44
N LYS F 249 -0.01 -13.26 21.74
CA LYS F 249 -0.71 -13.80 20.58
C LYS F 249 -1.56 -15.02 20.90
N GLY F 250 -1.06 -15.93 21.74
CA GLY F 250 -1.75 -17.16 22.06
C GLY F 250 -1.14 -18.35 21.33
N PHE F 251 -1.66 -19.53 21.67
CA PHE F 251 -1.22 -20.78 21.05
C PHE F 251 -2.45 -21.60 20.69
N HIS F 252 -2.21 -22.74 20.06
CA HIS F 252 -3.26 -23.54 19.45
C HIS F 252 -3.50 -24.83 20.24
N ASN F 253 -4.78 -25.23 20.31
CA ASN F 253 -5.15 -26.57 20.73
C ASN F 253 -6.06 -27.18 19.69
N THR F 254 -6.63 -28.35 19.98
CA THR F 254 -7.45 -29.04 18.98
C THR F 254 -8.69 -28.23 18.62
N ARG F 255 -9.34 -27.62 19.61
CA ARG F 255 -10.60 -26.94 19.36
C ARG F 255 -10.39 -25.59 18.68
N SER F 256 -9.67 -24.68 19.33
CA SER F 256 -9.47 -23.34 18.81
C SER F 256 -8.17 -22.78 19.36
N ARG F 257 -7.97 -21.48 19.17
CA ARG F 257 -6.78 -20.79 19.66
C ARG F 257 -7.03 -20.30 21.08
N TYR F 258 -6.05 -20.51 21.96
CA TYR F 258 -6.17 -20.18 23.36
C TYR F 258 -5.46 -18.85 23.63
N SER F 259 -6.21 -17.88 24.18
CA SER F 259 -5.65 -16.58 24.49
C SER F 259 -5.35 -16.49 25.98
N PRO F 260 -4.09 -16.43 26.39
CA PRO F 260 -3.78 -16.40 27.83
C PRO F 260 -4.25 -15.14 28.54
N LEU F 261 -4.53 -14.06 27.81
CA LEU F 261 -4.92 -12.79 28.42
C LEU F 261 -6.41 -12.69 28.69
N ARG F 262 -7.18 -13.75 28.44
CA ARG F 262 -8.62 -13.73 28.67
C ARG F 262 -9.02 -14.50 29.92
N ASP F 263 -8.08 -15.16 30.59
CA ASP F 263 -8.37 -15.89 31.82
C ASP F 263 -7.08 -15.94 32.63
N LEU F 264 -6.99 -15.10 33.66
CA LEU F 264 -5.79 -14.99 34.47
C LEU F 264 -6.07 -15.09 35.96
N SER F 265 -7.22 -15.65 36.34
CA SER F 265 -7.57 -15.78 37.75
C SER F 265 -6.76 -16.91 38.38
N GLY F 266 -5.95 -16.57 39.39
CA GLY F 266 -5.12 -17.55 40.07
C GLY F 266 -3.98 -18.06 39.21
N ALA F 267 -3.10 -17.16 38.80
CA ALA F 267 -1.95 -17.51 37.98
C ALA F 267 -0.73 -16.72 38.44
N VAL F 268 0.42 -17.38 38.47
CA VAL F 268 1.68 -16.76 38.89
C VAL F 268 2.51 -16.47 37.65
N LEU F 269 2.97 -15.22 37.53
CA LEU F 269 3.75 -14.76 36.39
C LEU F 269 5.11 -14.30 36.86
N ILE F 270 6.16 -14.88 36.30
CA ILE F 270 7.53 -14.47 36.57
C ILE F 270 8.09 -13.81 35.32
N ILE F 271 8.44 -12.53 35.43
CA ILE F 271 8.95 -11.76 34.30
C ILE F 271 10.35 -11.29 34.65
N ASP F 272 11.31 -11.62 33.79
CA ASP F 272 12.68 -11.16 33.93
C ASP F 272 12.93 -10.00 32.99
N GLU F 273 13.76 -9.05 33.43
CA GLU F 273 14.01 -7.81 32.72
C GLU F 273 12.70 -7.04 32.50
N ILE F 274 12.10 -6.65 33.62
CA ILE F 274 10.75 -6.08 33.61
C ILE F 274 10.72 -4.73 32.89
N ASP F 275 11.78 -3.94 33.03
CA ASP F 275 11.75 -2.58 32.50
C ASP F 275 11.75 -2.53 30.97
N LYS F 276 12.39 -3.51 30.34
CA LYS F 276 12.52 -3.52 28.88
C LYS F 276 11.16 -3.74 28.20
N GLN F 277 10.27 -4.50 28.85
CA GLN F 277 9.03 -4.93 28.22
C GLN F 277 8.15 -3.76 27.78
N ASN F 278 8.32 -2.59 28.40
CA ASN F 278 7.54 -1.42 27.98
C ASN F 278 7.68 -1.16 26.49
N GLN F 279 8.87 -1.42 25.93
CA GLN F 279 9.04 -1.23 24.50
C GLN F 279 8.29 -2.31 23.72
N VAL F 280 8.42 -3.58 24.15
CA VAL F 280 7.90 -4.69 23.36
C VAL F 280 6.40 -4.51 23.13
N ILE F 281 5.64 -4.32 24.21
CA ILE F 281 4.20 -4.17 24.09
C ILE F 281 3.86 -3.03 23.14
N LEU F 282 4.60 -1.93 23.23
CA LEU F 282 4.30 -0.79 22.38
C LEU F 282 4.40 -1.17 20.91
N SER F 283 5.44 -1.93 20.55
CA SER F 283 5.60 -2.33 19.15
C SER F 283 4.44 -3.19 18.68
N GLU F 284 3.81 -3.94 19.59
CA GLU F 284 2.68 -4.76 19.20
C GLU F 284 1.41 -3.93 19.03
N LEU F 285 1.32 -2.78 19.71
CA LEU F 285 0.11 -1.97 19.65
C LEU F 285 0.06 -1.05 18.44
N CYS F 286 1.19 -0.86 17.74
CA CYS F 286 1.26 0.05 16.60
C CYS F 286 1.10 -0.66 15.26
N LYS F 287 0.85 -1.97 15.26
CA LYS F 287 0.71 -2.74 14.04
C LYS F 287 -0.74 -2.98 13.66
N GLN F 288 -1.68 -2.20 14.20
CA GLN F 288 -3.09 -2.41 13.96
C GLN F 288 -3.47 -1.91 12.56
N GLN F 289 -4.75 -2.02 12.24
CA GLN F 289 -5.27 -1.69 10.92
C GLN F 289 -6.08 -0.40 10.95
N ALA F 290 -6.29 0.16 9.76
CA ALA F 290 -7.07 1.38 9.60
C ALA F 290 -8.51 1.03 9.24
N GLN F 291 -9.33 2.06 9.07
CA GLN F 291 -10.75 1.85 8.80
C GLN F 291 -11.34 3.12 8.19
N ASP F 292 -12.20 2.94 7.18
CA ASP F 292 -12.92 4.06 6.59
C ASP F 292 -14.12 4.42 7.46
N LEU F 293 -14.28 5.71 7.76
CA LEU F 293 -15.30 6.16 8.69
C LEU F 293 -16.60 6.57 8.00
N ILE F 294 -16.63 6.67 6.68
CA ILE F 294 -17.87 6.94 5.95
C ILE F 294 -18.60 5.65 5.62
N TRP F 295 -17.85 4.68 5.08
CA TRP F 295 -18.41 3.36 4.80
C TRP F 295 -18.96 2.71 6.06
N ALA F 296 -18.23 2.81 7.17
CA ALA F 296 -18.67 2.17 8.41
C ALA F 296 -20.01 2.73 8.87
N ILE F 297 -20.16 4.06 8.84
CA ILE F 297 -21.39 4.67 9.32
C ILE F 297 -22.54 4.37 8.38
N ARG F 298 -22.30 4.43 7.06
CA ARG F 298 -23.39 4.12 6.14
C ARG F 298 -23.75 2.64 6.11
N THR F 299 -22.84 1.77 6.55
CA THR F 299 -23.16 0.35 6.64
C THR F 299 -23.84 0.01 7.97
N LEU F 300 -23.57 0.79 9.02
CA LEU F 300 -24.25 0.57 10.29
C LEU F 300 -25.65 1.18 10.30
N ARG F 301 -25.82 2.35 9.67
CA ARG F 301 -27.13 3.00 9.66
C ARG F 301 -28.14 2.22 8.84
N ALA F 302 -27.69 1.59 7.75
CA ALA F 302 -28.62 0.86 6.87
C ALA F 302 -29.08 -0.45 7.50
N ASN F 303 -28.22 -1.11 8.27
CA ASN F 303 -28.52 -2.43 8.82
C ASN F 303 -29.12 -2.37 10.22
N PHE F 304 -29.37 -1.17 10.75
CA PHE F 304 -29.96 -1.04 12.07
C PHE F 304 -31.30 -0.30 12.00
N ARG F 305 -32.13 -0.66 11.03
CA ARG F 305 -33.43 0.00 10.87
C ARG F 305 -34.56 -1.01 10.88
N ASP F 306 -34.31 -2.23 10.38
CA ASP F 306 -35.34 -3.25 10.29
C ASP F 306 -34.93 -4.61 10.83
N HIS F 307 -33.64 -4.91 10.95
CA HIS F 307 -33.19 -6.23 11.37
C HIS F 307 -33.42 -6.41 12.87
N GLN F 308 -33.98 -7.56 13.24
CA GLN F 308 -34.38 -7.82 14.62
C GLN F 308 -33.84 -9.16 15.08
N LEU F 309 -33.74 -9.32 16.39
CA LEU F 309 -33.26 -10.54 17.02
C LEU F 309 -34.40 -11.53 17.22
N GLU F 310 -34.10 -12.63 17.93
CA GLU F 310 -35.06 -13.69 18.21
C GLU F 310 -35.54 -13.60 19.65
N SER F 311 -36.75 -14.09 19.88
CA SER F 311 -37.35 -14.11 21.22
C SER F 311 -37.26 -15.54 21.74
N SER F 312 -36.14 -15.85 22.39
CA SER F 312 -35.87 -17.16 22.94
C SER F 312 -35.28 -17.00 24.32
N PRO F 313 -35.39 -18.03 25.17
CA PRO F 313 -34.80 -17.95 26.52
C PRO F 313 -33.29 -17.96 26.55
N ARG F 314 -32.61 -17.99 25.40
CA ARG F 314 -31.16 -17.87 25.34
C ARG F 314 -30.68 -16.50 24.92
N TYR F 315 -31.58 -15.63 24.43
CA TYR F 315 -31.25 -14.27 24.03
C TYR F 315 -31.84 -13.26 25.01
N ASP F 316 -31.88 -13.60 26.30
CA ASP F 316 -32.48 -12.73 27.29
C ASP F 316 -31.59 -11.52 27.56
N LYS F 317 -32.21 -10.34 27.59
CA LYS F 317 -31.54 -9.10 27.99
C LYS F 317 -30.36 -8.77 27.08
N ILE F 318 -30.56 -8.92 25.77
CA ILE F 318 -29.53 -8.55 24.80
C ILE F 318 -30.10 -7.54 23.80
N GLU F 319 -31.41 -7.60 23.56
CA GLU F 319 -32.03 -6.65 22.65
C GLU F 319 -32.28 -5.29 23.27
N ASP F 320 -32.06 -5.15 24.59
CA ASP F 320 -32.19 -3.87 25.27
C ASP F 320 -30.88 -3.10 25.31
N LEU F 321 -29.79 -3.67 24.80
CA LEU F 321 -28.49 -3.01 24.80
C LEU F 321 -28.17 -2.29 23.50
N PHE F 322 -28.82 -2.65 22.40
CA PHE F 322 -28.58 -2.03 21.10
C PHE F 322 -29.60 -0.94 20.75
N GLU F 323 -30.48 -0.59 21.69
CA GLU F 323 -31.51 0.41 21.39
C GLU F 323 -30.94 1.82 21.32
N PRO F 324 -30.17 2.31 22.30
CA PRO F 324 -29.63 3.68 22.19
C PRO F 324 -28.78 3.91 20.95
N LEU F 325 -28.00 2.90 20.56
CA LEU F 325 -27.19 3.00 19.36
C LEU F 325 -28.06 3.18 18.12
N ARG F 326 -29.15 2.42 18.05
CA ARG F 326 -30.12 2.59 16.96
C ARG F 326 -30.69 3.99 16.95
N GLU F 327 -31.00 4.54 18.13
CA GLU F 327 -31.53 5.91 18.17
C GLU F 327 -30.52 6.91 17.63
N ARG F 328 -29.24 6.78 18.00
CA ARG F 328 -28.26 7.78 17.57
C ARG F 328 -27.92 7.67 16.08
N LEU F 329 -27.99 6.46 15.51
CA LEU F 329 -27.60 6.29 14.12
C LEU F 329 -28.48 7.13 13.18
N GLU F 330 -29.78 7.20 13.45
CA GLU F 330 -30.70 7.95 12.59
C GLU F 330 -30.46 9.45 12.69
N GLU F 331 -30.20 9.95 13.90
CA GLU F 331 -29.91 11.37 14.06
C GLU F 331 -28.65 11.76 13.29
N PHE F 332 -27.61 10.91 13.38
CA PHE F 332 -26.41 11.19 12.61
C PHE F 332 -26.66 11.11 11.12
N GLY F 333 -27.67 10.34 10.70
CA GLY F 333 -28.08 10.36 9.31
C GLY F 333 -28.79 11.62 8.82
N THR F 334 -29.77 12.11 9.60
CA THR F 334 -30.53 13.27 9.15
C THR F 334 -29.74 14.56 9.27
N ASN F 335 -28.83 14.65 10.27
CA ASN F 335 -28.12 15.92 10.46
C ASN F 335 -27.07 16.16 9.37
N TRP F 336 -26.45 15.11 8.84
CA TRP F 336 -25.35 15.26 7.89
C TRP F 336 -25.70 14.78 6.48
N ASN F 337 -26.94 14.38 6.24
CA ASN F 337 -27.39 13.95 4.91
C ASN F 337 -26.50 12.84 4.36
N LEU F 338 -26.53 11.70 5.06
CA LEU F 338 -25.68 10.56 4.72
C LEU F 338 -26.21 9.75 3.55
N ALA F 339 -27.15 10.28 2.79
CA ALA F 339 -27.64 9.63 1.58
C ALA F 339 -26.85 10.02 0.34
N PHE F 340 -25.88 10.93 0.47
CA PHE F 340 -25.08 11.40 -0.64
C PHE F 340 -23.60 11.09 -0.39
N ALA F 341 -22.82 11.16 -1.46
CA ALA F 341 -21.38 10.94 -1.39
C ALA F 341 -20.66 12.25 -1.03
N PHE F 342 -19.35 12.17 -0.86
CA PHE F 342 -18.54 13.31 -0.45
C PHE F 342 -17.49 13.62 -1.52
N ASN F 343 -17.19 14.91 -1.67
CA ASN F 343 -16.21 15.36 -2.64
C ASN F 343 -15.75 16.76 -2.25
N THR F 344 -14.58 17.14 -2.74
CA THR F 344 -14.04 18.47 -2.51
C THR F 344 -14.38 19.40 -3.68
N GLU F 345 -14.22 20.70 -3.43
CA GLU F 345 -14.57 21.71 -4.43
C GLU F 345 -13.70 22.94 -4.19
N GLY F 346 -12.69 23.14 -5.03
CA GLY F 346 -11.87 24.32 -4.95
C GLY F 346 -10.39 24.06 -5.18
N ALA F 347 -9.63 25.14 -5.41
CA ALA F 347 -8.20 25.03 -5.61
C ALA F 347 -7.49 24.86 -4.27
N ASN F 348 -6.28 24.28 -4.34
CA ASN F 348 -5.39 24.08 -3.20
C ASN F 348 -5.93 23.00 -2.27
N LEU F 349 -7.14 22.51 -2.54
CA LEU F 349 -7.71 21.41 -1.78
C LEU F 349 -7.56 20.06 -2.49
N ASN F 350 -7.37 20.06 -3.80
CA ASN F 350 -7.18 18.84 -4.57
C ASN F 350 -5.70 18.54 -4.84
N GLU F 351 -4.79 19.34 -4.28
CA GLU F 351 -3.36 19.16 -4.50
C GLU F 351 -2.69 18.36 -3.40
N ARG F 352 -3.02 18.64 -2.14
CA ARG F 352 -2.41 17.97 -0.99
C ARG F 352 -3.48 17.31 -0.13
N PRO F 353 -3.17 16.19 0.52
CA PRO F 353 -4.12 15.55 1.41
C PRO F 353 -4.27 16.33 2.71
N VAL F 354 -5.37 16.07 3.41
CA VAL F 354 -5.72 16.77 4.64
C VAL F 354 -5.58 15.81 5.81
N ARG F 355 -4.79 16.21 6.81
CA ARG F 355 -4.47 15.39 7.97
C ARG F 355 -4.99 16.09 9.22
N LEU F 356 -5.64 15.32 10.11
CA LEU F 356 -6.17 15.84 11.35
C LEU F 356 -5.71 14.96 12.51
N PHE F 357 -5.36 15.59 13.63
CA PHE F 357 -4.86 14.90 14.80
C PHE F 357 -5.68 15.30 16.03
N SER F 358 -6.14 14.30 16.78
CA SER F 358 -6.93 14.57 17.98
C SER F 358 -6.47 13.69 19.12
N ASP F 359 -6.44 14.27 20.32
CA ASP F 359 -6.13 13.56 21.56
C ASP F 359 -7.37 13.19 22.36
N ARG F 360 -8.56 13.61 21.91
CA ARG F 360 -9.85 13.30 22.51
C ARG F 360 -10.12 14.04 23.82
N SER F 361 -9.16 14.81 24.36
CA SER F 361 -9.42 15.56 25.58
C SER F 361 -9.34 17.07 25.35
N PHE F 362 -8.17 17.61 25.01
CA PHE F 362 -8.06 19.04 24.71
C PHE F 362 -7.13 19.39 23.58
N THR F 363 -6.27 18.48 23.12
CA THR F 363 -5.23 18.78 22.14
C THR F 363 -5.76 18.44 20.75
N HIS F 364 -5.81 19.44 19.87
CA HIS F 364 -6.32 19.27 18.51
C HIS F 364 -5.39 20.00 17.55
N VAL F 365 -5.01 19.33 16.46
CA VAL F 365 -4.12 19.92 15.47
C VAL F 365 -4.64 19.62 14.07
N SER F 366 -4.56 20.62 13.19
CA SER F 366 -4.99 20.51 11.81
C SER F 366 -3.83 20.86 10.88
N SER F 367 -3.90 20.36 9.65
CA SER F 367 -2.84 20.53 8.67
C SER F 367 -3.17 21.53 7.57
N ALA F 368 -4.25 22.29 7.73
CA ALA F 368 -4.66 23.26 6.71
C ALA F 368 -4.30 24.67 7.16
N THR F 369 -4.60 25.64 6.29
CA THR F 369 -4.36 27.05 6.56
C THR F 369 -5.57 27.76 7.14
N HIS F 370 -6.77 27.44 6.64
CA HIS F 370 -8.01 28.01 7.13
C HIS F 370 -8.99 26.88 7.44
N LYS F 371 -9.94 27.17 8.32
CA LYS F 371 -10.93 26.18 8.72
C LYS F 371 -11.79 25.77 7.53
N LEU F 372 -12.01 24.47 7.39
CA LEU F 372 -12.77 23.92 6.27
C LEU F 372 -14.23 23.74 6.67
N SER F 373 -15.10 23.64 5.65
CA SER F 373 -16.54 23.57 5.88
C SER F 373 -17.17 22.48 5.01
N LEU F 374 -18.35 22.05 5.47
CA LEU F 374 -19.17 21.03 4.81
C LEU F 374 -20.50 21.64 4.40
N LYS F 375 -20.98 21.26 3.21
CA LYS F 375 -22.23 21.79 2.69
C LYS F 375 -23.06 20.61 2.16
N SER F 376 -24.29 20.89 1.76
CA SER F 376 -25.18 19.88 1.17
C SER F 376 -25.90 20.50 -0.02
N ASP F 377 -25.57 20.07 -1.23
CA ASP F 377 -26.22 20.56 -2.43
C ASP F 377 -27.32 19.60 -2.85
N PHE F 378 -28.55 20.13 -2.91
CA PHE F 378 -29.76 19.39 -3.23
C PHE F 378 -30.07 19.35 -4.73
N LEU F 379 -29.30 20.06 -5.55
CA LEU F 379 -29.44 20.00 -7.00
C LEU F 379 -28.35 19.17 -7.65
N ARG F 380 -27.10 19.33 -7.23
CA ARG F 380 -26.04 18.43 -7.67
C ARG F 380 -26.06 17.11 -6.90
N ARG F 381 -26.86 17.03 -5.84
CA ARG F 381 -27.03 15.82 -5.04
C ARG F 381 -25.69 15.32 -4.50
N LYS F 382 -25.02 16.18 -3.74
CA LYS F 382 -23.73 15.77 -3.20
C LYS F 382 -23.35 16.69 -2.05
N ASN F 383 -22.46 16.18 -1.18
CA ASN F 383 -21.89 16.96 -0.09
C ASN F 383 -20.50 17.45 -0.50
N LEU F 384 -20.26 18.73 -0.31
CA LEU F 384 -19.03 19.37 -0.77
C LEU F 384 -18.25 19.92 0.41
N ILE F 385 -16.94 19.70 0.37
CA ILE F 385 -16.00 20.22 1.37
C ILE F 385 -15.36 21.45 0.75
N PHE F 386 -15.77 22.63 1.21
CA PHE F 386 -15.27 23.86 0.62
C PHE F 386 -14.52 24.67 1.67
N SER F 387 -13.56 25.45 1.20
CA SER F 387 -12.71 26.26 2.07
C SER F 387 -13.40 27.53 2.55
N ASP F 388 -14.54 27.87 1.98
CA ASP F 388 -15.36 29.02 2.40
C ASP F 388 -14.52 30.30 2.24
N GLU F 389 -14.83 31.31 3.04
CA GLU F 389 -14.24 32.63 2.88
C GLU F 389 -12.88 32.63 3.56
N LYS F 390 -11.82 32.72 2.77
CA LYS F 390 -10.46 32.61 3.30
C LYS F 390 -9.89 33.93 3.80
N VAL F 391 -10.62 35.04 3.64
CA VAL F 391 -10.12 36.33 4.11
C VAL F 391 -10.40 36.42 5.60
N GLU F 392 -9.86 37.45 6.24
CA GLU F 392 -9.95 37.60 7.69
C GLU F 392 -11.37 38.01 8.06
N GLY F 393 -12.08 37.12 8.77
CA GLY F 393 -13.43 37.43 9.24
C GLY F 393 -14.47 37.06 8.20
N SER F 394 -15.32 38.04 7.85
CA SER F 394 -16.24 37.94 6.72
C SER F 394 -17.22 36.77 6.88
N LEU F 395 -18.14 36.93 7.84
CA LEU F 395 -19.26 36.00 8.03
C LEU F 395 -18.77 34.60 8.38
N ILE F 396 -18.27 34.50 9.61
CA ILE F 396 -17.75 33.26 10.19
C ILE F 396 -18.72 32.11 9.92
N GLU F 397 -18.17 30.91 9.74
CA GLU F 397 -18.92 29.79 9.17
C GLU F 397 -20.18 29.48 9.98
N LYS F 398 -21.29 29.26 9.27
CA LYS F 398 -22.53 28.83 9.86
C LYS F 398 -23.09 27.59 9.19
N HIS F 399 -22.27 26.88 8.39
CA HIS F 399 -22.72 25.70 7.67
C HIS F 399 -22.34 24.41 8.39
N GLY F 400 -21.07 24.22 8.69
CA GLY F 400 -20.62 23.02 9.35
C GLY F 400 -19.11 22.98 9.44
N LEU F 401 -18.61 21.94 10.09
CA LEU F 401 -17.19 21.76 10.30
C LEU F 401 -16.80 20.31 10.05
N LEU F 402 -15.64 20.11 9.43
CA LEU F 402 -15.13 18.76 9.17
C LEU F 402 -14.76 18.04 10.47
N THR F 403 -14.18 18.78 11.41
CA THR F 403 -13.72 18.19 12.67
C THR F 403 -14.88 17.56 13.42
N ARG F 404 -16.03 18.24 13.47
CA ARG F 404 -17.19 17.70 14.16
C ARG F 404 -17.61 16.37 13.56
N PHE F 405 -17.64 16.28 12.23
CA PHE F 405 -17.98 15.03 11.56
C PHE F 405 -17.05 13.91 11.99
N VAL F 406 -15.73 14.16 11.96
CA VAL F 406 -14.78 13.10 12.30
C VAL F 406 -14.95 12.67 13.75
N ASN F 407 -14.99 13.64 14.67
CA ASN F 407 -15.05 13.33 16.10
C ASN F 407 -16.32 12.56 16.43
N GLU F 408 -17.46 12.95 15.85
CA GLU F 408 -18.70 12.25 16.16
C GLU F 408 -18.76 10.87 15.52
N ALA F 409 -18.13 10.68 14.35
CA ALA F 409 -18.10 9.34 13.76
C ALA F 409 -17.34 8.37 14.66
N ASP F 410 -16.22 8.82 15.24
CA ASP F 410 -15.43 7.92 16.07
C ASP F 410 -16.21 7.36 17.26
N VAL F 411 -16.97 8.22 17.95
CA VAL F 411 -17.64 7.78 19.17
C VAL F 411 -18.62 6.65 18.86
N ILE F 412 -19.36 6.78 17.76
CA ILE F 412 -20.31 5.73 17.36
C ILE F 412 -19.55 4.45 17.00
N TYR F 413 -18.46 4.59 16.24
CA TYR F 413 -17.74 3.40 15.82
C TYR F 413 -17.23 2.61 17.03
N GLN F 414 -16.68 3.29 18.02
CA GLN F 414 -16.24 2.59 19.22
C GLN F 414 -17.39 2.25 20.18
N TRP F 415 -18.56 2.85 19.98
CA TRP F 415 -19.75 2.46 20.73
C TRP F 415 -20.32 1.13 20.24
N PHE F 416 -20.05 0.77 18.99
CA PHE F 416 -20.54 -0.53 18.51
C PHE F 416 -19.63 -1.69 18.90
N LEU F 417 -18.32 -1.46 19.07
CA LEU F 417 -17.39 -2.53 19.43
C LEU F 417 -17.34 -2.80 20.93
N GLY F 418 -18.00 -1.99 21.75
CA GLY F 418 -17.99 -2.21 23.19
C GLY F 418 -19.28 -2.84 23.70
N THR F 419 -20.35 -2.69 22.93
CA THR F 419 -21.63 -3.31 23.27
C THR F 419 -21.63 -4.81 22.98
N MET F 420 -20.88 -5.22 21.97
CA MET F 420 -20.84 -6.63 21.56
C MET F 420 -20.24 -7.49 22.67
N ARG F 421 -19.21 -7.00 23.35
CA ARG F 421 -18.58 -7.73 24.44
C ARG F 421 -19.56 -7.99 25.57
N LYS F 422 -20.32 -6.95 25.94
CA LYS F 422 -21.36 -7.06 26.94
C LYS F 422 -22.39 -8.11 26.53
N ALA F 423 -22.78 -8.07 25.24
CA ALA F 423 -23.75 -9.05 24.73
C ALA F 423 -23.23 -10.47 24.88
N VAL F 424 -21.94 -10.70 24.58
CA VAL F 424 -21.41 -12.05 24.66
C VAL F 424 -21.35 -12.54 26.10
N PHE F 425 -20.97 -11.68 27.03
CA PHE F 425 -20.99 -12.09 28.43
C PHE F 425 -22.41 -12.48 28.87
N GLN F 426 -23.40 -11.68 28.47
CA GLN F 426 -24.79 -12.01 28.83
C GLN F 426 -25.21 -13.33 28.20
N TYR F 427 -24.79 -13.57 26.95
CA TYR F 427 -25.07 -14.83 26.28
C TYR F 427 -24.53 -16.01 27.07
N TRP F 428 -23.28 -15.91 27.54
CA TRP F 428 -22.70 -16.99 28.31
C TRP F 428 -23.48 -17.23 29.60
N GLU F 429 -23.86 -16.13 30.28
CA GLU F 429 -24.68 -16.26 31.49
C GLU F 429 -25.95 -17.05 31.23
N ASN F 430 -26.66 -16.73 30.14
CA ASN F 430 -27.91 -17.44 29.89
C ASN F 430 -27.71 -18.86 29.36
N VAL F 431 -26.62 -19.12 28.65
CA VAL F 431 -26.47 -20.45 28.04
C VAL F 431 -25.87 -21.46 29.00
N ARG F 432 -25.19 -21.02 30.07
CA ARG F 432 -24.59 -21.99 30.97
C ARG F 432 -25.58 -22.58 31.97
N GLY F 433 -26.53 -21.79 32.47
CA GLY F 433 -27.37 -22.27 33.55
C GLY F 433 -28.87 -22.27 33.30
N LEU F 434 -29.33 -21.39 32.42
CA LEU F 434 -30.76 -21.24 32.18
C LEU F 434 -31.29 -22.09 31.05
N GLU F 435 -30.42 -22.78 30.31
CA GLU F 435 -30.86 -23.68 29.25
C GLU F 435 -30.51 -25.13 29.56
N ILE F 436 -29.22 -25.44 29.76
CA ILE F 436 -28.67 -26.77 30.03
C ILE F 436 -29.48 -27.89 29.37
N GLU F 437 -29.82 -27.71 28.09
CA GLU F 437 -30.57 -28.73 27.37
C GLU F 437 -29.66 -29.67 26.58
N VAL F 438 -28.63 -29.15 25.93
CA VAL F 438 -27.55 -29.96 25.37
C VAL F 438 -26.30 -29.67 26.19
N ARG F 439 -25.71 -30.73 26.75
CA ARG F 439 -24.53 -30.56 27.57
C ARG F 439 -23.33 -30.18 26.71
N GLU F 440 -22.67 -29.08 27.08
CA GLU F 440 -21.50 -28.60 26.38
C GLU F 440 -20.32 -28.29 27.29
N ASN F 441 -20.55 -28.12 28.58
CA ASN F 441 -19.50 -27.79 29.56
C ASN F 441 -18.85 -26.47 29.15
N ARG F 442 -17.57 -26.32 29.49
CA ARG F 442 -16.73 -25.19 29.06
C ARG F 442 -17.16 -23.88 29.70
N SER F 443 -16.27 -22.89 29.65
CA SER F 443 -16.46 -21.59 30.27
C SER F 443 -16.45 -20.50 29.19
N LEU F 444 -16.35 -19.24 29.64
CA LEU F 444 -16.38 -18.10 28.73
C LEU F 444 -15.30 -18.20 27.66
N GLU F 445 -14.21 -18.92 27.91
CA GLU F 445 -13.22 -19.17 26.87
C GLU F 445 -13.72 -20.12 25.80
N GLY F 446 -14.77 -20.89 26.08
CA GLY F 446 -15.32 -21.81 25.10
C GLY F 446 -16.44 -21.22 24.28
N THR F 447 -17.35 -20.50 24.94
CA THR F 447 -18.46 -19.83 24.26
C THR F 447 -17.99 -18.45 23.79
N PHE F 448 -17.10 -18.47 22.81
CA PHE F 448 -16.44 -17.30 22.25
C PHE F 448 -16.83 -17.01 20.81
N GLN F 449 -16.71 -18.01 19.93
CA GLN F 449 -16.99 -17.83 18.52
C GLN F 449 -18.47 -18.05 18.17
N GLU F 450 -19.15 -18.91 18.93
CA GLU F 450 -20.57 -19.17 18.70
C GLU F 450 -21.41 -17.94 19.00
N ALA F 451 -21.15 -17.30 20.14
CA ALA F 451 -21.90 -16.10 20.53
C ALA F 451 -21.64 -14.93 19.61
N VAL F 452 -20.48 -14.91 18.94
CA VAL F 452 -20.21 -13.83 17.98
C VAL F 452 -20.93 -14.10 16.66
N GLN F 453 -20.79 -15.32 16.14
CA GLN F 453 -21.40 -15.63 14.85
C GLN F 453 -22.92 -15.54 14.93
N SER F 454 -23.53 -15.91 16.06
CA SER F 454 -24.99 -15.84 16.14
C SER F 454 -25.49 -14.41 15.95
N LEU F 455 -24.94 -13.47 16.72
CA LEU F 455 -25.36 -12.08 16.63
C LEU F 455 -25.04 -11.51 15.25
N LEU F 456 -23.85 -11.79 14.73
CA LEU F 456 -23.47 -11.23 13.44
C LEU F 456 -24.38 -11.74 12.32
N THR F 457 -24.72 -13.03 12.35
CA THR F 457 -25.63 -13.58 11.36
C THR F 457 -27.01 -12.95 11.47
N HIS F 458 -27.50 -12.74 12.70
CA HIS F 458 -28.81 -12.12 12.86
C HIS F 458 -28.83 -10.69 12.32
N PHE F 459 -27.76 -9.92 12.54
CA PHE F 459 -27.76 -8.51 12.16
C PHE F 459 -27.21 -8.24 10.76
N ASN F 460 -26.94 -9.28 9.96
CA ASN F 460 -26.46 -9.12 8.58
C ASN F 460 -25.15 -8.35 8.50
N LEU F 461 -24.41 -8.27 9.60
CA LEU F 461 -23.12 -7.59 9.65
C LEU F 461 -22.04 -8.67 9.77
N GLN F 462 -21.39 -8.97 8.64
CA GLN F 462 -20.36 -9.99 8.60
C GLN F 462 -19.00 -9.46 8.16
N GLU F 463 -18.87 -8.14 7.97
CA GLU F 463 -17.60 -7.54 7.66
C GLU F 463 -16.84 -7.05 8.88
N PHE F 464 -17.52 -6.95 10.03
CA PHE F 464 -16.91 -6.51 11.27
C PHE F 464 -16.35 -7.67 12.09
N GLU F 465 -16.34 -8.87 11.52
CA GLU F 465 -15.92 -10.06 12.26
C GLU F 465 -14.47 -9.93 12.74
N SER F 466 -13.58 -9.47 11.85
CA SER F 466 -12.16 -9.37 12.19
C SER F 466 -11.93 -8.31 13.26
N ALA F 467 -12.50 -7.12 13.08
CA ALA F 467 -12.31 -6.03 14.03
C ALA F 467 -12.86 -6.40 15.40
N VAL F 468 -13.95 -7.15 15.45
CA VAL F 468 -14.43 -7.67 16.73
C VAL F 468 -13.42 -8.66 17.31
N TYR F 469 -12.83 -9.51 16.46
CA TYR F 469 -11.93 -10.54 16.99
C TYR F 469 -10.65 -9.96 17.57
N GLU F 470 -10.10 -8.90 16.98
CA GLU F 470 -8.81 -8.40 17.48
C GLU F 470 -8.90 -7.99 18.95
N SER F 471 -9.88 -7.16 19.29
CA SER F 471 -10.09 -6.71 20.67
C SER F 471 -11.40 -7.32 21.17
N PHE F 472 -11.31 -8.44 21.87
CA PHE F 472 -12.53 -8.98 22.44
C PHE F 472 -12.20 -9.83 23.65
N ASP F 473 -13.11 -9.79 24.63
CA ASP F 473 -13.12 -10.67 25.79
C ASP F 473 -14.45 -10.45 26.50
N THR F 474 -14.56 -10.87 27.76
CA THR F 474 -15.64 -10.38 28.60
C THR F 474 -15.84 -8.86 28.43
N ARG F 475 -14.77 -8.06 28.61
CA ARG F 475 -14.84 -6.64 28.29
C ARG F 475 -13.42 -6.09 28.10
N GLY F 476 -13.02 -5.87 26.85
CA GLY F 476 -11.83 -5.07 26.56
C GLY F 476 -10.65 -5.79 25.93
N LEU F 477 -9.52 -5.75 26.65
CA LEU F 477 -8.20 -6.28 26.26
C LEU F 477 -7.53 -5.41 25.21
N ARG F 478 -8.26 -4.48 24.58
CA ARG F 478 -7.62 -3.41 23.83
C ARG F 478 -8.45 -2.12 23.88
N GLN F 479 -9.17 -1.89 24.98
CA GLN F 479 -10.11 -0.77 25.02
C GLN F 479 -10.16 -0.22 26.44
N SER F 480 -9.42 0.87 26.68
CA SER F 480 -9.52 1.67 27.89
C SER F 480 -9.23 0.88 29.16
N ALA F 481 -9.42 1.53 30.31
CA ALA F 481 -9.15 0.95 31.63
C ALA F 481 -9.58 1.97 32.67
N GLY F 482 -9.54 1.55 33.93
CA GLY F 482 -9.80 2.45 35.04
C GLY F 482 -11.19 3.04 35.08
N GLY F 483 -11.27 4.37 35.02
CA GLY F 483 -12.56 5.05 35.10
C GLY F 483 -13.51 4.69 33.97
N LYS F 484 -12.97 4.47 32.77
CA LYS F 484 -13.76 4.07 31.60
C LYS F 484 -14.81 5.13 31.28
N ALA F 485 -14.37 6.40 31.26
CA ALA F 485 -15.23 7.52 30.92
C ALA F 485 -14.37 8.76 30.76
N ASN F 486 -14.70 9.58 29.76
CA ASN F 486 -14.06 10.88 29.54
C ASN F 486 -15.04 11.96 30.00
N LYS F 487 -15.01 12.24 31.30
CA LYS F 487 -15.93 13.22 31.87
C LYS F 487 -15.35 13.69 33.20
N LEU F 488 -15.86 14.84 33.66
CA LEU F 488 -15.37 15.43 34.89
C LEU F 488 -15.68 14.55 36.10
N SER F 489 -16.78 13.80 36.04
CA SER F 489 -17.21 12.92 37.10
C SER F 489 -16.56 11.55 37.05
N SER F 490 -15.42 11.43 36.38
CA SER F 490 -14.70 10.17 36.28
C SER F 490 -13.20 10.45 36.29
N SER F 491 -12.43 9.44 36.66
CA SER F 491 -10.98 9.57 36.66
C SER F 491 -10.46 9.58 35.23
N LYS F 492 -9.68 10.61 34.90
CA LYS F 492 -9.17 10.80 33.55
C LYS F 492 -7.65 10.67 33.53
N SER F 493 -7.15 9.95 32.54
CA SER F 493 -5.71 9.82 32.34
C SER F 493 -5.45 9.40 30.90
N TYR F 494 -4.23 9.67 30.44
CA TYR F 494 -3.85 9.33 29.07
C TYR F 494 -3.73 7.83 28.87
N HIS F 495 -3.28 7.10 29.89
CA HIS F 495 -2.95 5.69 29.72
C HIS F 495 -4.17 4.81 29.47
N HIS F 496 -5.39 5.37 29.49
CA HIS F 496 -6.56 4.60 29.08
C HIS F 496 -7.48 5.40 28.17
N THR F 497 -6.95 6.40 27.46
CA THR F 497 -7.73 7.17 26.49
C THR F 497 -7.21 7.00 25.06
N GLY F 498 -5.92 7.25 24.82
CA GLY F 498 -5.36 7.04 23.51
C GLY F 498 -5.38 8.29 22.64
N LEU F 499 -5.20 8.06 21.33
CA LEU F 499 -5.13 9.15 20.37
C LEU F 499 -5.68 8.70 19.03
N LYS F 500 -6.04 9.67 18.19
CA LYS F 500 -6.63 9.41 16.89
C LYS F 500 -5.98 10.25 15.80
N LEU F 501 -5.69 9.61 14.66
CA LEU F 501 -5.10 10.25 13.49
C LEU F 501 -5.96 9.96 12.28
N VAL F 502 -6.34 10.99 11.52
CA VAL F 502 -7.27 10.85 10.41
C VAL F 502 -6.69 11.52 9.17
N GLU F 503 -6.88 10.87 8.02
CA GLU F 503 -6.45 11.39 6.73
C GLU F 503 -7.60 11.34 5.74
N VAL F 504 -7.72 12.37 4.89
CA VAL F 504 -8.79 12.43 3.89
C VAL F 504 -8.14 12.47 2.51
N ALA F 505 -8.62 11.61 1.60
CA ALA F 505 -8.00 11.54 0.28
C ALA F 505 -9.00 11.01 -0.74
N HIS F 506 -8.59 11.00 -2.01
CA HIS F 506 -9.42 10.47 -3.08
C HIS F 506 -9.45 8.95 -3.06
N ASN F 507 -10.55 8.40 -3.56
CA ASN F 507 -10.69 6.95 -3.68
C ASN F 507 -9.91 6.44 -4.89
N GLN F 508 -9.61 5.15 -4.86
CA GLN F 508 -8.88 4.52 -5.97
C GLN F 508 -9.77 4.44 -7.21
N GLY F 509 -9.24 4.90 -8.34
CA GLY F 509 -9.98 4.86 -9.59
C GLY F 509 -10.95 6.01 -9.75
N THR F 510 -11.92 6.13 -8.86
CA THR F 510 -12.91 7.18 -8.96
C THR F 510 -12.27 8.55 -8.75
N ARG F 511 -12.66 9.51 -9.58
CA ARG F 511 -12.15 10.87 -9.51
C ARG F 511 -13.20 11.84 -8.97
N ASP F 512 -14.22 11.33 -8.29
CA ASP F 512 -15.33 12.15 -7.82
C ASP F 512 -15.69 11.93 -6.34
N THR F 513 -15.01 11.01 -5.65
CA THR F 513 -15.35 10.70 -4.27
C THR F 513 -14.09 10.70 -3.41
N VAL F 514 -14.30 10.90 -2.10
CA VAL F 514 -13.21 10.94 -1.13
C VAL F 514 -13.54 10.01 0.03
N ASN F 515 -12.50 9.62 0.76
CA ASN F 515 -12.61 8.72 1.90
C ASN F 515 -11.78 9.27 3.06
N CYS F 516 -12.10 8.75 4.25
CA CYS F 516 -11.48 9.17 5.50
C CYS F 516 -10.92 7.93 6.21
N LYS F 517 -9.59 7.82 6.26
CA LYS F 517 -8.93 6.74 6.94
C LYS F 517 -8.54 7.18 8.36
N ALA F 518 -8.64 6.25 9.31
CA ALA F 518 -8.43 6.55 10.71
C ALA F 518 -7.56 5.49 11.37
N SER F 519 -6.66 5.93 12.25
CA SER F 519 -5.82 5.04 13.04
C SER F 519 -5.88 5.48 14.50
N PHE F 520 -5.82 4.50 15.41
CA PHE F 520 -6.14 4.74 16.81
C PHE F 520 -5.16 4.02 17.72
N LEU F 521 -4.92 4.64 18.88
CA LEU F 521 -4.30 3.96 20.01
C LEU F 521 -5.24 4.08 21.20
N ASN F 522 -5.56 2.95 21.82
CA ASN F 522 -6.59 2.86 22.84
C ASN F 522 -6.06 2.65 24.25
N THR F 523 -4.80 2.27 24.42
CA THR F 523 -4.27 1.97 25.74
C THR F 523 -2.75 1.98 25.70
N SER F 524 -2.14 2.60 26.71
CA SER F 524 -0.69 2.58 26.89
C SER F 524 -0.23 1.26 27.49
N PRO F 525 1.06 0.92 27.37
CA PRO F 525 1.53 -0.34 27.97
C PRO F 525 1.27 -0.44 29.46
N SER F 526 1.36 0.68 30.19
CA SER F 526 1.15 0.66 31.63
C SER F 526 -0.28 0.23 31.96
N GLY F 527 -1.25 0.67 31.17
CA GLY F 527 -2.63 0.27 31.41
C GLY F 527 -2.85 -1.22 31.27
N VAL F 528 -2.22 -1.83 30.27
CA VAL F 528 -2.29 -3.28 30.10
C VAL F 528 -1.70 -3.97 31.32
N LEU F 529 -0.52 -3.49 31.76
CA LEU F 529 0.11 -4.10 32.92
C LEU F 529 -0.75 -3.99 34.17
N ALA F 530 -1.51 -2.90 34.30
CA ALA F 530 -2.38 -2.74 35.47
C ALA F 530 -3.62 -3.63 35.37
N ASP F 531 -4.22 -3.73 34.19
CA ASP F 531 -5.39 -4.58 34.02
C ASP F 531 -5.06 -6.04 34.30
N MET F 532 -3.83 -6.46 33.99
CA MET F 532 -3.46 -7.83 34.33
C MET F 532 -3.53 -8.08 35.84
N VAL F 533 -3.11 -7.09 36.64
CA VAL F 533 -3.19 -7.24 38.09
C VAL F 533 -4.65 -7.25 38.56
N ASP F 534 -5.46 -6.32 38.03
CA ASP F 534 -6.87 -6.30 38.46
C ASP F 534 -7.61 -7.56 38.05
N ALA F 535 -7.15 -8.28 37.01
CA ALA F 535 -7.79 -9.54 36.66
C ALA F 535 -7.64 -10.58 37.77
N GLY F 536 -6.53 -10.56 38.49
CA GLY F 536 -6.29 -11.52 39.55
C GLY F 536 -5.01 -12.31 39.39
N ALA F 537 -4.04 -11.73 38.66
CA ALA F 537 -2.77 -12.38 38.42
C ALA F 537 -1.68 -11.80 39.33
N VAL F 538 -0.72 -12.65 39.67
CA VAL F 538 0.39 -12.28 40.54
C VAL F 538 1.64 -12.13 39.67
N ILE F 539 2.29 -10.97 39.75
CA ILE F 539 3.41 -10.64 38.88
C ILE F 539 4.64 -10.38 39.73
N LEU F 540 5.73 -11.06 39.39
CA LEU F 540 7.02 -10.94 40.07
C LEU F 540 8.04 -10.47 39.04
N GLY F 541 8.49 -9.22 39.17
CA GLY F 541 9.44 -8.69 38.23
C GLY F 541 10.81 -8.49 38.83
N ILE F 542 11.83 -9.12 38.26
CA ILE F 542 13.17 -9.15 38.84
C ILE F 542 14.12 -8.35 37.96
N SER F 543 14.81 -7.38 38.55
CA SER F 543 15.81 -6.62 37.79
C SER F 543 16.62 -5.79 38.79
N ALA F 544 17.60 -5.06 38.26
CA ALA F 544 18.42 -4.17 39.08
C ALA F 544 18.03 -2.70 38.94
N THR F 545 17.42 -2.32 37.83
CA THR F 545 16.94 -0.96 37.59
C THR F 545 15.43 -0.96 37.35
N ALA F 546 14.70 -1.70 38.17
CA ALA F 546 13.28 -1.90 37.97
C ALA F 546 12.43 -0.72 38.44
N ARG F 547 13.02 0.26 39.12
CA ARG F 547 12.28 1.42 39.61
C ARG F 547 12.98 2.72 39.22
N ALA F 548 13.42 2.81 37.96
CA ALA F 548 14.00 4.04 37.47
C ALA F 548 12.93 5.12 37.33
N ASP F 549 13.38 6.37 37.21
CA ASP F 549 12.48 7.52 37.16
C ASP F 549 12.35 8.01 35.72
N THR F 550 12.24 7.08 34.78
CA THR F 550 12.01 7.42 33.37
C THR F 550 10.67 6.85 32.92
N VAL F 551 9.98 7.61 32.08
CA VAL F 551 8.67 7.20 31.56
C VAL F 551 8.77 6.70 30.12
N ILE F 552 9.86 6.98 29.43
CA ILE F 552 10.05 6.50 28.06
C ILE F 552 10.74 5.14 28.04
N HIS F 553 11.74 4.94 28.88
CA HIS F 553 12.49 3.69 28.94
C HIS F 553 12.02 2.79 30.07
N ASN F 554 10.92 3.14 30.74
CA ASN F 554 10.38 2.35 31.84
C ASN F 554 8.92 2.73 32.03
N PHE F 555 8.21 1.92 32.82
CA PHE F 555 6.80 2.17 33.10
C PHE F 555 6.65 3.44 33.93
N ASP F 556 5.40 3.85 34.12
CA ASP F 556 5.04 5.01 34.94
C ASP F 556 4.55 4.49 36.28
N PHE F 557 5.40 4.60 37.30
CA PHE F 557 5.05 4.08 38.62
C PHE F 557 4.24 5.06 39.46
N LYS F 558 4.00 6.27 38.95
CA LYS F 558 3.05 7.17 39.60
C LYS F 558 1.61 6.80 39.26
N TYR F 559 1.37 6.43 37.99
CA TYR F 559 0.05 5.95 37.60
C TYR F 559 -0.29 4.63 38.27
N LEU F 560 0.73 3.81 38.57
CA LEU F 560 0.51 2.53 39.21
C LEU F 560 0.40 2.62 40.73
N ASN F 561 0.71 3.77 41.31
CA ASN F 561 0.51 3.99 42.74
C ASN F 561 -0.80 4.69 43.06
N GLU F 562 -1.55 5.10 42.04
CA GLU F 562 -2.86 5.70 42.22
C GLU F 562 -4.00 4.78 41.80
N ARG F 563 -3.74 3.82 40.92
CA ARG F 563 -4.73 2.87 40.45
C ARG F 563 -4.68 1.55 41.19
N LEU F 564 -3.48 1.07 41.56
CA LEU F 564 -3.37 -0.21 42.25
C LEU F 564 -3.62 -0.05 43.75
N GLY F 565 -2.90 0.84 44.40
CA GLY F 565 -3.10 1.12 45.81
C GLY F 565 -2.18 0.29 46.70
N ASN F 566 -2.77 -0.57 47.52
CA ASN F 566 -2.00 -1.44 48.42
C ASN F 566 -1.60 -2.75 47.79
N LYS F 567 -1.91 -2.96 46.51
CA LYS F 567 -1.51 -4.16 45.79
C LYS F 567 -0.10 -4.06 45.22
N LEU F 568 0.55 -2.90 45.36
CA LEU F 568 1.94 -2.72 44.92
C LEU F 568 2.83 -2.93 46.14
N LEU F 569 3.25 -4.16 46.35
CA LEU F 569 4.08 -4.50 47.50
C LEU F 569 5.48 -3.92 47.36
N SER F 570 6.12 -3.70 48.50
CA SER F 570 7.48 -3.17 48.52
C SER F 570 8.22 -3.75 49.72
N LEU F 571 9.54 -3.74 49.61
CA LEU F 571 10.39 -4.23 50.70
C LEU F 571 10.54 -3.17 51.79
N SER F 572 10.98 -3.61 52.96
CA SER F 572 11.21 -2.73 54.09
C SER F 572 12.71 -2.45 54.23
N ARG F 573 13.04 -1.57 55.18
CA ARG F 573 14.44 -1.16 55.37
C ARG F 573 15.28 -2.31 55.94
N GLU F 574 14.71 -3.08 56.87
CA GLU F 574 15.43 -4.19 57.47
C GLU F 574 15.80 -5.25 56.43
N GLN F 575 14.86 -5.56 55.53
CA GLN F 575 15.12 -6.51 54.46
C GLN F 575 16.23 -6.00 53.55
N LYS F 576 16.20 -4.70 53.23
CA LYS F 576 17.23 -4.11 52.38
C LYS F 576 18.61 -4.24 53.02
N GLN F 577 18.70 -3.98 54.33
CA GLN F 577 20.00 -4.12 54.99
C GLN F 577 20.46 -5.58 55.03
N ARG F 578 19.53 -6.53 55.17
CA ARG F 578 19.91 -7.94 55.11
C ARG F 578 20.52 -8.29 53.76
N VAL F 579 19.88 -7.82 52.68
CA VAL F 579 20.42 -8.06 51.33
C VAL F 579 21.79 -7.42 51.19
N ASN F 580 21.95 -6.20 51.74
CA ASN F 580 23.24 -5.51 51.68
C ASN F 580 24.33 -6.33 52.38
N ASN F 581 24.01 -6.86 53.57
CA ASN F 581 24.99 -7.69 54.29
C ASN F 581 25.39 -8.90 53.46
N TYR F 582 24.42 -9.55 52.82
CA TYR F 582 24.74 -10.70 51.97
C TYR F 582 25.71 -10.31 50.86
N TYR F 583 25.41 -9.19 50.17
CA TYR F 583 26.25 -8.76 49.06
C TYR F 583 27.67 -8.46 49.54
N HIS F 584 27.81 -7.76 50.67
CA HIS F 584 29.15 -7.49 51.18
C HIS F 584 29.87 -8.76 51.60
N SER F 585 29.14 -9.77 52.07
CA SER F 585 29.78 -11.05 52.40
C SER F 585 30.37 -11.70 51.15
N ARG F 586 29.61 -11.74 50.06
CA ARG F 586 30.14 -12.42 48.87
C ARG F 586 31.14 -11.58 48.08
N ARG F 587 31.16 -10.25 48.26
CA ARG F 587 32.12 -9.39 47.58
C ARG F 587 32.64 -8.36 48.58
N ASN F 588 33.80 -8.64 49.16
CA ASN F 588 34.38 -7.79 50.19
C ASN F 588 35.66 -7.15 49.64
N TYR F 589 35.69 -5.82 49.60
CA TYR F 589 36.86 -5.09 49.12
C TYR F 589 37.62 -4.34 50.20
N LYS F 590 37.04 -4.13 51.37
CA LYS F 590 37.77 -3.49 52.46
C LYS F 590 38.61 -4.52 53.22
N ASP F 591 39.27 -5.37 52.44
CA ASP F 591 40.22 -6.39 52.84
C ASP F 591 40.81 -7.02 51.58
N ASN F 592 41.95 -7.69 51.75
CA ASN F 592 42.74 -8.30 50.69
C ASN F 592 43.37 -7.27 49.75
N GLY F 593 42.97 -6.00 49.87
CA GLY F 593 43.55 -4.93 49.07
C GLY F 593 43.10 -4.84 47.62
N VAL F 594 41.84 -4.48 47.38
CA VAL F 594 41.33 -4.18 46.05
C VAL F 594 41.08 -2.68 45.97
N VAL F 595 41.58 -2.04 44.90
CA VAL F 595 41.37 -0.61 44.71
C VAL F 595 40.83 -0.33 43.32
N LEU F 596 40.01 0.71 43.25
CA LEU F 596 39.34 1.17 42.04
C LEU F 596 39.87 2.56 41.70
N THR F 597 40.35 2.73 40.48
CA THR F 597 40.90 4.00 40.03
C THR F 597 40.04 4.54 38.89
N VAL F 598 39.70 5.83 38.96
CA VAL F 598 38.78 6.49 38.04
C VAL F 598 39.52 7.64 37.38
N LYS F 599 39.27 7.84 36.09
CA LYS F 599 39.84 9.02 35.43
C LYS F 599 38.92 9.50 34.32
N TYR F 600 38.78 10.83 34.24
CA TYR F 600 37.97 11.50 33.23
C TYR F 600 38.88 12.06 32.15
N LEU F 601 38.53 11.83 30.89
CA LEU F 601 39.39 12.21 29.77
C LEU F 601 38.73 13.29 28.92
N ASN F 602 39.46 14.40 28.70
CA ASN F 602 39.02 15.47 27.82
C ASN F 602 39.59 15.28 26.42
N SER F 603 39.23 16.20 25.52
CA SER F 603 39.70 16.13 24.14
C SER F 603 41.08 16.78 24.01
N ARG F 604 41.96 16.11 23.28
CA ARG F 604 43.33 16.59 23.04
C ARG F 604 43.60 16.52 21.54
N ASP F 605 43.86 17.68 20.94
CA ASP F 605 44.11 17.74 19.50
C ASP F 605 45.60 17.63 19.15
N ALA F 606 46.46 18.22 19.99
CA ALA F 606 47.90 18.09 19.76
C ALA F 606 48.35 16.63 19.90
N PHE F 607 47.61 15.84 20.68
CA PHE F 607 47.92 14.42 20.82
C PHE F 607 47.75 13.69 19.49
N LEU F 608 46.69 14.00 18.76
CA LEU F 608 46.37 13.32 17.50
C LEU F 608 47.14 13.91 16.33
N ASP F 609 47.51 15.18 16.41
CA ASP F 609 48.19 15.87 15.31
C ASP F 609 49.51 15.18 14.96
N ALA F 610 50.35 14.98 15.97
CA ALA F 610 51.65 14.33 15.76
C ALA F 610 51.47 12.90 15.26
N LEU F 611 50.49 12.17 15.82
CA LEU F 611 50.30 10.78 15.43
C LEU F 611 49.94 10.66 13.97
N LEU F 612 49.04 11.53 13.49
CA LEU F 612 48.72 11.49 12.05
C LEU F 612 49.95 11.80 11.22
N GLU F 613 50.78 12.77 11.64
CA GLU F 613 51.99 13.03 10.86
C GLU F 613 52.91 11.81 10.82
N GLU F 614 53.08 11.12 11.94
CA GLU F 614 53.93 9.92 11.94
C GLU F 614 53.33 8.80 11.09
N TYR F 615 52.01 8.73 10.99
CA TYR F 615 51.38 7.66 10.21
C TYR F 615 51.76 7.76 8.74
N LYS F 616 51.76 8.97 8.17
CA LYS F 616 52.15 9.22 6.80
C LYS F 616 53.18 10.36 6.80
N PRO F 617 54.46 10.03 6.97
CA PRO F 617 55.47 11.09 7.16
C PRO F 617 55.78 11.91 5.92
N GLU F 618 55.24 11.55 4.75
CA GLU F 618 55.58 12.21 3.50
C GLU F 618 54.53 13.24 3.09
N ALA F 619 53.51 13.46 3.91
CA ALA F 619 52.48 14.45 3.61
C ALA F 619 52.92 15.82 4.12
N ARG F 620 52.00 16.79 4.11
CA ARG F 620 52.27 18.16 4.50
C ARG F 620 51.55 18.59 5.77
N SER F 621 50.23 18.43 5.82
CA SER F 621 49.42 18.89 6.94
C SER F 621 48.67 17.72 7.55
N SER F 622 47.82 18.03 8.53
CA SER F 622 47.03 17.02 9.24
C SER F 622 45.62 16.88 8.69
N HIS F 623 44.96 17.99 8.39
CA HIS F 623 43.64 17.91 7.78
C HIS F 623 43.69 17.20 6.44
N PHE F 624 44.77 17.40 5.67
CA PHE F 624 44.90 16.72 4.39
C PHE F 624 45.02 15.21 4.58
N ILE F 625 45.81 14.78 5.57
CA ILE F 625 45.92 13.34 5.84
C ILE F 625 44.57 12.78 6.27
N LEU F 626 43.86 13.49 7.14
CA LEU F 626 42.59 13.00 7.63
C LEU F 626 41.55 12.91 6.50
N ASN F 627 41.54 13.90 5.61
CA ASN F 627 40.56 13.96 4.53
C ASN F 627 40.88 12.97 3.41
N HIS F 628 42.15 12.86 3.03
CA HIS F 628 42.53 12.09 1.84
C HIS F 628 42.66 10.60 2.16
N TYR F 629 43.60 10.24 3.02
CA TYR F 629 43.88 8.82 3.26
C TYR F 629 42.77 8.18 4.07
N LEU F 630 42.30 8.86 5.13
CA LEU F 630 41.07 8.46 5.77
C LEU F 630 39.88 9.07 5.02
N GLY F 631 38.67 8.63 5.38
CA GLY F 631 37.53 8.88 4.53
C GLY F 631 36.43 9.78 5.06
N ILE F 632 36.77 10.90 5.70
CA ILE F 632 35.79 11.84 6.22
C ILE F 632 35.94 13.18 5.52
N ALA F 633 34.80 13.79 5.19
CA ALA F 633 34.77 15.08 4.52
C ALA F 633 34.85 16.22 5.54
N GLU F 634 34.74 17.46 5.06
CA GLU F 634 34.95 18.60 5.93
C GLU F 634 33.81 18.79 6.94
N SER F 635 32.60 18.32 6.61
CA SER F 635 31.50 18.43 7.56
C SER F 635 31.74 17.55 8.78
N GLU F 636 32.21 16.32 8.57
CA GLU F 636 32.44 15.38 9.65
C GLU F 636 33.92 15.38 10.04
N GLN F 637 34.35 16.47 10.67
CA GLN F 637 35.73 16.57 11.16
C GLN F 637 35.84 16.87 12.65
N ALA F 638 35.02 17.76 13.20
CA ALA F 638 35.14 18.09 14.63
C ALA F 638 34.77 16.89 15.49
N PHE F 639 33.63 16.28 15.20
CA PHE F 639 33.12 15.13 15.95
C PHE F 639 34.10 13.95 15.92
N VAL F 640 34.68 13.68 14.75
CA VAL F 640 35.66 12.59 14.59
C VAL F 640 36.87 12.82 15.49
N ARG F 641 37.45 14.02 15.40
CA ARG F 641 38.59 14.40 16.24
C ARG F 641 38.25 14.12 17.70
N SER F 642 37.05 14.56 18.09
CA SER F 642 36.62 14.46 19.48
C SER F 642 36.69 13.03 19.99
N TRP F 643 36.08 12.08 19.28
CA TRP F 643 36.09 10.77 19.95
C TRP F 643 37.45 10.09 19.83
N LEU F 644 38.11 10.23 18.67
CA LEU F 644 39.33 9.46 18.44
C LEU F 644 40.41 9.82 19.44
N SER F 645 40.52 11.11 19.78
CA SER F 645 41.54 11.52 20.76
C SER F 645 41.39 10.76 22.07
N LYS F 646 40.16 10.75 22.62
CA LYS F 646 39.92 10.11 23.91
C LYS F 646 40.18 8.61 23.84
N LEU F 647 39.74 7.96 22.75
CA LEU F 647 39.95 6.52 22.63
C LEU F 647 41.44 6.16 22.69
N LEU F 648 42.25 6.83 21.87
CA LEU F 648 43.67 6.49 21.84
C LEU F 648 44.35 6.83 23.17
N ALA F 649 43.93 7.94 23.80
CA ALA F 649 44.51 8.30 25.09
C ALA F 649 44.26 7.22 26.13
N SER F 650 43.06 6.64 26.14
CA SER F 650 42.78 5.56 27.08
C SER F 650 43.63 4.33 26.79
N ILE F 651 43.80 3.98 25.50
CA ILE F 651 44.58 2.78 25.18
C ILE F 651 46.02 2.92 25.67
N LYS F 652 46.59 4.12 25.56
CA LYS F 652 47.97 4.30 26.02
C LYS F 652 48.11 3.96 27.50
N ALA F 653 47.17 4.44 28.32
CA ALA F 653 47.21 4.16 29.75
C ALA F 653 47.04 2.66 30.02
N PHE F 654 46.18 1.98 29.25
CA PHE F 654 46.05 0.54 29.45
C PHE F 654 47.38 -0.17 29.18
N ILE F 655 48.05 0.18 28.10
CA ILE F 655 49.27 -0.55 27.74
C ILE F 655 50.38 -0.26 28.74
N SER F 656 50.47 0.97 29.24
CA SER F 656 51.59 1.32 30.13
C SER F 656 51.59 0.50 31.42
N SER F 657 50.40 0.25 31.99
CA SER F 657 50.31 -0.40 33.29
C SER F 657 50.82 -1.84 33.21
N PRO F 658 51.63 -2.28 34.19
CA PRO F 658 52.18 -3.64 34.14
C PRO F 658 51.17 -4.76 34.38
N ASP F 659 50.41 -4.67 35.46
CA ASP F 659 49.57 -5.77 35.92
C ASP F 659 48.12 -5.61 35.44
N ASN F 660 47.95 -5.66 34.11
CA ASN F 660 46.64 -5.67 33.49
C ASN F 660 46.73 -6.48 32.21
N ARG F 661 45.67 -7.22 31.91
CA ARG F 661 45.68 -8.05 30.70
C ARG F 661 44.49 -7.81 29.79
N TYR F 662 43.30 -7.57 30.32
CA TYR F 662 42.07 -7.61 29.54
C TYR F 662 41.41 -6.24 29.57
N MET F 663 40.99 -5.74 28.41
CA MET F 663 40.33 -4.44 28.34
C MET F 663 39.16 -4.51 27.37
N LEU F 664 38.06 -3.86 27.74
CA LEU F 664 36.87 -3.78 26.91
C LEU F 664 36.50 -2.32 26.71
N SER F 665 36.25 -1.95 25.45
CA SER F 665 35.87 -0.59 25.09
C SER F 665 34.41 -0.57 24.63
N LEU F 666 33.63 0.32 25.21
CA LEU F 666 32.22 0.46 24.88
C LEU F 666 32.00 1.76 24.12
N LEU F 667 31.59 1.63 22.85
CA LEU F 667 31.30 2.77 21.99
C LEU F 667 29.83 2.72 21.58
N ASN F 668 29.45 3.65 20.69
CA ASN F 668 28.10 3.72 20.17
C ASN F 668 28.00 3.29 18.71
N ARG F 669 29.12 2.97 18.07
CA ARG F 669 29.12 2.60 16.66
C ARG F 669 30.01 1.38 16.45
N THR F 670 29.73 0.65 15.39
CA THR F 670 30.49 -0.57 15.08
C THR F 670 31.73 -0.22 14.27
N LEU F 671 32.88 -0.75 14.72
CA LEU F 671 34.14 -0.62 13.98
C LEU F 671 34.27 -1.85 13.10
N ASP F 672 33.72 -1.76 11.88
CA ASP F 672 33.68 -2.88 10.95
C ASP F 672 34.33 -2.45 9.63
N THR F 673 34.15 -3.29 8.60
CA THR F 673 34.79 -3.05 7.32
C THR F 673 34.47 -1.66 6.77
N THR F 674 33.25 -1.17 7.03
CA THR F 674 32.86 0.15 6.56
C THR F 674 33.77 1.25 7.09
N ARG F 675 34.46 1.01 8.21
CA ARG F 675 35.41 1.97 8.77
C ARG F 675 36.85 1.46 8.70
N GLN F 676 37.15 0.65 7.67
CA GLN F 676 38.46 0.01 7.57
C GLN F 676 39.60 1.00 7.72
N ASN F 677 39.48 2.17 7.08
CA ASN F 677 40.55 3.16 7.12
C ASN F 677 40.92 3.53 8.54
N ILE F 678 39.92 3.71 9.41
CA ILE F 678 40.25 4.08 10.79
C ILE F 678 40.92 2.91 11.50
N ASN F 679 40.44 1.68 11.24
CA ASN F 679 40.94 0.51 11.96
C ASN F 679 42.46 0.43 11.88
N ASP F 680 42.98 0.48 10.66
CA ASP F 680 44.43 0.40 10.45
C ASP F 680 45.15 1.39 11.36
N PHE F 681 44.68 2.64 11.36
CA PHE F 681 45.34 3.66 12.17
C PHE F 681 45.48 3.20 13.61
N ILE F 682 44.37 2.77 14.21
CA ILE F 682 44.41 2.31 15.59
C ILE F 682 45.42 1.18 15.73
N GLN F 683 45.34 0.20 14.82
CA GLN F 683 46.27 -0.92 14.86
C GLN F 683 47.70 -0.41 14.89
N PHE F 684 48.04 0.49 13.97
CA PHE F 684 49.40 1.00 13.90
C PHE F 684 49.83 1.56 15.25
N CYS F 685 48.98 2.40 15.84
CA CYS F 685 49.34 3.02 17.11
C CYS F 685 49.72 1.97 18.14
N CYS F 686 48.91 0.92 18.25
CA CYS F 686 49.17 -0.10 19.27
C CYS F 686 50.58 -0.63 19.13
N ASP F 687 50.98 -0.97 17.91
CA ASP F 687 52.30 -1.56 17.71
C ASP F 687 53.38 -0.64 18.26
N LYS F 688 53.28 0.66 17.96
CA LYS F 688 54.29 1.59 18.45
C LYS F 688 54.34 1.57 19.97
N TRP F 689 53.17 1.64 20.63
CA TRP F 689 53.17 1.65 22.07
C TRP F 689 53.52 0.28 22.65
N ALA F 690 53.46 -0.77 21.83
CA ALA F 690 53.94 -2.07 22.29
C ALA F 690 55.45 -2.11 22.32
N LYS F 691 56.11 -1.37 21.43
CA LYS F 691 57.56 -1.36 21.42
C LYS F 691 58.14 -0.44 22.49
N GLU F 692 57.42 0.64 22.82
CA GLU F 692 57.88 1.58 23.84
C GLU F 692 58.04 0.89 25.18
N PHE F 693 57.01 0.17 25.62
CA PHE F 693 57.08 -0.65 26.81
C PHE F 693 57.48 -2.07 26.40
N ASN F 694 57.37 -3.03 27.32
CA ASN F 694 57.75 -4.41 27.04
C ASN F 694 56.55 -5.31 27.35
N VAL F 695 55.66 -5.45 26.37
CA VAL F 695 54.52 -6.36 26.46
C VAL F 695 53.92 -6.51 25.07
N LYS F 696 53.43 -7.71 24.76
CA LYS F 696 52.77 -7.97 23.49
C LYS F 696 51.26 -7.80 23.64
N THR F 697 50.63 -7.29 22.57
CA THR F 697 49.21 -6.99 22.60
C THR F 697 48.52 -7.63 21.41
N LYS F 698 47.21 -7.84 21.57
CA LYS F 698 46.34 -8.42 20.56
C LYS F 698 45.01 -7.69 20.58
N THR F 699 44.43 -7.46 19.41
CA THR F 699 43.21 -6.67 19.30
C THR F 699 42.14 -7.47 18.54
N PHE F 700 40.89 -7.23 18.93
CA PHE F 700 39.73 -7.89 18.33
C PHE F 700 38.72 -6.85 17.89
N PHE F 701 38.57 -6.72 16.57
CA PHE F 701 37.66 -5.80 15.91
C PHE F 701 36.43 -6.56 15.41
N GLY F 702 35.41 -5.80 15.04
CA GLY F 702 34.22 -6.36 14.43
C GLY F 702 33.45 -7.33 15.30
N VAL F 703 33.22 -6.97 16.55
CA VAL F 703 32.49 -7.82 17.49
C VAL F 703 31.02 -7.41 17.40
N ASN F 704 30.27 -8.13 16.58
CA ASN F 704 28.84 -7.91 16.39
C ASN F 704 28.06 -9.05 17.03
N ALA F 705 26.73 -8.93 16.99
CA ALA F 705 25.89 -10.07 17.34
C ALA F 705 25.93 -11.14 16.27
N ASP F 706 26.07 -10.73 15.01
CA ASP F 706 26.29 -11.69 13.93
C ASP F 706 27.62 -12.42 14.11
N TRP F 707 28.68 -11.68 14.46
CA TRP F 707 29.98 -12.29 14.68
C TRP F 707 29.97 -13.24 15.87
N MET F 708 29.20 -12.90 16.92
CA MET F 708 29.15 -13.74 18.10
C MET F 708 28.56 -15.10 17.80
N ARG F 709 27.53 -15.16 16.95
CA ARG F 709 26.86 -16.41 16.62
C ARG F 709 27.31 -16.98 15.29
N LEU F 710 28.48 -16.56 14.80
CA LEU F 710 29.05 -17.11 13.57
C LEU F 710 30.48 -17.57 13.81
N VAL F 711 31.18 -16.91 14.71
CA VAL F 711 32.57 -17.26 15.00
C VAL F 711 32.69 -17.67 16.47
N GLY F 712 31.86 -17.10 17.33
CA GLY F 712 31.81 -17.46 18.73
C GLY F 712 32.43 -16.39 19.62
N TYR F 713 32.39 -16.68 20.93
CA TYR F 713 32.98 -15.79 21.93
C TYR F 713 33.94 -16.54 22.86
N ASP F 714 34.25 -17.80 22.57
CA ASP F 714 35.14 -18.59 23.41
C ASP F 714 36.61 -18.51 22.99
N GLU F 715 36.94 -17.69 22.01
CA GLU F 715 38.32 -17.60 21.54
C GLU F 715 39.19 -16.71 22.41
N ILE F 716 38.60 -15.65 23.00
CA ILE F 716 39.36 -14.75 23.84
C ILE F 716 39.86 -15.47 25.09
N SER F 717 38.99 -16.29 25.70
CA SER F 717 39.40 -17.04 26.88
C SER F 717 40.52 -18.03 26.56
N LYS F 718 40.43 -18.69 25.40
CA LYS F 718 41.49 -19.60 24.98
C LYS F 718 42.81 -18.87 24.84
N HIS F 719 42.79 -17.73 24.14
CA HIS F 719 44.00 -16.94 23.98
C HIS F 719 44.49 -16.33 25.29
N LEU F 720 43.64 -16.27 26.31
CA LEU F 720 44.06 -15.71 27.60
C LEU F 720 44.66 -16.74 28.54
N ASN F 721 44.16 -17.98 28.54
CA ASN F 721 44.72 -19.00 29.41
C ASN F 721 45.68 -19.93 28.70
N THR F 722 46.04 -19.65 27.44
CA THR F 722 47.09 -20.42 26.78
C THR F 722 48.33 -19.58 26.44
N GLU F 723 48.18 -18.28 26.19
CA GLU F 723 49.27 -17.42 25.76
C GLU F 723 49.28 -16.15 26.59
N LEU F 724 50.49 -15.63 26.87
CA LEU F 724 50.64 -14.37 27.58
C LEU F 724 50.57 -13.18 26.65
N GLY F 725 50.13 -12.06 27.21
CA GLY F 725 50.02 -10.82 26.48
C GLY F 725 48.89 -9.98 27.03
N LYS F 726 48.40 -9.07 26.20
CA LYS F 726 47.27 -8.22 26.52
C LYS F 726 46.26 -8.31 25.40
N VAL F 727 44.99 -8.05 25.72
CA VAL F 727 43.92 -8.15 24.74
C VAL F 727 43.03 -6.93 24.84
N VAL F 728 42.67 -6.37 23.68
CA VAL F 728 41.77 -5.24 23.56
C VAL F 728 40.63 -5.65 22.65
N VAL F 729 39.39 -5.40 23.09
CA VAL F 729 38.19 -5.79 22.36
C VAL F 729 37.37 -4.54 22.10
N PHE F 730 36.77 -4.44 20.90
CA PHE F 730 35.90 -3.31 20.60
C PHE F 730 34.46 -3.77 20.46
N SER F 731 33.56 -3.16 21.23
CA SER F 731 32.15 -3.52 21.25
C SER F 731 31.30 -2.29 21.53
N THR F 732 29.99 -2.45 21.48
CA THR F 732 29.02 -1.37 21.66
C THR F 732 28.15 -1.62 22.88
N TYR F 733 27.22 -0.70 23.13
CA TYR F 733 26.30 -0.85 24.26
C TYR F 733 25.25 -1.92 24.00
N ALA F 734 24.74 -2.00 22.77
CA ALA F 734 23.69 -2.96 22.46
C ALA F 734 24.24 -4.34 22.13
N SER F 735 25.43 -4.41 21.53
CA SER F 735 26.01 -5.70 21.20
C SER F 735 26.30 -6.51 22.46
N MET F 736 26.85 -5.87 23.49
CA MET F 736 27.12 -6.54 24.75
C MET F 736 25.90 -6.46 25.67
N GLY F 737 24.74 -6.82 25.13
CA GLY F 737 23.52 -6.92 25.88
C GLY F 737 22.80 -8.20 25.57
N ALA F 738 23.19 -8.84 24.47
CA ALA F 738 22.67 -10.13 24.07
C ALA F 738 23.72 -11.23 24.16
N GLY F 739 24.99 -10.88 24.34
CA GLY F 739 26.04 -11.86 24.59
C GLY F 739 26.53 -11.76 26.02
N LYS F 740 26.27 -12.80 26.81
CA LYS F 740 26.52 -12.77 28.25
C LYS F 740 27.73 -13.62 28.59
N ASN F 741 28.11 -13.57 29.87
CA ASN F 741 29.21 -14.33 30.46
C ASN F 741 30.54 -14.03 29.77
N PRO F 742 31.09 -12.83 29.94
CA PRO F 742 32.41 -12.51 29.35
C PRO F 742 33.56 -12.92 30.27
N ASP F 743 33.63 -14.21 30.58
CA ASP F 743 34.60 -14.73 31.54
C ASP F 743 35.60 -15.64 30.85
N TYR F 744 36.81 -15.70 31.43
CA TYR F 744 37.87 -16.55 30.93
C TYR F 744 38.44 -17.39 32.07
N ALA F 745 38.68 -18.68 31.79
CA ALA F 745 39.28 -19.56 32.78
C ALA F 745 40.71 -19.12 33.05
N VAL F 746 41.14 -19.27 34.31
CA VAL F 746 42.44 -18.78 34.73
C VAL F 746 43.45 -19.92 34.67
N ASN F 747 44.73 -19.55 34.61
CA ASN F 747 45.83 -20.50 34.73
C ASN F 747 46.95 -19.77 35.44
N LEU F 748 47.24 -20.19 36.69
CA LEU F 748 48.17 -19.47 37.53
C LEU F 748 49.61 -19.53 37.00
N ALA F 749 49.90 -20.45 36.09
CA ALA F 749 51.25 -20.50 35.51
C ALA F 749 51.52 -19.27 34.65
N LEU F 750 50.50 -18.76 33.97
CA LEU F 750 50.65 -17.61 33.09
C LEU F 750 50.52 -16.29 33.84
N GLU F 751 49.52 -16.19 34.72
CA GLU F 751 49.30 -14.98 35.49
C GLU F 751 50.33 -14.85 36.60
N GLY F 752 50.40 -13.66 37.19
CA GLY F 752 51.37 -13.37 38.23
C GLY F 752 50.87 -13.64 39.64
N GLU F 753 50.84 -12.59 40.46
CA GLU F 753 50.47 -12.72 41.87
C GLU F 753 49.16 -12.01 42.23
N SER F 754 48.56 -11.27 41.30
CA SER F 754 47.41 -10.43 41.60
C SER F 754 46.10 -11.14 41.27
N LEU F 755 45.77 -12.13 42.11
CA LEU F 755 44.49 -12.81 42.01
C LEU F 755 43.91 -13.01 43.42
N ILE F 756 43.92 -11.93 44.20
CA ILE F 756 43.40 -11.99 45.56
C ILE F 756 41.91 -12.31 45.54
N SER F 757 41.51 -13.31 46.32
CA SER F 757 40.10 -13.68 46.45
C SER F 757 39.42 -12.78 47.48
N VAL F 758 38.13 -12.52 47.26
CA VAL F 758 37.39 -11.58 48.08
C VAL F 758 36.27 -12.23 48.88
N ALA F 759 35.98 -13.51 48.65
CA ALA F 759 34.91 -14.17 49.36
C ALA F 759 35.33 -14.54 50.78
N ASP F 760 34.41 -14.33 51.73
CA ASP F 760 34.69 -14.68 53.12
C ASP F 760 34.77 -16.20 53.32
N VAL F 761 34.22 -16.98 52.39
CA VAL F 761 34.29 -18.44 52.46
C VAL F 761 34.94 -18.95 51.18
N THR F 762 35.10 -20.26 51.08
CA THR F 762 35.65 -20.86 49.88
C THR F 762 34.59 -20.91 48.78
N TYR F 763 35.06 -21.14 47.55
CA TYR F 763 34.20 -21.19 46.38
C TYR F 763 34.49 -22.44 45.57
N SER F 764 33.47 -22.95 44.90
CA SER F 764 33.50 -24.27 44.29
C SER F 764 33.81 -24.19 42.79
N THR F 765 33.84 -25.36 42.16
CA THR F 765 34.04 -25.54 40.72
C THR F 765 35.36 -24.94 40.25
N GLN F 766 35.45 -24.66 38.94
CA GLN F 766 36.69 -24.18 38.36
C GLN F 766 36.95 -22.73 38.76
N LEU F 767 38.15 -22.27 38.44
CA LEU F 767 38.64 -20.96 38.85
C LEU F 767 38.51 -20.01 37.67
N ARG F 768 37.81 -18.89 37.85
CA ARG F 768 37.55 -17.99 36.73
C ARG F 768 37.69 -16.54 37.17
N SER F 769 37.98 -15.68 36.18
CA SER F 769 38.18 -14.24 36.42
C SER F 769 37.40 -13.41 35.40
N ASP F 770 37.64 -12.11 35.36
CA ASP F 770 36.77 -11.20 34.61
C ASP F 770 37.57 -10.02 34.08
N ILE F 771 36.85 -8.95 33.72
CA ILE F 771 37.42 -7.73 33.16
C ILE F 771 38.14 -6.95 34.25
N ASP F 772 39.23 -6.26 33.89
CA ASP F 772 39.86 -5.35 34.85
C ASP F 772 40.14 -3.95 34.29
N SER F 773 39.61 -3.61 33.12
CA SER F 773 39.77 -2.26 32.58
C SER F 773 38.58 -1.94 31.70
N ILE F 774 37.97 -0.78 31.90
CA ILE F 774 36.79 -0.41 31.12
C ILE F 774 36.90 1.04 30.65
N TYR F 775 36.50 1.26 29.39
CA TYR F 775 36.33 2.59 28.80
C TYR F 775 34.85 2.85 28.54
N LEU F 776 34.35 3.98 29.02
CA LEU F 776 32.94 4.35 28.88
C LEU F 776 32.81 5.63 28.09
N GLU F 777 32.05 5.56 27.00
CA GLU F 777 31.65 6.70 26.19
C GLU F 777 30.26 7.18 26.64
N LYS F 778 29.78 8.24 26.00
CA LYS F 778 28.47 8.78 26.31
C LYS F 778 27.44 8.29 25.30
N PRO F 779 26.26 7.89 25.74
CA PRO F 779 25.27 7.29 24.84
C PRO F 779 24.86 8.23 23.72
N THR F 780 24.10 7.68 22.78
CA THR F 780 23.72 8.33 21.54
C THR F 780 22.20 8.19 21.51
N GLN F 781 21.55 8.56 20.38
CA GLN F 781 20.10 8.78 20.28
C GLN F 781 19.29 7.93 21.26
N LEU F 782 18.47 8.61 22.07
CA LEU F 782 17.72 7.96 23.14
C LEU F 782 16.21 8.12 22.96
N LEU F 783 15.75 8.39 21.74
CA LEU F 783 14.33 8.53 21.45
C LEU F 783 13.91 7.34 20.59
N LEU F 784 12.83 6.67 21.00
CA LEU F 784 12.42 5.44 20.34
C LEU F 784 11.91 5.73 18.92
N SER F 785 12.08 4.74 18.05
CA SER F 785 11.63 4.83 16.67
C SER F 785 11.25 3.43 16.19
N ASP F 786 10.22 3.38 15.34
CA ASP F 786 9.75 2.13 14.78
C ASP F 786 10.23 1.97 13.34
N ASP F 787 10.08 0.76 12.82
CA ASP F 787 10.48 0.45 11.45
C ASP F 787 9.44 -0.32 10.66
N TYR F 788 8.31 -0.69 11.27
CA TYR F 788 7.33 -1.52 10.57
C TYR F 788 6.75 -0.78 9.36
N SER F 789 6.36 0.47 9.53
CA SER F 789 5.77 1.26 8.47
C SER F 789 5.89 2.74 8.83
N HIS F 790 5.15 3.58 8.11
CA HIS F 790 5.15 5.02 8.34
C HIS F 790 4.22 5.41 9.48
N THR F 791 3.00 4.88 9.43
CA THR F 791 1.99 5.19 10.45
C THR F 791 2.44 4.71 11.83
N ALA F 792 3.12 3.57 11.90
CA ALA F 792 3.62 3.07 13.17
C ALA F 792 4.59 4.06 13.82
N ASN F 793 5.51 4.61 13.01
CA ASN F 793 6.46 5.59 13.52
C ASN F 793 5.74 6.84 14.01
N GLN F 794 4.74 7.31 13.25
CA GLN F 794 4.01 8.50 13.66
C GLN F 794 3.32 8.29 15.00
N LEU F 795 2.66 7.13 15.17
CA LEU F 795 1.98 6.83 16.42
C LEU F 795 2.96 6.76 17.58
N CYS F 796 4.13 6.15 17.36
CA CYS F 796 5.16 6.09 18.38
C CYS F 796 5.53 7.49 18.89
N GLN F 797 5.81 8.39 17.96
CA GLN F 797 6.25 9.73 18.35
C GLN F 797 5.17 10.46 19.14
N PHE F 798 3.91 10.39 18.66
CA PHE F 798 2.84 11.07 19.39
C PHE F 798 2.68 10.49 20.80
N HIS F 799 2.79 9.17 20.94
CA HIS F 799 2.73 8.54 22.26
C HIS F 799 3.74 9.17 23.20
N GLN F 800 4.99 9.30 22.75
CA GLN F 800 6.02 9.83 23.67
C GLN F 800 5.75 11.28 24.05
N ILE F 801 5.35 12.11 23.08
CA ILE F 801 5.06 13.51 23.42
C ILE F 801 3.98 13.60 24.49
N LEU F 802 2.90 12.82 24.31
CA LEU F 802 1.80 12.89 25.26
C LEU F 802 2.18 12.32 26.62
N SER F 803 3.06 11.30 26.66
CA SER F 803 3.52 10.79 27.95
C SER F 803 4.28 11.86 28.73
N LEU F 804 5.20 12.56 28.06
CA LEU F 804 5.95 13.61 28.75
C LEU F 804 5.02 14.72 29.23
N GLN F 805 4.01 15.07 28.43
CA GLN F 805 3.07 16.08 28.89
C GLN F 805 2.27 15.57 30.10
N GLU F 806 1.96 14.27 30.13
CA GLU F 806 1.20 13.69 31.24
C GLU F 806 1.96 13.81 32.55
N ASN F 807 3.22 13.35 32.58
CA ASN F 807 3.91 13.30 33.87
C ASN F 807 4.18 14.70 34.40
N GLY F 808 4.63 15.62 33.55
CA GLY F 808 4.86 16.98 33.99
C GLY F 808 6.18 17.59 33.57
N GLU F 809 6.91 16.91 32.68
CA GLU F 809 8.18 17.43 32.19
C GLU F 809 8.00 18.46 31.07
N LEU F 810 6.81 18.58 30.50
CA LEU F 810 6.55 19.50 29.41
C LEU F 810 5.31 20.33 29.69
N SER F 811 5.37 21.63 29.30
CA SER F 811 4.25 22.55 29.38
C SER F 811 3.36 22.42 28.16
N PRO F 812 2.07 22.79 28.28
CA PRO F 812 1.17 22.65 27.13
C PRO F 812 1.60 23.43 25.90
N LYS F 813 2.20 24.61 26.10
CA LYS F 813 2.64 25.43 24.98
C LYS F 813 3.69 24.68 24.15
N SER F 814 4.74 24.19 24.81
CA SER F 814 5.79 23.45 24.12
C SER F 814 5.25 22.18 23.47
N ALA F 815 4.37 21.46 24.18
CA ALA F 815 3.82 20.22 23.65
C ALA F 815 3.03 20.46 22.37
N GLU F 816 2.18 21.50 22.37
CA GLU F 816 1.41 21.81 21.17
C GLU F 816 2.32 22.20 20.01
N ASN F 817 3.35 22.99 20.29
CA ASN F 817 4.28 23.36 19.23
C ASN F 817 4.97 22.12 18.64
N TRP F 818 5.42 21.21 19.50
CA TRP F 818 6.08 19.99 19.03
C TRP F 818 5.15 19.14 18.18
N CYS F 819 3.89 19.01 18.61
CA CYS F 819 2.93 18.24 17.82
C CYS F 819 2.72 18.88 16.44
N ARG F 820 2.59 20.21 16.40
CA ARG F 820 2.37 20.87 15.13
C ARG F 820 3.53 20.62 14.17
N GLN F 821 4.77 20.73 14.65
CA GLN F 821 5.88 20.48 13.73
C GLN F 821 6.01 19.01 13.37
N GLN F 822 5.55 18.10 14.23
CA GLN F 822 5.49 16.70 13.83
C GLN F 822 4.52 16.50 12.66
N LEU F 823 3.39 17.20 12.67
CA LEU F 823 2.43 17.01 11.59
C LEU F 823 2.96 17.51 10.25
N MET F 824 3.74 18.58 10.23
CA MET F 824 4.15 19.21 8.98
C MET F 824 5.40 18.62 8.38
N GLY F 825 5.95 17.55 8.96
CA GLY F 825 7.20 17.00 8.49
C GLY F 825 8.37 17.52 9.30
N MET F 826 9.09 16.62 9.95
CA MET F 826 10.11 17.01 10.92
C MET F 826 11.33 16.10 10.77
N SER F 827 12.49 16.63 11.13
CA SER F 827 13.72 15.86 11.14
C SER F 827 13.97 15.28 12.53
N ARG F 828 14.72 14.19 12.55
CA ARG F 828 15.05 13.54 13.82
C ARG F 828 15.86 14.44 14.73
N GLU F 829 16.72 15.28 14.15
CA GLU F 829 17.68 16.02 14.94
C GLU F 829 16.98 17.06 15.81
N ARG F 830 15.97 17.73 15.24
CA ARG F 830 15.16 18.68 15.99
C ARG F 830 14.43 17.99 17.14
N SER F 831 13.90 16.80 16.88
CA SER F 831 13.21 16.04 17.93
C SER F 831 14.14 15.73 19.09
N LEU F 832 15.37 15.30 18.78
CA LEU F 832 16.33 15.04 19.85
C LEU F 832 16.69 16.31 20.60
N GLN F 833 16.78 17.44 19.89
CA GLN F 833 17.02 18.71 20.56
C GLN F 833 15.92 19.02 21.57
N GLN F 834 14.65 18.83 21.17
CA GLN F 834 13.55 19.05 22.11
C GLN F 834 13.63 18.08 23.28
N TYR F 835 14.03 16.83 23.03
CA TYR F 835 14.15 15.86 24.12
C TYR F 835 15.21 16.25 25.14
N HIS F 836 16.32 16.84 24.67
CA HIS F 836 17.45 17.06 25.57
C HIS F 836 17.22 18.15 26.62
N GLN F 837 16.11 18.88 26.56
CA GLN F 837 15.83 19.93 27.54
C GLN F 837 14.97 19.44 28.71
N THR F 838 14.82 18.13 28.88
CA THR F 838 13.99 17.56 29.93
C THR F 838 14.85 16.80 30.94
N SER F 839 14.27 16.55 32.12
CA SER F 839 14.96 15.85 33.18
C SER F 839 14.92 14.33 33.03
N ASP F 840 14.13 13.81 32.09
CA ASP F 840 14.04 12.38 31.86
C ASP F 840 15.32 11.83 31.20
N TYR F 841 15.93 12.66 30.36
CA TYR F 841 17.12 12.30 29.59
C TYR F 841 18.27 11.87 30.51
N GLN F 842 18.51 12.65 31.56
CA GLN F 842 19.62 12.37 32.47
C GLN F 842 19.40 11.03 33.19
N SER F 843 18.15 10.75 33.55
CA SER F 843 17.81 9.46 34.15
C SER F 843 18.13 8.31 33.21
N ALA F 844 17.78 8.45 31.93
CA ALA F 844 18.08 7.38 30.97
C ALA F 844 19.58 7.13 30.89
N VAL F 845 20.38 8.19 30.80
CA VAL F 845 21.82 8.04 30.68
C VAL F 845 22.38 7.32 31.90
N ARG F 846 21.94 7.72 33.09
CA ARG F 846 22.42 7.09 34.32
C ARG F 846 22.05 5.60 34.35
N LYS F 847 20.84 5.27 33.88
CA LYS F 847 20.43 3.86 33.83
C LYS F 847 21.40 3.04 33.00
N TYR F 848 21.75 3.52 31.81
CA TYR F 848 22.66 2.74 30.97
C TYR F 848 24.05 2.62 31.59
N ILE F 849 24.55 3.69 32.23
CA ILE F 849 25.87 3.58 32.87
C ILE F 849 25.84 2.50 33.96
N GLU F 850 24.79 2.51 34.78
CA GLU F 850 24.64 1.52 35.84
C GLU F 850 24.66 0.11 35.27
N GLN F 851 23.86 -0.13 34.23
CA GLN F 851 23.80 -1.47 33.67
C GLN F 851 25.15 -1.89 33.09
N ALA F 852 25.85 -0.97 32.42
CA ALA F 852 27.12 -1.32 31.81
C ALA F 852 28.13 -1.79 32.85
N VAL F 853 28.25 -1.06 33.96
CA VAL F 853 29.23 -1.52 34.95
C VAL F 853 28.72 -2.73 35.74
N GLY F 854 27.41 -2.88 35.90
CA GLY F 854 26.90 -4.01 36.67
C GLY F 854 27.19 -5.35 36.04
N ARG F 855 27.11 -5.44 34.72
CA ARG F 855 27.32 -6.69 34.00
C ARG F 855 28.79 -7.08 33.89
N ALA F 856 29.72 -6.18 34.24
CA ALA F 856 31.15 -6.45 34.11
C ALA F 856 31.65 -7.02 35.44
N GLY F 857 31.65 -8.35 35.53
CA GLY F 857 32.12 -9.04 36.72
C GLY F 857 31.13 -10.03 37.26
N ARG F 858 31.54 -11.31 37.33
CA ARG F 858 30.66 -12.37 37.78
C ARG F 858 31.35 -13.38 38.68
N THR F 859 32.61 -13.14 39.06
CA THR F 859 33.38 -14.07 39.87
C THR F 859 33.73 -13.44 41.21
N SER F 860 34.32 -14.25 42.08
CA SER F 860 34.84 -13.79 43.36
C SER F 860 36.34 -13.57 43.33
N LEU F 861 36.94 -13.55 42.15
CA LEU F 861 38.39 -13.41 41.99
C LEU F 861 38.67 -12.13 41.22
N LYS F 862 39.42 -11.21 41.84
CA LYS F 862 39.68 -9.90 41.27
C LYS F 862 41.16 -9.58 41.42
N ARG F 863 41.63 -8.65 40.59
CA ARG F 863 42.97 -8.12 40.71
C ARG F 863 43.00 -7.00 41.75
N LYS F 864 44.21 -6.55 42.09
CA LYS F 864 44.36 -5.47 43.06
C LYS F 864 44.17 -4.09 42.45
N GLN F 865 44.07 -3.98 41.12
CA GLN F 865 43.96 -2.70 40.44
C GLN F 865 42.88 -2.80 39.38
N ILE F 866 41.80 -2.02 39.52
CA ILE F 866 40.77 -1.96 38.49
C ILE F 866 40.66 -0.53 37.97
N LEU F 867 40.78 -0.37 36.65
CA LEU F 867 40.88 0.93 36.01
C LEU F 867 39.59 1.25 35.23
N LEU F 868 39.07 2.45 35.47
CA LEU F 868 37.84 2.92 34.85
C LEU F 868 38.10 4.27 34.21
N PHE F 869 37.92 4.34 32.89
CA PHE F 869 38.12 5.56 32.12
C PHE F 869 36.76 6.03 31.61
N VAL F 870 36.47 7.32 31.81
CA VAL F 870 35.16 7.86 31.50
C VAL F 870 35.33 9.08 30.60
N ASP F 871 34.44 9.22 29.62
CA ASP F 871 34.39 10.42 28.80
C ASP F 871 34.05 11.64 29.68
N SER F 872 34.42 12.82 29.17
CA SER F 872 34.24 14.07 29.89
C SER F 872 32.90 14.73 29.63
N GLY F 873 31.89 13.97 29.21
CA GLY F 873 30.56 14.53 29.03
C GLY F 873 29.59 14.07 30.09
N LEU F 874 30.00 13.06 30.88
CA LEU F 874 29.15 12.46 31.89
C LEU F 874 29.39 13.05 33.28
N LYS F 875 30.30 14.01 33.42
CA LYS F 875 30.71 14.47 34.75
C LYS F 875 29.56 15.14 35.49
N GLU F 876 28.93 16.13 34.85
CA GLU F 876 27.84 16.86 35.50
C GLU F 876 26.65 15.95 35.81
N ILE F 877 26.28 15.11 34.86
CA ILE F 877 25.10 14.26 35.03
C ILE F 877 25.30 13.31 36.20
N LEU F 878 26.48 12.69 36.28
CA LEU F 878 26.77 11.81 37.40
C LEU F 878 26.87 12.57 38.71
N ALA F 879 27.36 13.81 38.67
CA ALA F 879 27.39 14.62 39.88
C ALA F 879 26.00 14.98 40.38
N GLU F 880 24.98 14.89 39.52
CA GLU F 880 23.63 15.24 39.96
C GLU F 880 22.86 14.11 40.65
N GLU F 881 23.47 12.94 40.83
CA GLU F 881 22.78 11.84 41.51
C GLU F 881 22.52 12.15 42.98
N SER F 882 21.32 11.81 43.46
CA SER F 882 20.96 12.10 44.85
C SER F 882 20.14 10.99 45.52
N ARG F 883 20.15 9.77 44.99
CA ARG F 883 19.38 8.69 45.58
C ARG F 883 20.12 8.06 46.75
N ASP F 884 19.50 7.07 47.38
CA ASP F 884 20.08 6.39 48.53
C ASP F 884 21.05 5.33 48.07
N PRO F 885 22.34 5.42 48.43
CA PRO F 885 23.32 4.39 48.03
C PRO F 885 23.35 3.20 48.99
N SER F 886 22.25 2.45 49.01
CA SER F 886 22.14 1.28 49.88
C SER F 886 22.31 -0.04 49.13
N LEU F 887 21.80 -0.13 47.89
CA LEU F 887 21.90 -1.34 47.09
C LEU F 887 22.75 -1.13 45.85
N PHE F 888 23.61 -0.12 45.83
CA PHE F 888 24.45 0.15 44.68
C PHE F 888 25.59 -0.86 44.58
N SER F 889 26.20 -0.90 43.41
CA SER F 889 27.40 -1.70 43.20
C SER F 889 28.63 -0.93 43.72
N HIS F 890 29.81 -1.51 43.51
CA HIS F 890 31.03 -0.89 44.02
C HIS F 890 31.63 0.12 43.05
N GLU F 891 31.55 -0.13 41.75
CA GLU F 891 32.14 0.78 40.76
C GLU F 891 31.32 2.07 40.64
N TYR F 892 30.00 1.95 40.71
CA TYR F 892 29.12 3.09 40.52
C TYR F 892 29.32 4.14 41.62
N VAL F 893 29.50 3.67 42.86
CA VAL F 893 29.76 4.58 43.97
C VAL F 893 31.05 5.36 43.74
N ALA F 894 32.08 4.68 43.23
CA ALA F 894 33.34 5.35 42.93
C ALA F 894 33.14 6.44 41.89
N LEU F 895 32.38 6.13 40.82
CA LEU F 895 32.12 7.14 39.80
C LEU F 895 31.41 8.36 40.39
N VAL F 896 30.35 8.12 41.16
CA VAL F 896 29.56 9.22 41.71
C VAL F 896 30.41 10.07 42.64
N ASN F 897 31.16 9.43 43.54
CA ASN F 897 31.97 10.17 44.50
C ASN F 897 33.06 10.97 43.81
N LYS F 898 33.70 10.39 42.79
CA LYS F 898 34.76 11.11 42.08
C LYS F 898 34.20 12.34 41.38
N ALA F 899 33.01 12.21 40.77
CA ALA F 899 32.43 13.36 40.09
C ALA F 899 31.96 14.43 41.07
N LYS F 900 31.51 14.04 42.26
CA LYS F 900 30.87 14.99 43.17
C LYS F 900 31.85 15.91 43.89
N SER F 901 33.15 15.71 43.75
CA SER F 901 34.14 16.44 44.54
C SER F 901 34.62 17.73 43.87
N ALA F 902 34.04 18.11 42.73
CA ALA F 902 34.48 19.28 41.97
C ALA F 902 33.42 20.37 42.07
N GLY F 903 33.77 21.46 42.76
CA GLY F 903 32.91 22.63 42.85
C GLY F 903 31.59 22.32 43.52
N LYS F 904 30.54 22.98 43.05
CA LYS F 904 29.19 22.75 43.57
C LYS F 904 28.21 23.10 42.47
N SER F 905 27.02 22.50 42.54
CA SER F 905 25.98 22.72 41.54
C SER F 905 24.66 23.08 42.23
N ILE F 906 24.02 24.14 41.74
CA ILE F 906 22.68 24.49 42.21
C ILE F 906 21.69 23.47 41.64
N VAL F 907 20.88 22.87 42.51
CA VAL F 907 19.91 21.86 42.10
C VAL F 907 18.52 22.44 42.23
N GLU F 908 17.83 22.59 41.11
CA GLU F 908 16.42 22.96 41.09
C GLU F 908 15.60 21.67 41.05
N ASP F 909 14.88 21.38 42.14
CA ASP F 909 14.21 20.11 42.28
C ASP F 909 13.11 19.95 41.22
N ARG F 910 12.97 18.73 40.72
CA ARG F 910 11.97 18.46 39.67
C ARG F 910 10.55 18.68 40.17
N ALA F 911 10.33 18.54 41.47
CA ALA F 911 9.00 18.77 42.03
C ALA F 911 8.50 20.18 41.72
N VAL F 912 9.36 21.18 41.94
CA VAL F 912 8.95 22.57 41.79
C VAL F 912 8.47 22.84 40.38
N ARG F 913 9.19 22.33 39.37
CA ARG F 913 8.78 22.48 37.98
C ARG F 913 7.48 21.73 37.70
N ARG F 914 7.35 20.52 38.26
CA ARG F 914 6.18 19.69 38.01
C ARG F 914 4.90 20.37 38.47
N LEU F 915 4.92 21.00 39.65
CA LEU F 915 3.70 21.65 40.15
C LEU F 915 3.19 22.71 39.17
N PHE F 916 4.07 23.59 38.69
CA PHE F 916 3.65 24.63 37.75
C PHE F 916 3.04 24.02 36.50
N ASN F 917 3.75 23.04 35.91
CA ASN F 917 3.26 22.47 34.64
C ASN F 917 1.90 21.80 34.82
N LEU F 918 1.73 21.04 35.91
CA LEU F 918 0.47 20.32 36.10
C LEU F 918 -0.69 21.26 36.39
N ALA F 919 -0.43 22.35 37.13
CA ALA F 919 -1.45 23.35 37.33
C ALA F 919 -1.94 23.90 35.99
N GLN F 920 -1.01 24.23 35.09
CA GLN F 920 -1.42 24.71 33.78
C GLN F 920 -2.27 23.68 33.05
N ARG F 921 -1.88 22.40 33.10
CA ARG F 921 -2.62 21.38 32.35
C ARG F 921 -4.06 21.26 32.83
N ASN F 922 -4.26 21.18 34.15
CA ASN F 922 -5.61 21.04 34.68
C ASN F 922 -6.48 22.25 34.31
N ASN F 923 -5.92 23.45 34.50
CA ASN F 923 -6.68 24.65 34.14
C ASN F 923 -7.05 24.64 32.66
N LYS F 924 -6.14 24.16 31.81
CA LYS F 924 -6.42 24.15 30.38
C LYS F 924 -7.59 23.22 30.06
N ASP F 925 -7.62 22.02 30.65
CA ASP F 925 -8.71 21.10 30.30
C ASP F 925 -10.07 21.64 30.75
N GLY F 926 -10.11 22.31 31.90
CA GLY F 926 -11.40 22.75 32.43
C GLY F 926 -12.20 23.61 31.45
N MET F 927 -11.52 24.60 30.85
CA MET F 927 -12.20 25.58 30.00
C MET F 927 -12.87 24.90 28.80
N LEU F 928 -12.10 24.10 28.07
CA LEU F 928 -12.61 23.46 26.86
C LEU F 928 -13.75 22.51 27.20
N SER F 929 -13.61 21.72 28.27
CA SER F 929 -14.67 20.78 28.59
C SER F 929 -15.97 21.52 28.97
N ILE F 930 -15.86 22.62 29.73
CA ILE F 930 -17.06 23.35 30.11
C ILE F 930 -17.76 23.94 28.89
N LYS F 931 -16.98 24.51 27.96
CA LYS F 931 -17.59 25.08 26.76
C LYS F 931 -18.33 24.02 25.97
N ALA F 932 -17.70 22.85 25.79
CA ALA F 932 -18.38 21.77 25.06
C ALA F 932 -19.67 21.35 25.76
N LEU F 933 -19.64 21.24 27.09
CA LEU F 933 -20.82 20.82 27.83
C LEU F 933 -21.98 21.79 27.64
N VAL F 934 -21.70 23.10 27.78
CA VAL F 934 -22.81 24.06 27.67
C VAL F 934 -23.35 24.09 26.24
N HIS F 935 -22.45 24.03 25.25
CA HIS F 935 -22.90 23.99 23.86
C HIS F 935 -23.81 22.80 23.61
N ARG F 936 -23.46 21.63 24.15
CA ARG F 936 -24.33 20.48 24.01
C ARG F 936 -25.64 20.66 24.78
N LEU F 937 -25.63 21.47 25.83
CA LEU F 937 -26.87 21.78 26.54
C LEU F 937 -27.70 22.87 25.87
N HIS F 938 -27.25 23.46 24.77
CA HIS F 938 -28.08 24.40 24.02
C HIS F 938 -28.69 23.85 22.73
N ASN F 939 -28.53 22.55 22.47
CA ASN F 939 -29.18 21.95 21.29
C ASN F 939 -30.70 21.97 21.50
N GLN F 940 -31.47 22.08 20.42
CA GLN F 940 -32.95 22.16 20.56
C GLN F 940 -33.41 21.11 21.57
N PRO F 941 -33.09 19.81 21.43
CA PRO F 941 -33.43 18.80 22.44
C PRO F 941 -32.32 18.72 23.51
N ALA F 942 -32.69 18.68 24.79
CA ALA F 942 -31.66 18.50 25.83
C ALA F 942 -31.76 17.07 26.37
N SER F 943 -30.62 16.38 26.55
CA SER F 943 -30.61 15.00 26.99
C SER F 943 -30.71 14.94 28.52
N LYS F 944 -30.60 13.72 29.07
CA LYS F 944 -30.74 13.52 30.51
C LYS F 944 -29.42 13.29 31.23
N SER F 945 -28.42 12.71 30.56
CA SER F 945 -27.11 12.57 31.18
C SER F 945 -26.48 13.93 31.44
N ASP F 946 -26.75 14.90 30.56
CA ASP F 946 -26.08 16.20 30.64
C ASP F 946 -26.51 16.98 31.87
N ILE F 947 -27.81 16.96 32.17
CA ILE F 947 -28.31 17.68 33.34
C ILE F 947 -27.76 17.05 34.61
N GLN F 948 -27.60 15.72 34.63
CA GLN F 948 -27.00 15.05 35.78
C GLN F 948 -25.55 15.49 35.97
N GLU F 949 -24.78 15.52 34.87
CA GLU F 949 -23.39 15.94 34.97
C GLU F 949 -23.29 17.40 35.41
N TRP F 950 -24.21 18.24 34.95
CA TRP F 950 -24.24 19.65 35.34
C TRP F 950 -24.52 19.81 36.83
N GLN F 951 -25.42 18.98 37.39
CA GLN F 951 -25.72 19.09 38.82
C GLN F 951 -24.56 18.59 39.68
N ASP F 952 -23.93 17.48 39.27
CA ASP F 952 -22.95 16.82 40.13
C ASP F 952 -21.76 17.72 40.46
N ILE F 953 -21.28 18.49 39.47
CA ILE F 953 -20.05 19.26 39.66
C ILE F 953 -20.25 20.33 40.74
N ARG F 954 -21.35 21.08 40.63
CA ARG F 954 -21.65 22.10 41.64
C ARG F 954 -21.87 21.48 43.01
N THR F 955 -22.62 20.37 43.07
CA THR F 955 -22.84 19.76 44.38
C THR F 955 -21.52 19.34 45.01
N GLN F 956 -20.64 18.73 44.22
CA GLN F 956 -19.35 18.26 44.72
C GLN F 956 -18.49 19.43 45.21
N LEU F 957 -18.44 20.52 44.44
CA LEU F 957 -17.63 21.65 44.86
C LEU F 957 -18.18 22.29 46.14
N LEU F 958 -19.51 22.40 46.25
CA LEU F 958 -20.07 22.97 47.48
C LEU F 958 -19.76 22.10 48.69
N ARG F 959 -19.88 20.78 48.57
CA ARG F 959 -19.59 19.93 49.72
C ARG F 959 -18.11 19.91 50.07
N TYR F 960 -17.23 19.81 49.06
CA TYR F 960 -15.78 19.71 49.27
C TYR F 960 -15.06 20.76 48.44
N PRO F 961 -15.02 22.01 48.91
CA PRO F 961 -14.25 23.04 48.18
C PRO F 961 -12.76 22.85 48.27
N THR F 962 -12.26 22.05 49.22
CA THR F 962 -10.82 21.86 49.39
C THR F 962 -10.59 20.51 50.06
N VAL F 963 -10.11 19.54 49.27
CA VAL F 963 -9.88 18.19 49.76
C VAL F 963 -8.49 18.11 50.39
N ALA F 964 -8.22 17.04 51.13
CA ALA F 964 -6.94 16.84 51.80
C ALA F 964 -6.04 15.89 51.02
N PHE F 965 -6.52 14.67 50.77
CA PHE F 965 -5.73 13.67 50.04
C PHE F 965 -5.84 13.92 48.54
N GLN F 966 -5.33 12.97 47.75
CA GLN F 966 -5.42 13.08 46.30
C GLN F 966 -6.80 12.64 45.85
N PRO F 967 -7.59 13.51 45.22
CA PRO F 967 -8.90 13.09 44.71
C PRO F 967 -8.76 12.03 43.63
N GLU F 968 -9.73 11.11 43.61
CA GLU F 968 -9.71 9.98 42.69
C GLU F 968 -10.68 10.15 41.53
N ARG F 969 -11.92 10.56 41.80
CA ARG F 969 -12.93 10.65 40.75
C ARG F 969 -12.93 12.04 40.10
N PHE F 970 -13.12 13.09 40.90
CA PHE F 970 -13.06 14.46 40.40
C PHE F 970 -11.62 14.96 40.57
N ASN F 971 -10.77 14.58 39.62
CA ASN F 971 -9.35 14.87 39.71
C ASN F 971 -8.92 16.12 38.95
N ARG F 972 -9.49 16.39 37.78
CA ARG F 972 -9.15 17.61 37.05
C ARG F 972 -10.06 18.77 37.43
N LEU F 973 -10.22 18.95 38.75
CA LEU F 973 -10.83 20.14 39.34
C LEU F 973 -9.98 20.75 40.44
N TYR F 974 -8.97 20.04 40.94
CA TYR F 974 -8.19 20.46 42.09
C TYR F 974 -6.73 20.59 41.68
N LEU F 975 -6.09 21.67 42.10
CA LEU F 975 -4.67 21.87 41.85
C LEU F 975 -3.93 21.94 43.18
N GLN F 976 -2.67 21.53 43.16
CA GLN F 976 -1.83 21.51 44.35
C GLN F 976 -1.02 22.80 44.40
N SER F 977 -1.19 23.55 45.48
CA SER F 977 -0.48 24.81 45.69
C SER F 977 0.58 24.64 46.76
N MET F 978 1.68 25.40 46.61
CA MET F 978 2.76 25.33 47.59
C MET F 978 2.28 25.78 48.97
N THR F 979 1.59 26.92 49.02
CA THR F 979 0.94 27.34 50.25
C THR F 979 -0.35 26.55 50.45
N LYS F 980 -0.81 26.51 51.68
CA LYS F 980 -1.93 25.66 52.09
C LYS F 980 -3.13 26.55 52.39
N GLY F 981 -3.93 26.82 51.36
CA GLY F 981 -5.15 27.58 51.53
C GLY F 981 -5.45 28.65 50.51
N TYR F 982 -4.43 29.10 49.76
CA TYR F 982 -4.61 30.22 48.84
C TYR F 982 -3.53 30.16 47.76
N TYR F 983 -3.82 30.80 46.63
CA TYR F 983 -2.80 30.93 45.59
C TYR F 983 -3.16 32.10 44.67
N ARG F 984 -2.13 32.64 44.02
CA ARG F 984 -2.27 33.83 43.18
C ARG F 984 -1.96 33.49 41.72
N TYR F 985 -2.76 34.05 40.82
CA TYR F 985 -2.62 33.81 39.39
C TYR F 985 -2.84 35.12 38.64
N GLN F 986 -2.64 35.06 37.33
CA GLN F 986 -2.93 36.21 36.46
C GLN F 986 -3.11 35.71 35.04
N GLY F 987 -4.27 35.99 34.45
CA GLY F 987 -4.54 35.56 33.10
C GLY F 987 -5.87 36.08 32.62
N ASN F 988 -6.31 35.53 31.48
CA ASN F 988 -7.60 35.88 30.89
C ASN F 988 -8.40 34.61 30.69
N LEU F 989 -9.66 34.64 31.13
CA LEU F 989 -10.53 33.46 31.08
C LEU F 989 -11.37 33.39 29.82
N ASP F 990 -11.13 34.29 28.85
CA ASP F 990 -11.86 34.29 27.58
C ASP F 990 -10.91 34.44 26.40
N GLY F 991 -9.68 33.95 26.54
CA GLY F 991 -8.70 34.07 25.48
C GLY F 991 -7.90 32.80 25.25
N ASP F 992 -6.58 32.91 25.24
CA ASP F 992 -5.71 31.77 25.00
C ASP F 992 -5.41 31.08 26.33
N PRO F 993 -5.81 29.83 26.51
CA PRO F 993 -5.51 29.13 27.77
C PRO F 993 -4.02 28.94 28.03
N ASN F 994 -3.19 28.95 26.99
CA ASN F 994 -1.76 28.73 27.15
C ASN F 994 -1.02 30.06 27.35
N SER F 995 -1.51 30.87 28.29
CA SER F 995 -0.84 32.12 28.66
C SER F 995 -0.88 32.37 30.15
N PHE F 996 -1.35 31.41 30.94
CA PHE F 996 -1.52 31.60 32.38
C PHE F 996 -0.19 31.45 33.11
N GLU F 997 -0.12 32.04 34.30
CA GLU F 997 1.03 31.92 35.17
C GLU F 997 0.57 31.94 36.61
N PHE F 998 1.27 31.19 37.47
CA PHE F 998 0.83 30.96 38.84
C PHE F 998 1.98 31.21 39.80
N PHE F 999 1.63 31.38 41.08
CA PHE F 999 2.55 31.37 42.22
C PHE F 999 3.52 32.56 42.16
N ASP F 1000 4.73 32.35 42.68
CA ASP F 1000 5.69 33.42 42.93
C ASP F 1000 6.02 34.19 41.66
N ARG F 1001 5.95 33.53 40.50
CA ARG F 1001 6.24 34.20 39.23
C ARG F 1001 5.30 35.37 38.99
N VAL F 1002 4.10 35.33 39.58
CA VAL F 1002 3.17 36.45 39.55
C VAL F 1002 2.83 36.84 40.99
N PRO F 1003 3.54 37.80 41.58
CA PRO F 1003 3.24 38.22 42.96
C PRO F 1003 2.27 39.38 43.09
N TYR F 1004 1.62 39.81 41.99
CA TYR F 1004 0.70 40.93 42.04
C TYR F 1004 -0.60 40.64 41.28
N GLY F 1005 -0.90 39.37 41.02
CA GLY F 1005 -2.09 39.00 40.29
C GLY F 1005 -3.30 38.81 41.20
N ASP F 1006 -4.39 38.37 40.58
CA ASP F 1006 -5.61 38.05 41.31
C ASP F 1006 -5.37 36.87 42.25
N MET F 1007 -6.21 36.79 43.28
CA MET F 1007 -6.05 35.80 44.34
C MET F 1007 -7.24 34.86 44.36
N VAL F 1008 -6.96 33.57 44.56
CA VAL F 1008 -7.97 32.55 44.83
C VAL F 1008 -7.77 32.10 46.27
N SER F 1009 -8.79 32.35 47.09
CA SER F 1009 -8.72 32.11 48.53
C SER F 1009 -10.15 32.19 49.08
N GLU F 1010 -10.25 32.08 50.41
CA GLU F 1010 -11.55 32.04 51.07
C GLU F 1010 -12.15 33.43 51.27
N GLU F 1011 -11.33 34.47 51.35
CA GLU F 1011 -11.84 35.81 51.63
C GLU F 1011 -12.50 36.46 50.43
N ASP F 1012 -12.26 35.98 49.22
CA ASP F 1012 -12.77 36.62 48.01
C ASP F 1012 -14.18 36.19 47.65
N CYS F 1013 -14.72 35.14 48.29
CA CYS F 1013 -16.11 34.76 48.09
C CYS F 1013 -17.03 35.32 49.16
N SER F 1014 -16.48 35.98 50.18
CA SER F 1014 -17.26 36.57 51.27
C SER F 1014 -18.16 35.52 51.92
N LEU F 1015 -17.65 34.29 52.04
CA LEU F 1015 -18.42 33.21 52.63
C LEU F 1015 -18.69 33.45 54.10
N ALA F 1016 -17.82 34.22 54.77
CA ALA F 1016 -18.08 34.58 56.17
C ALA F 1016 -19.40 35.30 56.31
N THR F 1017 -19.55 36.43 55.62
CA THR F 1017 -20.79 37.21 55.67
C THR F 1017 -21.90 36.60 54.81
N LEU F 1018 -21.60 35.61 53.99
CA LEU F 1018 -22.64 34.98 53.18
C LEU F 1018 -23.56 34.11 54.01
N VAL F 1019 -23.01 33.41 55.01
CA VAL F 1019 -23.78 32.48 55.83
C VAL F 1019 -24.18 33.09 57.16
N GLN F 1020 -23.99 34.39 57.33
CA GLN F 1020 -24.39 35.07 58.56
C GLN F 1020 -25.85 35.51 58.55
N ASN F 1021 -26.58 35.23 57.48
CA ASN F 1021 -28.01 35.52 57.46
C ASN F 1021 -28.78 34.44 58.22
N GLN F 1022 -29.93 34.83 58.78
CA GLN F 1022 -30.69 33.93 59.63
C GLN F 1022 -31.49 32.90 58.84
N TYR F 1023 -31.91 33.23 57.62
CA TYR F 1023 -32.70 32.32 56.79
C TYR F 1023 -31.86 31.56 55.76
N VAL F 1024 -30.53 31.66 55.83
CA VAL F 1024 -29.65 31.02 54.90
C VAL F 1024 -28.77 29.96 55.57
N ARG F 1025 -28.30 30.24 56.78
CA ARG F 1025 -27.41 29.31 57.49
C ARG F 1025 -28.01 27.93 57.70
N PRO F 1026 -29.26 27.77 58.18
CA PRO F 1026 -29.78 26.40 58.37
C PRO F 1026 -29.75 25.56 57.12
N TRP F 1027 -30.05 26.18 55.97
CA TRP F 1027 -30.06 25.44 54.71
C TRP F 1027 -28.67 24.91 54.40
N PHE F 1028 -27.65 25.74 54.58
CA PHE F 1028 -26.28 25.31 54.34
C PHE F 1028 -25.88 24.18 55.28
N GLU F 1029 -26.23 24.29 56.56
CA GLU F 1029 -25.80 23.26 57.50
C GLU F 1029 -26.50 21.94 57.26
N ARG F 1030 -27.77 21.96 56.84
CA ARG F 1030 -28.51 20.71 56.70
C ARG F 1030 -27.94 19.84 55.58
N LYS F 1031 -27.70 20.43 54.41
CA LYS F 1031 -27.26 19.68 53.24
C LYS F 1031 -25.75 19.46 53.19
N GLY F 1032 -25.05 19.67 54.31
CA GLY F 1032 -23.62 19.43 54.35
C GLY F 1032 -22.82 20.35 53.43
N PHE F 1033 -23.18 21.63 53.39
CA PHE F 1033 -22.48 22.62 52.58
C PHE F 1033 -21.50 23.36 53.48
N ALA F 1034 -20.20 23.13 53.25
CA ALA F 1034 -19.18 23.68 54.13
C ALA F 1034 -19.20 25.19 54.14
N CYS F 1035 -19.13 25.77 55.34
CA CYS F 1035 -19.06 27.21 55.52
C CYS F 1035 -17.64 27.67 55.87
N SER F 1036 -16.64 26.87 55.53
CA SER F 1036 -15.25 27.20 55.81
C SER F 1036 -14.38 26.51 54.77
N TRP F 1037 -13.11 26.90 54.74
CA TRP F 1037 -12.12 26.34 53.82
C TRP F 1037 -11.05 25.65 54.64
N GLN F 1038 -11.11 24.32 54.71
CA GLN F 1038 -10.05 23.56 55.38
C GLN F 1038 -8.72 23.80 54.69
N LYS F 1039 -7.73 24.21 55.48
CA LYS F 1039 -6.41 24.51 54.94
C LYS F 1039 -5.71 23.21 54.60
N GLU F 1040 -5.80 22.78 53.35
CA GLU F 1040 -5.08 21.65 52.81
C GLU F 1040 -4.48 22.04 51.46
N ALA F 1041 -3.61 21.20 50.93
CA ALA F 1041 -2.87 21.55 49.72
C ALA F 1041 -3.60 21.11 48.45
N ASN F 1042 -4.89 21.45 48.38
CA ASN F 1042 -5.72 21.18 47.21
C ASN F 1042 -6.82 22.25 47.16
N VAL F 1043 -6.73 23.14 46.17
CA VAL F 1043 -7.73 24.17 45.95
C VAL F 1043 -8.32 23.96 44.56
N MET F 1044 -9.46 24.60 44.30
CA MET F 1044 -10.09 24.50 42.99
C MET F 1044 -9.39 25.41 41.99
N THR F 1045 -9.39 24.98 40.72
CA THR F 1045 -8.73 25.71 39.66
C THR F 1045 -9.45 27.03 39.36
N PRO F 1046 -8.74 28.01 38.79
CA PRO F 1046 -9.36 29.33 38.55
C PRO F 1046 -10.50 29.32 37.55
N ILE F 1047 -10.72 28.20 36.84
CA ILE F 1047 -11.86 28.15 35.91
C ILE F 1047 -13.13 27.74 36.65
N MET F 1048 -13.03 26.95 37.71
CA MET F 1048 -14.18 26.48 38.45
C MET F 1048 -14.51 27.36 39.65
N PHE F 1049 -13.79 28.46 39.84
CA PHE F 1049 -14.00 29.34 40.98
C PHE F 1049 -14.74 30.63 40.61
N THR F 1050 -14.82 30.95 39.32
CA THR F 1050 -15.49 32.17 38.86
C THR F 1050 -16.76 31.90 38.08
N ASN F 1051 -16.80 30.83 37.28
CA ASN F 1051 -17.95 30.52 36.46
C ASN F 1051 -18.83 29.41 37.02
N ILE F 1052 -18.42 28.75 38.10
CA ILE F 1052 -19.19 27.64 38.66
C ILE F 1052 -19.54 27.90 40.12
N TYR F 1053 -18.52 28.06 40.96
CA TYR F 1053 -18.75 28.26 42.39
C TYR F 1053 -19.61 29.49 42.66
N LYS F 1054 -19.37 30.58 41.92
CA LYS F 1054 -19.94 31.86 42.27
C LYS F 1054 -21.46 31.85 42.05
N GLY F 1055 -21.86 31.43 40.84
CA GLY F 1055 -23.24 31.24 40.47
C GLY F 1055 -23.95 30.34 41.45
N ALA F 1056 -23.56 29.07 41.52
CA ALA F 1056 -24.22 28.11 42.40
C ALA F 1056 -24.25 28.55 43.85
N LEU F 1057 -23.30 29.40 44.26
CA LEU F 1057 -23.31 29.89 45.63
C LEU F 1057 -24.46 30.88 45.84
N GLY F 1058 -24.63 31.85 44.94
CA GLY F 1058 -25.72 32.81 45.11
C GLY F 1058 -27.08 32.29 44.71
N GLU F 1059 -27.11 31.37 43.74
CA GLU F 1059 -28.35 30.88 43.17
C GLU F 1059 -29.22 30.24 44.23
N GLN F 1060 -28.60 29.48 45.14
CA GLN F 1060 -29.31 28.77 46.17
C GLN F 1060 -29.58 29.65 47.39
N ALA F 1061 -28.80 30.73 47.58
CA ALA F 1061 -29.17 31.74 48.56
C ALA F 1061 -30.45 32.44 48.17
N VAL F 1062 -30.74 32.52 46.86
CA VAL F 1062 -32.04 33.03 46.44
C VAL F 1062 -33.17 32.15 47.00
N GLU F 1063 -33.01 30.83 46.89
CA GLU F 1063 -34.02 29.83 47.25
C GLU F 1063 -34.22 29.71 48.76
N ALA F 1064 -33.54 30.51 49.57
CA ALA F 1064 -33.78 30.52 51.01
C ALA F 1064 -34.61 31.73 51.42
N VAL F 1065 -34.12 32.93 51.08
CA VAL F 1065 -34.82 34.16 51.45
C VAL F 1065 -36.16 34.24 50.72
N LEU F 1066 -36.24 33.79 49.46
CA LEU F 1066 -37.53 33.83 48.80
C LEU F 1066 -38.47 32.75 49.33
N THR F 1067 -37.95 31.58 49.67
CA THR F 1067 -38.80 30.47 50.07
C THR F 1067 -39.36 30.62 51.48
N ALA F 1068 -38.60 31.25 52.39
CA ALA F 1068 -39.09 31.38 53.76
C ALA F 1068 -40.39 32.18 53.82
N PHE F 1069 -40.50 33.24 53.02
CA PHE F 1069 -41.73 34.04 52.94
C PHE F 1069 -42.51 33.60 51.71
N ASP F 1070 -43.20 32.47 51.84
CA ASP F 1070 -44.02 31.89 50.76
C ASP F 1070 -43.11 31.58 49.57
N PHE F 1071 -43.67 31.58 48.36
CA PHE F 1071 -42.97 31.31 47.11
C PHE F 1071 -42.61 29.82 47.01
N THR F 1072 -42.72 29.24 45.81
CA THR F 1072 -42.44 27.84 45.58
C THR F 1072 -41.56 27.70 44.34
N PHE F 1073 -40.63 26.75 44.38
CA PHE F 1073 -39.64 26.59 43.32
C PHE F 1073 -39.91 25.31 42.54
N GLU F 1074 -39.40 25.26 41.31
CA GLU F 1074 -39.65 24.15 40.40
C GLU F 1074 -38.44 23.97 39.48
N GLU F 1075 -38.64 23.24 38.38
CA GLU F 1075 -37.56 22.85 37.47
C GLU F 1075 -37.92 23.22 36.04
N VAL F 1076 -36.88 23.38 35.23
CA VAL F 1076 -37.03 23.91 33.86
C VAL F 1076 -37.53 22.79 32.95
N PRO F 1077 -38.58 23.03 32.13
CA PRO F 1077 -39.19 21.96 31.32
C PRO F 1077 -38.42 21.59 30.05
N ASN F 1078 -37.10 21.40 30.21
CA ASN F 1078 -36.22 20.71 29.27
C ASN F 1078 -36.10 21.49 27.95
N SER F 1079 -36.73 22.65 27.82
CA SER F 1079 -36.69 23.39 26.57
C SER F 1079 -35.97 24.73 26.67
N ILE F 1080 -35.78 25.28 27.87
CA ILE F 1080 -35.14 26.58 28.05
C ILE F 1080 -34.03 26.46 29.08
N TYR F 1081 -33.48 25.25 29.22
CA TYR F 1081 -32.51 24.99 30.28
C TYR F 1081 -31.23 25.78 30.03
N GLU F 1082 -30.68 26.35 31.12
CA GLU F 1082 -29.49 27.18 31.14
C GLU F 1082 -29.73 28.56 30.53
N ARG F 1083 -30.91 28.79 29.97
CA ARG F 1083 -31.33 30.13 29.60
C ARG F 1083 -32.04 30.84 30.74
N PHE F 1084 -32.43 30.11 31.78
CA PHE F 1084 -33.02 30.70 32.98
C PHE F 1084 -32.72 29.77 34.15
N ASP F 1085 -32.81 30.32 35.36
CA ASP F 1085 -32.39 29.57 36.54
C ASP F 1085 -33.47 28.59 36.99
N ASN F 1086 -34.62 29.11 37.41
CA ASN F 1086 -35.71 28.29 37.92
C ASN F 1086 -37.05 28.96 37.62
N ARG F 1087 -38.11 28.23 37.96
CA ARG F 1087 -39.49 28.66 37.82
C ARG F 1087 -40.12 28.77 39.21
N VAL F 1088 -40.90 29.82 39.43
CA VAL F 1088 -41.49 30.08 40.74
C VAL F 1088 -43.02 30.12 40.62
N ILE F 1089 -43.69 29.50 41.60
CA ILE F 1089 -45.14 29.44 41.67
C ILE F 1089 -45.57 29.87 43.07
N PHE F 1090 -46.59 30.72 43.14
CA PHE F 1090 -47.07 31.19 44.44
C PHE F 1090 -48.52 31.64 44.33
N ALA F 1091 -49.36 31.08 45.21
CA ALA F 1091 -50.73 31.57 45.44
C ALA F 1091 -51.54 31.61 44.13
N GLY F 1092 -51.39 30.59 43.29
CA GLY F 1092 -52.15 30.48 42.07
C GLY F 1092 -52.07 31.71 41.18
N ILE F 1093 -50.87 31.98 40.66
CA ILE F 1093 -50.62 33.15 39.83
C ILE F 1093 -50.43 32.69 38.40
N GLU F 1094 -51.09 33.37 37.46
CA GLU F 1094 -51.02 33.02 36.05
C GLU F 1094 -49.67 33.47 35.49
N GLN F 1095 -49.54 33.43 34.15
CA GLN F 1095 -48.36 33.87 33.41
C GLN F 1095 -47.08 33.34 34.04
N PRO F 1096 -46.80 32.03 33.85
CA PRO F 1096 -45.71 31.35 34.59
C PRO F 1096 -44.43 32.15 34.73
N ILE F 1097 -43.87 32.15 35.94
CA ILE F 1097 -42.85 33.11 36.34
C ILE F 1097 -41.49 32.43 36.37
N TRP F 1098 -40.51 33.07 35.72
CA TRP F 1098 -39.13 32.60 35.64
C TRP F 1098 -38.20 33.58 36.33
N LEU F 1099 -37.09 33.09 36.87
CA LEU F 1099 -36.13 34.00 37.50
C LEU F 1099 -34.71 33.66 37.06
N ASP F 1100 -33.77 34.54 37.44
CA ASP F 1100 -32.36 34.38 37.12
C ASP F 1100 -31.53 35.18 38.13
N SER F 1101 -30.23 34.89 38.19
CA SER F 1101 -29.37 35.43 39.24
C SER F 1101 -27.97 35.71 38.70
N LYS F 1102 -27.25 36.60 39.42
CA LYS F 1102 -25.87 36.99 39.06
C LYS F 1102 -24.99 37.15 40.32
N TYR F 1103 -25.28 36.36 41.36
CA TYR F 1103 -24.65 36.27 42.67
C TYR F 1103 -24.53 37.68 43.25
N TRP F 1104 -23.33 38.30 43.18
CA TRP F 1104 -23.08 39.60 43.80
C TRP F 1104 -23.36 40.69 42.77
N LYS F 1105 -22.84 41.89 43.03
CA LYS F 1105 -22.87 42.96 42.03
C LYS F 1105 -21.90 42.61 40.90
N HIS F 1106 -22.27 41.60 40.11
CA HIS F 1106 -21.54 41.18 38.91
C HIS F 1106 -22.34 41.62 37.70
N GLU F 1107 -21.67 42.26 36.75
CA GLU F 1107 -22.32 42.81 35.57
C GLU F 1107 -21.91 42.05 34.33
N GLY F 1108 -22.87 41.85 33.43
CA GLY F 1108 -22.60 41.20 32.15
C GLY F 1108 -23.13 42.05 31.01
N ASN F 1109 -22.33 42.16 29.95
CA ASN F 1109 -22.67 42.98 28.80
C ASN F 1109 -23.57 42.22 27.82
N GLU F 1110 -24.74 41.82 28.33
CA GLU F 1110 -25.75 41.16 27.51
C GLU F 1110 -27.03 41.99 27.43
N SER F 1111 -26.97 43.28 27.79
CA SER F 1111 -28.12 44.17 27.65
C SER F 1111 -28.47 44.43 26.19
N SER F 1112 -27.61 44.02 25.27
CA SER F 1112 -27.86 44.13 23.83
C SER F 1112 -28.79 43.00 23.39
N GLU F 1113 -28.81 42.73 22.08
CA GLU F 1113 -29.77 41.80 21.48
C GLU F 1113 -29.91 40.47 22.22
N GLY F 1114 -28.93 40.10 23.05
CA GLY F 1114 -29.00 38.80 23.72
C GLY F 1114 -30.18 38.68 24.67
N TYR F 1115 -30.36 39.67 25.55
CA TYR F 1115 -31.48 39.65 26.49
C TYR F 1115 -32.81 39.67 25.76
N SER F 1116 -32.92 40.52 24.74
CA SER F 1116 -34.15 40.60 23.96
C SER F 1116 -34.44 39.27 23.26
N SER F 1117 -33.41 38.61 22.74
CA SER F 1117 -33.59 37.31 22.11
C SER F 1117 -34.10 36.27 23.10
N LYS F 1118 -33.54 36.28 24.32
CA LYS F 1118 -34.01 35.35 25.35
C LYS F 1118 -35.49 35.57 25.63
N ILE F 1119 -35.88 36.83 25.88
CA ILE F 1119 -37.28 37.13 26.19
C ILE F 1119 -38.18 36.74 25.03
N ALA F 1120 -37.77 37.08 23.80
CA ALA F 1120 -38.56 36.77 22.63
C ALA F 1120 -38.78 35.27 22.50
N LEU F 1121 -37.71 34.48 22.61
CA LEU F 1121 -37.82 33.03 22.44
C LEU F 1121 -38.72 32.43 23.50
N VAL F 1122 -38.61 32.88 24.75
CA VAL F 1122 -39.46 32.34 25.81
C VAL F 1122 -40.92 32.65 25.52
N GLU F 1123 -41.21 33.90 25.17
CA GLU F 1123 -42.60 34.31 24.98
C GLU F 1123 -43.23 33.77 23.70
N GLU F 1124 -42.42 33.43 22.69
CA GLU F 1124 -43.01 32.96 21.43
C GLU F 1124 -43.72 31.63 21.60
N GLU F 1125 -43.28 30.79 22.54
CA GLU F 1125 -43.91 29.49 22.74
C GLU F 1125 -44.67 29.40 24.05
N PHE F 1126 -44.08 29.84 25.16
CA PHE F 1126 -44.80 29.68 26.42
C PHE F 1126 -45.84 30.78 26.66
N GLY F 1127 -45.90 31.80 25.81
CA GLY F 1127 -46.84 32.87 25.98
C GLY F 1127 -46.30 33.96 26.88
N PRO F 1128 -47.21 34.76 27.45
CA PRO F 1128 -46.77 35.83 28.37
C PRO F 1128 -46.02 35.27 29.56
N SER F 1129 -45.01 36.02 30.00
CA SER F 1129 -44.13 35.58 31.08
C SER F 1129 -43.72 36.77 31.92
N LYS F 1130 -43.33 36.49 33.16
CA LYS F 1130 -42.78 37.48 34.08
C LYS F 1130 -41.39 37.06 34.53
N PHE F 1131 -40.52 38.06 34.71
CA PHE F 1131 -39.10 37.81 34.95
C PHE F 1131 -38.63 38.58 36.19
N ILE F 1132 -37.94 37.86 37.08
CA ILE F 1132 -37.47 38.37 38.36
C ILE F 1132 -35.95 38.33 38.32
N TYR F 1133 -35.32 39.45 38.03
CA TYR F 1133 -33.87 39.59 38.13
C TYR F 1133 -33.51 40.22 39.48
N VAL F 1134 -32.72 39.49 40.26
CA VAL F 1134 -32.37 39.88 41.62
C VAL F 1134 -30.92 39.51 41.87
N ASN F 1135 -30.28 40.23 42.77
CA ASN F 1135 -28.92 39.96 43.19
C ASN F 1135 -28.88 39.77 44.71
N ALA F 1136 -27.67 39.64 45.24
CA ALA F 1136 -27.47 39.47 46.67
C ALA F 1136 -26.07 39.95 47.01
N LEU F 1137 -25.81 40.10 48.31
CA LEU F 1137 -24.51 40.56 48.81
C LEU F 1137 -24.12 41.90 48.21
N GLY F 1138 -25.09 42.78 48.05
CA GLY F 1138 -24.85 44.10 47.49
C GLY F 1138 -25.40 45.22 48.35
N ASP F 1139 -25.37 46.45 47.83
CA ASP F 1139 -25.84 47.60 48.57
C ASP F 1139 -27.37 47.63 48.56
N THR F 1140 -27.97 47.51 49.75
CA THR F 1140 -29.43 47.55 49.87
C THR F 1140 -29.90 48.96 50.22
N SER F 1141 -29.57 49.90 49.34
CA SER F 1141 -30.00 51.29 49.51
C SER F 1141 -30.45 51.93 48.20
N LYS F 1142 -30.49 51.18 47.10
CA LYS F 1142 -30.85 51.66 45.77
C LYS F 1142 -32.33 51.39 45.48
N PRO F 1143 -32.95 52.19 44.63
CA PRO F 1143 -34.35 51.92 44.26
C PRO F 1143 -34.45 50.72 43.33
N ILE F 1144 -35.70 50.33 43.05
CA ILE F 1144 -35.98 49.14 42.27
C ILE F 1144 -36.16 49.54 40.81
N ARG F 1145 -35.55 48.80 39.89
CA ARG F 1145 -35.60 49.15 38.48
C ARG F 1145 -36.60 48.24 37.76
N TYR F 1146 -37.68 48.83 37.24
CA TYR F 1146 -38.70 48.08 36.50
C TYR F 1146 -38.47 48.27 35.01
N LEU F 1147 -37.69 47.35 34.43
CA LEU F 1147 -37.39 47.47 33.01
C LEU F 1147 -38.50 46.82 32.18
N ASN F 1148 -38.77 47.44 31.03
CA ASN F 1148 -39.75 46.95 30.08
C ASN F 1148 -39.11 45.82 29.26
N SER F 1149 -39.76 45.45 28.17
CA SER F 1149 -39.23 44.38 27.32
C SER F 1149 -37.84 44.74 26.80
N CYS F 1150 -37.64 45.99 26.39
CA CYS F 1150 -36.32 46.49 26.03
C CYS F 1150 -35.64 47.03 27.29
N PHE F 1151 -34.56 47.79 27.12
CA PHE F 1151 -33.92 48.47 28.24
C PHE F 1151 -34.36 49.91 28.38
N VAL F 1152 -35.54 50.26 27.86
CA VAL F 1152 -36.13 51.58 28.04
C VAL F 1152 -37.02 51.48 29.28
N GLU F 1153 -36.52 51.95 30.42
CA GLU F 1153 -37.23 51.80 31.67
C GLU F 1153 -38.57 52.55 31.64
N THR F 1154 -39.64 51.81 31.90
CA THR F 1154 -40.99 52.35 31.85
C THR F 1154 -41.53 52.56 33.26
N SER F 1155 -42.81 52.87 33.36
CA SER F 1155 -43.47 53.07 34.64
C SER F 1155 -43.54 51.76 35.41
N PRO F 1156 -43.70 51.82 36.74
CA PRO F 1156 -43.70 50.58 37.53
C PRO F 1156 -44.78 49.58 37.14
N GLN F 1157 -45.98 50.05 36.82
CA GLN F 1157 -47.11 49.15 36.60
C GLN F 1157 -47.03 48.43 35.26
N LEU F 1158 -46.60 49.11 34.20
CA LEU F 1158 -46.57 48.53 32.86
C LEU F 1158 -45.20 47.94 32.53
N ALA F 1159 -44.69 47.07 33.39
CA ALA F 1159 -43.37 46.49 33.22
C ALA F 1159 -43.47 44.97 33.17
N LYS F 1160 -42.44 44.36 32.58
CA LYS F 1160 -42.33 42.91 32.50
C LYS F 1160 -41.17 42.33 33.29
N VAL F 1161 -40.10 43.09 33.54
CA VAL F 1161 -38.96 42.54 34.26
C VAL F 1161 -38.65 43.42 35.47
N ILE F 1162 -38.51 42.78 36.64
CA ILE F 1162 -38.20 43.48 37.89
C ILE F 1162 -36.74 43.24 38.25
N GLU F 1163 -36.00 44.30 38.53
CA GLU F 1163 -34.60 44.20 38.94
C GLU F 1163 -34.45 44.80 40.34
N ILE F 1164 -33.95 43.97 41.26
CA ILE F 1164 -33.71 44.36 42.64
C ILE F 1164 -32.21 44.55 42.85
N PRO F 1165 -31.77 45.64 43.50
CA PRO F 1165 -30.33 45.80 43.75
C PRO F 1165 -29.74 44.70 44.61
N ALA F 1166 -30.30 44.48 45.80
CA ALA F 1166 -29.82 43.43 46.69
C ALA F 1166 -30.87 43.15 47.75
N LEU F 1167 -30.76 41.97 48.37
CA LEU F 1167 -31.62 41.56 49.46
C LEU F 1167 -30.87 41.40 50.77
N ILE F 1168 -29.70 40.77 50.76
CA ILE F 1168 -28.87 40.59 51.94
C ILE F 1168 -27.65 41.49 51.78
N ASP F 1169 -27.59 42.53 52.61
CA ASP F 1169 -26.48 43.48 52.52
C ASP F 1169 -25.20 42.85 53.06
N ASP F 1170 -24.06 43.38 52.59
CA ASP F 1170 -22.76 42.88 53.01
C ASP F 1170 -22.28 43.46 54.34
N SER F 1171 -22.98 44.45 54.88
CA SER F 1171 -22.57 45.05 56.15
C SER F 1171 -22.62 44.04 57.28
N ASN F 1172 -23.83 43.56 57.60
CA ASN F 1172 -24.00 42.54 58.63
C ASN F 1172 -25.08 41.52 58.26
N ALA F 1173 -25.35 41.35 56.97
CA ALA F 1173 -26.29 40.34 56.46
C ALA F 1173 -27.70 40.55 57.01
N ASP F 1174 -28.29 41.69 56.67
CA ASP F 1174 -29.70 41.95 56.95
C ASP F 1174 -30.57 41.33 55.87
N THR F 1175 -31.87 41.64 55.91
CA THR F 1175 -32.84 41.21 54.92
C THR F 1175 -33.61 42.42 54.43
N ASN F 1176 -33.65 42.62 53.12
CA ASN F 1176 -34.36 43.75 52.52
C ASN F 1176 -35.84 43.37 52.39
N ARG F 1177 -36.54 43.43 53.53
CA ARG F 1177 -37.95 43.07 53.53
C ARG F 1177 -38.79 44.03 52.71
N THR F 1178 -38.34 45.29 52.57
CA THR F 1178 -39.04 46.23 51.71
C THR F 1178 -39.06 45.75 50.27
N ALA F 1179 -37.93 45.24 49.78
CA ALA F 1179 -37.86 44.72 48.43
C ALA F 1179 -38.78 43.52 48.24
N VAL F 1180 -38.83 42.63 49.24
CA VAL F 1180 -39.70 41.47 49.15
C VAL F 1180 -41.16 41.89 49.12
N GLN F 1181 -41.54 42.84 49.97
CA GLN F 1181 -42.91 43.33 49.97
C GLN F 1181 -43.28 43.96 48.63
N GLU F 1182 -42.38 44.77 48.06
CA GLU F 1182 -42.64 45.36 46.76
C GLU F 1182 -42.73 44.29 45.67
N LEU F 1183 -41.90 43.26 45.76
CA LEU F 1183 -41.94 42.17 44.78
C LEU F 1183 -43.27 41.45 44.84
N ILE F 1184 -43.78 41.20 46.04
CA ILE F 1184 -45.12 40.61 46.16
C ILE F 1184 -46.16 41.55 45.58
N LYS F 1185 -46.02 42.85 45.83
CA LYS F 1185 -47.01 43.81 45.33
C LYS F 1185 -47.06 43.82 43.80
N TRP F 1186 -45.90 43.83 43.15
CA TRP F 1186 -45.88 43.87 41.68
C TRP F 1186 -46.46 42.60 41.08
N LEU F 1187 -46.09 41.44 41.62
CA LEU F 1187 -46.58 40.15 41.12
C LEU F 1187 -47.88 39.76 41.83
N HIS F 1188 -48.88 40.62 41.69
CA HIS F 1188 -50.14 40.40 42.39
C HIS F 1188 -51.19 41.05 41.49
N HIS F 1189 -52.35 41.47 42.03
CA HIS F 1189 -53.41 41.92 41.12
C HIS F 1189 -52.88 42.96 40.15
N SER F 1190 -52.16 43.96 40.67
CA SER F 1190 -51.65 45.09 39.91
C SER F 1190 -52.76 45.79 39.14
N MET G 1 19.27 -3.18 -32.89
CA MET G 1 18.88 -2.28 -33.98
C MET G 1 17.37 -2.29 -34.20
N ASN G 2 16.82 -1.14 -34.57
CA ASN G 2 15.39 -0.99 -34.80
C ASN G 2 15.16 -0.66 -36.27
N VAL G 3 14.64 -1.64 -37.01
CA VAL G 3 14.31 -1.47 -38.42
C VAL G 3 13.02 -0.67 -38.54
N SER G 4 12.71 -0.20 -39.75
CA SER G 4 11.55 0.65 -39.96
C SER G 4 10.79 0.21 -41.21
N ILE G 5 9.56 0.70 -41.32
CA ILE G 5 8.72 0.42 -42.49
C ILE G 5 9.33 0.99 -43.76
N GLU G 6 10.19 2.01 -43.63
CA GLU G 6 10.82 2.61 -44.80
C GLU G 6 11.67 1.62 -45.58
N GLU G 7 12.05 0.49 -44.97
CA GLU G 7 12.76 -0.54 -45.71
C GLU G 7 11.89 -1.14 -46.80
N PHE G 8 10.59 -1.27 -46.57
CA PHE G 8 9.65 -1.76 -47.56
C PHE G 8 9.13 -0.66 -48.49
N THR G 9 9.87 0.44 -48.62
CA THR G 9 9.42 1.56 -49.44
C THR G 9 9.12 1.12 -50.87
N HIS G 10 10.05 0.38 -51.48
CA HIS G 10 9.85 -0.26 -52.77
C HIS G 10 9.89 -1.77 -52.56
N PHE G 11 8.75 -2.41 -52.73
CA PHE G 11 8.63 -3.85 -52.56
C PHE G 11 7.58 -4.37 -53.52
N ASP G 12 7.69 -5.66 -53.84
CA ASP G 12 6.76 -6.29 -54.78
C ASP G 12 5.63 -6.92 -53.99
N PHE G 13 4.42 -6.35 -54.13
CA PHE G 13 3.26 -6.80 -53.39
C PHE G 13 2.27 -7.60 -54.21
N GLN G 14 2.39 -7.61 -55.54
CA GLN G 14 1.42 -8.25 -56.41
C GLN G 14 1.89 -9.60 -56.94
N LEU G 15 3.01 -10.12 -56.46
CA LEU G 15 3.49 -11.44 -56.83
C LEU G 15 3.42 -12.35 -55.63
N VAL G 16 2.80 -13.52 -55.80
CA VAL G 16 2.64 -14.48 -54.71
C VAL G 16 3.13 -15.84 -55.21
N PRO G 17 3.51 -16.73 -54.29
CA PRO G 17 3.94 -18.07 -54.71
C PRO G 17 2.81 -18.82 -55.40
N GLU G 18 3.19 -19.76 -56.26
CA GLU G 18 2.22 -20.49 -57.06
C GLU G 18 1.24 -21.23 -56.15
N PRO G 19 -0.06 -21.17 -56.45
CA PRO G 19 -1.05 -21.74 -55.51
C PRO G 19 -1.05 -23.26 -55.45
N SER G 20 -1.91 -23.79 -54.60
CA SER G 20 -2.07 -25.20 -54.30
C SER G 20 -3.57 -25.50 -54.29
N PRO G 21 -3.96 -26.77 -54.39
CA PRO G 21 -5.39 -27.08 -54.27
C PRO G 21 -6.00 -26.66 -52.93
N LEU G 22 -5.20 -26.50 -51.87
CA LEU G 22 -5.75 -26.23 -50.55
C LEU G 22 -5.87 -24.75 -50.18
N ASP G 23 -5.38 -23.84 -51.01
CA ASP G 23 -5.51 -22.41 -50.66
C ASP G 23 -6.64 -21.72 -51.42
N LEU G 24 -6.97 -22.19 -52.63
CA LEU G 24 -8.12 -21.66 -53.35
C LEU G 24 -9.41 -21.90 -52.56
N VAL G 25 -9.53 -23.09 -51.96
CA VAL G 25 -10.72 -23.43 -51.18
C VAL G 25 -10.85 -22.53 -49.97
N ILE G 26 -9.73 -22.08 -49.40
CA ILE G 26 -9.80 -21.12 -48.31
C ILE G 26 -10.21 -19.75 -48.83
N THR G 27 -9.61 -19.30 -49.93
CA THR G 27 -9.76 -17.90 -50.34
C THR G 27 -11.15 -17.62 -50.92
N GLU G 28 -11.64 -18.48 -51.81
CA GLU G 28 -12.83 -18.12 -52.59
C GLU G 28 -14.09 -17.93 -51.75
N PRO G 29 -14.44 -18.81 -50.80
CA PRO G 29 -15.63 -18.54 -49.97
C PRO G 29 -15.56 -17.23 -49.22
N LEU G 30 -14.37 -16.84 -48.74
CA LEU G 30 -14.23 -15.58 -48.02
C LEU G 30 -14.54 -14.39 -48.94
N LYS G 31 -14.09 -14.48 -50.19
CA LYS G 31 -14.39 -13.45 -51.17
C LYS G 31 -15.88 -13.40 -51.48
N ASN G 32 -16.56 -14.55 -51.46
CA ASN G 32 -18.01 -14.52 -51.63
C ASN G 32 -18.70 -14.01 -50.36
N HIS G 33 -18.00 -14.05 -49.22
CA HIS G 33 -18.57 -13.50 -47.98
C HIS G 33 -18.46 -11.98 -47.90
N ILE G 34 -17.43 -11.39 -48.50
CA ILE G 34 -17.35 -9.92 -48.44
C ILE G 34 -18.37 -9.24 -49.35
N GLU G 35 -18.76 -9.88 -50.46
CA GLU G 35 -19.65 -9.24 -51.43
C GLU G 35 -21.02 -8.96 -50.82
N VAL G 36 -21.70 -9.99 -50.35
CA VAL G 36 -22.98 -9.86 -49.66
C VAL G 36 -22.73 -10.05 -48.17
N ASN G 37 -23.50 -9.32 -47.36
CA ASN G 37 -23.32 -9.22 -45.90
C ASN G 37 -21.85 -9.14 -45.52
N GLY G 38 -21.19 -8.11 -46.06
CA GLY G 38 -19.74 -7.97 -45.89
C GLY G 38 -19.30 -6.76 -45.07
N VAL G 39 -18.09 -6.28 -45.35
CA VAL G 39 -17.45 -5.17 -44.66
C VAL G 39 -17.25 -5.50 -43.18
N LYS G 40 -18.34 -5.71 -42.45
CA LYS G 40 -18.29 -6.07 -41.03
C LYS G 40 -19.20 -7.27 -40.81
N SER G 41 -18.63 -8.48 -40.84
CA SER G 41 -19.38 -9.69 -40.55
C SER G 41 -18.41 -10.85 -40.36
N GLY G 42 -18.66 -11.68 -39.34
CA GLY G 42 -17.84 -12.85 -39.11
C GLY G 42 -18.29 -14.04 -39.92
N ALA G 43 -17.48 -15.10 -39.86
CA ALA G 43 -17.78 -16.33 -40.57
C ALA G 43 -17.10 -17.49 -39.86
N LEU G 44 -17.88 -18.53 -39.56
CA LEU G 44 -17.34 -19.78 -39.03
C LEU G 44 -17.10 -20.71 -40.21
N LEU G 45 -15.87 -21.20 -40.34
CA LEU G 45 -15.54 -22.08 -41.46
C LEU G 45 -14.79 -23.29 -40.92
N PRO G 46 -15.45 -24.46 -40.87
CA PRO G 46 -14.74 -25.69 -40.50
C PRO G 46 -14.11 -26.35 -41.71
N LEU G 47 -12.80 -26.56 -41.67
CA LEU G 47 -12.08 -27.15 -42.78
C LEU G 47 -11.74 -28.59 -42.44
N PRO G 48 -12.31 -29.58 -43.12
CA PRO G 48 -11.94 -30.96 -42.91
C PRO G 48 -10.69 -31.31 -43.71
N PHE G 49 -9.58 -31.50 -43.01
CA PHE G 49 -8.30 -31.81 -43.62
C PHE G 49 -7.84 -33.18 -43.11
N GLN G 50 -6.60 -33.55 -43.46
CA GLN G 50 -6.05 -34.84 -43.06
C GLN G 50 -4.59 -34.69 -42.70
N THR G 51 -4.16 -35.47 -41.70
CA THR G 51 -2.74 -35.56 -41.38
C THR G 51 -1.99 -36.20 -42.55
N GLY G 52 -0.75 -35.80 -42.75
CA GLY G 52 -0.08 -36.10 -44.00
C GLY G 52 0.11 -34.85 -44.82
N ILE G 53 -0.75 -34.68 -45.83
CA ILE G 53 -0.78 -33.49 -46.67
C ILE G 53 -0.67 -32.24 -45.78
N GLY G 54 -0.02 -31.19 -46.29
CA GLY G 54 0.44 -30.08 -45.47
C GLY G 54 -0.62 -29.13 -44.95
N LYS G 55 -1.42 -29.60 -44.00
CA LYS G 55 -2.39 -28.74 -43.33
C LYS G 55 -1.72 -27.56 -42.61
N THR G 56 -0.64 -27.84 -41.87
CA THR G 56 0.05 -26.79 -41.12
C THR G 56 0.63 -25.74 -42.06
N TYR G 57 1.22 -26.19 -43.16
CA TYR G 57 1.76 -25.26 -44.16
C TYR G 57 0.69 -24.31 -44.67
N THR G 58 -0.50 -24.85 -44.98
CA THR G 58 -1.58 -24.03 -45.50
C THR G 58 -1.99 -22.97 -44.48
N ALA G 59 -2.16 -23.37 -43.21
CA ALA G 59 -2.58 -22.40 -42.19
C ALA G 59 -1.54 -21.30 -42.01
N LEU G 60 -0.26 -21.68 -41.92
CA LEU G 60 0.78 -20.68 -41.68
C LEU G 60 0.91 -19.71 -42.85
N ASN G 61 0.79 -20.22 -44.09
CA ASN G 61 0.80 -19.35 -45.25
C ASN G 61 -0.36 -18.35 -45.19
N PHE G 62 -1.54 -18.83 -44.77
CA PHE G 62 -2.68 -17.94 -44.59
C PHE G 62 -2.36 -16.79 -43.65
N LEU G 63 -1.70 -17.08 -42.53
CA LEU G 63 -1.35 -16.01 -41.58
C LEU G 63 -0.38 -15.01 -42.21
N LEU G 64 0.64 -15.53 -42.91
CA LEU G 64 1.69 -14.67 -43.47
C LEU G 64 1.10 -13.66 -44.45
N GLN G 65 0.18 -14.10 -45.30
CA GLN G 65 -0.36 -13.18 -46.31
C GLN G 65 -1.07 -11.99 -45.67
N GLN G 66 -1.85 -12.23 -44.61
CA GLN G 66 -2.56 -11.14 -43.94
C GLN G 66 -1.58 -10.14 -43.32
N MET G 67 -0.51 -10.65 -42.71
CA MET G 67 0.50 -9.73 -42.18
C MET G 67 1.04 -8.82 -43.29
N LEU G 68 1.38 -9.42 -44.44
CA LEU G 68 1.90 -8.61 -45.55
C LEU G 68 0.89 -7.58 -46.01
N GLU G 69 -0.40 -7.95 -46.04
CA GLU G 69 -1.42 -6.99 -46.47
C GLU G 69 -1.49 -5.79 -45.55
N GLN G 70 -1.41 -6.02 -44.23
CA GLN G 70 -1.45 -4.88 -43.32
C GLN G 70 -0.23 -3.98 -43.52
N VAL G 71 0.94 -4.56 -43.72
CA VAL G 71 2.12 -3.73 -43.97
C VAL G 71 1.94 -2.89 -45.24
N ARG G 72 1.36 -3.49 -46.28
CA ARG G 72 1.08 -2.74 -47.50
C ARG G 72 0.11 -1.59 -47.23
N SER G 73 -0.93 -1.85 -46.43
CA SER G 73 -1.86 -0.80 -46.06
C SER G 73 -1.19 0.29 -45.23
N GLU G 74 -0.05 0.00 -44.63
CA GLU G 74 0.71 1.05 -43.94
C GLU G 74 1.63 1.84 -44.86
N LEU G 75 2.23 1.21 -45.87
CA LEU G 75 3.07 1.99 -46.79
C LEU G 75 2.23 2.97 -47.62
N LYS G 76 0.95 2.68 -47.81
CA LYS G 76 0.01 3.57 -48.48
C LYS G 76 -0.73 4.47 -47.49
N GLU G 77 -0.08 4.83 -46.39
CA GLU G 77 -0.72 5.44 -45.24
C GLU G 77 0.21 6.55 -44.74
N GLU G 78 0.05 6.95 -43.48
CA GLU G 78 0.68 8.11 -42.84
C GLU G 78 0.13 9.40 -43.42
N ASN G 79 -0.72 9.28 -44.44
CA ASN G 79 -1.53 10.39 -44.92
C ASN G 79 -2.92 9.96 -45.39
N THR G 80 -3.27 8.68 -45.29
CA THR G 80 -4.61 8.17 -45.63
C THR G 80 -5.12 7.33 -44.46
N GLY G 81 -5.79 8.00 -43.52
CA GLY G 81 -6.47 7.30 -42.44
C GLY G 81 -5.53 6.79 -41.37
N LYS G 82 -6.13 6.35 -40.26
CA LYS G 82 -5.39 5.80 -39.14
C LYS G 82 -6.35 5.01 -38.27
N LYS G 83 -5.95 3.79 -37.89
CA LYS G 83 -6.78 2.93 -37.06
C LYS G 83 -5.88 1.90 -36.39
N SER G 84 -6.44 1.24 -35.37
CA SER G 84 -5.72 0.17 -34.70
C SER G 84 -5.54 -1.02 -35.65
N LYS G 85 -4.36 -1.61 -35.62
CA LYS G 85 -4.06 -2.72 -36.50
C LYS G 85 -4.86 -3.96 -36.13
N ARG G 86 -5.15 -4.78 -37.14
CA ARG G 86 -5.92 -6.00 -36.92
C ARG G 86 -5.13 -6.97 -36.04
N LEU G 87 -5.85 -7.68 -35.18
CA LEU G 87 -5.25 -8.62 -34.25
C LEU G 87 -5.45 -10.05 -34.76
N LEU G 88 -4.36 -10.80 -34.84
CA LEU G 88 -4.39 -12.15 -35.37
C LEU G 88 -3.92 -13.12 -34.30
N TYR G 89 -4.65 -14.22 -34.12
CA TYR G 89 -4.37 -15.15 -33.04
C TYR G 89 -4.07 -16.54 -33.60
N TYR G 90 -3.40 -17.35 -32.78
CA TYR G 90 -3.30 -18.78 -33.07
C TYR G 90 -3.47 -19.52 -31.74
N VAL G 91 -4.53 -20.32 -31.63
CA VAL G 91 -4.82 -20.96 -30.36
C VAL G 91 -4.94 -22.47 -30.52
N THR G 92 -4.54 -23.19 -29.48
CA THR G 92 -4.71 -24.63 -29.39
C THR G 92 -4.79 -25.01 -27.91
N ASP G 93 -4.82 -26.32 -27.64
CA ASP G 93 -5.11 -26.82 -26.30
C ASP G 93 -3.90 -27.45 -25.61
N SER G 94 -2.71 -27.42 -26.23
CA SER G 94 -1.51 -27.97 -25.63
C SER G 94 -0.36 -26.98 -25.79
N VAL G 95 0.65 -27.13 -24.95
CA VAL G 95 1.78 -26.19 -24.92
C VAL G 95 2.84 -26.55 -25.95
N ASP G 96 3.19 -27.83 -26.02
CA ASP G 96 4.22 -28.28 -26.96
C ASP G 96 3.84 -27.93 -28.39
N ASN G 97 2.56 -28.09 -28.72
CA ASN G 97 2.08 -27.75 -30.06
C ASN G 97 2.27 -26.25 -30.35
N VAL G 98 1.98 -25.40 -29.36
CA VAL G 98 2.18 -23.97 -29.52
C VAL G 98 3.64 -23.68 -29.86
N VAL G 99 4.56 -24.26 -29.08
CA VAL G 99 5.98 -23.98 -29.29
C VAL G 99 6.43 -24.46 -30.66
N SER G 100 5.97 -25.65 -31.06
CA SER G 100 6.36 -26.20 -32.35
C SER G 100 5.89 -25.31 -33.50
N ALA G 101 4.64 -24.86 -33.45
CA ALA G 101 4.12 -24.00 -34.51
C ALA G 101 4.89 -22.68 -34.56
N LYS G 102 5.21 -22.12 -33.39
CA LYS G 102 5.97 -20.88 -33.36
C LYS G 102 7.33 -21.04 -34.03
N ALA G 103 8.01 -22.15 -33.76
CA ALA G 103 9.29 -22.39 -34.42
C ALA G 103 9.13 -22.53 -35.93
N ASP G 104 8.08 -23.25 -36.36
CA ASP G 104 7.90 -23.49 -37.80
C ASP G 104 7.66 -22.20 -38.57
N LEU G 105 6.95 -21.24 -37.97
CA LEU G 105 6.70 -19.99 -38.70
C LEU G 105 8.02 -19.25 -38.98
N LEU G 106 8.91 -19.17 -37.99
CA LEU G 106 10.19 -18.51 -38.21
C LEU G 106 11.01 -19.26 -39.25
N LYS G 107 11.01 -20.59 -39.19
CA LYS G 107 11.71 -21.35 -40.21
C LYS G 107 11.17 -21.06 -41.60
N LEU G 108 9.84 -20.95 -41.73
CA LEU G 108 9.24 -20.63 -43.02
C LEU G 108 9.68 -19.26 -43.53
N ILE G 109 9.73 -18.27 -42.63
CA ILE G 109 10.17 -16.94 -43.04
C ILE G 109 11.62 -16.99 -43.54
N GLU G 110 12.48 -17.70 -42.83
CA GLU G 110 13.91 -17.65 -43.16
C GLU G 110 14.23 -18.28 -44.51
N LYS G 111 13.62 -19.43 -44.82
CA LYS G 111 14.05 -20.21 -45.97
C LYS G 111 12.97 -20.38 -47.03
N GLN G 112 12.30 -19.31 -47.41
CA GLN G 112 11.31 -19.33 -48.49
C GLN G 112 11.90 -18.66 -49.72
N THR G 113 11.87 -19.37 -50.85
CA THR G 113 12.46 -18.91 -52.09
C THR G 113 11.41 -18.90 -53.20
N VAL G 114 11.43 -17.85 -54.02
CA VAL G 114 10.51 -17.70 -55.15
C VAL G 114 11.35 -17.62 -56.42
N LYS G 115 11.07 -18.53 -57.36
CA LYS G 115 11.76 -18.58 -58.65
C LYS G 115 13.28 -18.70 -58.48
N GLY G 116 13.69 -19.47 -57.48
CA GLY G 116 15.10 -19.75 -57.25
C GLY G 116 15.86 -18.66 -56.52
N GLU G 117 15.20 -17.57 -56.14
CA GLU G 117 15.84 -16.47 -55.43
C GLU G 117 15.21 -16.32 -54.06
N PRO G 118 16.02 -16.10 -53.02
CA PRO G 118 15.46 -15.89 -51.67
C PRO G 118 14.43 -14.77 -51.67
N ARG G 119 13.29 -15.03 -51.03
CA ARG G 119 12.17 -14.10 -51.11
C ARG G 119 12.41 -12.86 -50.28
N PHE G 120 13.04 -13.00 -49.11
CA PHE G 120 13.19 -11.91 -48.15
C PHE G 120 14.66 -11.62 -47.92
N THR G 121 15.01 -10.34 -47.92
CA THR G 121 16.36 -9.91 -47.59
C THR G 121 16.57 -9.97 -46.07
N LEU G 122 17.82 -9.84 -45.66
CA LEU G 122 18.17 -10.03 -44.25
C LEU G 122 17.47 -9.02 -43.35
N GLU G 123 17.41 -7.76 -43.77
CA GLU G 123 16.81 -6.72 -42.95
C GLU G 123 15.29 -6.85 -42.84
N GLN G 124 14.63 -7.31 -43.90
CA GLN G 124 13.17 -7.46 -43.88
C GLN G 124 12.76 -8.59 -42.93
N GLN G 125 13.56 -9.65 -42.88
CA GLN G 125 13.27 -10.79 -42.01
C GLN G 125 13.24 -10.37 -40.55
N GLU G 126 14.15 -9.48 -40.15
CA GLU G 126 14.18 -9.03 -38.76
C GLU G 126 12.90 -8.29 -38.39
N TYR G 127 12.42 -7.41 -39.28
CA TYR G 127 11.17 -6.70 -39.00
C TYR G 127 10.01 -7.66 -38.87
N LEU G 128 9.92 -8.63 -39.78
CA LEU G 128 8.79 -9.55 -39.69
C LEU G 128 8.90 -10.49 -38.48
N LYS G 129 10.12 -10.86 -38.10
CA LYS G 129 10.32 -11.80 -37.00
C LYS G 129 10.22 -11.16 -35.63
N ALA G 130 10.16 -9.83 -35.55
CA ALA G 130 10.05 -9.13 -34.28
C ALA G 130 8.61 -8.71 -33.96
N GLN G 131 7.63 -9.20 -34.71
CA GLN G 131 6.24 -8.81 -34.54
C GLN G 131 5.36 -9.92 -34.01
N ILE G 132 5.94 -11.02 -33.53
CA ILE G 132 5.17 -12.17 -33.04
C ILE G 132 5.48 -12.36 -31.56
N VAL G 133 4.44 -12.61 -30.76
CA VAL G 133 4.63 -12.79 -29.33
C VAL G 133 4.03 -14.12 -28.86
N HIS G 134 4.75 -14.76 -27.95
CA HIS G 134 4.34 -15.99 -27.28
C HIS G 134 4.17 -15.72 -25.79
N LEU G 135 3.06 -16.17 -25.22
CA LEU G 135 2.68 -15.82 -23.85
C LEU G 135 2.62 -17.06 -22.97
N PRO G 136 3.67 -17.36 -22.20
CA PRO G 136 3.63 -18.52 -21.29
C PRO G 136 2.94 -18.21 -19.97
N ASN G 137 3.02 -19.16 -19.04
CA ASN G 137 2.47 -18.98 -17.70
C ASN G 137 3.18 -17.86 -16.96
N GLN G 138 2.60 -17.46 -15.83
CA GLN G 138 3.27 -16.50 -14.96
C GLN G 138 4.46 -17.13 -14.25
N SER G 139 4.38 -18.42 -13.93
CA SER G 139 5.46 -19.10 -13.20
C SER G 139 6.59 -19.55 -14.10
N GLU G 140 6.43 -19.46 -15.42
CA GLU G 140 7.52 -19.76 -16.35
C GLU G 140 8.06 -18.51 -17.03
N GLN G 141 7.31 -17.42 -17.03
CA GLN G 141 7.82 -16.15 -17.53
C GLN G 141 8.87 -15.55 -16.61
N LEU G 142 8.78 -15.84 -15.30
CA LEU G 142 9.70 -15.24 -14.34
C LEU G 142 11.05 -15.96 -14.35
N LEU G 143 11.04 -17.29 -14.29
CA LEU G 143 12.28 -18.04 -14.30
C LEU G 143 13.01 -17.95 -15.64
N GLN G 144 12.34 -17.48 -16.69
CA GLN G 144 12.99 -17.27 -17.98
C GLN G 144 13.80 -15.98 -18.00
N CYS G 145 13.53 -15.05 -17.09
CA CYS G 145 14.20 -13.76 -17.07
C CYS G 145 15.61 -13.91 -16.52
N SER G 146 16.30 -12.79 -16.33
CA SER G 146 17.68 -12.77 -15.86
C SER G 146 17.80 -11.83 -14.68
N ASP G 147 18.92 -11.96 -13.96
CA ASP G 147 19.15 -11.12 -12.78
C ASP G 147 19.22 -9.65 -13.16
N ALA G 148 19.87 -9.34 -14.29
CA ALA G 148 20.04 -7.95 -14.71
C ALA G 148 18.69 -7.28 -14.96
N VAL G 149 17.76 -8.00 -15.59
CA VAL G 149 16.46 -7.40 -15.93
C VAL G 149 15.70 -7.01 -14.67
N LEU G 150 15.60 -7.96 -13.72
CA LEU G 150 14.86 -7.68 -12.49
C LEU G 150 15.54 -6.60 -11.66
N ASN G 151 16.87 -6.61 -11.58
CA ASN G 151 17.56 -5.57 -10.84
C ASN G 151 17.32 -4.20 -11.48
N ASP G 152 17.38 -4.13 -12.81
CA ASP G 152 17.13 -2.88 -13.52
C ASP G 152 15.73 -2.36 -13.22
N VAL G 153 14.73 -3.25 -13.28
CA VAL G 153 13.36 -2.83 -13.01
C VAL G 153 13.20 -2.37 -11.57
N LEU G 154 13.78 -3.10 -10.63
CA LEU G 154 13.62 -2.77 -9.22
C LEU G 154 14.22 -1.41 -8.89
N ILE G 155 15.41 -1.12 -9.42
CA ILE G 155 15.99 0.20 -9.14
C ILE G 155 15.28 1.28 -9.96
N GLY G 156 14.71 0.92 -11.11
CA GLY G 156 14.03 1.91 -11.94
C GLY G 156 12.71 2.39 -11.39
N PHE G 157 12.09 1.63 -10.47
CA PHE G 157 10.82 2.01 -9.88
C PHE G 157 10.91 2.23 -8.37
N ASN G 158 12.11 2.17 -7.81
CA ASN G 158 12.33 2.35 -6.37
C ASN G 158 11.53 1.33 -5.56
N LEU G 159 11.83 0.05 -5.81
CA LEU G 159 11.17 -1.04 -5.11
C LEU G 159 12.10 -1.82 -4.18
N ASN G 160 13.42 -1.61 -4.31
CA ASN G 160 14.36 -2.35 -3.47
C ASN G 160 14.28 -1.92 -2.00
N ALA G 161 13.93 -0.66 -1.75
CA ALA G 161 13.83 -0.17 -0.38
C ALA G 161 12.67 -0.79 0.39
N GLU G 162 11.66 -1.29 -0.30
CA GLU G 162 10.52 -1.90 0.36
C GLU G 162 10.92 -3.21 1.03
N ARG G 163 10.26 -3.50 2.17
CA ARG G 163 10.69 -4.60 3.02
C ARG G 163 10.34 -5.97 2.47
N ASP G 164 9.17 -6.13 1.87
CA ASP G 164 8.74 -7.46 1.42
C ASP G 164 9.56 -7.93 0.22
N VAL G 165 9.77 -7.03 -0.75
CA VAL G 165 10.27 -7.40 -2.06
C VAL G 165 11.68 -7.98 -1.95
N GLN G 166 12.56 -7.29 -1.23
CA GLN G 166 13.96 -7.69 -1.20
C GLN G 166 14.14 -9.06 -0.57
N ALA G 167 13.45 -9.32 0.55
CA ALA G 167 13.59 -10.61 1.21
C ALA G 167 13.09 -11.74 0.32
N GLU G 168 11.88 -11.59 -0.22
CA GLU G 168 11.33 -12.68 -1.03
C GLU G 168 12.18 -12.92 -2.27
N TRP G 169 12.61 -11.83 -2.92
CA TRP G 169 13.42 -11.94 -4.13
C TRP G 169 14.77 -12.59 -3.83
N SER G 170 15.39 -12.24 -2.70
CA SER G 170 16.66 -12.87 -2.34
C SER G 170 16.49 -14.37 -2.14
N ALA G 171 15.41 -14.78 -1.48
CA ALA G 171 15.15 -16.21 -1.31
C ALA G 171 15.11 -16.92 -2.66
N ILE G 172 14.29 -16.40 -3.59
CA ILE G 172 14.15 -17.09 -4.87
C ILE G 172 15.45 -17.05 -5.67
N SER G 173 16.15 -15.92 -5.64
CA SER G 173 17.39 -15.79 -6.40
C SER G 173 18.44 -16.77 -5.91
N GLY G 174 18.55 -16.93 -4.59
CA GLY G 174 19.45 -17.93 -4.06
C GLY G 174 19.06 -19.34 -4.45
N LEU G 175 17.76 -19.64 -4.40
CA LEU G 175 17.34 -21.01 -4.68
C LEU G 175 17.46 -21.39 -6.16
N ARG G 176 17.45 -20.41 -7.08
CA ARG G 176 17.56 -20.76 -8.50
C ARG G 176 18.92 -21.36 -8.85
N ARG G 177 19.98 -21.00 -8.12
CA ARG G 177 21.31 -21.45 -8.49
C ARG G 177 21.50 -22.94 -8.28
N HIS G 178 20.96 -23.48 -7.18
CA HIS G 178 21.09 -24.90 -6.87
C HIS G 178 20.01 -25.74 -7.53
N ALA G 179 19.37 -25.24 -8.59
CA ALA G 179 18.26 -25.93 -9.24
C ALA G 179 18.79 -27.06 -10.12
N SER G 180 19.25 -28.12 -9.46
CA SER G 180 19.74 -29.32 -10.16
C SER G 180 19.00 -30.58 -9.75
N ASN G 181 18.71 -30.75 -8.46
CA ASN G 181 18.00 -31.93 -8.01
C ASN G 181 16.52 -31.84 -8.35
N PRO G 182 15.84 -32.98 -8.51
CA PRO G 182 14.39 -32.94 -8.74
C PRO G 182 13.62 -32.83 -7.42
N GLU G 183 14.04 -31.93 -6.56
CA GLU G 183 13.32 -31.57 -5.34
C GLU G 183 13.20 -30.06 -5.17
N VAL G 184 14.23 -29.30 -5.56
CA VAL G 184 14.12 -27.84 -5.56
C VAL G 184 13.20 -27.34 -6.66
N LYS G 185 13.00 -28.14 -7.70
CA LYS G 185 12.14 -27.74 -8.81
C LYS G 185 10.71 -27.52 -8.34
N ILE G 186 10.18 -28.45 -7.53
CA ILE G 186 8.79 -28.37 -7.10
C ILE G 186 8.57 -27.12 -6.26
N SER G 187 9.51 -26.81 -5.35
CA SER G 187 9.38 -25.63 -4.51
C SER G 187 9.49 -24.35 -5.33
N LEU G 188 10.47 -24.28 -6.23
CA LEU G 188 10.65 -23.08 -7.05
C LEU G 188 9.42 -22.80 -7.91
N ASN G 189 8.82 -23.85 -8.48
CA ASN G 189 7.68 -23.64 -9.36
C ASN G 189 6.54 -22.93 -8.65
N ARG G 190 6.26 -23.31 -7.40
CA ARG G 190 5.18 -22.67 -6.68
C ARG G 190 5.59 -21.29 -6.15
N GLN G 191 6.84 -21.12 -5.74
CA GLN G 191 7.26 -19.84 -5.15
C GLN G 191 7.26 -18.71 -6.19
N ALA G 192 7.71 -19.00 -7.42
CA ALA G 192 7.82 -17.96 -8.43
C ALA G 192 6.45 -17.37 -8.76
N GLY G 193 5.42 -18.22 -8.83
CA GLY G 193 4.09 -17.74 -9.16
C GLY G 193 3.57 -16.73 -8.15
N TYR G 194 3.80 -16.99 -6.85
CA TYR G 194 3.40 -16.03 -5.84
C TYR G 194 4.17 -14.73 -5.96
N PHE G 195 5.48 -14.78 -6.24
CA PHE G 195 6.24 -13.53 -6.32
C PHE G 195 5.75 -12.65 -7.47
N TYR G 196 5.46 -13.27 -8.62
CA TYR G 196 5.09 -12.51 -9.82
C TYR G 196 3.85 -11.65 -9.57
N ARG G 197 2.83 -12.22 -8.92
CA ARG G 197 1.58 -11.51 -8.68
C ARG G 197 1.80 -10.20 -7.92
N ASN G 198 2.52 -10.29 -6.79
CA ASN G 198 2.73 -9.10 -5.96
C ASN G 198 3.55 -8.05 -6.71
N LEU G 199 4.60 -8.48 -7.42
CA LEU G 199 5.41 -7.50 -8.12
C LEU G 199 4.60 -6.73 -9.16
N ILE G 200 3.82 -7.45 -9.97
CA ILE G 200 3.05 -6.77 -11.01
C ILE G 200 1.95 -5.91 -10.40
N ASP G 201 1.35 -6.34 -9.29
CA ASP G 201 0.33 -5.52 -8.63
C ASP G 201 0.91 -4.19 -8.18
N ARG G 202 2.10 -4.22 -7.57
CA ARG G 202 2.73 -2.97 -7.16
C ARG G 202 3.02 -2.08 -8.37
N LEU G 203 3.53 -2.67 -9.46
CA LEU G 203 3.78 -1.88 -10.66
C LEU G 203 2.51 -1.18 -11.13
N GLN G 204 1.41 -1.93 -11.20
CA GLN G 204 0.15 -1.38 -11.70
C GLN G 204 -0.35 -0.25 -10.82
N LYS G 205 -0.35 -0.43 -9.49
CA LYS G 205 -0.88 0.66 -8.68
C LYS G 205 0.06 1.86 -8.68
N LYS G 206 1.36 1.65 -8.93
CA LYS G 206 2.26 2.79 -9.04
C LYS G 206 1.96 3.62 -10.29
N GLN G 207 1.64 2.96 -11.41
CA GLN G 207 1.34 3.72 -12.62
C GLN G 207 -0.14 4.04 -12.81
N LYS G 208 -0.99 3.73 -11.83
CA LYS G 208 -2.41 4.07 -11.93
C LYS G 208 -2.59 5.55 -11.65
N GLY G 209 -2.51 6.36 -12.71
CA GLY G 209 -2.55 7.79 -12.53
C GLY G 209 -1.36 8.26 -11.70
N ALA G 210 -1.59 9.30 -10.90
CA ALA G 210 -0.62 9.79 -9.93
C ALA G 210 0.75 10.02 -10.56
N ASP G 211 1.76 9.32 -10.04
CA ASP G 211 3.14 9.43 -10.53
C ASP G 211 3.42 8.38 -11.59
N ARG G 212 2.98 8.68 -12.82
CA ARG G 212 3.20 7.78 -13.94
C ARG G 212 4.66 7.89 -14.38
N VAL G 213 5.48 6.93 -13.96
CA VAL G 213 6.88 6.92 -14.34
C VAL G 213 7.00 6.53 -15.81
N LEU G 214 7.68 7.37 -16.58
CA LEU G 214 7.82 7.16 -18.01
C LEU G 214 8.81 6.04 -18.29
N LEU G 215 8.72 5.48 -19.49
CA LEU G 215 9.57 4.38 -19.94
C LEU G 215 10.29 4.79 -21.21
N SER G 216 11.62 4.58 -21.23
CA SER G 216 12.42 4.89 -22.40
C SER G 216 13.74 4.14 -22.31
N GLY G 217 14.21 3.62 -23.44
CA GLY G 217 15.49 2.97 -23.50
C GLY G 217 15.58 1.66 -22.73
N SER G 218 16.45 1.62 -21.72
CA SER G 218 16.70 0.38 -20.99
C SER G 218 15.46 -0.08 -20.24
N LEU G 219 14.78 0.85 -19.56
CA LEU G 219 13.60 0.49 -18.78
C LEU G 219 12.51 -0.09 -19.67
N LEU G 220 12.32 0.50 -20.85
CA LEU G 220 11.33 0.01 -21.80
C LEU G 220 11.63 -1.43 -22.21
N ALA G 221 12.89 -1.72 -22.52
CA ALA G 221 13.27 -3.08 -22.92
C ALA G 221 13.05 -4.07 -21.79
N SER G 222 13.43 -3.69 -20.57
CA SER G 222 13.25 -4.61 -19.44
C SER G 222 11.77 -4.90 -19.18
N VAL G 223 10.94 -3.85 -19.20
CA VAL G 223 9.51 -4.07 -18.92
C VAL G 223 8.86 -4.82 -20.07
N GLU G 224 9.37 -4.69 -21.29
CA GLU G 224 8.86 -5.49 -22.40
C GLU G 224 9.38 -6.92 -22.38
N THR G 225 10.43 -7.20 -21.61
CA THR G 225 10.82 -8.59 -21.37
C THR G 225 10.04 -9.22 -20.22
N LEU G 226 9.66 -8.46 -19.21
CA LEU G 226 8.87 -9.03 -18.12
C LEU G 226 7.38 -9.07 -18.41
N LEU G 227 6.87 -8.14 -19.23
CA LEU G 227 5.46 -8.08 -19.60
C LEU G 227 5.36 -8.05 -21.12
N PRO G 228 5.40 -9.22 -21.77
CA PRO G 228 5.26 -9.24 -23.24
C PRO G 228 3.94 -8.67 -23.73
N GLY G 229 2.86 -8.84 -22.97
CA GLY G 229 1.56 -8.30 -23.36
C GLY G 229 1.53 -6.80 -23.50
N GLU G 230 2.56 -6.10 -23.01
CA GLU G 230 2.65 -4.66 -23.21
C GLU G 230 2.94 -4.31 -24.66
N LYS G 231 3.68 -5.17 -25.38
CA LYS G 231 4.08 -4.84 -26.73
C LYS G 231 2.90 -4.68 -27.68
N ILE G 232 1.76 -5.31 -27.36
CA ILE G 232 0.56 -5.12 -28.18
C ILE G 232 -0.05 -3.74 -27.94
N ARG G 233 0.03 -3.25 -26.69
CA ARG G 233 -0.70 -2.04 -26.33
C ARG G 233 -0.13 -0.81 -27.03
N ASN G 234 1.19 -0.67 -27.06
CA ASN G 234 1.79 0.50 -27.70
C ASN G 234 1.69 0.43 -29.22
N GLY G 235 1.75 -0.77 -29.79
CA GLY G 235 1.60 -0.94 -31.23
C GLY G 235 2.80 -1.55 -31.92
N SER G 236 3.60 -2.32 -31.17
CA SER G 236 4.78 -2.96 -31.75
C SER G 236 4.46 -4.29 -32.42
N ALA G 237 3.58 -5.09 -31.82
CA ALA G 237 3.25 -6.41 -32.34
C ALA G 237 1.73 -6.58 -32.38
N HIS G 238 1.28 -7.39 -33.34
CA HIS G 238 -0.15 -7.65 -33.48
C HIS G 238 -0.45 -9.11 -33.80
N VAL G 239 0.47 -10.03 -33.54
CA VAL G 239 0.27 -11.46 -33.77
C VAL G 239 0.60 -12.20 -32.48
N ALA G 240 -0.37 -12.98 -31.97
CA ALA G 240 -0.22 -13.63 -30.68
C ALA G 240 -0.44 -15.13 -30.81
N PHE G 241 0.43 -15.90 -30.15
CA PHE G 241 0.29 -17.35 -30.07
C PHE G 241 0.03 -17.72 -28.61
N LEU G 242 -1.07 -18.43 -28.36
CA LEU G 242 -1.36 -18.81 -26.98
C LEU G 242 -2.32 -19.99 -26.95
N THR G 243 -2.63 -20.44 -25.75
CA THR G 243 -3.47 -21.61 -25.52
C THR G 243 -4.90 -21.19 -25.20
N THR G 244 -5.78 -22.19 -25.14
CA THR G 244 -7.20 -21.94 -24.88
C THR G 244 -7.42 -21.42 -23.47
N SER G 245 -6.79 -22.07 -22.48
CA SER G 245 -6.99 -21.68 -21.08
C SER G 245 -6.53 -20.26 -20.83
N LYS G 246 -5.37 -19.89 -21.38
CA LYS G 246 -4.89 -18.52 -21.23
C LYS G 246 -5.72 -17.54 -22.05
N PHE G 247 -6.32 -18.01 -23.15
CA PHE G 247 -7.16 -17.13 -23.96
C PHE G 247 -8.44 -16.75 -23.23
N LEU G 248 -9.01 -17.69 -22.48
CA LEU G 248 -10.26 -17.39 -21.77
C LEU G 248 -10.06 -16.54 -20.52
N LYS G 249 -8.82 -16.34 -20.07
CA LYS G 249 -8.57 -15.58 -18.85
C LYS G 249 -7.96 -14.22 -19.11
N GLY G 250 -6.90 -14.13 -19.91
CA GLY G 250 -6.31 -12.87 -20.28
C GLY G 250 -4.85 -12.78 -19.88
N PHE G 251 -4.23 -11.67 -20.31
CA PHE G 251 -2.83 -11.41 -20.03
C PHE G 251 -2.67 -9.98 -19.53
N HIS G 252 -1.67 -9.77 -18.68
CA HIS G 252 -1.46 -8.49 -18.04
C HIS G 252 -0.66 -7.53 -18.93
N ASN G 253 -0.97 -6.25 -18.80
CA ASN G 253 -0.14 -5.17 -19.31
C ASN G 253 0.27 -4.29 -18.13
N THR G 254 0.97 -3.21 -18.43
CA THR G 254 1.46 -2.32 -17.38
C THR G 254 0.34 -1.56 -16.67
N ARG G 255 -0.86 -1.54 -17.24
CA ARG G 255 -1.97 -0.78 -16.69
C ARG G 255 -3.07 -1.64 -16.08
N SER G 256 -3.48 -2.73 -16.73
CA SER G 256 -4.56 -3.56 -16.22
C SER G 256 -4.48 -4.95 -16.88
N ARG G 257 -5.51 -5.75 -16.67
CA ARG G 257 -5.62 -7.07 -17.27
C ARG G 257 -6.52 -6.98 -18.49
N TYR G 258 -6.03 -7.45 -19.63
CA TYR G 258 -6.71 -7.28 -20.91
C TYR G 258 -7.39 -8.59 -21.29
N SER G 259 -8.72 -8.58 -21.27
CA SER G 259 -9.50 -9.76 -21.65
C SER G 259 -9.79 -9.71 -23.15
N PRO G 260 -9.35 -10.70 -23.93
CA PRO G 260 -9.58 -10.66 -25.38
C PRO G 260 -11.02 -10.92 -25.80
N LEU G 261 -11.90 -11.25 -24.86
CA LEU G 261 -13.29 -11.57 -25.19
C LEU G 261 -14.21 -10.35 -25.15
N ARG G 262 -13.64 -9.16 -25.01
CA ARG G 262 -14.41 -7.93 -24.97
C ARG G 262 -14.19 -7.04 -26.18
N ASP G 263 -13.14 -7.29 -26.96
CA ASP G 263 -12.83 -6.51 -28.16
C ASP G 263 -12.50 -7.54 -29.24
N LEU G 264 -13.53 -7.93 -30.01
CA LEU G 264 -13.36 -8.91 -31.07
C LEU G 264 -13.62 -8.34 -32.47
N SER G 265 -14.10 -7.10 -32.57
CA SER G 265 -14.43 -6.50 -33.86
C SER G 265 -13.26 -6.61 -34.83
N GLY G 266 -13.51 -7.27 -35.97
CA GLY G 266 -12.44 -7.64 -36.88
C GLY G 266 -11.78 -8.92 -36.45
N ALA G 267 -10.45 -8.94 -36.47
CA ALA G 267 -9.64 -10.03 -35.91
C ALA G 267 -9.79 -11.34 -36.68
N VAL G 268 -8.81 -12.24 -36.53
CA VAL G 268 -8.83 -13.56 -37.14
C VAL G 268 -8.42 -14.58 -36.09
N LEU G 269 -9.22 -15.64 -35.96
CA LEU G 269 -9.01 -16.68 -34.95
C LEU G 269 -8.86 -18.02 -35.65
N ILE G 270 -7.65 -18.59 -35.59
CA ILE G 270 -7.36 -19.91 -36.11
C ILE G 270 -7.32 -20.89 -34.93
N ILE G 271 -8.26 -21.83 -34.95
CA ILE G 271 -8.43 -22.83 -33.90
C ILE G 271 -8.14 -24.20 -34.52
N ASP G 272 -7.17 -24.89 -33.94
CA ASP G 272 -6.80 -26.23 -34.34
C ASP G 272 -7.41 -27.23 -33.36
N GLU G 273 -7.84 -28.38 -33.89
CA GLU G 273 -8.51 -29.41 -33.11
C GLU G 273 -9.77 -28.85 -32.44
N ILE G 274 -10.70 -28.41 -33.30
CA ILE G 274 -11.89 -27.72 -32.81
C ILE G 274 -12.81 -28.60 -31.97
N ASP G 275 -12.64 -29.92 -32.04
CA ASP G 275 -13.57 -30.82 -31.34
C ASP G 275 -13.33 -30.83 -29.84
N LYS G 276 -12.06 -30.91 -29.40
CA LYS G 276 -11.73 -31.04 -27.97
C LYS G 276 -11.94 -29.74 -27.17
N GLN G 277 -12.00 -28.61 -27.88
CA GLN G 277 -12.20 -27.32 -27.23
C GLN G 277 -13.48 -27.32 -26.40
N ASN G 278 -14.48 -28.10 -26.84
CA ASN G 278 -15.73 -28.20 -26.12
C ASN G 278 -15.50 -28.58 -24.67
N GLN G 279 -14.74 -29.66 -24.45
CA GLN G 279 -14.46 -30.12 -23.10
C GLN G 279 -13.67 -29.09 -22.32
N VAL G 280 -12.65 -28.48 -22.95
CA VAL G 280 -11.82 -27.52 -22.21
C VAL G 280 -12.67 -26.36 -21.68
N ILE G 281 -13.48 -25.77 -22.57
CA ILE G 281 -14.32 -24.64 -22.18
C ILE G 281 -15.27 -25.03 -21.06
N LEU G 282 -15.87 -26.22 -21.16
CA LEU G 282 -16.78 -26.68 -20.12
C LEU G 282 -16.09 -26.70 -18.76
N SER G 283 -14.85 -27.21 -18.71
CA SER G 283 -14.12 -27.20 -17.45
C SER G 283 -14.02 -25.79 -16.90
N GLU G 284 -13.66 -24.81 -17.73
CA GLU G 284 -13.59 -23.44 -17.20
C GLU G 284 -14.93 -22.98 -16.63
N LEU G 285 -16.04 -23.43 -17.21
CA LEU G 285 -17.34 -23.01 -16.66
C LEU G 285 -17.62 -23.64 -15.30
N CYS G 286 -17.14 -24.86 -15.05
CA CYS G 286 -17.48 -25.52 -13.80
C CYS G 286 -16.77 -24.93 -12.57
N LYS G 287 -15.55 -24.43 -12.73
CA LYS G 287 -14.76 -23.92 -11.60
C LYS G 287 -15.14 -22.48 -11.26
N GLN G 288 -16.38 -22.29 -10.81
CA GLN G 288 -16.90 -20.98 -10.47
C GLN G 288 -17.50 -21.01 -9.07
N GLN G 289 -17.27 -19.95 -8.32
CA GLN G 289 -17.64 -19.91 -6.91
C GLN G 289 -19.15 -19.79 -6.74
N ALA G 290 -19.66 -20.27 -5.60
CA ALA G 290 -21.08 -20.21 -5.28
C ALA G 290 -21.42 -18.83 -4.70
N GLN G 291 -22.65 -18.69 -4.23
CA GLN G 291 -23.12 -17.41 -3.71
C GLN G 291 -24.34 -17.63 -2.82
N ASP G 292 -24.31 -17.09 -1.61
CA ASP G 292 -25.48 -17.14 -0.74
C ASP G 292 -26.54 -16.17 -1.24
N LEU G 293 -27.80 -16.61 -1.19
CA LEU G 293 -28.90 -15.83 -1.74
C LEU G 293 -29.54 -14.90 -0.71
N ILE G 294 -29.77 -15.40 0.50
CA ILE G 294 -30.39 -14.60 1.55
C ILE G 294 -29.56 -13.35 1.82
N TRP G 295 -28.24 -13.54 1.99
CA TRP G 295 -27.34 -12.42 2.25
C TRP G 295 -27.40 -11.39 1.14
N ALA G 296 -27.33 -11.85 -0.11
CA ALA G 296 -27.29 -10.92 -1.24
C ALA G 296 -28.58 -10.11 -1.34
N ILE G 297 -29.72 -10.79 -1.22
CA ILE G 297 -31.00 -10.09 -1.35
C ILE G 297 -31.17 -9.07 -0.22
N ARG G 298 -30.82 -9.46 1.01
CA ARG G 298 -30.97 -8.51 2.12
C ARG G 298 -30.03 -7.33 1.96
N THR G 299 -28.79 -7.56 1.51
CA THR G 299 -27.85 -6.47 1.29
C THR G 299 -28.38 -5.49 0.24
N LEU G 300 -28.80 -6.01 -0.92
CA LEU G 300 -29.31 -5.15 -1.97
C LEU G 300 -30.55 -4.39 -1.52
N ARG G 301 -31.43 -5.06 -0.78
CA ARG G 301 -32.64 -4.40 -0.29
C ARG G 301 -32.30 -3.25 0.64
N ALA G 302 -31.34 -3.45 1.55
CA ALA G 302 -31.00 -2.40 2.50
C ALA G 302 -30.34 -1.21 1.82
N ASN G 303 -29.38 -1.46 0.92
CA ASN G 303 -28.60 -0.35 0.38
C ASN G 303 -29.32 0.46 -0.69
N PHE G 304 -30.37 -0.08 -1.31
CA PHE G 304 -31.06 0.61 -2.39
C PHE G 304 -32.24 1.45 -1.90
N ARG G 305 -32.51 1.49 -0.60
CA ARG G 305 -33.69 2.18 -0.11
C ARG G 305 -33.57 3.70 -0.25
N ASP G 306 -32.41 4.25 0.08
CA ASP G 306 -32.25 5.69 0.17
C ASP G 306 -31.07 6.27 -0.61
N HIS G 307 -30.10 5.45 -1.03
CA HIS G 307 -28.91 5.97 -1.68
C HIS G 307 -29.24 6.49 -3.07
N GLN G 308 -28.60 7.59 -3.45
CA GLN G 308 -28.83 8.23 -4.73
C GLN G 308 -27.51 8.57 -5.41
N LEU G 309 -27.55 8.70 -6.73
CA LEU G 309 -26.39 9.06 -7.52
C LEU G 309 -26.26 10.59 -7.59
N GLU G 310 -25.36 11.06 -8.45
CA GLU G 310 -25.15 12.47 -8.69
C GLU G 310 -25.97 12.92 -9.91
N SER G 311 -26.12 14.23 -10.04
CA SER G 311 -26.83 14.85 -11.17
C SER G 311 -25.81 15.66 -11.97
N SER G 312 -25.13 15.01 -12.89
CA SER G 312 -24.09 15.61 -13.70
C SER G 312 -24.17 15.06 -15.11
N PRO G 313 -23.64 15.79 -16.10
CA PRO G 313 -23.72 15.31 -17.49
C PRO G 313 -23.14 13.93 -17.71
N ARG G 314 -22.07 13.56 -17.00
CA ARG G 314 -21.47 12.24 -17.16
C ARG G 314 -22.36 11.13 -16.62
N TYR G 315 -23.40 11.46 -15.86
CA TYR G 315 -24.33 10.48 -15.30
C TYR G 315 -25.74 10.70 -15.82
N ASP G 316 -25.87 10.95 -17.11
CA ASP G 316 -27.14 11.30 -17.72
C ASP G 316 -27.84 10.03 -18.20
N LYS G 317 -29.12 9.91 -17.84
CA LYS G 317 -29.98 8.79 -18.23
C LYS G 317 -29.46 7.44 -17.73
N ILE G 318 -28.65 7.45 -16.68
CA ILE G 318 -28.22 6.20 -16.04
C ILE G 318 -29.16 5.82 -14.91
N GLU G 319 -29.66 6.81 -14.17
CA GLU G 319 -30.55 6.54 -13.05
C GLU G 319 -31.85 5.88 -13.52
N ASP G 320 -32.36 6.29 -14.68
CA ASP G 320 -33.61 5.74 -15.19
C ASP G 320 -33.50 4.28 -15.60
N LEU G 321 -32.28 3.74 -15.68
CA LEU G 321 -32.09 2.31 -15.92
C LEU G 321 -32.29 1.46 -14.67
N PHE G 322 -32.34 2.07 -13.49
CA PHE G 322 -32.44 1.35 -12.24
C PHE G 322 -33.79 1.49 -11.54
N GLU G 323 -34.73 2.22 -12.14
CA GLU G 323 -36.01 2.47 -11.48
C GLU G 323 -36.84 1.21 -11.22
N PRO G 324 -37.07 0.32 -12.19
CA PRO G 324 -37.91 -0.86 -11.91
C PRO G 324 -37.31 -1.80 -10.85
N LEU G 325 -35.98 -1.87 -10.78
CA LEU G 325 -35.30 -2.80 -9.89
C LEU G 325 -35.66 -2.52 -8.44
N ARG G 326 -35.67 -1.25 -8.05
CA ARG G 326 -35.97 -0.88 -6.67
C ARG G 326 -37.38 -1.27 -6.27
N GLU G 327 -38.35 -1.05 -7.16
CA GLU G 327 -39.73 -1.41 -6.89
C GLU G 327 -39.87 -2.92 -6.72
N ARG G 328 -39.23 -3.70 -7.60
CA ARG G 328 -39.26 -5.14 -7.46
C ARG G 328 -38.69 -5.58 -6.11
N LEU G 329 -37.56 -5.00 -5.72
CA LEU G 329 -36.95 -5.34 -4.44
C LEU G 329 -37.88 -5.02 -3.28
N GLU G 330 -38.55 -3.86 -3.34
CA GLU G 330 -39.47 -3.47 -2.28
C GLU G 330 -40.57 -4.51 -2.10
N GLU G 331 -41.24 -4.89 -3.20
CA GLU G 331 -42.33 -5.85 -3.08
C GLU G 331 -41.83 -7.20 -2.57
N PHE G 332 -40.69 -7.66 -3.10
CA PHE G 332 -40.17 -8.96 -2.68
C PHE G 332 -39.85 -8.97 -1.19
N GLY G 333 -39.27 -7.87 -0.69
CA GLY G 333 -39.01 -7.77 0.73
C GLY G 333 -40.27 -7.73 1.56
N THR G 334 -41.34 -7.13 1.04
CA THR G 334 -42.57 -7.02 1.82
C THR G 334 -43.27 -8.37 1.96
N ASN G 335 -43.46 -9.11 0.86
CA ASN G 335 -44.29 -10.30 0.96
C ASN G 335 -43.59 -11.48 1.65
N TRP G 336 -42.28 -11.63 1.49
CA TRP G 336 -41.57 -12.79 1.99
C TRP G 336 -40.91 -12.58 3.35
N ASN G 337 -41.15 -11.43 3.99
CA ASN G 337 -40.70 -11.18 5.37
C ASN G 337 -39.19 -11.32 5.50
N LEU G 338 -38.46 -10.44 4.81
CA LEU G 338 -37.00 -10.45 4.85
C LEU G 338 -36.43 -9.59 5.96
N ALA G 339 -37.23 -9.25 6.98
CA ALA G 339 -36.73 -8.63 8.18
C ALA G 339 -36.36 -9.65 9.24
N PHE G 340 -36.47 -10.94 8.93
CA PHE G 340 -36.23 -12.02 9.88
C PHE G 340 -35.20 -12.97 9.31
N ALA G 341 -34.74 -13.90 10.15
CA ALA G 341 -33.81 -14.94 9.75
C ALA G 341 -34.58 -16.24 9.49
N PHE G 342 -33.84 -17.28 9.10
CA PHE G 342 -34.40 -18.55 8.70
C PHE G 342 -33.84 -19.68 9.56
N ASN G 343 -34.65 -20.73 9.73
CA ASN G 343 -34.26 -21.89 10.53
C ASN G 343 -35.05 -23.09 10.05
N THR G 344 -34.64 -24.27 10.51
CA THR G 344 -35.33 -25.51 10.20
C THR G 344 -36.15 -25.97 11.40
N GLU G 345 -37.23 -26.70 11.12
CA GLU G 345 -38.15 -27.17 12.14
C GLU G 345 -38.44 -28.64 11.95
N GLY G 346 -38.57 -29.36 13.06
CA GLY G 346 -38.93 -30.77 13.02
C GLY G 346 -37.72 -31.67 12.82
N ALA G 347 -38.02 -32.97 12.79
CA ALA G 347 -37.00 -33.99 12.58
C ALA G 347 -36.91 -34.36 11.11
N ASN G 348 -35.92 -35.20 10.79
CA ASN G 348 -35.68 -35.75 9.45
C ASN G 348 -35.15 -34.66 8.52
N LEU G 349 -35.12 -33.41 8.99
CA LEU G 349 -34.58 -32.29 8.22
C LEU G 349 -33.18 -31.90 8.68
N ASN G 350 -32.92 -31.93 9.99
CA ASN G 350 -31.58 -31.64 10.49
C ASN G 350 -30.61 -32.78 10.19
N GLU G 351 -31.12 -34.00 10.04
CA GLU G 351 -30.26 -35.15 9.77
C GLU G 351 -29.59 -35.03 8.40
N ARG G 352 -30.37 -34.77 7.36
CA ARG G 352 -29.87 -34.72 5.99
C ARG G 352 -30.22 -33.39 5.36
N PRO G 353 -29.26 -32.69 4.75
CA PRO G 353 -29.57 -31.40 4.13
C PRO G 353 -30.42 -31.56 2.87
N VAL G 354 -31.10 -30.47 2.52
CA VAL G 354 -32.01 -30.43 1.38
C VAL G 354 -31.25 -29.94 0.14
N ARG G 355 -31.59 -30.53 -1.01
CA ARG G 355 -30.96 -30.25 -2.29
C ARG G 355 -32.05 -30.05 -3.33
N LEU G 356 -31.88 -29.03 -4.19
CA LEU G 356 -32.86 -28.71 -5.22
C LEU G 356 -32.16 -28.48 -6.56
N PHE G 357 -32.80 -28.94 -7.64
CA PHE G 357 -32.28 -28.82 -8.99
C PHE G 357 -33.34 -28.29 -9.94
N SER G 358 -32.96 -27.31 -10.77
CA SER G 358 -33.88 -26.75 -11.76
C SER G 358 -33.15 -26.42 -13.06
N ASP G 359 -33.88 -26.48 -14.17
CA ASP G 359 -33.35 -26.07 -15.47
C ASP G 359 -33.94 -24.77 -15.96
N ARG G 360 -34.84 -24.14 -15.19
CA ARG G 360 -35.45 -22.84 -15.44
C ARG G 360 -36.53 -22.88 -16.51
N SER G 361 -36.77 -24.02 -17.17
CA SER G 361 -37.84 -24.08 -18.16
C SER G 361 -38.96 -25.04 -17.77
N PHE G 362 -38.69 -26.34 -17.63
CA PHE G 362 -39.76 -27.25 -17.22
C PHE G 362 -39.31 -28.43 -16.35
N THR G 363 -38.04 -28.54 -15.97
CA THR G 363 -37.57 -29.69 -15.19
C THR G 363 -37.20 -29.24 -13.79
N HIS G 364 -37.73 -29.92 -12.79
CA HIS G 364 -37.48 -29.61 -11.39
C HIS G 364 -37.42 -30.90 -10.59
N VAL G 365 -36.39 -31.06 -9.77
CA VAL G 365 -36.31 -32.22 -8.89
C VAL G 365 -35.82 -31.79 -7.51
N SER G 366 -36.28 -32.51 -6.49
CA SER G 366 -35.92 -32.27 -5.11
C SER G 366 -35.67 -33.59 -4.41
N SER G 367 -34.73 -33.59 -3.48
CA SER G 367 -34.35 -34.80 -2.73
C SER G 367 -35.10 -34.86 -1.40
N ALA G 368 -36.42 -34.91 -1.48
CA ALA G 368 -37.27 -34.97 -0.29
C ALA G 368 -38.44 -35.90 -0.56
N THR G 369 -39.03 -36.40 0.54
CA THR G 369 -40.16 -37.32 0.41
C THR G 369 -41.47 -36.57 0.22
N HIS G 370 -41.62 -35.41 0.86
CA HIS G 370 -42.86 -34.64 0.78
C HIS G 370 -42.51 -33.18 0.52
N LYS G 371 -43.49 -32.44 0.03
CA LYS G 371 -43.27 -31.04 -0.33
C LYS G 371 -42.90 -30.22 0.89
N LEU G 372 -41.96 -29.30 0.71
CA LEU G 372 -41.48 -28.44 1.78
C LEU G 372 -42.09 -27.05 1.65
N SER G 373 -42.38 -26.44 2.79
CA SER G 373 -43.07 -25.16 2.83
C SER G 373 -42.36 -24.21 3.78
N LEU G 374 -42.62 -22.92 3.60
CA LEU G 374 -42.00 -21.86 4.40
C LEU G 374 -43.07 -21.14 5.22
N LYS G 375 -42.76 -20.91 6.49
CA LYS G 375 -43.65 -20.21 7.40
C LYS G 375 -43.00 -18.91 7.85
N SER G 376 -43.81 -18.06 8.50
CA SER G 376 -43.33 -16.76 9.00
C SER G 376 -44.02 -16.53 10.36
N ASP G 377 -43.33 -16.90 11.43
CA ASP G 377 -43.86 -16.72 12.78
C ASP G 377 -43.76 -15.27 13.20
N PHE G 378 -44.84 -14.72 13.74
CA PHE G 378 -44.87 -13.33 14.19
C PHE G 378 -44.66 -13.21 15.69
N LEU G 379 -44.38 -14.30 16.40
CA LEU G 379 -44.12 -14.28 17.82
C LEU G 379 -42.67 -14.61 18.18
N ARG G 380 -41.89 -15.16 17.25
CA ARG G 380 -40.50 -15.48 17.50
C ARG G 380 -39.54 -14.74 16.58
N ARG G 381 -40.06 -13.97 15.61
CA ARG G 381 -39.23 -13.25 14.64
C ARG G 381 -38.32 -14.22 13.88
N LYS G 382 -38.93 -15.25 13.30
CA LYS G 382 -38.20 -16.30 12.60
C LYS G 382 -39.06 -16.89 11.51
N ASN G 383 -38.43 -17.31 10.41
CA ASN G 383 -39.08 -18.05 9.34
C ASN G 383 -38.54 -19.47 9.34
N LEU G 384 -39.45 -20.45 9.32
CA LEU G 384 -39.08 -21.85 9.50
C LEU G 384 -39.36 -22.65 8.24
N ILE G 385 -38.48 -23.59 7.95
CA ILE G 385 -38.62 -24.50 6.81
C ILE G 385 -39.18 -25.80 7.37
N PHE G 386 -40.51 -25.94 7.33
CA PHE G 386 -41.19 -27.10 7.86
C PHE G 386 -41.75 -27.95 6.72
N SER G 387 -41.95 -29.23 7.01
CA SER G 387 -42.41 -30.20 6.03
C SER G 387 -43.91 -30.44 6.07
N ASP G 388 -44.65 -29.67 6.89
CA ASP G 388 -46.11 -29.78 6.99
C ASP G 388 -46.46 -31.17 7.48
N GLU G 389 -47.24 -31.96 6.74
CA GLU G 389 -47.62 -33.30 7.14
C GLU G 389 -47.28 -34.27 6.02
N LYS G 390 -47.04 -35.52 6.40
CA LYS G 390 -46.70 -36.54 5.41
C LYS G 390 -47.92 -37.00 4.61
N VAL G 391 -49.11 -36.92 5.17
CA VAL G 391 -50.32 -37.39 4.47
C VAL G 391 -50.85 -36.21 3.67
N GLU G 392 -50.27 -36.01 2.49
CA GLU G 392 -50.64 -34.94 1.56
C GLU G 392 -50.60 -33.57 2.21
N GLY G 393 -49.85 -33.43 3.30
CA GLY G 393 -49.82 -32.20 4.06
C GLY G 393 -51.04 -31.96 4.93
N SER G 394 -52.07 -32.80 4.79
CA SER G 394 -53.31 -32.74 5.57
C SER G 394 -54.11 -31.49 5.25
N LEU G 395 -53.54 -30.59 4.45
CA LEU G 395 -54.17 -29.32 4.09
C LEU G 395 -53.72 -28.95 2.68
N ILE G 396 -54.12 -27.75 2.25
CA ILE G 396 -53.64 -27.15 1.02
C ILE G 396 -52.62 -26.09 1.39
N GLU G 397 -51.73 -25.77 0.45
CA GLU G 397 -50.60 -24.87 0.72
C GLU G 397 -51.06 -23.42 0.64
N LYS G 398 -51.20 -22.78 1.80
CA LYS G 398 -51.40 -21.34 1.90
C LYS G 398 -50.22 -20.64 2.56
N HIS G 399 -49.07 -21.32 2.67
CA HIS G 399 -47.90 -20.76 3.31
C HIS G 399 -46.77 -20.42 2.35
N GLY G 400 -46.77 -21.00 1.16
CA GLY G 400 -45.74 -20.72 0.18
C GLY G 400 -44.76 -21.88 0.04
N LEU G 401 -44.14 -21.95 -1.15
CA LEU G 401 -43.19 -23.00 -1.47
C LEU G 401 -41.77 -22.48 -1.39
N LEU G 402 -40.86 -23.33 -0.92
CA LEU G 402 -39.44 -22.97 -0.87
C LEU G 402 -38.87 -22.78 -2.27
N THR G 403 -39.28 -23.65 -3.20
CA THR G 403 -38.79 -23.59 -4.57
C THR G 403 -39.13 -22.25 -5.22
N ARG G 404 -40.35 -21.76 -5.00
CA ARG G 404 -40.77 -20.48 -5.58
C ARG G 404 -39.88 -19.34 -5.08
N PHE G 405 -39.59 -19.34 -3.78
CA PHE G 405 -38.71 -18.33 -3.20
C PHE G 405 -37.34 -18.35 -3.88
N VAL G 406 -36.75 -19.55 -4.01
CA VAL G 406 -35.42 -19.64 -4.62
C VAL G 406 -35.45 -19.13 -6.06
N ASN G 407 -36.49 -19.51 -6.82
CA ASN G 407 -36.57 -19.11 -8.22
C ASN G 407 -36.62 -17.60 -8.37
N GLU G 408 -37.50 -16.94 -7.60
CA GLU G 408 -37.63 -15.50 -7.71
C GLU G 408 -36.34 -14.79 -7.28
N ALA G 409 -35.70 -15.29 -6.20
CA ALA G 409 -34.45 -14.68 -5.76
C ALA G 409 -33.39 -14.72 -6.85
N ASP G 410 -33.25 -15.86 -7.53
CA ASP G 410 -32.29 -15.94 -8.63
C ASP G 410 -32.62 -14.97 -9.75
N VAL G 411 -33.90 -14.85 -10.11
CA VAL G 411 -34.26 -13.90 -11.16
C VAL G 411 -33.76 -12.50 -10.82
N ILE G 412 -33.98 -12.08 -9.57
CA ILE G 412 -33.55 -10.75 -9.16
C ILE G 412 -32.02 -10.62 -9.26
N TYR G 413 -31.31 -11.64 -8.78
CA TYR G 413 -29.85 -11.55 -8.73
C TYR G 413 -29.26 -11.39 -10.13
N GLN G 414 -29.79 -12.11 -11.12
CA GLN G 414 -29.26 -11.94 -12.48
C GLN G 414 -29.67 -10.58 -13.06
N TRP G 415 -30.88 -10.11 -12.75
CA TRP G 415 -31.31 -8.81 -13.25
C TRP G 415 -30.34 -7.70 -12.86
N PHE G 416 -29.82 -7.74 -11.63
CA PHE G 416 -28.93 -6.67 -11.16
C PHE G 416 -27.69 -6.53 -12.05
N LEU G 417 -26.99 -7.64 -12.29
CA LEU G 417 -25.77 -7.61 -13.10
C LEU G 417 -26.08 -7.20 -14.53
N GLY G 418 -27.20 -7.72 -15.07
CA GLY G 418 -27.59 -7.32 -16.42
C GLY G 418 -27.76 -5.82 -16.55
N THR G 419 -28.35 -5.18 -15.54
CA THR G 419 -28.52 -3.73 -15.58
C THR G 419 -27.18 -3.01 -15.49
N MET G 420 -26.26 -3.49 -14.64
CA MET G 420 -24.99 -2.81 -14.48
C MET G 420 -24.21 -2.74 -15.79
N ARG G 421 -24.30 -3.80 -16.61
CA ARG G 421 -23.60 -3.80 -17.89
C ARG G 421 -24.04 -2.62 -18.78
N LYS G 422 -25.35 -2.45 -18.93
CA LYS G 422 -25.88 -1.34 -19.73
C LYS G 422 -25.47 0.00 -19.14
N ALA G 423 -25.45 0.10 -17.81
CA ALA G 423 -25.02 1.34 -17.18
C ALA G 423 -23.61 1.71 -17.60
N VAL G 424 -22.70 0.73 -17.61
CA VAL G 424 -21.32 1.00 -18.01
C VAL G 424 -21.27 1.49 -19.46
N PHE G 425 -22.04 0.84 -20.34
CA PHE G 425 -22.03 1.26 -21.75
C PHE G 425 -22.46 2.72 -21.91
N GLN G 426 -23.55 3.10 -21.23
CA GLN G 426 -24.02 4.48 -21.32
C GLN G 426 -23.01 5.46 -20.75
N TYR G 427 -22.34 5.08 -19.65
CA TYR G 427 -21.31 5.96 -19.08
C TYR G 427 -20.19 6.22 -20.09
N TRP G 428 -19.75 5.17 -20.78
CA TRP G 428 -18.69 5.36 -21.78
C TRP G 428 -19.14 6.32 -22.86
N GLU G 429 -20.38 6.16 -23.36
CA GLU G 429 -20.84 7.10 -24.38
C GLU G 429 -20.90 8.53 -23.86
N ASN G 430 -21.37 8.73 -22.62
CA ASN G 430 -21.48 10.08 -22.10
C ASN G 430 -20.12 10.74 -21.89
N VAL G 431 -19.07 9.95 -21.66
CA VAL G 431 -17.77 10.54 -21.39
C VAL G 431 -16.93 10.72 -22.66
N ARG G 432 -16.93 9.74 -23.56
CA ARG G 432 -15.90 9.70 -24.59
C ARG G 432 -16.06 10.83 -25.60
N GLY G 433 -17.27 11.07 -26.08
CA GLY G 433 -17.47 12.06 -27.13
C GLY G 433 -17.35 13.50 -26.68
N LEU G 434 -18.26 13.92 -25.81
CA LEU G 434 -18.30 15.28 -25.31
C LEU G 434 -17.48 15.35 -24.02
N GLU G 435 -17.62 16.45 -23.28
CA GLU G 435 -17.00 16.62 -21.96
C GLU G 435 -15.47 16.52 -22.05
N ILE G 436 -14.89 17.52 -22.71
CA ILE G 436 -13.45 17.57 -22.89
C ILE G 436 -12.75 17.61 -21.54
N GLU G 437 -11.77 16.74 -21.35
CA GLU G 437 -10.99 16.64 -20.11
C GLU G 437 -9.67 15.98 -20.45
N VAL G 438 -8.96 15.50 -19.41
CA VAL G 438 -7.76 14.70 -19.63
C VAL G 438 -8.15 13.44 -20.38
N ARG G 439 -7.56 13.24 -21.56
CA ARG G 439 -7.95 12.18 -22.46
C ARG G 439 -6.83 11.17 -22.68
N GLU G 440 -7.24 9.92 -22.89
CA GLU G 440 -6.37 8.79 -23.17
C GLU G 440 -7.16 7.83 -24.05
N ASN G 441 -6.71 6.58 -24.15
CA ASN G 441 -7.41 5.59 -24.97
C ASN G 441 -8.88 5.55 -24.61
N ARG G 442 -9.72 5.92 -25.56
CA ARG G 442 -11.15 6.13 -25.35
C ARG G 442 -11.92 4.97 -25.99
N SER G 443 -12.18 3.93 -25.19
CA SER G 443 -12.91 2.77 -25.63
C SER G 443 -13.52 2.10 -24.41
N LEU G 444 -14.01 0.87 -24.58
CA LEU G 444 -14.58 0.12 -23.47
C LEU G 444 -13.54 -0.19 -22.41
N GLU G 445 -12.32 -0.52 -22.84
CA GLU G 445 -11.27 -0.93 -21.92
C GLU G 445 -10.96 0.15 -20.89
N GLY G 446 -10.75 1.38 -21.33
CA GLY G 446 -10.39 2.44 -20.41
C GLY G 446 -11.51 2.80 -19.46
N THR G 447 -12.74 2.87 -19.94
CA THR G 447 -13.86 3.32 -19.13
C THR G 447 -14.43 2.23 -18.22
N PHE G 448 -14.13 0.97 -18.49
CA PHE G 448 -14.68 -0.16 -17.74
C PHE G 448 -14.49 -0.07 -16.22
N GLN G 449 -13.23 -0.12 -15.78
CA GLN G 449 -12.94 -0.19 -14.36
C GLN G 449 -13.44 1.06 -13.63
N GLU G 450 -13.21 2.23 -14.24
CA GLU G 450 -13.63 3.49 -13.62
C GLU G 450 -15.14 3.57 -13.48
N ALA G 451 -15.89 3.19 -14.52
CA ALA G 451 -17.34 3.24 -14.44
C ALA G 451 -17.85 2.29 -13.36
N VAL G 452 -17.28 1.08 -13.30
CA VAL G 452 -17.72 0.12 -12.28
C VAL G 452 -17.47 0.69 -10.89
N GLN G 453 -16.29 1.27 -10.66
CA GLN G 453 -15.99 1.82 -9.34
C GLN G 453 -16.89 2.99 -8.98
N SER G 454 -17.17 3.88 -9.94
CA SER G 454 -18.05 5.01 -9.64
C SER G 454 -19.45 4.53 -9.24
N LEU G 455 -20.04 3.65 -10.06
CA LEU G 455 -21.38 3.18 -9.77
C LEU G 455 -21.43 2.33 -8.50
N LEU G 456 -20.33 1.66 -8.15
CA LEU G 456 -20.28 0.86 -6.95
C LEU G 456 -19.76 1.63 -5.75
N THR G 457 -19.44 2.91 -5.91
CA THR G 457 -19.14 3.77 -4.77
C THR G 457 -20.30 4.66 -4.38
N HIS G 458 -21.10 5.13 -5.34
CA HIS G 458 -22.21 6.00 -4.96
C HIS G 458 -23.36 5.22 -4.30
N PHE G 459 -23.55 3.95 -4.66
CA PHE G 459 -24.63 3.14 -4.12
C PHE G 459 -24.21 2.29 -2.92
N ASN G 460 -23.11 2.63 -2.24
CA ASN G 460 -22.51 1.78 -1.19
C ASN G 460 -22.07 0.48 -1.87
N LEU G 461 -22.42 -0.69 -1.34
CA LEU G 461 -22.05 -2.01 -1.90
C LEU G 461 -20.54 -2.19 -1.78
N GLN G 462 -19.82 -2.40 -2.89
CA GLN G 462 -18.40 -2.77 -2.98
C GLN G 462 -18.12 -4.19 -2.52
N GLU G 463 -19.12 -4.93 -2.05
CA GLU G 463 -18.95 -6.35 -1.77
C GLU G 463 -19.25 -7.21 -2.99
N PHE G 464 -19.69 -6.60 -4.09
CA PHE G 464 -20.06 -7.31 -5.31
C PHE G 464 -19.03 -7.12 -6.44
N GLU G 465 -17.87 -6.56 -6.13
CA GLU G 465 -16.91 -6.21 -7.18
C GLU G 465 -16.45 -7.45 -7.94
N SER G 466 -16.14 -8.53 -7.21
CA SER G 466 -15.64 -9.75 -7.85
C SER G 466 -16.68 -10.35 -8.80
N ALA G 467 -17.95 -10.39 -8.38
CA ALA G 467 -18.99 -10.98 -9.22
C ALA G 467 -19.15 -10.20 -10.52
N VAL G 468 -19.24 -8.87 -10.42
CA VAL G 468 -19.39 -8.04 -11.61
C VAL G 468 -18.18 -8.19 -12.51
N TYR G 469 -16.99 -8.36 -11.93
CA TYR G 469 -15.79 -8.55 -12.76
C TYR G 469 -15.78 -9.91 -13.44
N GLU G 470 -16.28 -10.96 -12.78
CA GLU G 470 -16.28 -12.29 -13.38
C GLU G 470 -17.48 -12.56 -14.28
N SER G 471 -18.45 -11.65 -14.34
CA SER G 471 -19.60 -11.85 -15.24
C SER G 471 -19.53 -11.03 -16.51
N PHE G 472 -18.60 -10.08 -16.62
CA PHE G 472 -18.56 -9.16 -17.76
C PHE G 472 -17.69 -9.72 -18.89
N ASP G 473 -17.27 -10.98 -18.79
CA ASP G 473 -16.44 -11.64 -19.80
C ASP G 473 -17.21 -12.68 -20.60
N THR G 474 -17.87 -13.62 -19.93
CA THR G 474 -18.59 -14.69 -20.63
C THR G 474 -20.06 -14.33 -20.85
N ARG G 475 -20.78 -14.02 -19.78
CA ARG G 475 -22.19 -13.67 -19.87
C ARG G 475 -22.41 -12.28 -20.46
N GLY G 476 -21.35 -11.49 -20.64
CA GLY G 476 -21.47 -10.11 -21.06
C GLY G 476 -22.02 -9.89 -22.45
N LEU G 477 -22.12 -10.93 -23.27
CA LEU G 477 -22.55 -10.79 -24.66
C LEU G 477 -23.98 -11.28 -24.89
N ARG G 478 -24.83 -11.17 -23.86
CA ARG G 478 -26.21 -11.64 -23.95
C ARG G 478 -27.14 -10.48 -24.34
N GLN G 479 -28.44 -10.70 -24.16
CA GLN G 479 -29.48 -9.70 -24.43
C GLN G 479 -29.52 -9.33 -25.92
N SER G 480 -29.81 -10.33 -26.74
CA SER G 480 -29.88 -10.16 -28.18
C SER G 480 -31.30 -10.29 -28.73
N ALA G 481 -32.31 -10.26 -27.86
CA ALA G 481 -33.72 -10.35 -28.26
C ALA G 481 -33.97 -11.59 -29.12
N GLY G 482 -33.74 -12.75 -28.51
CA GLY G 482 -33.81 -14.02 -29.21
C GLY G 482 -32.58 -14.85 -28.93
N GLY G 483 -31.43 -14.18 -28.84
CA GLY G 483 -30.23 -14.85 -28.36
C GLY G 483 -30.23 -15.04 -26.86
N LYS G 484 -30.95 -14.19 -26.13
CA LYS G 484 -31.10 -14.34 -24.68
C LYS G 484 -32.44 -13.73 -24.28
N ALA G 485 -33.45 -14.58 -24.13
CA ALA G 485 -34.78 -14.15 -23.70
C ALA G 485 -35.56 -15.39 -23.28
N ASN G 486 -36.34 -15.26 -22.22
CA ASN G 486 -37.13 -16.38 -21.67
C ASN G 486 -38.60 -16.00 -21.69
N LYS G 487 -39.25 -16.23 -22.82
CA LYS G 487 -40.69 -16.03 -22.97
C LYS G 487 -41.13 -16.67 -24.27
N LEU G 488 -42.45 -16.88 -24.39
CA LEU G 488 -42.99 -17.57 -25.56
C LEU G 488 -42.86 -16.75 -26.83
N SER G 489 -42.79 -15.43 -26.72
CA SER G 489 -42.66 -14.55 -27.89
C SER G 489 -41.21 -14.32 -28.29
N SER G 490 -40.32 -15.24 -27.92
CA SER G 490 -38.90 -15.12 -28.25
C SER G 490 -38.33 -16.51 -28.44
N SER G 491 -37.17 -16.57 -29.11
CA SER G 491 -36.51 -17.84 -29.34
C SER G 491 -36.06 -18.46 -28.02
N LYS G 492 -36.22 -19.78 -27.90
CA LYS G 492 -35.90 -20.50 -26.67
C LYS G 492 -34.96 -21.66 -26.98
N SER G 493 -33.97 -21.85 -26.11
CA SER G 493 -33.01 -22.94 -26.25
C SER G 493 -32.31 -23.13 -24.92
N TYR G 494 -31.55 -24.22 -24.83
CA TYR G 494 -30.79 -24.54 -23.62
C TYR G 494 -29.43 -23.87 -23.60
N HIS G 495 -28.80 -23.67 -24.76
CA HIS G 495 -27.44 -23.15 -24.83
C HIS G 495 -27.31 -21.69 -24.40
N HIS G 496 -28.39 -21.03 -24.00
CA HIS G 496 -28.26 -19.71 -23.41
C HIS G 496 -29.19 -19.50 -22.22
N THR G 497 -29.64 -20.56 -21.57
CA THR G 497 -30.44 -20.44 -20.35
C THR G 497 -29.73 -20.98 -19.12
N GLY G 498 -29.25 -22.22 -19.16
CA GLY G 498 -28.43 -22.76 -18.09
C GLY G 498 -29.21 -23.60 -17.10
N LEU G 499 -28.57 -23.83 -15.95
CA LEU G 499 -29.14 -24.69 -14.91
C LEU G 499 -28.72 -24.19 -13.54
N LYS G 500 -29.49 -24.58 -12.53
CA LYS G 500 -29.37 -24.10 -11.16
C LYS G 500 -29.38 -25.25 -10.17
N LEU G 501 -28.44 -25.21 -9.21
CA LEU G 501 -28.34 -26.20 -8.14
C LEU G 501 -28.25 -25.49 -6.80
N VAL G 502 -29.07 -25.90 -5.83
CA VAL G 502 -29.15 -25.23 -4.54
C VAL G 502 -29.04 -26.25 -3.41
N GLU G 503 -28.30 -25.87 -2.35
CA GLU G 503 -28.12 -26.70 -1.16
C GLU G 503 -28.42 -25.87 0.09
N VAL G 504 -29.14 -26.47 1.03
CA VAL G 504 -29.52 -25.80 2.27
C VAL G 504 -28.82 -26.51 3.43
N ALA G 505 -28.11 -25.74 4.27
CA ALA G 505 -27.33 -26.33 5.34
C ALA G 505 -27.29 -25.41 6.55
N HIS G 506 -26.69 -25.91 7.63
CA HIS G 506 -26.52 -25.13 8.85
C HIS G 506 -25.28 -24.24 8.75
N ASN G 507 -25.39 -23.03 9.32
CA ASN G 507 -24.26 -22.11 9.31
C ASN G 507 -23.15 -22.59 10.24
N GLN G 508 -21.92 -22.24 9.88
CA GLN G 508 -20.77 -22.67 10.67
C GLN G 508 -20.72 -21.94 12.00
N GLY G 509 -20.40 -22.68 13.06
CA GLY G 509 -20.35 -22.11 14.41
C GLY G 509 -21.67 -22.00 15.13
N THR G 510 -22.67 -21.42 14.48
CA THR G 510 -23.97 -21.26 15.10
C THR G 510 -24.80 -22.54 14.93
N ARG G 511 -25.93 -22.58 15.64
CA ARG G 511 -26.82 -23.73 15.61
C ARG G 511 -28.28 -23.31 15.47
N ASP G 512 -28.53 -22.07 15.04
CA ASP G 512 -29.88 -21.55 14.95
C ASP G 512 -30.22 -20.93 13.60
N THR G 513 -29.30 -20.95 12.64
CA THR G 513 -29.51 -20.32 11.34
C THR G 513 -29.11 -21.28 10.23
N VAL G 514 -29.64 -21.02 9.03
CA VAL G 514 -29.38 -21.84 7.85
C VAL G 514 -28.94 -20.94 6.71
N ASN G 515 -28.27 -21.54 5.73
CA ASN G 515 -27.83 -20.84 4.53
C ASN G 515 -28.15 -21.68 3.30
N CYS G 516 -28.33 -20.99 2.18
CA CYS G 516 -28.74 -21.58 0.91
C CYS G 516 -27.68 -21.23 -0.14
N LYS G 517 -26.73 -22.13 -0.36
CA LYS G 517 -25.73 -21.91 -1.40
C LYS G 517 -26.29 -22.33 -2.75
N ALA G 518 -25.89 -21.59 -3.79
CA ALA G 518 -26.37 -21.81 -5.14
C ALA G 518 -25.21 -21.82 -6.12
N SER G 519 -25.26 -22.74 -7.08
CA SER G 519 -24.30 -22.83 -8.17
C SER G 519 -25.05 -22.79 -9.49
N PHE G 520 -24.44 -22.16 -10.50
CA PHE G 520 -25.12 -21.82 -11.73
C PHE G 520 -24.28 -22.18 -12.93
N LEU G 521 -24.96 -22.55 -14.01
CA LEU G 521 -24.34 -22.63 -15.33
C LEU G 521 -25.18 -21.75 -16.25
N ASN G 522 -24.61 -20.61 -16.65
CA ASN G 522 -25.35 -19.57 -17.35
C ASN G 522 -25.33 -19.72 -18.86
N THR G 523 -24.53 -20.64 -19.40
CA THR G 523 -24.43 -20.84 -20.83
C THR G 523 -23.80 -22.21 -21.09
N SER G 524 -23.61 -22.53 -22.36
CA SER G 524 -22.99 -23.76 -22.80
C SER G 524 -21.84 -23.42 -23.73
N PRO G 525 -20.94 -24.38 -24.00
CA PRO G 525 -19.81 -24.08 -24.88
C PRO G 525 -20.20 -23.65 -26.29
N SER G 526 -21.38 -24.05 -26.79
CA SER G 526 -21.77 -23.66 -28.15
C SER G 526 -22.21 -22.20 -28.21
N GLY G 527 -22.90 -21.73 -27.17
CA GLY G 527 -23.36 -20.35 -27.16
C GLY G 527 -22.23 -19.35 -27.18
N VAL G 528 -21.12 -19.68 -26.51
CA VAL G 528 -19.96 -18.79 -26.49
C VAL G 528 -19.40 -18.62 -27.90
N LEU G 529 -19.28 -19.72 -28.64
CA LEU G 529 -18.79 -19.64 -30.02
C LEU G 529 -19.72 -18.81 -30.89
N ALA G 530 -21.03 -19.02 -30.75
CA ALA G 530 -21.98 -18.22 -31.51
C ALA G 530 -21.83 -16.74 -31.17
N ASP G 531 -21.63 -16.41 -29.89
CA ASP G 531 -21.44 -15.02 -29.50
C ASP G 531 -20.16 -14.45 -30.07
N MET G 532 -19.11 -15.25 -30.16
CA MET G 532 -17.89 -14.78 -30.81
C MET G 532 -18.16 -14.37 -32.24
N VAL G 533 -18.93 -15.18 -32.98
CA VAL G 533 -19.24 -14.80 -34.36
C VAL G 533 -20.12 -13.55 -34.39
N ASP G 534 -21.09 -13.46 -33.48
CA ASP G 534 -22.07 -12.36 -33.55
C ASP G 534 -21.43 -11.00 -33.35
N ALA G 535 -20.35 -10.91 -32.57
CA ALA G 535 -19.66 -9.64 -32.38
C ALA G 535 -18.68 -9.34 -33.50
N GLY G 536 -18.51 -10.25 -34.45
CA GLY G 536 -17.63 -10.04 -35.57
C GLY G 536 -16.29 -10.73 -35.39
N ALA G 537 -16.12 -11.89 -36.02
CA ALA G 537 -14.87 -12.63 -35.93
C ALA G 537 -14.83 -13.72 -36.99
N VAL G 538 -13.71 -13.82 -37.70
CA VAL G 538 -13.52 -14.86 -38.71
C VAL G 538 -12.82 -16.03 -38.02
N ILE G 539 -13.55 -17.12 -37.83
CA ILE G 539 -13.06 -18.29 -37.11
C ILE G 539 -12.84 -19.41 -38.12
N LEU G 540 -11.60 -19.90 -38.18
CA LEU G 540 -11.23 -21.02 -39.03
C LEU G 540 -10.87 -22.19 -38.14
N GLY G 541 -11.65 -23.26 -38.21
CA GLY G 541 -11.37 -24.48 -37.46
C GLY G 541 -10.76 -25.51 -38.38
N ILE G 542 -9.71 -26.19 -37.90
CA ILE G 542 -9.05 -27.23 -38.70
C ILE G 542 -9.16 -28.55 -37.97
N SER G 543 -9.90 -29.51 -38.55
CA SER G 543 -10.07 -30.80 -37.91
C SER G 543 -10.57 -31.83 -38.92
N ALA G 544 -10.19 -33.08 -38.68
CA ALA G 544 -10.61 -34.19 -39.54
C ALA G 544 -12.05 -34.62 -39.27
N THR G 545 -12.51 -34.51 -38.03
CA THR G 545 -13.89 -34.86 -37.68
C THR G 545 -14.63 -33.65 -37.11
N ALA G 546 -14.49 -32.50 -37.76
CA ALA G 546 -15.14 -31.29 -37.26
C ALA G 546 -16.65 -31.41 -37.25
N ARG G 547 -17.22 -31.90 -38.34
CA ARG G 547 -18.68 -32.03 -38.47
C ARG G 547 -19.11 -33.45 -38.15
N ALA G 548 -18.99 -33.80 -36.87
CA ALA G 548 -19.43 -35.10 -36.38
C ALA G 548 -20.93 -35.06 -36.09
N ASP G 549 -21.45 -36.11 -35.46
CA ASP G 549 -22.88 -36.23 -35.19
C ASP G 549 -23.16 -36.45 -33.70
N THR G 550 -22.28 -35.99 -32.83
CA THR G 550 -22.46 -36.11 -31.39
C THR G 550 -22.45 -34.74 -30.74
N VAL G 551 -23.23 -34.60 -29.66
CA VAL G 551 -23.29 -33.36 -28.90
C VAL G 551 -22.49 -33.41 -27.61
N ILE G 552 -21.98 -34.59 -27.23
CA ILE G 552 -21.16 -34.71 -26.04
C ILE G 552 -19.68 -34.53 -26.37
N HIS G 553 -19.23 -35.09 -27.49
CA HIS G 553 -17.85 -34.98 -27.92
C HIS G 553 -17.65 -33.94 -29.02
N ASN G 554 -18.68 -33.15 -29.32
CA ASN G 554 -18.59 -32.14 -30.37
C ASN G 554 -19.67 -31.09 -30.13
N PHE G 555 -19.48 -29.92 -30.71
CA PHE G 555 -20.47 -28.86 -30.63
C PHE G 555 -21.76 -29.28 -31.35
N ASP G 556 -22.87 -28.72 -30.90
CA ASP G 556 -24.17 -28.98 -31.53
C ASP G 556 -24.24 -28.17 -32.82
N PHE G 557 -24.19 -28.86 -33.96
CA PHE G 557 -24.28 -28.20 -35.24
C PHE G 557 -25.70 -28.05 -35.75
N LYS G 558 -26.70 -28.47 -34.95
CA LYS G 558 -28.05 -28.04 -35.25
C LYS G 558 -28.33 -26.67 -34.67
N TYR G 559 -27.82 -26.38 -33.47
CA TYR G 559 -28.03 -25.07 -32.86
C TYR G 559 -27.45 -23.95 -33.72
N LEU G 560 -26.25 -24.16 -34.27
CA LEU G 560 -25.56 -23.08 -34.98
C LEU G 560 -26.20 -22.75 -36.32
N ASN G 561 -27.08 -23.60 -36.84
CA ASN G 561 -27.67 -23.36 -38.15
C ASN G 561 -28.94 -22.52 -38.12
N GLU G 562 -29.56 -22.31 -36.95
CA GLU G 562 -30.70 -21.40 -36.88
C GLU G 562 -30.33 -20.03 -36.34
N ARG G 563 -29.10 -19.87 -35.85
CA ARG G 563 -28.66 -18.60 -35.27
C ARG G 563 -27.71 -17.83 -36.18
N LEU G 564 -26.66 -18.49 -36.67
CA LEU G 564 -25.71 -17.81 -37.55
C LEU G 564 -26.36 -17.43 -38.88
N GLY G 565 -27.16 -18.31 -39.44
CA GLY G 565 -27.83 -18.04 -40.71
C GLY G 565 -26.95 -18.41 -41.89
N ASN G 566 -26.66 -17.44 -42.74
CA ASN G 566 -25.80 -17.65 -43.91
C ASN G 566 -24.34 -17.37 -43.61
N LYS G 567 -24.01 -16.97 -42.38
CA LYS G 567 -22.62 -16.76 -42.00
C LYS G 567 -21.86 -18.05 -41.77
N LEU G 568 -22.57 -19.18 -41.65
CA LEU G 568 -21.95 -20.49 -41.47
C LEU G 568 -21.59 -21.03 -42.84
N LEU G 569 -20.38 -20.73 -43.29
CA LEU G 569 -19.96 -21.13 -44.63
C LEU G 569 -19.66 -22.62 -44.68
N SER G 570 -20.05 -23.26 -45.78
CA SER G 570 -19.79 -24.67 -46.02
C SER G 570 -19.16 -24.84 -47.39
N LEU G 571 -18.32 -25.86 -47.52
CA LEU G 571 -17.58 -26.08 -48.76
C LEU G 571 -18.52 -26.49 -49.88
N SER G 572 -18.22 -26.01 -51.09
CA SER G 572 -18.96 -26.44 -52.27
C SER G 572 -18.55 -27.85 -52.67
N ARG G 573 -19.41 -28.49 -53.45
CA ARG G 573 -19.19 -29.88 -53.85
C ARG G 573 -17.99 -30.01 -54.79
N GLU G 574 -17.86 -29.07 -55.73
CA GLU G 574 -16.75 -29.11 -56.68
C GLU G 574 -15.40 -28.95 -55.97
N GLN G 575 -15.33 -28.07 -54.97
CA GLN G 575 -14.11 -27.90 -54.20
C GLN G 575 -13.77 -29.19 -53.45
N LYS G 576 -14.79 -29.88 -52.93
CA LYS G 576 -14.57 -31.17 -52.30
C LYS G 576 -13.97 -32.16 -53.27
N GLN G 577 -14.46 -32.19 -54.51
CA GLN G 577 -13.90 -33.08 -55.52
C GLN G 577 -12.43 -32.74 -55.80
N ARG G 578 -12.11 -31.45 -55.88
CA ARG G 578 -10.72 -31.06 -56.12
C ARG G 578 -9.81 -31.54 -54.99
N VAL G 579 -10.24 -31.36 -53.74
CA VAL G 579 -9.45 -31.84 -52.60
C VAL G 579 -9.30 -33.35 -52.67
N ASN G 580 -10.36 -34.06 -53.04
CA ASN G 580 -10.30 -35.51 -53.15
C ASN G 580 -9.26 -35.94 -54.18
N ASN G 581 -9.25 -35.28 -55.34
CA ASN G 581 -8.27 -35.64 -56.37
C ASN G 581 -6.86 -35.38 -55.91
N TYR G 582 -6.61 -34.24 -55.26
CA TYR G 582 -5.25 -33.93 -54.81
C TYR G 582 -4.77 -34.95 -53.77
N TYR G 583 -5.64 -35.27 -52.80
CA TYR G 583 -5.30 -36.29 -51.81
C TYR G 583 -5.04 -37.63 -52.46
N HIS G 584 -5.86 -38.00 -53.45
CA HIS G 584 -5.65 -39.28 -54.12
C HIS G 584 -4.31 -39.33 -54.82
N SER G 585 -3.92 -38.23 -55.46
CA SER G 585 -2.63 -38.21 -56.15
C SER G 585 -1.47 -38.36 -55.18
N ARG G 586 -1.51 -37.61 -54.07
CA ARG G 586 -0.32 -37.62 -53.21
C ARG G 586 -0.18 -38.90 -52.40
N ARG G 587 -1.26 -39.65 -52.19
CA ARG G 587 -1.25 -40.86 -51.37
C ARG G 587 -1.96 -42.00 -52.09
N ASN G 588 -1.57 -42.22 -53.35
CA ASN G 588 -2.26 -43.19 -54.20
C ASN G 588 -1.93 -44.61 -53.78
N TYR G 589 -2.70 -45.15 -52.83
CA TYR G 589 -2.44 -46.47 -52.24
C TYR G 589 -2.87 -47.62 -53.15
N LYS G 590 -3.19 -47.34 -54.41
CA LYS G 590 -3.54 -48.38 -55.37
C LYS G 590 -2.66 -48.27 -56.61
N ASP G 591 -2.93 -49.09 -57.63
CA ASP G 591 -2.18 -49.08 -58.89
C ASP G 591 -0.68 -49.26 -58.69
N ASN G 592 -0.25 -49.73 -57.51
CA ASN G 592 1.17 -49.94 -57.27
C ASN G 592 1.43 -51.16 -56.40
N GLY G 593 0.55 -52.16 -56.46
CA GLY G 593 0.73 -53.37 -55.68
C GLY G 593 0.67 -53.20 -54.17
N VAL G 594 -0.34 -52.47 -53.69
CA VAL G 594 -0.55 -52.25 -52.27
C VAL G 594 -1.93 -52.78 -51.89
N VAL G 595 -1.98 -53.63 -50.86
CA VAL G 595 -3.22 -54.27 -50.44
C VAL G 595 -3.34 -54.28 -48.92
N LEU G 596 -4.60 -54.34 -48.47
CA LEU G 596 -4.96 -54.32 -47.05
C LEU G 596 -5.82 -55.53 -46.75
N THR G 597 -5.68 -56.05 -45.53
CA THR G 597 -6.46 -57.19 -45.08
C THR G 597 -6.91 -56.96 -43.64
N VAL G 598 -8.15 -57.36 -43.35
CA VAL G 598 -8.78 -57.14 -42.06
C VAL G 598 -9.18 -58.49 -41.47
N LYS G 599 -8.99 -58.63 -40.17
CA LYS G 599 -9.41 -59.82 -39.44
C LYS G 599 -10.14 -59.42 -38.16
N TYR G 600 -11.12 -60.24 -37.78
CA TYR G 600 -11.91 -60.03 -36.57
C TYR G 600 -11.63 -61.18 -35.61
N LEU G 601 -11.29 -60.86 -34.37
CA LEU G 601 -10.92 -61.88 -33.40
C LEU G 601 -11.98 -62.02 -32.32
N ASN G 602 -12.37 -63.27 -32.02
CA ASN G 602 -13.31 -63.59 -30.97
C ASN G 602 -12.63 -64.50 -29.97
N SER G 603 -13.04 -64.40 -28.70
CA SER G 603 -12.37 -65.10 -27.62
C SER G 603 -12.50 -66.62 -27.79
N ARG G 604 -11.36 -67.30 -27.65
CA ARG G 604 -11.29 -68.76 -27.78
C ARG G 604 -10.50 -69.31 -26.59
N ASP G 605 -11.15 -70.16 -25.79
CA ASP G 605 -10.53 -70.66 -24.56
C ASP G 605 -9.48 -71.73 -24.80
N ALA G 606 -9.48 -72.36 -25.98
CA ALA G 606 -8.52 -73.42 -26.27
C ALA G 606 -7.09 -72.91 -26.16
N PHE G 607 -6.79 -71.78 -26.83
CA PHE G 607 -5.49 -71.15 -26.72
C PHE G 607 -5.13 -70.93 -25.27
N LEU G 608 -6.07 -70.36 -24.51
CA LEU G 608 -5.82 -70.01 -23.12
C LEU G 608 -5.37 -71.22 -22.33
N ASP G 609 -6.22 -72.25 -22.24
CA ASP G 609 -5.89 -73.39 -21.38
C ASP G 609 -4.64 -74.10 -21.86
N ALA G 610 -4.47 -74.25 -23.18
CA ALA G 610 -3.29 -74.94 -23.69
C ALA G 610 -2.01 -74.25 -23.27
N LEU G 611 -1.90 -72.94 -23.56
CA LEU G 611 -0.68 -72.22 -23.19
C LEU G 611 -0.53 -72.07 -21.69
N LEU G 612 -1.63 -72.11 -20.92
CA LEU G 612 -1.51 -72.09 -19.47
C LEU G 612 -0.81 -73.35 -18.97
N GLU G 613 -1.25 -74.53 -19.44
CA GLU G 613 -0.63 -75.72 -18.88
C GLU G 613 0.76 -75.95 -19.44
N GLU G 614 1.03 -75.49 -20.67
CA GLU G 614 2.34 -75.77 -21.28
C GLU G 614 3.48 -75.12 -20.52
N TYR G 615 3.24 -74.00 -19.84
CA TYR G 615 4.29 -73.35 -19.05
C TYR G 615 4.09 -73.48 -17.54
N LYS G 616 2.96 -74.01 -17.08
CA LYS G 616 2.71 -74.27 -15.66
C LYS G 616 2.50 -75.77 -15.45
N PRO G 617 3.54 -76.59 -15.64
CA PRO G 617 3.36 -78.04 -15.47
C PRO G 617 3.08 -78.44 -14.02
N GLU G 618 3.60 -77.70 -13.05
CA GLU G 618 3.44 -78.08 -11.65
C GLU G 618 2.02 -77.82 -11.14
N ALA G 619 1.27 -76.92 -11.76
CA ALA G 619 -0.06 -76.59 -11.30
C ALA G 619 -1.09 -77.56 -11.86
N ARG G 620 -2.09 -77.89 -11.05
CA ARG G 620 -3.12 -78.84 -11.47
C ARG G 620 -4.04 -78.22 -12.52
N SER G 621 -4.72 -77.13 -12.16
CA SER G 621 -5.71 -76.50 -13.03
C SER G 621 -5.49 -75.00 -13.04
N SER G 622 -5.99 -74.37 -14.12
CA SER G 622 -5.84 -72.93 -14.28
C SER G 622 -6.72 -72.12 -13.32
N HIS G 623 -7.75 -72.75 -12.75
CA HIS G 623 -8.66 -72.04 -11.85
C HIS G 623 -8.00 -71.66 -10.53
N PHE G 624 -6.81 -72.19 -10.25
CA PHE G 624 -6.00 -71.84 -9.08
C PHE G 624 -4.76 -71.03 -9.45
N ILE G 625 -4.27 -71.18 -10.68
CA ILE G 625 -3.10 -70.45 -11.14
C ILE G 625 -3.33 -68.96 -11.01
N LEU G 626 -4.46 -68.48 -11.54
CA LEU G 626 -4.76 -67.05 -11.41
C LEU G 626 -4.97 -66.65 -9.96
N ASN G 627 -5.40 -67.60 -9.12
CA ASN G 627 -5.60 -67.30 -7.71
C ASN G 627 -4.28 -66.97 -7.03
N HIS G 628 -3.23 -67.73 -7.30
CA HIS G 628 -1.96 -67.45 -6.62
C HIS G 628 -0.85 -66.98 -7.56
N TYR G 629 -0.68 -67.61 -8.73
CA TYR G 629 0.44 -67.24 -9.59
C TYR G 629 0.29 -65.85 -10.17
N LEU G 630 -0.91 -65.45 -10.55
CA LEU G 630 -1.15 -64.16 -11.17
C LEU G 630 -1.84 -63.15 -10.27
N GLY G 631 -2.66 -63.60 -9.32
CA GLY G 631 -3.32 -62.71 -8.40
C GLY G 631 -4.72 -62.28 -8.77
N ILE G 632 -5.28 -62.83 -9.84
CA ILE G 632 -6.64 -62.50 -10.25
C ILE G 632 -7.62 -63.25 -9.34
N ALA G 633 -8.54 -62.52 -8.73
CA ALA G 633 -9.54 -63.14 -7.87
C ALA G 633 -10.54 -63.92 -8.71
N GLU G 634 -11.23 -64.86 -8.05
CA GLU G 634 -12.21 -65.69 -8.76
C GLU G 634 -13.38 -64.86 -9.27
N SER G 635 -13.67 -63.74 -8.62
CA SER G 635 -14.82 -62.92 -9.03
C SER G 635 -14.63 -62.32 -10.41
N GLU G 636 -13.41 -61.86 -10.73
CA GLU G 636 -13.14 -61.13 -11.96
C GLU G 636 -12.31 -61.94 -12.96
N GLN G 637 -12.43 -63.26 -12.92
CA GLN G 637 -11.65 -64.09 -13.83
C GLN G 637 -12.14 -63.93 -15.26
N ALA G 638 -13.46 -63.96 -15.47
CA ALA G 638 -14.02 -63.95 -16.82
C ALA G 638 -13.45 -62.81 -17.65
N PHE G 639 -13.59 -61.57 -17.16
CA PHE G 639 -13.12 -60.42 -17.91
C PHE G 639 -11.66 -60.59 -18.30
N VAL G 640 -10.82 -61.01 -17.35
CA VAL G 640 -9.41 -61.16 -17.64
C VAL G 640 -9.24 -62.11 -18.82
N ARG G 641 -9.83 -63.30 -18.70
CA ARG G 641 -9.72 -64.28 -19.77
C ARG G 641 -10.11 -63.64 -21.09
N SER G 642 -11.26 -62.95 -21.09
CA SER G 642 -11.82 -62.42 -22.33
C SER G 642 -10.83 -61.54 -23.06
N TRP G 643 -10.20 -60.59 -22.35
CA TRP G 643 -9.32 -59.70 -23.08
C TRP G 643 -8.02 -60.41 -23.46
N LEU G 644 -7.48 -61.22 -22.56
CA LEU G 644 -6.15 -61.76 -22.80
C LEU G 644 -6.13 -62.64 -24.02
N SER G 645 -7.15 -63.48 -24.19
CA SER G 645 -7.24 -64.34 -25.37
C SER G 645 -7.11 -63.51 -26.64
N LYS G 646 -7.92 -62.45 -26.78
CA LYS G 646 -7.89 -61.71 -28.03
C LYS G 646 -6.56 -61.03 -28.22
N LEU G 647 -5.87 -60.68 -27.13
CA LEU G 647 -4.57 -60.06 -27.27
C LEU G 647 -3.55 -61.04 -27.85
N LEU G 648 -3.62 -62.31 -27.42
CA LEU G 648 -2.56 -63.24 -27.84
C LEU G 648 -2.75 -63.67 -29.29
N ALA G 649 -3.98 -63.83 -29.75
CA ALA G 649 -4.21 -64.30 -31.11
C ALA G 649 -3.46 -63.45 -32.12
N SER G 650 -3.67 -62.13 -32.08
CA SER G 650 -2.99 -61.25 -33.01
C SER G 650 -1.47 -61.40 -32.93
N ILE G 651 -0.93 -61.53 -31.72
CA ILE G 651 0.51 -61.70 -31.59
C ILE G 651 0.97 -62.89 -32.40
N LYS G 652 0.29 -64.03 -32.24
CA LYS G 652 0.69 -65.23 -32.99
C LYS G 652 0.58 -64.97 -34.49
N ALA G 653 -0.44 -64.23 -34.91
CA ALA G 653 -0.60 -63.95 -36.34
C ALA G 653 0.52 -63.05 -36.84
N PHE G 654 0.99 -62.14 -35.99
CA PHE G 654 1.97 -61.15 -36.45
C PHE G 654 3.34 -61.78 -36.64
N ILE G 655 3.77 -62.65 -35.73
CA ILE G 655 5.11 -63.21 -35.81
C ILE G 655 5.27 -64.06 -37.07
N SER G 656 4.22 -64.79 -37.44
CA SER G 656 4.27 -65.66 -38.63
C SER G 656 3.98 -64.86 -39.90
N SER G 657 4.79 -63.83 -40.12
CA SER G 657 4.67 -62.97 -41.29
C SER G 657 6.06 -62.67 -41.85
N PRO G 658 6.22 -62.70 -43.19
CA PRO G 658 7.55 -62.47 -43.76
C PRO G 658 7.99 -61.02 -43.77
N ASP G 659 7.09 -60.10 -44.12
CA ASP G 659 7.44 -58.71 -44.40
C ASP G 659 6.78 -57.74 -43.43
N ASN G 660 6.75 -58.09 -42.15
CA ASN G 660 6.25 -57.19 -41.12
C ASN G 660 7.16 -57.26 -39.90
N ARG G 661 7.51 -56.08 -39.37
CA ARG G 661 8.41 -56.03 -38.22
C ARG G 661 7.96 -54.98 -37.19
N TYR G 662 6.69 -54.57 -37.22
CA TYR G 662 6.24 -53.51 -36.33
C TYR G 662 4.76 -53.71 -36.05
N MET G 663 4.41 -53.91 -34.78
CA MET G 663 3.01 -54.02 -34.41
C MET G 663 2.76 -53.27 -33.12
N LEU G 664 1.64 -52.54 -33.08
CA LEU G 664 1.28 -51.70 -31.95
C LEU G 664 -0.14 -52.06 -31.51
N SER G 665 -0.29 -52.41 -30.23
CA SER G 665 -1.57 -52.83 -29.68
C SER G 665 -2.13 -51.69 -28.83
N LEU G 666 -3.22 -51.09 -29.30
CA LEU G 666 -3.88 -50.01 -28.57
C LEU G 666 -4.90 -50.63 -27.61
N LEU G 667 -4.77 -50.32 -26.32
CA LEU G 667 -5.64 -50.85 -25.29
C LEU G 667 -6.27 -49.70 -24.51
N ASN G 668 -6.98 -50.05 -23.44
CA ASN G 668 -7.61 -49.07 -22.56
C ASN G 668 -6.92 -48.93 -21.21
N ARG G 669 -6.00 -49.82 -20.88
CA ARG G 669 -5.30 -49.79 -19.59
C ARG G 669 -3.80 -49.93 -19.82
N THR G 670 -3.04 -49.48 -18.84
CA THR G 670 -1.58 -49.48 -18.92
C THR G 670 -1.03 -50.77 -18.31
N LEU G 671 -0.20 -51.48 -19.06
CA LEU G 671 0.39 -52.73 -18.61
C LEU G 671 1.75 -52.47 -17.95
N ASP G 672 1.69 -51.74 -16.84
CA ASP G 672 2.88 -51.38 -16.08
C ASP G 672 3.12 -52.43 -14.99
N THR G 673 4.00 -52.11 -14.04
CA THR G 673 4.40 -53.06 -13.01
C THR G 673 3.23 -53.48 -12.13
N THR G 674 2.15 -52.68 -12.07
CA THR G 674 1.00 -53.04 -11.26
C THR G 674 0.34 -54.33 -11.74
N ARG G 675 0.62 -54.76 -12.96
CA ARG G 675 0.18 -56.04 -13.50
C ARG G 675 1.38 -56.87 -13.95
N GLN G 676 2.50 -56.73 -13.21
CA GLN G 676 3.76 -57.33 -13.62
C GLN G 676 3.61 -58.82 -13.93
N ASN G 677 2.95 -59.56 -13.05
CA ASN G 677 2.77 -60.99 -13.26
C ASN G 677 2.19 -61.27 -14.64
N ILE G 678 1.10 -60.57 -14.99
CA ILE G 678 0.47 -60.80 -16.30
C ILE G 678 1.48 -60.57 -17.41
N ASN G 679 2.27 -59.50 -17.30
CA ASN G 679 3.30 -59.24 -18.30
C ASN G 679 4.19 -60.46 -18.49
N ASP G 680 4.72 -61.01 -17.39
CA ASP G 680 5.61 -62.16 -17.49
C ASP G 680 4.91 -63.32 -18.18
N PHE G 681 3.61 -63.49 -17.94
CA PHE G 681 2.90 -64.61 -18.55
C PHE G 681 2.96 -64.51 -20.06
N ILE G 682 2.77 -63.31 -20.61
CA ILE G 682 2.85 -63.17 -22.05
C ILE G 682 4.29 -63.42 -22.53
N GLN G 683 5.27 -63.00 -21.72
CA GLN G 683 6.66 -62.99 -22.18
C GLN G 683 7.09 -64.37 -22.66
N PHE G 684 7.07 -65.36 -21.78
CA PHE G 684 7.53 -66.69 -22.17
C PHE G 684 6.64 -67.31 -23.24
N CYS G 685 5.40 -66.83 -23.39
CA CYS G 685 4.61 -67.27 -24.54
C CYS G 685 5.22 -66.78 -25.83
N CYS G 686 5.52 -65.48 -25.90
CA CYS G 686 6.12 -64.92 -27.10
C CYS G 686 7.40 -65.66 -27.46
N ASP G 687 8.29 -65.82 -26.47
CA ASP G 687 9.53 -66.56 -26.68
C ASP G 687 9.24 -67.92 -27.30
N LYS G 688 8.26 -68.63 -26.76
CA LYS G 688 7.92 -69.95 -27.30
C LYS G 688 7.60 -69.84 -28.79
N TRP G 689 6.70 -68.92 -29.14
CA TRP G 689 6.40 -68.73 -30.55
C TRP G 689 7.63 -68.24 -31.31
N ALA G 690 8.42 -67.37 -30.69
CA ALA G 690 9.64 -66.89 -31.32
C ALA G 690 10.62 -68.02 -31.58
N LYS G 691 10.53 -69.12 -30.82
CA LYS G 691 11.39 -70.26 -31.09
C LYS G 691 10.85 -71.14 -32.21
N GLU G 692 9.54 -71.10 -32.46
CA GLU G 692 8.96 -71.93 -33.51
C GLU G 692 9.41 -71.46 -34.89
N PHE G 693 9.08 -70.22 -35.23
CA PHE G 693 9.61 -69.58 -36.44
C PHE G 693 10.86 -68.81 -36.06
N ASN G 694 11.98 -69.13 -36.72
CA ASN G 694 13.28 -68.63 -36.31
C ASN G 694 13.34 -67.12 -36.53
N VAL G 695 13.18 -66.36 -35.45
CA VAL G 695 13.23 -64.91 -35.48
C VAL G 695 13.38 -64.41 -34.05
N LYS G 696 13.97 -63.24 -33.87
CA LYS G 696 14.12 -62.62 -32.56
C LYS G 696 13.22 -61.41 -32.48
N THR G 697 12.32 -61.39 -31.50
CA THR G 697 11.33 -60.34 -31.34
C THR G 697 11.66 -59.48 -30.14
N LYS G 698 11.29 -58.21 -30.24
CA LYS G 698 11.53 -57.21 -29.21
C LYS G 698 10.20 -56.83 -28.58
N THR G 699 10.16 -56.81 -27.25
CA THR G 699 8.94 -56.52 -26.50
C THR G 699 9.14 -55.20 -25.77
N PHE G 700 8.22 -54.25 -25.98
CA PHE G 700 8.26 -52.96 -25.31
C PHE G 700 7.01 -52.78 -24.45
N PHE G 701 7.25 -52.61 -23.15
CA PHE G 701 6.23 -52.57 -22.12
C PHE G 701 6.31 -51.25 -21.36
N GLY G 702 5.14 -50.70 -21.01
CA GLY G 702 5.07 -49.50 -20.20
C GLY G 702 5.24 -48.22 -20.98
N VAL G 703 4.51 -48.08 -22.08
CA VAL G 703 4.58 -46.88 -22.92
C VAL G 703 3.51 -45.92 -22.41
N ASN G 704 3.89 -45.10 -21.44
CA ASN G 704 3.02 -44.08 -20.86
C ASN G 704 3.62 -42.70 -21.06
N ALA G 705 2.96 -41.70 -20.49
CA ALA G 705 3.47 -40.33 -20.58
C ALA G 705 4.70 -40.10 -19.73
N ASP G 706 4.98 -41.00 -18.77
CA ASP G 706 6.16 -40.89 -17.93
C ASP G 706 7.35 -41.65 -18.50
N TRP G 707 7.21 -42.27 -19.66
CA TRP G 707 8.33 -42.92 -20.33
C TRP G 707 8.71 -42.25 -21.63
N MET G 708 7.78 -41.55 -22.27
CA MET G 708 8.05 -40.77 -23.47
C MET G 708 8.65 -39.41 -23.16
N ARG G 709 8.65 -38.99 -21.90
CA ARG G 709 9.23 -37.72 -21.49
C ARG G 709 10.31 -37.90 -20.43
N LEU G 710 10.65 -39.14 -20.08
CA LEU G 710 11.72 -39.43 -19.14
C LEU G 710 12.75 -40.42 -19.69
N VAL G 711 12.40 -41.22 -20.69
CA VAL G 711 13.34 -42.13 -21.33
C VAL G 711 13.60 -41.75 -22.78
N GLY G 712 12.53 -41.52 -23.55
CA GLY G 712 12.70 -41.10 -24.94
C GLY G 712 12.09 -42.12 -25.89
N TYR G 713 11.21 -41.63 -26.78
CA TYR G 713 10.59 -42.49 -27.76
C TYR G 713 11.54 -42.85 -28.89
N ASP G 714 12.54 -42.01 -29.15
CA ASP G 714 13.50 -42.29 -30.21
C ASP G 714 14.21 -43.63 -30.02
N GLU G 715 14.30 -44.08 -28.76
CA GLU G 715 14.90 -45.39 -28.47
C GLU G 715 14.27 -46.49 -29.32
N ILE G 716 12.94 -46.44 -29.49
CA ILE G 716 12.29 -47.44 -30.33
C ILE G 716 12.76 -47.31 -31.77
N SER G 717 12.74 -46.08 -32.29
CA SER G 717 13.04 -45.85 -33.70
C SER G 717 14.42 -46.40 -34.07
N LYS G 718 15.42 -46.14 -33.22
CA LYS G 718 16.77 -46.56 -33.51
C LYS G 718 16.83 -48.07 -33.74
N HIS G 719 16.07 -48.84 -32.95
CA HIS G 719 16.17 -50.29 -33.06
C HIS G 719 15.75 -50.79 -34.43
N LEU G 720 14.99 -49.99 -35.18
CA LEU G 720 14.51 -50.40 -36.49
C LEU G 720 15.46 -49.98 -37.62
N ASN G 721 16.54 -49.27 -37.32
CA ASN G 721 17.53 -48.93 -38.34
C ASN G 721 18.94 -49.26 -37.89
N THR G 722 19.09 -50.07 -36.84
CA THR G 722 20.41 -50.50 -36.38
C THR G 722 20.47 -52.00 -36.07
N GLU G 723 19.33 -52.71 -36.03
CA GLU G 723 19.32 -54.12 -35.73
C GLU G 723 18.14 -54.77 -36.44
N LEU G 724 18.24 -56.08 -36.68
CA LEU G 724 17.15 -56.85 -37.24
C LEU G 724 16.25 -57.46 -36.16
N GLY G 725 14.98 -57.55 -36.49
CA GLY G 725 13.99 -58.14 -35.60
C GLY G 725 12.63 -57.53 -35.83
N LYS G 726 11.64 -58.13 -35.18
CA LYS G 726 10.29 -57.59 -35.15
C LYS G 726 10.09 -56.91 -33.80
N VAL G 727 9.19 -55.93 -33.75
CA VAL G 727 8.96 -55.15 -32.53
C VAL G 727 7.48 -55.15 -32.22
N VAL G 728 7.14 -55.43 -30.97
CA VAL G 728 5.77 -55.35 -30.47
C VAL G 728 5.73 -54.41 -29.29
N VAL G 729 4.85 -53.41 -29.36
CA VAL G 729 4.78 -52.33 -28.38
C VAL G 729 3.36 -52.26 -27.83
N PHE G 730 3.22 -52.10 -26.51
CA PHE G 730 1.90 -51.98 -25.90
C PHE G 730 1.65 -50.55 -25.41
N SER G 731 0.51 -49.98 -25.78
CA SER G 731 0.16 -48.61 -25.40
C SER G 731 -1.36 -48.51 -25.22
N THR G 732 -1.82 -47.28 -24.97
CA THR G 732 -3.23 -46.97 -24.75
C THR G 732 -3.71 -45.92 -25.74
N TYR G 733 -5.01 -45.65 -25.72
CA TYR G 733 -5.61 -44.69 -26.66
C TYR G 733 -5.15 -43.27 -26.33
N ALA G 734 -5.32 -42.87 -25.06
CA ALA G 734 -5.02 -41.50 -24.65
C ALA G 734 -3.53 -41.19 -24.75
N SER G 735 -2.68 -42.13 -24.35
CA SER G 735 -1.23 -41.88 -24.40
C SER G 735 -0.76 -41.68 -25.83
N MET G 736 -1.29 -42.46 -26.77
CA MET G 736 -0.89 -42.31 -28.17
C MET G 736 -1.51 -41.08 -28.81
N GLY G 737 -2.52 -40.49 -28.19
CA GLY G 737 -2.94 -39.18 -28.67
C GLY G 737 -1.99 -38.01 -28.47
N ALA G 738 -0.82 -38.20 -27.84
CA ALA G 738 0.11 -37.11 -27.57
C ALA G 738 1.52 -37.49 -27.99
N GLY G 739 2.18 -36.59 -28.73
CA GLY G 739 3.56 -36.77 -29.13
C GLY G 739 3.75 -36.89 -30.63
N LYS G 740 2.88 -37.67 -31.28
CA LYS G 740 2.79 -37.78 -32.73
C LYS G 740 4.04 -38.35 -33.38
N ASN G 741 3.91 -38.79 -34.64
CA ASN G 741 4.99 -39.23 -35.51
C ASN G 741 5.82 -40.37 -34.92
N PRO G 742 5.26 -41.60 -34.78
CA PRO G 742 6.10 -42.75 -34.38
C PRO G 742 6.79 -43.40 -35.58
N ASP G 743 7.90 -42.81 -36.01
CA ASP G 743 8.53 -43.19 -37.27
C ASP G 743 10.00 -43.53 -37.10
N TYR G 744 10.45 -44.51 -37.89
CA TYR G 744 11.85 -44.82 -38.10
C TYR G 744 12.19 -44.57 -39.56
N ALA G 745 13.42 -44.16 -39.84
CA ALA G 745 13.67 -43.73 -41.21
C ALA G 745 13.95 -44.87 -42.17
N VAL G 746 15.16 -45.43 -42.16
CA VAL G 746 15.57 -46.49 -43.08
C VAL G 746 16.82 -47.16 -42.54
N ASN G 747 17.08 -48.39 -43.00
CA ASN G 747 18.43 -48.95 -43.06
C ASN G 747 18.39 -50.04 -44.12
N LEU G 748 18.93 -49.74 -45.31
CA LEU G 748 18.79 -50.65 -46.45
C LEU G 748 19.52 -51.97 -46.22
N ALA G 749 20.56 -51.97 -45.40
CA ALA G 749 21.19 -53.23 -45.03
C ALA G 749 20.22 -54.10 -44.26
N LEU G 750 19.38 -53.48 -43.43
CA LEU G 750 18.42 -54.19 -42.61
C LEU G 750 17.09 -54.35 -43.33
N GLU G 751 17.02 -53.87 -44.58
CA GLU G 751 15.77 -53.79 -45.33
C GLU G 751 15.14 -55.17 -45.59
N GLY G 752 13.82 -55.21 -45.48
CA GLY G 752 13.05 -56.38 -45.84
C GLY G 752 12.78 -56.46 -47.34
N GLU G 753 13.83 -56.24 -48.12
CA GLU G 753 13.96 -56.50 -49.56
C GLU G 753 12.91 -55.79 -50.41
N SER G 754 12.01 -55.02 -49.78
CA SER G 754 10.99 -54.29 -50.54
C SER G 754 10.31 -53.19 -49.73
N LEU G 755 10.47 -51.93 -50.15
CA LEU G 755 9.57 -50.85 -49.76
C LEU G 755 9.16 -50.11 -51.03
N ILE G 756 7.88 -50.20 -51.36
CA ILE G 756 7.35 -49.56 -52.56
C ILE G 756 7.09 -48.09 -52.26
N SER G 757 7.66 -47.21 -53.09
CA SER G 757 7.31 -45.81 -53.03
C SER G 757 5.90 -45.60 -53.58
N VAL G 758 5.13 -44.72 -52.94
CA VAL G 758 3.74 -44.54 -53.27
C VAL G 758 3.46 -43.21 -53.98
N ALA G 759 4.29 -42.18 -53.75
CA ALA G 759 4.08 -40.89 -54.38
C ALA G 759 4.39 -40.96 -55.88
N ASP G 760 4.00 -39.90 -56.59
CA ASP G 760 4.20 -39.82 -58.03
C ASP G 760 5.23 -38.77 -58.43
N VAL G 761 5.05 -37.52 -58.01
CA VAL G 761 6.03 -36.48 -58.30
C VAL G 761 6.54 -35.84 -57.01
N THR G 762 7.55 -36.47 -56.41
CA THR G 762 8.27 -36.02 -55.22
C THR G 762 9.58 -36.78 -55.17
N TYR G 763 10.59 -36.15 -54.56
CA TYR G 763 11.78 -36.87 -54.12
C TYR G 763 12.11 -36.34 -52.72
N SER G 764 11.98 -37.21 -51.73
CA SER G 764 12.14 -36.80 -50.34
C SER G 764 13.62 -36.69 -49.99
N THR G 765 13.94 -35.68 -49.16
CA THR G 765 15.33 -35.47 -48.76
C THR G 765 15.86 -36.66 -47.98
N GLN G 766 15.06 -37.16 -47.04
CA GLN G 766 15.34 -38.40 -46.32
C GLN G 766 14.26 -39.41 -46.67
N LEU G 767 14.38 -40.62 -46.14
CA LEU G 767 13.42 -41.68 -46.42
C LEU G 767 12.88 -42.21 -45.10
N ARG G 768 11.55 -42.24 -44.96
CA ARG G 768 10.91 -42.66 -43.73
C ARG G 768 9.67 -43.48 -44.04
N SER G 769 9.24 -44.28 -43.07
CA SER G 769 8.07 -45.14 -43.23
C SER G 769 7.22 -45.03 -41.96
N ASP G 770 6.25 -45.92 -41.82
CA ASP G 770 5.29 -45.83 -40.72
C ASP G 770 4.82 -47.23 -40.34
N ILE G 771 3.69 -47.28 -39.63
CA ILE G 771 3.18 -48.52 -39.05
C ILE G 771 2.67 -49.44 -40.17
N ASP G 772 2.73 -50.76 -39.92
CA ASP G 772 2.14 -51.71 -40.86
C ASP G 772 1.23 -52.75 -40.23
N SER G 773 0.98 -52.69 -38.92
CA SER G 773 0.07 -53.63 -38.28
C SER G 773 -0.45 -53.04 -36.97
N ILE G 774 -1.76 -53.06 -36.79
CA ILE G 774 -2.40 -52.52 -35.58
C ILE G 774 -3.56 -53.41 -35.16
N TYR G 775 -3.79 -53.46 -33.84
CA TYR G 775 -4.89 -54.17 -33.21
C TYR G 775 -5.73 -53.18 -32.43
N LEU G 776 -7.05 -53.25 -32.60
CA LEU G 776 -7.96 -52.30 -31.99
C LEU G 776 -8.92 -53.02 -31.05
N GLU G 777 -9.03 -52.49 -29.82
CA GLU G 777 -9.91 -52.96 -28.77
C GLU G 777 -11.17 -52.08 -28.76
N LYS G 778 -12.08 -52.34 -27.82
CA LYS G 778 -13.29 -51.56 -27.65
C LYS G 778 -13.03 -50.38 -26.73
N PRO G 779 -13.25 -49.14 -27.18
CA PRO G 779 -13.13 -48.00 -26.27
C PRO G 779 -14.14 -48.08 -25.14
N THR G 780 -13.72 -47.67 -23.94
CA THR G 780 -14.55 -47.72 -22.75
C THR G 780 -14.47 -46.38 -22.02
N GLN G 781 -15.39 -46.21 -21.07
CA GLN G 781 -15.47 -45.00 -20.24
C GLN G 781 -15.72 -43.76 -21.11
N LEU G 782 -16.76 -43.83 -21.93
CA LEU G 782 -17.13 -42.71 -22.80
C LEU G 782 -18.24 -41.88 -22.13
N LEU G 783 -17.83 -41.19 -21.07
CA LEU G 783 -18.73 -40.28 -20.36
C LEU G 783 -17.85 -39.30 -19.58
N LEU G 784 -18.02 -38.00 -19.85
CA LEU G 784 -17.12 -37.01 -19.28
C LEU G 784 -17.28 -36.91 -17.77
N SER G 785 -16.18 -36.58 -17.11
CA SER G 785 -16.16 -36.43 -15.66
C SER G 785 -15.10 -35.39 -15.29
N ASP G 786 -15.22 -34.86 -14.07
CA ASP G 786 -14.31 -33.84 -13.57
C ASP G 786 -13.76 -34.28 -12.22
N ASP G 787 -12.48 -33.98 -12.00
CA ASP G 787 -11.83 -34.28 -10.73
C ASP G 787 -11.75 -33.09 -9.80
N TYR G 788 -11.68 -31.87 -10.33
CA TYR G 788 -11.67 -30.66 -9.52
C TYR G 788 -12.92 -30.58 -8.67
N SER G 789 -12.75 -30.60 -7.34
CA SER G 789 -13.83 -30.45 -6.39
C SER G 789 -14.89 -31.53 -6.54
N HIS G 790 -16.01 -31.36 -5.85
CA HIS G 790 -17.12 -32.32 -5.91
C HIS G 790 -18.37 -31.77 -6.58
N THR G 791 -18.57 -30.45 -6.55
CA THR G 791 -19.73 -29.83 -7.18
C THR G 791 -19.58 -29.72 -8.70
N ALA G 792 -18.35 -29.50 -9.18
CA ALA G 792 -18.11 -29.36 -10.61
C ALA G 792 -18.52 -30.62 -11.37
N ASN G 793 -18.25 -31.79 -10.78
CA ASN G 793 -18.66 -33.05 -11.38
C ASN G 793 -20.18 -33.10 -11.57
N GLN G 794 -20.92 -32.66 -10.55
CA GLN G 794 -22.38 -32.64 -10.62
C GLN G 794 -22.85 -31.73 -11.76
N LEU G 795 -22.23 -30.55 -11.87
CA LEU G 795 -22.60 -29.63 -12.94
C LEU G 795 -22.37 -30.25 -14.31
N CYS G 796 -21.22 -30.91 -14.49
CA CYS G 796 -20.91 -31.55 -15.77
C CYS G 796 -21.96 -32.61 -16.12
N GLN G 797 -22.31 -33.45 -15.15
CA GLN G 797 -23.26 -34.53 -15.42
C GLN G 797 -24.61 -33.98 -15.87
N PHE G 798 -25.11 -32.97 -15.14
CA PHE G 798 -26.41 -32.42 -15.50
C PHE G 798 -26.37 -31.73 -16.86
N HIS G 799 -25.25 -31.07 -17.18
CA HIS G 799 -25.07 -30.50 -18.52
C HIS G 799 -25.30 -31.55 -19.59
N GLN G 800 -24.63 -32.70 -19.46
CA GLN G 800 -24.76 -33.71 -20.52
C GLN G 800 -26.19 -34.24 -20.62
N ILE G 801 -26.86 -34.47 -19.49
CA ILE G 801 -28.22 -35.01 -19.55
C ILE G 801 -29.14 -34.05 -20.30
N LEU G 802 -29.11 -32.77 -19.93
CA LEU G 802 -30.01 -31.82 -20.59
C LEU G 802 -29.66 -31.65 -22.06
N SER G 803 -28.36 -31.68 -22.39
CA SER G 803 -27.95 -31.56 -23.78
C SER G 803 -28.52 -32.71 -24.61
N LEU G 804 -28.46 -33.94 -24.08
CA LEU G 804 -29.07 -35.05 -24.81
C LEU G 804 -30.57 -34.88 -24.96
N GLN G 805 -31.23 -34.31 -23.95
CA GLN G 805 -32.68 -34.13 -24.08
C GLN G 805 -33.02 -33.20 -25.23
N GLU G 806 -32.24 -32.13 -25.42
CA GLU G 806 -32.63 -31.13 -26.42
C GLU G 806 -32.63 -31.71 -27.84
N ASN G 807 -31.57 -32.43 -28.23
CA ASN G 807 -31.39 -32.80 -29.63
C ASN G 807 -32.46 -33.79 -30.09
N GLY G 808 -32.84 -34.73 -29.23
CA GLY G 808 -33.91 -35.66 -29.57
C GLY G 808 -33.58 -37.11 -29.31
N GLU G 809 -32.48 -37.37 -28.60
CA GLU G 809 -32.09 -38.74 -28.29
C GLU G 809 -32.78 -39.28 -27.03
N LEU G 810 -33.19 -38.42 -26.11
CA LEU G 810 -33.82 -38.83 -24.88
C LEU G 810 -35.21 -38.21 -24.76
N SER G 811 -36.20 -39.05 -24.45
CA SER G 811 -37.54 -38.55 -24.16
C SER G 811 -37.55 -37.88 -22.79
N PRO G 812 -38.50 -36.97 -22.55
CA PRO G 812 -38.56 -36.30 -21.24
C PRO G 812 -38.69 -37.27 -20.06
N LYS G 813 -39.46 -38.35 -20.27
CA LYS G 813 -39.69 -39.31 -19.20
C LYS G 813 -38.40 -39.94 -18.71
N SER G 814 -37.50 -40.31 -19.64
CA SER G 814 -36.23 -40.90 -19.24
C SER G 814 -35.32 -39.86 -18.58
N ALA G 815 -35.35 -38.63 -19.10
CA ALA G 815 -34.50 -37.57 -18.57
C ALA G 815 -34.80 -37.30 -17.10
N GLU G 816 -36.08 -37.23 -16.75
CA GLU G 816 -36.42 -36.97 -15.35
C GLU G 816 -35.91 -38.09 -14.43
N ASN G 817 -36.05 -39.34 -14.85
CA ASN G 817 -35.59 -40.46 -14.03
C ASN G 817 -34.08 -40.38 -13.81
N TRP G 818 -33.33 -40.14 -14.89
CA TRP G 818 -31.88 -40.07 -14.77
C TRP G 818 -31.47 -38.93 -13.84
N CYS G 819 -32.10 -37.76 -13.99
CA CYS G 819 -31.76 -36.62 -13.14
C CYS G 819 -32.09 -36.90 -11.68
N ARG G 820 -33.25 -37.51 -11.41
CA ARG G 820 -33.66 -37.80 -10.04
C ARG G 820 -32.64 -38.73 -9.37
N GLN G 821 -32.28 -39.81 -10.05
CA GLN G 821 -31.32 -40.73 -9.43
C GLN G 821 -29.95 -40.10 -9.27
N GLN G 822 -29.54 -39.20 -10.17
CA GLN G 822 -28.28 -38.51 -9.96
C GLN G 822 -28.33 -37.63 -8.72
N LEU G 823 -29.45 -36.93 -8.51
CA LEU G 823 -29.57 -36.10 -7.30
C LEU G 823 -29.51 -36.96 -6.04
N MET G 824 -30.21 -38.09 -6.03
CA MET G 824 -30.16 -38.95 -4.85
C MET G 824 -28.78 -39.60 -4.68
N GLY G 825 -28.15 -39.99 -5.78
CA GLY G 825 -26.84 -40.60 -5.72
C GLY G 825 -26.76 -41.92 -6.46
N MET G 826 -25.76 -42.07 -7.32
CA MET G 826 -25.58 -43.30 -8.09
C MET G 826 -24.10 -43.65 -8.10
N SER G 827 -23.74 -44.55 -9.01
CA SER G 827 -22.36 -44.93 -9.26
C SER G 827 -22.04 -44.71 -10.73
N ARG G 828 -20.74 -44.59 -11.02
CA ARG G 828 -20.28 -44.40 -12.39
C ARG G 828 -20.75 -45.54 -13.29
N GLU G 829 -20.74 -46.76 -12.75
CA GLU G 829 -21.04 -47.95 -13.53
C GLU G 829 -22.53 -48.08 -13.83
N ARG G 830 -23.40 -47.34 -13.13
CA ARG G 830 -24.79 -47.23 -13.49
C ARG G 830 -25.09 -46.00 -14.35
N SER G 831 -24.20 -45.01 -14.35
CA SER G 831 -24.32 -43.93 -15.31
C SER G 831 -23.95 -44.41 -16.70
N LEU G 832 -22.96 -45.28 -16.81
CA LEU G 832 -22.51 -45.75 -18.12
C LEU G 832 -23.50 -46.69 -18.79
N GLN G 833 -24.45 -47.26 -18.05
CA GLN G 833 -25.38 -48.22 -18.63
C GLN G 833 -26.59 -47.57 -19.30
N GLN G 834 -26.85 -46.29 -19.04
CA GLN G 834 -27.97 -45.59 -19.64
C GLN G 834 -27.57 -44.76 -20.85
N TYR G 835 -26.30 -44.35 -20.95
CA TYR G 835 -25.82 -43.66 -22.12
C TYR G 835 -25.64 -44.61 -23.30
N HIS G 836 -25.37 -45.89 -23.02
CA HIS G 836 -25.15 -46.87 -24.08
C HIS G 836 -26.43 -47.19 -24.86
N GLN G 837 -27.60 -46.78 -24.35
CA GLN G 837 -28.87 -47.04 -25.01
C GLN G 837 -29.24 -45.97 -26.04
N THR G 838 -28.47 -44.89 -26.12
CA THR G 838 -28.77 -43.79 -27.03
C THR G 838 -28.08 -44.01 -28.37
N SER G 839 -28.10 -42.99 -29.24
CA SER G 839 -27.48 -43.08 -30.54
C SER G 839 -26.18 -42.29 -30.65
N ASP G 840 -25.84 -41.48 -29.65
CA ASP G 840 -24.60 -40.71 -29.69
C ASP G 840 -23.38 -41.61 -29.45
N TYR G 841 -23.58 -42.69 -28.68
CA TYR G 841 -22.49 -43.61 -28.36
C TYR G 841 -21.88 -44.22 -29.62
N GLN G 842 -22.74 -44.61 -30.56
CA GLN G 842 -22.29 -45.21 -31.82
C GLN G 842 -21.35 -44.27 -32.56
N SER G 843 -21.79 -43.02 -32.73
CA SER G 843 -21.00 -42.04 -33.46
C SER G 843 -19.70 -41.72 -32.75
N ALA G 844 -19.72 -41.65 -31.42
CA ALA G 844 -18.49 -41.39 -30.68
C ALA G 844 -17.47 -42.51 -30.88
N VAL G 845 -17.92 -43.76 -30.82
CA VAL G 845 -17.01 -44.89 -31.04
C VAL G 845 -16.41 -44.81 -32.44
N ARG G 846 -17.25 -44.49 -33.43
CA ARG G 846 -16.75 -44.38 -34.80
C ARG G 846 -15.71 -43.27 -34.92
N LYS G 847 -15.94 -42.14 -34.24
CA LYS G 847 -14.97 -41.05 -34.25
C LYS G 847 -13.63 -41.51 -33.69
N TYR G 848 -13.65 -42.22 -32.56
CA TYR G 848 -12.40 -42.71 -31.98
C TYR G 848 -11.64 -43.60 -32.95
N ILE G 849 -12.35 -44.56 -33.57
CA ILE G 849 -11.68 -45.47 -34.49
C ILE G 849 -11.08 -44.70 -35.67
N GLU G 850 -11.85 -43.76 -36.22
CA GLU G 850 -11.38 -43.04 -37.40
C GLU G 850 -10.13 -42.23 -37.10
N GLN G 851 -10.10 -41.53 -35.96
CA GLN G 851 -8.91 -40.76 -35.61
C GLN G 851 -7.72 -41.65 -35.34
N ALA G 852 -7.91 -42.74 -34.59
CA ALA G 852 -6.80 -43.62 -34.28
C ALA G 852 -6.19 -44.23 -35.53
N VAL G 853 -7.00 -44.51 -36.55
CA VAL G 853 -6.45 -45.06 -37.78
C VAL G 853 -5.84 -43.96 -38.65
N GLY G 854 -6.47 -42.79 -38.71
CA GLY G 854 -5.95 -41.71 -39.53
C GLY G 854 -4.58 -41.25 -39.09
N ARG G 855 -4.30 -41.27 -37.79
CA ARG G 855 -2.97 -40.86 -37.35
C ARG G 855 -1.89 -41.92 -37.63
N ALA G 856 -2.27 -43.10 -38.10
CA ALA G 856 -1.32 -44.19 -38.28
C ALA G 856 -0.58 -44.15 -39.61
N GLY G 857 -0.71 -43.07 -40.38
CA GLY G 857 0.02 -42.94 -41.63
C GLY G 857 0.46 -41.52 -41.92
N ARG G 858 1.76 -41.32 -42.12
CA ARG G 858 2.29 -39.99 -42.35
C ARG G 858 3.41 -39.93 -43.38
N THR G 859 3.76 -41.04 -44.03
CA THR G 859 4.88 -41.09 -44.96
C THR G 859 4.39 -41.62 -46.31
N SER G 860 5.32 -41.66 -47.27
CA SER G 860 5.03 -42.15 -48.61
C SER G 860 5.74 -43.46 -48.93
N LEU G 861 6.47 -44.04 -47.98
CA LEU G 861 7.08 -45.34 -48.15
C LEU G 861 6.23 -46.38 -47.42
N LYS G 862 5.68 -47.33 -48.17
CA LYS G 862 4.73 -48.29 -47.63
C LYS G 862 5.11 -49.70 -48.05
N ARG G 863 4.66 -50.67 -47.26
CA ARG G 863 4.80 -52.07 -47.61
C ARG G 863 3.69 -52.45 -48.59
N LYS G 864 3.53 -53.75 -48.85
CA LYS G 864 2.51 -54.24 -49.76
C LYS G 864 1.26 -54.72 -49.04
N GLN G 865 1.42 -55.63 -48.07
CA GLN G 865 0.30 -56.20 -47.32
C GLN G 865 0.24 -55.56 -45.94
N ILE G 866 -0.88 -54.93 -45.62
CA ILE G 866 -1.07 -54.32 -44.31
C ILE G 866 -2.21 -55.01 -43.58
N LEU G 867 -1.94 -55.43 -42.35
CA LEU G 867 -2.86 -56.24 -41.55
C LEU G 867 -3.53 -55.38 -40.48
N LEU G 868 -4.85 -55.49 -40.37
CA LEU G 868 -5.61 -54.80 -39.33
C LEU G 868 -6.41 -55.83 -38.55
N PHE G 869 -6.27 -55.82 -37.22
CA PHE G 869 -7.02 -56.72 -36.34
C PHE G 869 -8.02 -55.92 -35.51
N VAL G 870 -9.26 -56.42 -35.46
CA VAL G 870 -10.35 -55.72 -34.80
C VAL G 870 -11.02 -56.64 -33.79
N ASP G 871 -11.36 -56.08 -32.62
CA ASP G 871 -12.18 -56.78 -31.64
C ASP G 871 -13.53 -57.15 -32.25
N SER G 872 -14.08 -58.27 -31.78
CA SER G 872 -15.34 -58.79 -32.34
C SER G 872 -16.53 -57.93 -31.97
N GLY G 873 -16.54 -57.34 -30.77
CA GLY G 873 -17.69 -56.55 -30.35
C GLY G 873 -17.89 -55.30 -31.18
N LEU G 874 -16.82 -54.76 -31.76
CA LEU G 874 -16.93 -53.58 -32.62
C LEU G 874 -17.65 -53.89 -33.92
N LYS G 875 -17.64 -55.15 -34.36
CA LYS G 875 -18.20 -55.50 -35.66
C LYS G 875 -19.67 -55.10 -35.77
N GLU G 876 -20.41 -55.18 -34.68
CA GLU G 876 -21.81 -54.76 -34.69
C GLU G 876 -21.94 -53.27 -34.98
N ILE G 877 -21.08 -52.45 -34.37
CA ILE G 877 -21.20 -51.00 -34.51
C ILE G 877 -20.79 -50.55 -35.91
N LEU G 878 -19.66 -51.05 -36.40
CA LEU G 878 -19.11 -50.60 -37.67
C LEU G 878 -19.95 -51.00 -38.88
N ALA G 879 -20.88 -51.93 -38.73
CA ALA G 879 -21.72 -52.32 -39.86
C ALA G 879 -22.77 -51.27 -40.21
N GLU G 880 -23.03 -50.31 -39.33
CA GLU G 880 -24.09 -49.32 -39.50
C GLU G 880 -23.47 -47.94 -39.70
N GLU G 881 -23.23 -47.60 -40.96
CA GLU G 881 -22.68 -46.30 -41.36
C GLU G 881 -23.10 -45.99 -42.78
N SER G 882 -23.69 -44.81 -42.98
CA SER G 882 -24.20 -44.39 -44.29
C SER G 882 -23.93 -42.89 -44.45
N ARG G 883 -22.79 -42.57 -45.08
CA ARG G 883 -22.45 -41.19 -45.41
C ARG G 883 -21.66 -41.18 -46.72
N ASP G 884 -21.17 -40.01 -47.10
CA ASP G 884 -20.42 -39.86 -48.34
C ASP G 884 -19.00 -40.37 -48.16
N PRO G 885 -18.59 -41.41 -48.88
CA PRO G 885 -17.30 -42.05 -48.60
C PRO G 885 -16.10 -41.36 -49.24
N SER G 886 -16.25 -40.10 -49.65
CA SER G 886 -15.16 -39.40 -50.34
C SER G 886 -13.91 -39.27 -49.47
N LEU G 887 -14.00 -38.55 -48.35
CA LEU G 887 -12.85 -38.26 -47.52
C LEU G 887 -12.83 -39.16 -46.28
N PHE G 888 -12.67 -40.47 -46.51
CA PHE G 888 -12.63 -41.45 -45.42
C PHE G 888 -11.32 -42.25 -45.37
N SER G 889 -10.19 -41.65 -45.74
CA SER G 889 -8.90 -42.34 -45.67
C SER G 889 -8.97 -43.61 -46.52
N HIS G 890 -8.24 -44.65 -46.13
CA HIS G 890 -8.26 -45.92 -46.87
C HIS G 890 -8.55 -47.12 -45.99
N GLU G 891 -8.03 -47.16 -44.77
CA GLU G 891 -8.24 -48.31 -43.90
C GLU G 891 -9.67 -48.34 -43.35
N TYR G 892 -10.22 -47.16 -43.04
CA TYR G 892 -11.59 -47.09 -42.54
C TYR G 892 -12.58 -47.57 -43.58
N VAL G 893 -12.34 -47.24 -44.85
CA VAL G 893 -13.20 -47.72 -45.93
C VAL G 893 -13.18 -49.25 -45.98
N ALA G 894 -11.99 -49.84 -45.87
CA ALA G 894 -11.88 -51.29 -45.89
C ALA G 894 -12.60 -51.91 -44.71
N LEU G 895 -12.46 -51.31 -43.53
CA LEU G 895 -13.16 -51.82 -42.35
C LEU G 895 -14.66 -51.80 -42.55
N VAL G 896 -15.18 -50.68 -43.05
CA VAL G 896 -16.63 -50.55 -43.27
C VAL G 896 -17.11 -51.61 -44.26
N ASN G 897 -16.40 -51.75 -45.38
CA ASN G 897 -16.82 -52.71 -46.40
C ASN G 897 -16.77 -54.14 -45.87
N LYS G 898 -15.71 -54.49 -45.13
CA LYS G 898 -15.59 -55.86 -44.65
C LYS G 898 -16.68 -56.18 -43.63
N ALA G 899 -16.95 -55.27 -42.70
CA ALA G 899 -17.96 -55.54 -41.69
C ALA G 899 -19.38 -55.53 -42.27
N LYS G 900 -19.61 -54.69 -43.28
CA LYS G 900 -20.97 -54.55 -43.83
C LYS G 900 -21.44 -55.83 -44.51
N SER G 901 -20.55 -56.50 -45.24
CA SER G 901 -20.92 -57.68 -46.03
C SER G 901 -20.94 -58.94 -45.15
N ALA G 902 -21.81 -58.91 -44.14
CA ALA G 902 -21.97 -60.04 -43.25
C ALA G 902 -23.42 -60.33 -42.88
N GLY G 903 -24.38 -59.59 -43.41
CA GLY G 903 -25.79 -59.85 -43.14
C GLY G 903 -26.31 -59.01 -41.98
N LYS G 904 -26.80 -59.70 -40.94
CA LYS G 904 -27.33 -59.07 -39.72
C LYS G 904 -28.58 -58.25 -40.01
N SER G 905 -29.05 -57.51 -39.02
CA SER G 905 -30.29 -56.75 -39.11
C SER G 905 -30.04 -55.40 -39.76
N ILE G 906 -31.04 -54.52 -39.72
CA ILE G 906 -30.96 -53.19 -40.32
C ILE G 906 -31.10 -52.13 -39.23
N VAL G 907 -31.05 -50.86 -39.63
CA VAL G 907 -31.03 -49.74 -38.70
C VAL G 907 -32.39 -49.08 -38.68
N GLU G 908 -32.97 -48.94 -37.49
CA GLU G 908 -34.15 -48.10 -37.33
C GLU G 908 -33.78 -46.65 -37.56
N ASP G 909 -34.62 -45.95 -38.32
CA ASP G 909 -34.28 -44.60 -38.77
C ASP G 909 -34.15 -43.65 -37.57
N ARG G 910 -33.09 -42.85 -37.58
CA ARG G 910 -32.81 -41.94 -36.48
C ARG G 910 -33.76 -40.73 -36.50
N ALA G 911 -34.04 -40.21 -37.70
CA ALA G 911 -34.88 -39.02 -37.83
C ALA G 911 -36.29 -39.27 -37.32
N VAL G 912 -36.83 -40.46 -37.59
CA VAL G 912 -38.20 -40.77 -37.18
C VAL G 912 -38.32 -40.72 -35.65
N ARG G 913 -37.39 -41.39 -34.96
CA ARG G 913 -37.38 -41.41 -33.50
C ARG G 913 -37.25 -40.00 -32.94
N ARG G 914 -36.33 -39.20 -33.52
CA ARG G 914 -36.13 -37.85 -33.00
C ARG G 914 -37.38 -36.99 -33.20
N LEU G 915 -38.08 -37.16 -34.33
CA LEU G 915 -39.34 -36.45 -34.52
C LEU G 915 -40.34 -36.78 -33.41
N PHE G 916 -40.50 -38.08 -33.13
CA PHE G 916 -41.39 -38.49 -32.05
C PHE G 916 -41.05 -37.81 -30.74
N ASN G 917 -39.77 -37.78 -30.38
CA ASN G 917 -39.41 -37.21 -29.07
C ASN G 917 -39.62 -35.68 -29.03
N LEU G 918 -39.27 -34.99 -30.12
CA LEU G 918 -39.37 -33.54 -30.12
C LEU G 918 -40.81 -33.07 -29.98
N ALA G 919 -41.75 -33.80 -30.60
CA ALA G 919 -43.16 -33.45 -30.44
C ALA G 919 -43.56 -33.38 -28.97
N GLN G 920 -43.21 -34.43 -28.21
CA GLN G 920 -43.54 -34.47 -26.79
C GLN G 920 -42.89 -33.32 -26.03
N ARG G 921 -41.63 -33.00 -26.35
CA ARG G 921 -40.97 -31.91 -25.62
C ARG G 921 -41.72 -30.60 -25.78
N ASN G 922 -42.06 -30.25 -27.04
CA ASN G 922 -42.75 -28.98 -27.28
C ASN G 922 -44.10 -28.94 -26.55
N ASN G 923 -44.88 -30.03 -26.68
CA ASN G 923 -46.18 -30.05 -26.02
C ASN G 923 -46.03 -29.91 -24.51
N LYS G 924 -45.01 -30.56 -23.93
CA LYS G 924 -44.81 -30.50 -22.49
C LYS G 924 -44.55 -29.07 -22.03
N ASP G 925 -43.64 -28.35 -22.70
CA ASP G 925 -43.32 -27.02 -22.21
C ASP G 925 -44.50 -26.06 -22.35
N GLY G 926 -45.32 -26.25 -23.39
CA GLY G 926 -46.42 -25.32 -23.63
C GLY G 926 -47.37 -25.19 -22.44
N MET G 927 -47.79 -26.32 -21.89
CA MET G 927 -48.83 -26.29 -20.85
C MET G 927 -48.30 -25.70 -19.55
N LEU G 928 -47.06 -26.04 -19.17
CA LEU G 928 -46.50 -25.45 -17.96
C LEU G 928 -46.38 -23.94 -18.10
N SER G 929 -45.89 -23.47 -19.25
CA SER G 929 -45.77 -22.02 -19.44
C SER G 929 -47.13 -21.34 -19.37
N ILE G 930 -48.15 -21.92 -20.03
CA ILE G 930 -49.45 -21.26 -20.05
C ILE G 930 -50.08 -21.27 -18.66
N LYS G 931 -49.89 -22.35 -17.90
CA LYS G 931 -50.42 -22.37 -16.53
C LYS G 931 -49.79 -21.28 -15.68
N ALA G 932 -48.46 -21.12 -15.78
CA ALA G 932 -47.79 -20.07 -15.02
C ALA G 932 -48.33 -18.70 -15.38
N LEU G 933 -48.46 -18.43 -16.70
CA LEU G 933 -48.93 -17.11 -17.11
C LEU G 933 -50.37 -16.85 -16.68
N VAL G 934 -51.23 -17.87 -16.78
CA VAL G 934 -52.63 -17.70 -16.40
C VAL G 934 -52.74 -17.43 -14.89
N HIS G 935 -51.98 -18.17 -14.08
CA HIS G 935 -52.04 -17.92 -12.64
C HIS G 935 -51.50 -16.53 -12.30
N ARG G 936 -50.47 -16.08 -13.01
CA ARG G 936 -49.89 -14.77 -12.73
C ARG G 936 -50.79 -13.64 -13.20
N LEU G 937 -51.60 -13.86 -14.24
CA LEU G 937 -52.58 -12.88 -14.67
C LEU G 937 -53.77 -12.84 -13.71
N HIS G 938 -54.25 -14.01 -13.27
CA HIS G 938 -55.38 -14.05 -12.35
C HIS G 938 -55.07 -13.43 -11.00
N ASN G 939 -53.79 -13.33 -10.64
CA ASN G 939 -53.35 -12.62 -9.46
C ASN G 939 -53.24 -11.14 -9.79
N GLN G 940 -52.52 -10.37 -8.95
CA GLN G 940 -52.18 -8.97 -9.20
C GLN G 940 -51.79 -8.79 -10.67
N PRO G 941 -52.43 -7.87 -11.38
CA PRO G 941 -52.30 -7.83 -12.84
C PRO G 941 -50.87 -7.69 -13.33
N ALA G 942 -50.12 -6.75 -12.76
CA ALA G 942 -48.73 -6.44 -13.08
C ALA G 942 -48.62 -5.77 -14.45
N SER G 943 -49.71 -5.74 -15.20
CA SER G 943 -49.85 -4.96 -16.43
C SER G 943 -48.71 -5.15 -17.42
N LYS G 944 -48.56 -4.18 -18.33
CA LYS G 944 -47.44 -4.04 -19.24
C LYS G 944 -47.15 -5.31 -20.02
N SER G 945 -46.17 -6.11 -19.57
CA SER G 945 -45.72 -7.25 -20.36
C SER G 945 -46.72 -8.39 -20.34
N ASP G 946 -47.37 -8.59 -19.20
CA ASP G 946 -48.25 -9.76 -19.02
C ASP G 946 -49.42 -9.72 -20.00
N ILE G 947 -50.05 -8.55 -20.16
CA ILE G 947 -51.15 -8.42 -21.12
C ILE G 947 -50.62 -8.47 -22.55
N GLN G 948 -49.47 -7.83 -22.78
CA GLN G 948 -48.95 -7.68 -24.13
C GLN G 948 -48.63 -9.03 -24.76
N GLU G 949 -47.94 -9.90 -24.01
CA GLU G 949 -47.59 -11.21 -24.53
C GLU G 949 -48.84 -12.05 -24.81
N TRP G 950 -49.84 -11.94 -23.92
CA TRP G 950 -51.09 -12.68 -24.11
C TRP G 950 -51.77 -12.26 -25.41
N GLN G 951 -51.80 -10.96 -25.70
CA GLN G 951 -52.39 -10.51 -26.96
C GLN G 951 -51.57 -10.96 -28.16
N ASP G 952 -50.24 -10.93 -28.04
CA ASP G 952 -49.38 -11.28 -29.15
C ASP G 952 -49.56 -12.74 -29.56
N ILE G 953 -49.69 -13.65 -28.58
CA ILE G 953 -49.84 -15.06 -28.91
C ILE G 953 -51.10 -15.28 -29.74
N ARG G 954 -52.23 -14.69 -29.31
CA ARG G 954 -53.47 -14.85 -30.04
C ARG G 954 -53.37 -14.30 -31.45
N THR G 955 -52.80 -13.09 -31.59
CA THR G 955 -52.70 -12.49 -32.92
C THR G 955 -51.86 -13.36 -33.85
N GLN G 956 -50.71 -13.83 -33.34
CA GLN G 956 -49.81 -14.64 -34.16
C GLN G 956 -50.46 -15.94 -34.59
N LEU G 957 -51.15 -16.62 -33.67
CA LEU G 957 -51.81 -17.87 -34.06
C LEU G 957 -52.97 -17.63 -35.02
N LEU G 958 -53.70 -16.53 -34.86
CA LEU G 958 -54.82 -16.26 -35.76
C LEU G 958 -54.34 -16.02 -37.18
N ARG G 959 -53.31 -15.18 -37.36
CA ARG G 959 -52.94 -14.86 -38.73
C ARG G 959 -52.15 -15.97 -39.42
N TYR G 960 -51.34 -16.73 -38.69
CA TYR G 960 -50.47 -17.76 -39.27
C TYR G 960 -50.70 -19.09 -38.59
N PRO G 961 -51.81 -19.78 -38.93
CA PRO G 961 -52.07 -21.08 -38.28
C PRO G 961 -50.99 -22.12 -38.56
N THR G 962 -50.61 -22.31 -39.82
CA THR G 962 -49.58 -23.26 -40.21
C THR G 962 -48.51 -22.54 -41.01
N VAL G 963 -47.25 -22.90 -40.77
CA VAL G 963 -46.11 -22.25 -41.39
C VAL G 963 -45.28 -23.31 -42.09
N ALA G 964 -44.63 -22.92 -43.20
CA ALA G 964 -43.84 -23.86 -43.99
C ALA G 964 -42.48 -24.13 -43.36
N PHE G 965 -41.66 -23.09 -43.20
CA PHE G 965 -40.31 -23.25 -42.68
C PHE G 965 -40.30 -23.16 -41.16
N GLN G 966 -39.17 -23.56 -40.57
CA GLN G 966 -39.03 -23.56 -39.12
C GLN G 966 -39.05 -22.14 -38.59
N PRO G 967 -39.97 -21.83 -37.66
CA PRO G 967 -40.03 -20.46 -37.13
C PRO G 967 -38.87 -20.16 -36.20
N GLU G 968 -38.64 -18.87 -35.98
CA GLU G 968 -37.58 -18.39 -35.10
C GLU G 968 -38.13 -17.64 -33.89
N ARG G 969 -38.99 -16.64 -34.11
CA ARG G 969 -39.52 -15.86 -32.99
C ARG G 969 -40.48 -16.70 -32.14
N PHE G 970 -41.41 -17.40 -32.78
CA PHE G 970 -42.36 -18.26 -32.10
C PHE G 970 -42.09 -19.70 -32.56
N ASN G 971 -41.14 -20.36 -31.88
CA ASN G 971 -40.75 -21.71 -32.24
C ASN G 971 -41.38 -22.78 -31.36
N ARG G 972 -41.79 -22.43 -30.14
CA ARG G 972 -42.41 -23.39 -29.23
C ARG G 972 -43.91 -23.54 -29.47
N LEU G 973 -44.46 -22.79 -30.42
CA LEU G 973 -45.88 -22.88 -30.75
C LEU G 973 -46.16 -23.94 -31.81
N TYR G 974 -45.12 -24.56 -32.36
CA TYR G 974 -45.26 -25.40 -33.55
C TYR G 974 -44.53 -26.72 -33.35
N LEU G 975 -45.07 -27.77 -33.99
CA LEU G 975 -44.41 -29.05 -34.03
C LEU G 975 -44.45 -29.59 -35.46
N GLN G 976 -43.43 -30.38 -35.79
CA GLN G 976 -43.29 -30.94 -37.12
C GLN G 976 -44.01 -32.28 -37.22
N SER G 977 -44.75 -32.46 -38.31
CA SER G 977 -45.58 -33.64 -38.50
C SER G 977 -45.10 -34.42 -39.71
N MET G 978 -45.45 -35.71 -39.73
CA MET G 978 -45.11 -36.57 -40.86
C MET G 978 -46.05 -36.39 -42.04
N THR G 979 -47.23 -35.82 -41.82
CA THR G 979 -48.19 -35.51 -42.87
C THR G 979 -48.49 -34.03 -42.86
N LYS G 980 -48.55 -33.42 -44.04
CA LYS G 980 -48.72 -31.98 -44.16
C LYS G 980 -50.20 -31.64 -44.01
N GLY G 981 -50.55 -30.96 -42.93
CA GLY G 981 -51.90 -30.45 -42.77
C GLY G 981 -52.64 -30.89 -41.52
N TYR G 982 -52.48 -32.14 -41.13
CA TYR G 982 -53.27 -32.69 -40.03
C TYR G 982 -52.46 -33.74 -39.29
N TYR G 983 -52.82 -33.97 -38.03
CA TYR G 983 -52.17 -35.04 -37.27
C TYR G 983 -53.11 -35.53 -36.19
N ARG G 984 -52.72 -36.63 -35.54
CA ARG G 984 -53.55 -37.27 -34.54
C ARG G 984 -52.73 -37.54 -33.28
N TYR G 985 -53.42 -37.58 -32.14
CA TYR G 985 -52.78 -37.72 -30.84
C TYR G 985 -53.72 -38.43 -29.89
N GLN G 986 -53.23 -38.66 -28.66
CA GLN G 986 -54.05 -39.25 -27.60
C GLN G 986 -53.38 -38.96 -26.27
N GLY G 987 -54.09 -38.31 -25.36
CA GLY G 987 -53.55 -38.00 -24.05
C GLY G 987 -54.54 -37.20 -23.24
N ASN G 988 -54.19 -37.00 -21.97
CA ASN G 988 -55.01 -36.23 -21.05
C ASN G 988 -54.46 -34.80 -20.95
N LEU G 989 -55.35 -33.82 -21.06
CA LEU G 989 -54.93 -32.43 -21.08
C LEU G 989 -54.70 -31.87 -19.67
N ASP G 990 -55.17 -32.55 -18.63
CA ASP G 990 -55.00 -32.13 -17.25
C ASP G 990 -54.27 -33.21 -16.45
N GLY G 991 -53.20 -33.77 -17.04
CA GLY G 991 -52.47 -34.84 -16.39
C GLY G 991 -50.97 -34.80 -16.61
N ASP G 992 -50.34 -35.96 -16.58
CA ASP G 992 -48.89 -36.06 -16.71
C ASP G 992 -48.45 -35.66 -18.11
N PRO G 993 -47.57 -34.67 -18.26
CA PRO G 993 -47.09 -34.31 -19.60
C PRO G 993 -46.28 -35.41 -20.28
N ASN G 994 -45.77 -36.38 -19.54
CA ASN G 994 -44.92 -37.43 -20.08
C ASN G 994 -45.71 -38.66 -20.53
N SER G 995 -47.03 -38.55 -20.64
CA SER G 995 -47.89 -39.67 -21.00
C SER G 995 -48.66 -39.38 -22.28
N PHE G 996 -47.99 -38.84 -23.28
CA PHE G 996 -48.60 -38.52 -24.56
C PHE G 996 -48.01 -39.40 -25.66
N GLU G 997 -48.84 -39.71 -26.65
CA GLU G 997 -48.43 -40.50 -27.80
C GLU G 997 -48.89 -39.79 -29.08
N PHE G 998 -48.11 -39.95 -30.14
CA PHE G 998 -48.33 -39.19 -31.37
C PHE G 998 -48.22 -40.11 -32.59
N PHE G 999 -48.88 -39.69 -33.66
CA PHE G 999 -48.68 -40.21 -35.03
C PHE G 999 -49.07 -41.69 -35.06
N ASP G 1000 -48.21 -42.58 -35.57
CA ASP G 1000 -48.64 -43.93 -35.91
C ASP G 1000 -48.93 -44.78 -34.67
N ARG G 1001 -48.31 -44.48 -33.54
CA ARG G 1001 -48.54 -45.29 -32.34
C ARG G 1001 -49.98 -45.20 -31.84
N VAL G 1002 -50.69 -44.12 -32.16
CA VAL G 1002 -52.11 -43.99 -31.87
C VAL G 1002 -52.84 -43.81 -33.20
N PRO G 1003 -53.47 -44.86 -33.73
CA PRO G 1003 -54.25 -44.73 -34.97
C PRO G 1003 -55.72 -44.42 -34.76
N TYR G 1004 -56.21 -44.36 -33.53
CA TYR G 1004 -57.62 -44.13 -33.24
C TYR G 1004 -57.78 -43.04 -32.18
N GLY G 1005 -57.05 -41.93 -32.35
CA GLY G 1005 -57.07 -40.85 -31.41
C GLY G 1005 -57.70 -39.58 -31.97
N ASP G 1006 -57.57 -38.51 -31.20
CA ASP G 1006 -58.13 -37.23 -31.61
C ASP G 1006 -57.33 -36.62 -32.77
N MET G 1007 -58.03 -35.83 -33.57
CA MET G 1007 -57.50 -35.26 -34.80
C MET G 1007 -57.39 -33.74 -34.69
N VAL G 1008 -56.28 -33.20 -35.16
CA VAL G 1008 -56.08 -31.77 -35.33
C VAL G 1008 -55.98 -31.50 -36.82
N SER G 1009 -56.89 -30.68 -37.32
CA SER G 1009 -57.02 -30.35 -38.74
C SER G 1009 -58.06 -29.24 -38.87
N GLU G 1010 -58.27 -28.77 -40.11
CA GLU G 1010 -59.25 -27.73 -40.37
C GLU G 1010 -60.68 -28.24 -40.23
N GLU G 1011 -60.91 -29.53 -40.51
CA GLU G 1011 -62.25 -30.08 -40.44
C GLU G 1011 -62.79 -30.15 -39.01
N ASP G 1012 -61.94 -30.01 -38.00
CA ASP G 1012 -62.35 -30.15 -36.61
C ASP G 1012 -62.39 -28.82 -35.86
N CYS G 1013 -62.30 -27.69 -36.56
CA CYS G 1013 -62.46 -26.39 -35.93
C CYS G 1013 -63.65 -25.62 -36.47
N SER G 1014 -64.37 -26.16 -37.45
CA SER G 1014 -65.55 -25.51 -38.04
C SER G 1014 -65.21 -24.11 -38.55
N LEU G 1015 -64.14 -24.04 -39.35
CA LEU G 1015 -63.70 -22.77 -39.91
C LEU G 1015 -64.31 -22.49 -41.27
N ALA G 1016 -64.56 -23.51 -42.08
CA ALA G 1016 -65.18 -23.32 -43.39
C ALA G 1016 -66.61 -22.81 -43.27
N THR G 1017 -67.27 -23.04 -42.13
CA THR G 1017 -68.63 -22.58 -41.91
C THR G 1017 -68.67 -21.18 -41.31
N LEU G 1018 -67.79 -20.89 -40.36
CA LEU G 1018 -67.82 -19.62 -39.65
C LEU G 1018 -67.52 -18.42 -40.55
N VAL G 1019 -66.90 -18.65 -41.72
CA VAL G 1019 -66.54 -17.54 -42.60
C VAL G 1019 -67.62 -17.20 -43.61
N GLN G 1020 -68.69 -18.01 -43.70
CA GLN G 1020 -69.72 -17.76 -44.70
C GLN G 1020 -70.63 -16.60 -44.32
N ASN G 1021 -70.62 -16.18 -43.07
CA ASN G 1021 -71.51 -15.10 -42.63
C ASN G 1021 -71.11 -13.78 -43.27
N GLN G 1022 -72.11 -12.96 -43.60
CA GLN G 1022 -71.85 -11.69 -44.27
C GLN G 1022 -71.18 -10.69 -43.32
N TYR G 1023 -71.57 -10.68 -42.05
CA TYR G 1023 -70.98 -9.76 -41.10
C TYR G 1023 -69.57 -10.18 -40.70
N VAL G 1024 -69.30 -11.49 -40.71
CA VAL G 1024 -68.02 -11.99 -40.25
C VAL G 1024 -66.96 -11.97 -41.35
N ARG G 1025 -67.36 -12.13 -42.60
CA ARG G 1025 -66.41 -12.24 -43.71
C ARG G 1025 -65.45 -11.04 -43.71
N PRO G 1026 -65.92 -9.79 -43.86
CA PRO G 1026 -64.96 -8.68 -44.00
C PRO G 1026 -64.03 -8.52 -42.82
N TRP G 1027 -64.40 -9.00 -41.63
CA TRP G 1027 -63.55 -8.86 -40.45
C TRP G 1027 -62.18 -9.50 -40.69
N PHE G 1028 -62.19 -10.75 -41.20
CA PHE G 1028 -60.95 -11.50 -41.36
C PHE G 1028 -60.02 -10.85 -42.38
N GLU G 1029 -60.56 -10.39 -43.51
CA GLU G 1029 -59.69 -9.76 -44.50
C GLU G 1029 -59.25 -8.37 -44.08
N ARG G 1030 -60.09 -7.62 -43.35
CA ARG G 1030 -59.68 -6.29 -42.95
C ARG G 1030 -58.60 -6.36 -41.87
N LYS G 1031 -58.66 -7.36 -40.99
CA LYS G 1031 -57.65 -7.53 -39.97
C LYS G 1031 -56.51 -8.44 -40.40
N GLY G 1032 -56.68 -9.23 -41.46
CA GLY G 1032 -55.64 -10.10 -41.94
C GLY G 1032 -55.60 -11.48 -41.34
N PHE G 1033 -56.72 -11.97 -40.81
CA PHE G 1033 -56.77 -13.29 -40.19
C PHE G 1033 -56.81 -14.36 -41.28
N ALA G 1034 -56.97 -15.62 -40.85
CA ALA G 1034 -56.92 -16.74 -41.78
C ALA G 1034 -58.18 -16.83 -42.62
N CYS G 1035 -58.02 -17.36 -43.84
CA CYS G 1035 -59.13 -17.71 -44.70
C CYS G 1035 -59.24 -19.20 -44.96
N SER G 1036 -58.12 -19.92 -44.93
CA SER G 1036 -58.10 -21.37 -45.05
C SER G 1036 -56.92 -21.88 -44.23
N TRP G 1037 -56.55 -23.14 -44.46
CA TRP G 1037 -55.41 -23.75 -43.78
C TRP G 1037 -54.42 -24.22 -44.84
N GLN G 1038 -53.39 -23.41 -45.08
CA GLN G 1038 -52.37 -23.78 -46.04
C GLN G 1038 -51.63 -25.03 -45.56
N LYS G 1039 -51.59 -26.05 -46.41
CA LYS G 1039 -51.07 -27.36 -46.03
C LYS G 1039 -49.54 -27.32 -46.01
N GLU G 1040 -48.99 -27.05 -44.84
CA GLU G 1040 -47.56 -27.09 -44.60
C GLU G 1040 -47.23 -28.23 -43.62
N ALA G 1041 -45.95 -28.56 -43.53
CA ALA G 1041 -45.51 -29.65 -42.63
C ALA G 1041 -45.14 -29.14 -41.25
N ASN G 1042 -45.99 -28.30 -40.67
CA ASN G 1042 -45.79 -27.72 -39.34
C ASN G 1042 -47.15 -27.30 -38.82
N VAL G 1043 -47.55 -27.82 -37.66
CA VAL G 1043 -48.89 -27.53 -37.14
C VAL G 1043 -48.73 -27.08 -35.69
N MET G 1044 -49.78 -26.42 -35.18
CA MET G 1044 -49.79 -25.99 -33.79
C MET G 1044 -49.90 -27.18 -32.84
N THR G 1045 -49.37 -27.00 -31.63
CA THR G 1045 -49.39 -28.06 -30.63
C THR G 1045 -50.82 -28.29 -30.11
N PRO G 1046 -51.12 -29.50 -29.61
CA PRO G 1046 -52.47 -29.77 -29.12
C PRO G 1046 -52.94 -28.82 -28.03
N ILE G 1047 -52.05 -28.46 -27.10
CA ILE G 1047 -52.40 -27.57 -26.00
C ILE G 1047 -52.96 -26.25 -26.53
N MET G 1048 -52.47 -25.79 -27.68
CA MET G 1048 -52.88 -24.51 -28.24
C MET G 1048 -53.94 -24.66 -29.32
N PHE G 1049 -54.47 -25.86 -29.54
CA PHE G 1049 -55.63 -26.05 -30.38
C PHE G 1049 -56.92 -26.12 -29.58
N THR G 1050 -56.81 -26.20 -28.25
CA THR G 1050 -57.97 -26.31 -27.36
C THR G 1050 -58.09 -25.15 -26.39
N ASN G 1051 -56.99 -24.49 -26.04
CA ASN G 1051 -57.00 -23.46 -25.00
C ASN G 1051 -56.78 -22.05 -25.52
N ILE G 1052 -56.34 -21.87 -26.78
CA ILE G 1052 -56.06 -20.55 -27.33
C ILE G 1052 -56.86 -20.28 -28.59
N TYR G 1053 -56.76 -21.16 -29.58
CA TYR G 1053 -57.43 -20.93 -30.86
C TYR G 1053 -58.93 -20.77 -30.68
N LYS G 1054 -59.55 -21.72 -29.99
CA LYS G 1054 -61.00 -21.73 -29.85
C LYS G 1054 -61.53 -20.43 -29.25
N GLY G 1055 -60.89 -19.95 -28.18
CA GLY G 1055 -61.35 -18.72 -27.55
C GLY G 1055 -61.22 -17.51 -28.44
N ALA G 1056 -60.11 -17.41 -29.18
CA ALA G 1056 -59.92 -16.27 -30.07
C ALA G 1056 -60.97 -16.25 -31.18
N LEU G 1057 -61.18 -17.40 -31.83
CA LEU G 1057 -62.24 -17.47 -32.84
C LEU G 1057 -63.60 -17.10 -32.24
N GLY G 1058 -63.92 -17.62 -31.06
CA GLY G 1058 -65.21 -17.32 -30.47
C GLY G 1058 -65.39 -15.84 -30.18
N GLU G 1059 -64.38 -15.22 -29.58
CA GLU G 1059 -64.49 -13.81 -29.21
C GLU G 1059 -64.65 -12.94 -30.45
N GLN G 1060 -63.84 -13.17 -31.48
CA GLN G 1060 -63.95 -12.32 -32.67
C GLN G 1060 -65.26 -12.57 -33.42
N ALA G 1061 -65.72 -13.82 -33.45
CA ALA G 1061 -66.99 -14.13 -34.11
C ALA G 1061 -68.15 -13.42 -33.42
N VAL G 1062 -68.16 -13.42 -32.09
CA VAL G 1062 -69.21 -12.69 -31.38
C VAL G 1062 -69.07 -11.19 -31.61
N GLU G 1063 -67.83 -10.69 -31.60
CA GLU G 1063 -67.56 -9.28 -31.85
C GLU G 1063 -68.20 -8.79 -33.13
N ALA G 1064 -67.96 -9.51 -34.23
CA ALA G 1064 -68.46 -9.05 -35.53
C ALA G 1064 -69.96 -8.79 -35.50
N VAL G 1065 -70.73 -9.84 -35.18
CA VAL G 1065 -72.19 -9.74 -35.25
C VAL G 1065 -72.72 -8.74 -34.24
N LEU G 1066 -72.18 -8.72 -33.02
CA LEU G 1066 -72.74 -7.83 -32.01
C LEU G 1066 -72.46 -6.38 -32.34
N THR G 1067 -71.21 -6.06 -32.71
CA THR G 1067 -70.86 -4.67 -33.00
C THR G 1067 -71.53 -4.17 -34.26
N ALA G 1068 -71.77 -5.05 -35.25
CA ALA G 1068 -72.35 -4.59 -36.51
C ALA G 1068 -73.72 -3.96 -36.31
N PHE G 1069 -74.59 -4.62 -35.54
CA PHE G 1069 -75.94 -4.11 -35.36
C PHE G 1069 -75.93 -2.77 -34.63
N ASP G 1070 -75.65 -2.80 -33.33
CA ASP G 1070 -75.42 -1.57 -32.57
C ASP G 1070 -74.70 -1.90 -31.25
N PHE G 1071 -73.38 -1.76 -31.22
CA PHE G 1071 -72.63 -2.09 -30.02
C PHE G 1071 -71.23 -1.49 -30.10
N THR G 1072 -70.58 -1.42 -28.94
CA THR G 1072 -69.19 -0.98 -28.82
C THR G 1072 -68.49 -1.85 -27.79
N PHE G 1073 -67.16 -1.83 -27.82
CA PHE G 1073 -66.37 -2.68 -26.95
C PHE G 1073 -65.19 -1.91 -26.36
N GLU G 1074 -64.78 -2.33 -25.17
CA GLU G 1074 -63.65 -1.71 -24.50
C GLU G 1074 -62.94 -2.76 -23.63
N GLU G 1075 -61.62 -2.67 -23.55
CA GLU G 1075 -60.88 -3.68 -22.80
C GLU G 1075 -61.15 -3.54 -21.30
N VAL G 1076 -61.04 -4.67 -20.60
CA VAL G 1076 -61.35 -4.79 -19.17
C VAL G 1076 -60.36 -3.92 -18.39
N PRO G 1077 -60.64 -3.55 -17.14
CA PRO G 1077 -59.62 -2.88 -16.34
C PRO G 1077 -58.56 -3.88 -15.92
N ASN G 1078 -57.41 -3.35 -15.49
CA ASN G 1078 -56.33 -4.22 -15.04
C ASN G 1078 -56.75 -5.07 -13.85
N SER G 1079 -57.41 -4.44 -12.86
CA SER G 1079 -57.77 -5.09 -11.60
C SER G 1079 -58.26 -6.50 -11.79
N ILE G 1080 -59.32 -6.66 -12.59
CA ILE G 1080 -59.85 -7.96 -12.95
C ILE G 1080 -59.53 -8.20 -14.43
N TYR G 1081 -58.68 -9.18 -14.69
CA TYR G 1081 -58.28 -9.51 -16.05
C TYR G 1081 -58.42 -11.01 -16.21
N GLU G 1082 -59.02 -11.44 -17.32
CA GLU G 1082 -59.29 -12.81 -17.74
C GLU G 1082 -60.48 -13.45 -17.03
N ARG G 1083 -61.02 -12.87 -15.94
CA ARG G 1083 -62.27 -13.40 -15.41
C ARG G 1083 -63.44 -13.07 -16.31
N PHE G 1084 -63.27 -12.10 -17.21
CA PHE G 1084 -64.26 -11.74 -18.20
C PHE G 1084 -63.51 -11.29 -19.44
N ASP G 1085 -64.23 -11.04 -20.52
CA ASP G 1085 -63.58 -10.78 -21.81
C ASP G 1085 -63.47 -9.29 -22.12
N ASN G 1086 -64.60 -8.59 -22.22
CA ASN G 1086 -64.59 -7.20 -22.67
C ASN G 1086 -65.68 -6.43 -21.94
N ARG G 1087 -65.85 -5.17 -22.33
CA ARG G 1087 -66.88 -4.27 -21.80
C ARG G 1087 -67.76 -3.79 -22.93
N VAL G 1088 -69.06 -3.75 -22.66
CA VAL G 1088 -70.10 -3.44 -23.64
C VAL G 1088 -70.79 -2.15 -23.21
N ILE G 1089 -70.83 -1.17 -24.10
CA ILE G 1089 -71.50 0.10 -23.87
C ILE G 1089 -72.47 0.34 -25.02
N PHE G 1090 -73.71 0.69 -24.69
CA PHE G 1090 -74.73 0.90 -25.72
C PHE G 1090 -75.86 1.76 -25.17
N ALA G 1091 -76.19 2.83 -25.92
CA ALA G 1091 -77.40 3.62 -25.71
C ALA G 1091 -77.49 4.22 -24.31
N GLY G 1092 -76.34 4.55 -23.72
CA GLY G 1092 -76.32 5.22 -22.42
C GLY G 1092 -76.96 4.43 -21.31
N ILE G 1093 -76.83 3.11 -21.32
CA ILE G 1093 -77.31 2.25 -20.25
C ILE G 1093 -76.18 2.03 -19.27
N GLU G 1094 -76.37 2.45 -18.02
CA GLU G 1094 -75.22 2.55 -17.13
C GLU G 1094 -74.73 1.17 -16.71
N GLN G 1095 -75.51 0.48 -15.84
CA GLN G 1095 -75.59 -0.98 -15.72
C GLN G 1095 -74.34 -1.70 -16.20
N PRO G 1096 -73.17 -1.52 -15.54
CA PRO G 1096 -71.90 -1.98 -16.13
C PRO G 1096 -71.95 -3.40 -16.68
N ILE G 1097 -71.77 -3.51 -17.99
CA ILE G 1097 -71.98 -4.76 -18.72
C ILE G 1097 -70.66 -5.49 -18.84
N TRP G 1098 -70.69 -6.80 -18.57
CA TRP G 1098 -69.52 -7.65 -18.76
C TRP G 1098 -69.99 -8.90 -19.51
N LEU G 1099 -69.16 -9.40 -20.41
CA LEU G 1099 -69.57 -10.46 -21.33
C LEU G 1099 -68.57 -11.60 -21.31
N ASP G 1100 -69.08 -12.81 -21.48
CA ASP G 1100 -68.27 -14.01 -21.60
C ASP G 1100 -68.74 -14.81 -22.81
N SER G 1101 -67.80 -15.51 -23.45
CA SER G 1101 -68.10 -16.22 -24.68
C SER G 1101 -67.42 -17.58 -24.71
N LYS G 1102 -68.00 -18.49 -25.48
CA LYS G 1102 -67.42 -19.81 -25.74
C LYS G 1102 -67.65 -20.16 -27.20
N TYR G 1103 -66.67 -20.85 -27.78
CA TYR G 1103 -66.62 -21.10 -29.22
C TYR G 1103 -67.79 -21.97 -29.70
N TRP G 1104 -67.83 -23.23 -29.27
CA TRP G 1104 -68.96 -24.13 -29.45
C TRP G 1104 -69.77 -24.16 -28.16
N LYS G 1105 -70.66 -25.15 -28.04
CA LYS G 1105 -71.35 -25.38 -26.78
C LYS G 1105 -70.36 -25.93 -25.77
N HIS G 1106 -69.40 -25.10 -25.37
CA HIS G 1106 -68.36 -25.51 -24.42
C HIS G 1106 -68.93 -25.52 -23.02
N GLU G 1107 -68.76 -26.63 -22.33
CA GLU G 1107 -69.32 -26.83 -20.99
C GLU G 1107 -68.16 -26.96 -19.99
N GLY G 1108 -67.72 -25.82 -19.47
CA GLY G 1108 -66.76 -25.84 -18.37
C GLY G 1108 -67.33 -26.46 -17.11
N ASN G 1109 -68.66 -26.47 -16.98
CA ASN G 1109 -69.36 -27.11 -15.87
C ASN G 1109 -68.89 -26.57 -14.51
N GLU G 1110 -68.87 -25.24 -14.41
CA GLU G 1110 -68.58 -24.56 -13.15
C GLU G 1110 -69.89 -24.36 -12.39
N SER G 1111 -69.87 -24.69 -11.10
CA SER G 1111 -71.05 -24.54 -10.28
C SER G 1111 -71.41 -23.07 -10.11
N SER G 1112 -72.61 -22.82 -9.60
CA SER G 1112 -73.05 -21.45 -9.37
C SER G 1112 -72.18 -20.73 -8.33
N GLU G 1113 -71.43 -21.48 -7.52
CA GLU G 1113 -70.60 -20.84 -6.49
C GLU G 1113 -69.37 -20.19 -7.09
N GLY G 1114 -68.73 -20.82 -8.09
CA GLY G 1114 -67.60 -20.18 -8.74
C GLY G 1114 -68.00 -18.96 -9.53
N TYR G 1115 -69.07 -19.07 -10.31
CA TYR G 1115 -69.61 -17.92 -11.02
C TYR G 1115 -69.98 -16.83 -10.04
N SER G 1116 -70.53 -17.21 -8.88
CA SER G 1116 -70.89 -16.24 -7.85
C SER G 1116 -69.65 -15.61 -7.22
N SER G 1117 -68.54 -16.33 -7.13
CA SER G 1117 -67.30 -15.72 -6.66
C SER G 1117 -66.84 -14.62 -7.61
N LYS G 1118 -66.82 -14.92 -8.90
CA LYS G 1118 -66.50 -13.90 -9.89
C LYS G 1118 -67.46 -12.71 -9.79
N ILE G 1119 -68.75 -13.02 -9.72
CA ILE G 1119 -69.79 -11.99 -9.62
C ILE G 1119 -69.59 -11.14 -8.38
N ALA G 1120 -69.26 -11.77 -7.25
CA ALA G 1120 -69.10 -11.05 -6.00
C ALA G 1120 -67.93 -10.08 -6.07
N LEU G 1121 -66.80 -10.51 -6.64
CA LEU G 1121 -65.69 -9.58 -6.79
C LEU G 1121 -66.09 -8.38 -7.64
N VAL G 1122 -66.76 -8.65 -8.77
CA VAL G 1122 -67.17 -7.56 -9.66
C VAL G 1122 -68.12 -6.61 -8.95
N GLU G 1123 -69.10 -7.15 -8.23
CA GLU G 1123 -70.10 -6.32 -7.56
C GLU G 1123 -69.48 -5.51 -6.43
N GLU G 1124 -68.55 -6.11 -5.69
CA GLU G 1124 -67.89 -5.36 -4.61
C GLU G 1124 -67.10 -4.19 -5.18
N GLU G 1125 -66.40 -4.41 -6.30
CA GLU G 1125 -65.56 -3.31 -6.81
C GLU G 1125 -66.38 -2.25 -7.53
N PHE G 1126 -67.25 -2.67 -8.45
CA PHE G 1126 -67.94 -1.72 -9.34
C PHE G 1126 -69.41 -1.49 -9.00
N GLY G 1127 -70.10 -2.48 -8.45
CA GLY G 1127 -71.50 -2.35 -8.13
C GLY G 1127 -72.36 -3.33 -8.89
N PRO G 1128 -73.66 -3.07 -8.95
CA PRO G 1128 -74.56 -3.95 -9.71
C PRO G 1128 -74.11 -4.08 -11.15
N SER G 1129 -73.98 -5.33 -11.62
CA SER G 1129 -73.41 -5.63 -12.92
C SER G 1129 -74.34 -6.54 -13.70
N LYS G 1130 -74.17 -6.53 -15.02
CA LYS G 1130 -74.94 -7.37 -15.93
C LYS G 1130 -73.99 -8.29 -16.68
N PHE G 1131 -74.36 -9.56 -16.80
CA PHE G 1131 -73.51 -10.57 -17.41
C PHE G 1131 -74.25 -11.29 -18.53
N ILE G 1132 -73.59 -11.40 -19.68
CA ILE G 1132 -74.15 -12.02 -20.87
C ILE G 1132 -73.25 -13.18 -21.28
N TYR G 1133 -73.85 -14.36 -21.45
CA TYR G 1133 -73.14 -15.56 -21.85
C TYR G 1133 -73.75 -16.08 -23.14
N VAL G 1134 -72.89 -16.30 -24.14
CA VAL G 1134 -73.31 -16.73 -25.47
C VAL G 1134 -72.39 -17.85 -25.92
N ASN G 1135 -72.97 -18.91 -26.45
CA ASN G 1135 -72.23 -19.98 -27.11
C ASN G 1135 -72.25 -19.68 -28.60
N ALA G 1136 -71.09 -19.30 -29.15
CA ALA G 1136 -71.05 -18.68 -30.47
C ALA G 1136 -71.65 -19.58 -31.54
N LEU G 1137 -71.04 -20.74 -31.77
CA LEU G 1137 -71.43 -21.62 -32.86
C LEU G 1137 -72.19 -22.82 -32.30
N GLY G 1138 -73.49 -22.84 -32.54
CA GLY G 1138 -74.32 -23.94 -32.09
C GLY G 1138 -75.68 -23.86 -32.75
N ASP G 1139 -76.54 -24.82 -32.40
CA ASP G 1139 -77.90 -24.84 -32.92
C ASP G 1139 -78.71 -23.70 -32.29
N THR G 1140 -79.52 -23.04 -33.11
CA THR G 1140 -80.40 -21.98 -32.65
C THR G 1140 -81.83 -22.46 -32.79
N SER G 1141 -82.29 -23.20 -31.77
CA SER G 1141 -83.68 -23.60 -31.67
C SER G 1141 -84.17 -23.63 -30.23
N LYS G 1142 -83.35 -23.22 -29.27
CA LYS G 1142 -83.50 -23.30 -27.83
C LYS G 1142 -83.94 -21.96 -27.25
N PRO G 1143 -84.64 -21.97 -26.12
CA PRO G 1143 -85.05 -20.72 -25.47
C PRO G 1143 -83.89 -20.09 -24.70
N ILE G 1144 -84.17 -18.96 -24.07
CA ILE G 1144 -83.18 -18.19 -23.33
C ILE G 1144 -83.22 -18.61 -21.87
N ARG G 1145 -82.06 -18.56 -21.20
CA ARG G 1145 -81.99 -18.92 -19.79
C ARG G 1145 -81.56 -17.70 -18.98
N TYR G 1146 -82.48 -17.17 -18.18
CA TYR G 1146 -82.20 -16.04 -17.29
C TYR G 1146 -81.90 -16.55 -15.89
N LEU G 1147 -80.83 -16.03 -15.29
CA LEU G 1147 -80.39 -16.40 -13.95
C LEU G 1147 -80.21 -15.12 -13.14
N ASN G 1148 -80.52 -15.18 -11.85
CA ASN G 1148 -80.37 -13.98 -11.02
C ASN G 1148 -79.02 -13.96 -10.28
N SER G 1149 -78.80 -14.92 -9.39
CA SER G 1149 -77.52 -15.07 -8.71
C SER G 1149 -76.92 -16.46 -8.93
N CYS G 1150 -77.69 -17.51 -8.65
CA CYS G 1150 -77.25 -18.89 -8.78
C CYS G 1150 -78.08 -19.58 -9.86
N PHE G 1151 -77.87 -20.89 -10.01
CA PHE G 1151 -78.57 -21.67 -11.02
C PHE G 1151 -79.91 -22.20 -10.51
N VAL G 1152 -80.72 -21.29 -9.96
CA VAL G 1152 -82.11 -21.58 -9.62
C VAL G 1152 -83.03 -21.00 -10.70
N GLU G 1153 -82.47 -20.51 -11.79
CA GLU G 1153 -83.16 -19.78 -12.84
C GLU G 1153 -83.84 -18.58 -12.21
N THR G 1154 -84.89 -18.05 -12.83
CA THR G 1154 -85.59 -16.87 -12.35
C THR G 1154 -86.78 -16.63 -13.28
N SER G 1155 -87.66 -15.75 -12.84
CA SER G 1155 -88.67 -15.23 -13.75
C SER G 1155 -88.11 -14.05 -14.51
N PRO G 1156 -88.64 -13.75 -15.70
CA PRO G 1156 -88.12 -12.61 -16.47
C PRO G 1156 -88.27 -11.31 -15.70
N GLN G 1157 -87.33 -10.40 -15.96
CA GLN G 1157 -87.21 -9.05 -15.40
C GLN G 1157 -86.63 -9.10 -13.98
N LEU G 1158 -86.39 -10.29 -13.43
CA LEU G 1158 -85.73 -10.42 -12.13
C LEU G 1158 -84.44 -11.21 -12.28
N ALA G 1159 -83.64 -10.87 -13.30
CA ALA G 1159 -82.43 -11.60 -13.62
C ALA G 1159 -81.23 -10.66 -13.68
N LYS G 1160 -80.04 -11.25 -13.64
CA LYS G 1160 -78.79 -10.49 -13.77
C LYS G 1160 -77.89 -11.06 -14.84
N VAL G 1161 -78.02 -12.35 -15.13
CA VAL G 1161 -77.19 -13.05 -16.11
C VAL G 1161 -78.10 -13.67 -17.14
N ILE G 1162 -77.76 -13.49 -18.42
CA ILE G 1162 -78.53 -14.06 -19.52
C ILE G 1162 -77.65 -15.07 -20.24
N GLU G 1163 -78.22 -16.20 -20.63
CA GLU G 1163 -77.52 -17.22 -21.41
C GLU G 1163 -78.31 -17.52 -22.67
N ILE G 1164 -77.63 -17.43 -23.81
CA ILE G 1164 -78.24 -17.64 -25.13
C ILE G 1164 -77.66 -18.90 -25.75
N PRO G 1165 -78.48 -19.76 -26.37
CA PRO G 1165 -77.94 -20.98 -27.01
C PRO G 1165 -76.90 -20.69 -28.09
N ALA G 1166 -77.26 -19.91 -29.11
CA ALA G 1166 -76.33 -19.59 -30.17
C ALA G 1166 -76.84 -18.41 -30.97
N LEU G 1167 -75.94 -17.79 -31.73
CA LEU G 1167 -76.26 -16.73 -32.66
C LEU G 1167 -76.09 -17.15 -34.12
N ILE G 1168 -74.97 -17.80 -34.44
CA ILE G 1168 -74.70 -18.29 -35.79
C ILE G 1168 -74.85 -19.80 -35.78
N ASP G 1169 -75.80 -20.31 -36.55
CA ASP G 1169 -76.03 -21.74 -36.63
C ASP G 1169 -74.96 -22.40 -37.50
N ASP G 1170 -74.81 -23.71 -37.32
CA ASP G 1170 -73.76 -24.47 -37.99
C ASP G 1170 -74.18 -25.00 -39.35
N SER G 1171 -75.41 -24.70 -39.80
CA SER G 1171 -75.86 -25.22 -41.09
C SER G 1171 -75.32 -24.39 -42.25
N ASN G 1172 -75.71 -23.12 -42.33
CA ASN G 1172 -75.29 -22.24 -43.39
C ASN G 1172 -75.03 -20.80 -42.90
N ALA G 1173 -74.59 -20.66 -41.66
CA ALA G 1173 -74.09 -19.39 -41.11
C ALA G 1173 -75.16 -18.29 -41.14
N ASP G 1174 -76.23 -18.53 -40.40
CA ASP G 1174 -77.28 -17.53 -40.21
C ASP G 1174 -77.03 -16.70 -38.96
N THR G 1175 -78.01 -15.89 -38.59
CA THR G 1175 -77.93 -15.01 -37.44
C THR G 1175 -79.23 -15.13 -36.64
N ASN G 1176 -79.11 -15.37 -35.34
CA ASN G 1176 -80.28 -15.48 -34.46
C ASN G 1176 -80.70 -14.06 -34.08
N ARG G 1177 -81.43 -13.42 -34.99
CA ARG G 1177 -81.87 -12.05 -34.74
C ARG G 1177 -82.90 -11.98 -33.62
N THR G 1178 -83.66 -13.06 -33.40
CA THR G 1178 -84.60 -13.06 -32.29
C THR G 1178 -83.88 -12.91 -30.96
N ALA G 1179 -82.77 -13.65 -30.78
CA ALA G 1179 -82.00 -13.55 -29.55
C ALA G 1179 -81.37 -12.16 -29.39
N VAL G 1180 -80.91 -11.57 -30.50
CA VAL G 1180 -80.32 -10.23 -30.44
C VAL G 1180 -81.37 -9.20 -30.02
N GLN G 1181 -82.57 -9.30 -30.62
CA GLN G 1181 -83.65 -8.40 -30.25
C GLN G 1181 -84.03 -8.58 -28.79
N GLU G 1182 -84.06 -9.83 -28.31
CA GLU G 1182 -84.35 -10.06 -26.90
C GLU G 1182 -83.26 -9.50 -25.99
N LEU G 1183 -82.01 -9.55 -26.43
CA LEU G 1183 -80.92 -8.98 -25.63
C LEU G 1183 -81.08 -7.47 -25.49
N ILE G 1184 -81.32 -6.79 -26.61
CA ILE G 1184 -81.55 -5.35 -26.56
C ILE G 1184 -82.78 -5.04 -25.72
N LYS G 1185 -83.81 -5.89 -25.81
CA LYS G 1185 -85.01 -5.70 -25.00
C LYS G 1185 -84.70 -5.81 -23.51
N TRP G 1186 -83.89 -6.81 -23.14
CA TRP G 1186 -83.58 -7.03 -21.73
C TRP G 1186 -82.79 -5.85 -21.16
N LEU G 1187 -81.87 -5.29 -21.95
CA LEU G 1187 -81.08 -4.18 -21.43
C LEU G 1187 -81.92 -2.94 -21.10
N HIS G 1188 -83.08 -2.77 -21.72
CA HIS G 1188 -83.87 -1.57 -21.48
C HIS G 1188 -84.59 -1.59 -20.13
N HIS G 1189 -85.09 -2.74 -19.71
CA HIS G 1189 -85.86 -2.86 -18.47
C HIS G 1189 -84.97 -3.40 -17.37
N SER G 1190 -84.80 -2.61 -16.30
CA SER G 1190 -83.99 -3.02 -15.16
C SER G 1190 -84.29 -2.16 -13.94
MG MG H . 15.50 47.46 -9.79
#